data_7YVK
#
_entry.id   7YVK
#
_cell.length_a   1.00
_cell.length_b   1.00
_cell.length_c   1.00
_cell.angle_alpha   90.00
_cell.angle_beta   90.00
_cell.angle_gamma   90.00
#
_symmetry.space_group_name_H-M   'P 1'
#
loop_
_entity.id
_entity.type
_entity.pdbx_description
1 polymer 'Spike glycoprotein'
2 polymer 'TH272 Fab heavy chain'
3 polymer 'TH272 Fab light chain'
4 non-polymer 2-acetamido-2-deoxy-beta-D-glucopyranose
#
loop_
_entity_poly.entity_id
_entity_poly.type
_entity_poly.pdbx_seq_one_letter_code
_entity_poly.pdbx_strand_id
1 'polypeptide(L)'
;MFVFLVLLPLVSSQCVNLITRTQLPPAYTNSFTRGVYYPDKVFRSSVLHSTQDLFLPFFSNVTWFHAIHVSGTNGTKRFD
NPVLPFNDGVYFASTEKSNIIRGWIFGTTLDSKTQSLLIVNNATNVVIKVCEFQFCNDPFLDVYYHKNNKSWMESEFRVY
SSANNCTFEYVSQPFLMDLEGKQGNFKNLREFVFKNIDGYFKIYSKHTPINLGRDLPQGFSALEPLVDLPIGINITRFQT
LLALHRSYLTPGDSSSGWTAGAAAYYVGYLQPRTFLLKYNENGTITDAVDCALDPLSETKCTLKSFTVEKGIYQTSNFRV
QPTESIVRFPNITNLCPFDEVFNATRFASVYAWNRKRISNCVADYSVLYNFAPFFAFKCYGVSPTKLNDLCFTNVYADSF
VIRGNEVSQIAPGQTGNIADYNYKLPDDFTGCVIAWNSNKLDSKVGGNYNYRYRLFRKSNLKPFERDISTEIYQAGNKPC
NGVAGVNCYFPLQSYGFRPTYGVGHQPYRVVVLSFELLHAPATVCGPKKSTNLVKNKCVNFNFNGLTGTGVLTESNKKFL
PFQQFGRDIADTTDAVRDPQTLEILDITPCSFGGVSVITPGTNTSNQVAVLYQGVNCTEVPVAIHADQLTPTWRVYSTGS
NVFQTRAGCLIGAEYVNSSYECDIPIGAGICASYQTQTKSHGSASSVASQSIIAYTMSLGAENSVAYSNNSIAIPTNFTI
SVTTEILPVSMTKTSVDCTMYICGDSTECSNLLLQYGSFCTQLKRALTGIAVEQDKNTQEVFAQVKQIYKTPPIKYFGGF
NFSQILPDPSKPSKRSPIEDLLFNKVTLADAGFIKQYGDCLGDIAARDLICAQKFNGLTVLPPLLTDEMIAQYTSALLAG
TITSGWTFGAGPALQIPFPMQMAYRFNGIGVTQNVLYENQKLIANQFNSAIGKIQDSLSSTPSALGKLQDVVNHNAQALN
TLVKQLSSKFGAISSVLNDILSRLDPPEAEVQIDRLITGRLQSLQTYVTQQLIRAAEIRASANLAATKMSECVLGQSKRV
DFCGKGYHLMSFPQSAPHGVVFLHVTYVPAQEKNFTTAPAICHDGKAHFPREGVFVSNGTHWFVTQRNFYEPQIITTDNT
FVSGNCDVVIGIVNNTVYDPLQPELDSFKEELDKYFKNHTSPDVDLGDISGINASVVNIQKEIDRLNEVAKNLNESLIDL
QELGKYEQGSGYIPEAPRDGQAYVRKDGEWVFLSTFLSGLEVLFQGPGGWSHPQFEKGGGSGGGSGGSAWSHPQFEKGGS
HHHHHHHH
;
A,C,B
2 'polypeptide(L)'
;QITLKESGPTLVKPTQTLTLTCTFSGFSLSTGGVSVGWIRQPPGKALEWLALIYWDDDKRYSPSLESRLTITKDTSKNLV
VLTLTNMDPVDTATYYCAHKTIPTIFDYWGQGTLVTVSS
;
H,K,N
3 'polypeptide(L)'
;QSALTQPASVSGSPGQSITISCTATSSDVGAYQYVSWYQQYPGKAPKLMIYEVSKRPSGVSNRFSGSKSGNTASLTISGL
QAEDDAYYYCNSYTTSSVVFGGGTKLTVL
;
I,L,O
#
loop_
_chem_comp.id
_chem_comp.type
_chem_comp.name
_chem_comp.formula
NAG D-saccharide, beta linking 2-acetamido-2-deoxy-beta-D-glucopyranose 'C8 H15 N O6'
#
# COMPACT_ATOMS: atom_id res chain seq x y z
N ALA A 27 38.13 32.43 16.16
CA ALA A 27 39.06 31.32 16.11
C ALA A 27 38.35 30.03 15.71
N TYR A 28 39.04 28.90 15.86
CA TYR A 28 38.50 27.60 15.52
C TYR A 28 39.15 26.54 16.38
N THR A 29 38.43 25.45 16.59
CA THR A 29 38.98 24.34 17.36
C THR A 29 38.14 23.11 17.09
N ASN A 30 38.80 21.99 16.84
CA ASN A 30 38.08 20.76 16.58
C ASN A 30 37.37 20.31 17.83
N SER A 31 36.13 19.89 17.67
CA SER A 31 35.37 19.35 18.77
C SER A 31 35.67 17.86 18.79
N PHE A 32 36.11 17.36 19.92
CA PHE A 32 36.46 15.97 20.01
C PHE A 32 35.18 15.18 20.11
N THR A 33 35.24 13.99 20.67
CA THR A 33 34.05 13.16 20.77
C THR A 33 33.17 13.70 21.88
N ARG A 34 32.44 14.76 21.55
CA ARG A 34 31.60 15.46 22.51
C ARG A 34 30.28 15.75 21.83
N GLY A 35 29.32 16.26 22.60
CA GLY A 35 28.03 16.68 22.05
C GLY A 35 26.96 15.62 21.91
N VAL A 36 27.27 14.36 22.14
CA VAL A 36 26.28 13.29 22.06
C VAL A 36 25.31 13.36 23.23
N TYR A 37 24.05 13.04 23.00
CA TYR A 37 23.05 13.15 24.05
C TYR A 37 22.06 12.00 23.97
N TYR A 38 21.36 11.75 25.08
CA TYR A 38 20.32 10.73 25.13
C TYR A 38 19.12 11.20 24.33
N PRO A 39 18.80 10.57 23.23
CA PRO A 39 17.77 11.13 22.35
C PRO A 39 16.32 10.77 22.62
N ASP A 40 16.03 9.64 23.30
CA ASP A 40 14.66 9.16 23.36
C ASP A 40 14.11 8.80 24.74
N LYS A 41 14.83 9.05 25.83
CA LYS A 41 14.36 8.72 27.20
C LYS A 41 13.79 7.31 27.38
N VAL A 42 14.34 6.33 26.67
CA VAL A 42 13.96 4.94 26.79
C VAL A 42 15.17 4.17 27.30
N PHE A 43 14.98 3.35 28.32
CA PHE A 43 16.09 2.66 28.95
C PHE A 43 16.53 1.48 28.10
N ARG A 44 17.84 1.29 27.98
CA ARG A 44 18.39 0.13 27.30
C ARG A 44 19.64 -0.29 28.03
N SER A 45 19.85 -1.58 28.15
CA SER A 45 20.93 -2.09 28.96
C SER A 45 21.77 -3.04 28.14
N SER A 46 23.08 -2.82 28.17
CA SER A 46 24.03 -3.71 27.50
C SER A 46 23.58 -4.05 26.09
N VAL A 47 23.42 -3.00 25.28
CA VAL A 47 22.99 -3.15 23.90
C VAL A 47 23.51 -1.97 23.10
N LEU A 48 23.66 -2.18 21.79
CA LEU A 48 24.08 -1.14 20.87
C LEU A 48 22.86 -0.69 20.09
N HIS A 49 22.77 0.60 19.84
CA HIS A 49 21.60 1.12 19.17
C HIS A 49 22.00 2.12 18.10
N SER A 50 21.37 2.06 16.93
CA SER A 50 21.67 2.99 15.86
C SER A 50 20.51 3.95 15.70
N THR A 51 20.81 5.24 15.70
CA THR A 51 19.77 6.27 15.63
C THR A 51 20.14 7.32 14.62
N GLN A 52 19.16 7.75 13.84
CA GLN A 52 19.34 8.84 12.88
C GLN A 52 18.72 10.10 13.47
N ASP A 53 19.55 11.06 13.87
CA ASP A 53 19.02 12.26 14.48
C ASP A 53 20.02 13.39 14.28
N LEU A 54 19.66 14.57 14.77
CA LEU A 54 20.51 15.75 14.61
C LEU A 54 21.57 15.72 15.69
N PHE A 55 22.77 15.36 15.31
CA PHE A 55 23.92 15.31 16.19
C PHE A 55 24.99 16.29 15.72
N LEU A 56 26.01 16.45 16.56
CA LEU A 56 27.17 17.25 16.24
C LEU A 56 28.24 16.33 15.66
N PRO A 57 28.57 16.42 14.38
CA PRO A 57 29.56 15.50 13.82
C PRO A 57 30.87 15.56 14.58
N PHE A 58 31.47 14.40 14.81
CA PHE A 58 32.71 14.37 15.56
C PHE A 58 33.83 15.02 14.77
N PHE A 59 34.80 15.56 15.51
CA PHE A 59 35.98 16.19 14.92
C PHE A 59 35.61 17.33 13.99
N SER A 60 34.49 17.97 14.25
CA SER A 60 34.07 19.12 13.47
C SER A 60 34.54 20.36 14.20
N ASN A 61 34.85 21.40 13.43
CA ASN A 61 35.33 22.64 14.01
C ASN A 61 34.17 23.45 14.57
N VAL A 62 34.44 24.17 15.66
CA VAL A 62 33.40 24.98 16.28
C VAL A 62 33.94 26.35 16.55
N THR A 63 33.09 27.36 16.34
CA THR A 63 33.50 28.73 16.55
C THR A 63 33.76 29.02 18.01
N TRP A 64 34.74 29.86 18.27
CA TRP A 64 35.19 30.18 19.62
C TRP A 64 35.11 31.67 19.88
N PHE A 65 34.52 32.05 21.00
CA PHE A 65 34.37 33.43 21.40
C PHE A 65 34.75 33.58 22.86
N HIS A 66 35.08 34.81 23.26
CA HIS A 66 35.47 35.08 24.64
C HIS A 66 34.44 35.97 25.34
N ALA A 67 34.38 35.82 26.66
CA ALA A 67 33.38 36.52 27.45
C ALA A 67 34.10 37.62 28.20
N ILE A 68 34.73 38.54 27.47
CA ILE A 68 35.35 39.71 28.07
C ILE A 68 34.52 40.95 27.73
N HIS A 69 34.50 41.32 26.45
CA HIS A 69 33.68 42.43 26.00
C HIS A 69 33.49 42.34 24.50
N VAL A 70 32.32 42.82 24.06
CA VAL A 70 31.91 42.97 22.67
C VAL A 70 32.69 42.21 21.61
N ASP A 80 26.57 43.97 22.49
CA ASP A 80 27.88 43.45 22.83
C ASP A 80 28.23 42.22 21.99
N ASN A 81 27.26 41.35 21.75
CA ASN A 81 27.58 40.14 21.02
C ASN A 81 26.73 40.11 19.76
N PRO A 82 27.32 39.76 18.63
CA PRO A 82 26.57 39.72 17.37
C PRO A 82 25.63 38.54 17.29
N VAL A 83 24.65 38.69 16.45
CA VAL A 83 23.61 37.71 16.29
C VAL A 83 24.14 36.59 15.42
N LEU A 84 23.76 35.36 15.76
CA LEU A 84 24.12 34.13 15.09
C LEU A 84 22.84 33.46 14.67
N PRO A 85 22.71 32.97 13.45
CA PRO A 85 21.43 32.39 13.05
C PRO A 85 21.20 31.06 13.75
N PHE A 86 19.93 30.70 13.87
CA PHE A 86 19.53 29.42 14.46
C PHE A 86 19.14 28.47 13.33
N ASN A 87 20.16 27.92 12.68
CA ASN A 87 19.91 27.11 11.51
C ASN A 87 19.12 25.88 11.91
N ASP A 88 19.73 25.05 12.76
CA ASP A 88 19.07 23.81 13.18
C ASP A 88 19.28 23.41 14.62
N GLY A 89 20.19 24.02 15.37
CA GLY A 89 20.42 23.50 16.71
C GLY A 89 21.79 23.90 17.15
N VAL A 90 21.98 24.25 18.39
CA VAL A 90 23.26 24.79 18.82
C VAL A 90 23.85 23.98 19.95
N TYR A 91 25.13 23.73 19.90
CA TYR A 91 25.82 23.06 20.98
C TYR A 91 26.68 24.15 21.57
N PHE A 92 26.29 24.64 22.73
CA PHE A 92 26.89 25.79 23.38
C PHE A 92 27.69 25.29 24.57
N ALA A 93 29.00 25.38 24.52
CA ALA A 93 29.80 24.99 25.68
C ALA A 93 30.49 26.18 26.33
N SER A 94 30.63 26.17 27.64
CA SER A 94 31.26 27.31 28.28
C SER A 94 32.06 26.88 29.49
N THR A 95 33.31 27.31 29.57
CA THR A 95 34.10 27.08 30.77
C THR A 95 34.34 28.43 31.42
N GLU A 96 33.65 28.70 32.52
CA GLU A 96 33.70 30.01 33.15
C GLU A 96 33.46 29.81 34.63
N LYS A 97 33.79 30.83 35.43
CA LYS A 97 33.61 30.72 36.87
C LYS A 97 33.03 31.97 37.50
N SER A 98 32.33 32.79 36.73
CA SER A 98 31.77 34.01 37.29
C SER A 98 30.34 34.32 36.85
N ASN A 99 29.63 33.39 36.19
CA ASN A 99 28.27 33.65 35.72
C ASN A 99 28.22 34.88 34.82
N ILE A 100 29.14 34.96 33.87
CA ILE A 100 29.13 36.14 33.03
C ILE A 100 28.05 36.02 31.98
N ILE A 101 27.75 34.80 31.53
CA ILE A 101 26.67 34.51 30.59
C ILE A 101 25.50 33.97 31.38
N ARG A 102 24.34 34.60 31.21
CA ARG A 102 23.20 34.39 32.07
C ARG A 102 21.92 34.04 31.35
N GLY A 103 21.92 34.00 30.03
CA GLY A 103 20.67 33.68 29.38
C GLY A 103 20.86 33.72 27.90
N TRP A 104 19.77 33.56 27.21
CA TRP A 104 19.79 33.55 25.77
C TRP A 104 18.54 34.24 25.28
N ILE A 105 18.52 34.51 24.00
CA ILE A 105 17.38 35.12 23.36
C ILE A 105 17.21 34.48 22.01
N PHE A 106 16.01 34.07 21.69
CA PHE A 106 15.75 33.43 20.42
C PHE A 106 14.60 34.18 19.77
N GLY A 107 14.36 33.92 18.52
CA GLY A 107 13.24 34.55 17.86
C GLY A 107 13.57 34.83 16.41
N THR A 108 12.59 35.33 15.71
CA THR A 108 12.85 35.69 14.32
C THR A 108 13.39 37.11 14.17
N THR A 109 13.30 37.94 15.20
CA THR A 109 13.83 39.30 15.14
C THR A 109 13.83 39.89 16.54
N LEU A 110 14.71 40.84 16.76
CA LEU A 110 14.82 41.49 18.06
C LEU A 110 13.77 42.58 18.27
N ASP A 111 13.06 42.98 17.24
CA ASP A 111 12.07 44.03 17.39
C ASP A 111 10.79 43.43 17.98
N SER A 112 9.87 44.30 18.38
CA SER A 112 8.63 43.80 18.94
C SER A 112 7.64 43.36 17.87
N LYS A 113 8.04 43.37 16.61
CA LYS A 113 7.13 42.97 15.54
C LYS A 113 6.80 41.48 15.55
N THR A 114 7.48 40.66 16.34
CA THR A 114 7.23 39.22 16.37
C THR A 114 7.49 38.67 17.77
N GLN A 115 6.84 37.55 18.07
CA GLN A 115 6.89 36.95 19.40
C GLN A 115 8.24 36.29 19.67
N SER A 116 9.22 37.12 19.97
CA SER A 116 10.53 36.61 20.32
C SER A 116 10.44 35.86 21.64
N LEU A 117 11.54 35.23 22.03
CA LEU A 117 11.60 34.36 23.19
C LEU A 117 12.67 34.90 24.11
N LEU A 118 12.54 34.66 25.39
CA LEU A 118 13.55 35.11 26.34
C LEU A 118 13.84 34.00 27.31
N ILE A 119 15.10 33.75 27.62
CA ILE A 119 15.41 32.79 28.66
C ILE A 119 16.45 33.41 29.55
N VAL A 120 16.15 33.60 30.81
CA VAL A 120 17.07 34.32 31.67
C VAL A 120 17.30 33.56 32.96
N ASN A 121 18.54 33.20 33.22
CA ASN A 121 18.84 32.56 34.48
C ASN A 121 19.15 33.64 35.48
N ASN A 122 19.30 33.24 36.72
CA ASN A 122 19.59 34.16 37.82
C ASN A 122 20.05 33.30 38.99
N ALA A 123 20.51 33.96 40.05
CA ALA A 123 20.96 33.23 41.21
C ALA A 123 19.83 32.50 41.90
N THR A 124 18.59 32.92 41.70
CA THR A 124 17.44 32.34 42.37
C THR A 124 16.60 31.39 41.52
N ASN A 125 16.41 31.70 40.24
CA ASN A 125 15.48 30.91 39.44
C ASN A 125 15.66 31.26 37.97
N VAL A 126 15.03 30.46 37.13
CA VAL A 126 14.96 30.70 35.69
C VAL A 126 13.69 31.42 35.35
N VAL A 127 13.73 32.31 34.39
CA VAL A 127 12.55 32.97 33.87
C VAL A 127 12.48 32.71 32.38
N ILE A 128 11.50 31.97 31.93
CA ILE A 128 11.36 31.69 30.51
C ILE A 128 10.11 32.43 30.06
N LYS A 129 10.19 33.13 28.95
CA LYS A 129 9.08 33.98 28.56
C LYS A 129 8.88 33.99 27.07
N VAL A 130 7.64 34.11 26.61
CA VAL A 130 7.37 34.30 25.18
C VAL A 130 6.38 35.45 25.02
N CYS A 131 6.89 36.66 24.83
CA CYS A 131 6.04 37.84 24.84
C CYS A 131 6.31 38.94 23.82
N GLU A 132 7.12 38.71 22.79
CA GLU A 132 7.35 39.74 21.77
C GLU A 132 7.94 41.00 22.37
N PHE A 133 8.78 40.85 23.39
CA PHE A 133 9.37 42.00 24.06
C PHE A 133 10.41 42.62 23.16
N GLN A 134 10.27 43.93 22.91
CA GLN A 134 11.22 44.62 22.06
C GLN A 134 12.55 44.75 22.78
N PHE A 135 13.62 44.47 22.06
CA PHE A 135 14.97 44.51 22.59
C PHE A 135 15.63 45.80 22.11
N CYS A 136 16.78 46.11 22.72
CA CYS A 136 17.47 47.31 22.31
C CYS A 136 18.25 47.01 21.03
N ASN A 137 18.97 48.00 20.51
CA ASN A 137 19.77 47.73 19.32
C ASN A 137 20.73 46.60 19.63
N ASP A 138 21.13 46.49 20.89
CA ASP A 138 21.95 45.44 21.43
C ASP A 138 21.32 45.02 22.74
N PRO A 139 21.45 43.75 23.11
CA PRO A 139 20.94 43.29 24.40
C PRO A 139 21.66 43.93 25.59
N PHE A 140 20.87 44.33 26.58
CA PHE A 140 21.35 45.00 27.77
C PHE A 140 22.34 44.16 28.57
N LEU A 141 23.29 44.83 29.20
CA LEU A 141 24.31 44.20 30.03
C LEU A 141 23.87 44.43 31.48
N ASP A 142 23.50 43.35 32.15
CA ASP A 142 23.02 43.40 33.52
C ASP A 142 24.01 43.97 34.54
N PHE A 157 18.89 47.55 36.97
CA PHE A 157 19.47 47.18 35.69
C PHE A 157 19.25 45.70 35.43
N ARG A 158 18.04 45.21 35.71
CA ARG A 158 17.75 43.81 35.51
C ARG A 158 17.04 43.49 34.21
N VAL A 159 16.37 44.46 33.59
CA VAL A 159 15.64 44.23 32.34
C VAL A 159 15.66 45.53 31.54
N TYR A 160 15.61 45.40 30.22
CA TYR A 160 15.58 46.55 29.30
C TYR A 160 14.86 46.07 28.04
N SER A 161 13.59 46.43 27.93
CA SER A 161 12.75 46.03 26.81
C SER A 161 11.47 46.85 26.84
N SER A 162 10.75 46.83 25.70
CA SER A 162 9.49 47.55 25.54
C SER A 162 8.36 46.68 26.08
N ALA A 163 7.11 47.10 25.85
CA ALA A 163 5.97 46.34 26.36
C ALA A 163 5.92 44.92 25.80
N ASN A 164 5.10 44.11 26.48
CA ASN A 164 4.95 42.69 26.22
C ASN A 164 3.47 42.31 26.20
N ASN A 165 3.17 41.20 25.52
CA ASN A 165 1.84 40.60 25.45
C ASN A 165 1.96 39.10 25.69
N CYS A 166 2.65 38.76 26.77
CA CYS A 166 3.15 37.41 27.02
C CYS A 166 2.09 36.34 26.78
N THR A 167 2.53 35.24 26.17
CA THR A 167 1.71 34.05 25.98
C THR A 167 2.17 32.81 26.72
N PHE A 168 3.42 32.74 27.16
CA PHE A 168 3.85 31.55 27.87
C PHE A 168 4.87 32.04 28.86
N GLU A 169 4.88 31.45 30.04
CA GLU A 169 5.84 31.86 31.06
C GLU A 169 6.14 30.66 31.94
N TYR A 170 7.35 30.62 32.46
CA TYR A 170 7.76 29.42 33.18
C TYR A 170 8.86 29.83 34.12
N VAL A 171 9.01 29.11 35.22
CA VAL A 171 10.03 29.41 36.21
C VAL A 171 10.42 28.09 36.86
N SER A 172 11.67 27.94 37.24
CA SER A 172 12.13 26.72 37.89
C SER A 172 13.53 26.94 38.45
N GLN A 173 14.08 25.89 39.06
CA GLN A 173 15.39 25.97 39.67
C GLN A 173 16.46 26.35 38.63
N PRO A 174 17.59 26.92 39.06
CA PRO A 174 18.58 27.40 38.10
C PRO A 174 19.39 26.27 37.45
N PHE A 175 19.97 26.57 36.29
CA PHE A 175 20.88 25.66 35.59
C PHE A 175 22.33 25.70 36.05
N LEU A 176 22.63 25.61 37.33
CA LEU A 176 24.04 25.77 37.70
C LEU A 176 24.55 24.74 38.70
N LYS A 187 36.66 26.12 35.82
CA LYS A 187 37.14 24.77 35.56
C LYS A 187 35.98 23.83 35.29
N ASN A 188 34.78 24.24 35.64
CA ASN A 188 33.60 23.41 35.42
C ASN A 188 33.11 23.71 34.00
N LEU A 189 33.05 22.69 33.16
CA LEU A 189 32.63 22.80 31.76
C LEU A 189 31.14 22.54 31.61
N ARG A 190 30.36 23.58 31.36
CA ARG A 190 28.93 23.44 31.15
C ARG A 190 28.65 23.25 29.66
N GLU A 191 27.85 22.25 29.31
CA GLU A 191 27.50 21.95 27.94
C GLU A 191 26.01 22.00 27.75
N PHE A 192 25.55 22.50 26.61
CA PHE A 192 24.13 22.64 26.31
C PHE A 192 23.82 22.35 24.87
N VAL A 193 22.66 21.76 24.61
CA VAL A 193 22.22 21.54 23.24
C VAL A 193 20.82 22.07 23.15
N PHE A 194 20.59 22.97 22.23
CA PHE A 194 19.29 23.59 22.04
C PHE A 194 18.73 23.13 20.71
N LYS A 195 17.49 22.65 20.73
CA LYS A 195 16.82 22.07 19.57
C LYS A 195 15.40 22.58 19.49
N ASN A 196 14.90 22.86 18.30
CA ASN A 196 13.52 23.35 18.15
C ASN A 196 12.93 22.85 16.84
N ILE A 197 12.19 21.75 16.89
CA ILE A 197 11.71 21.17 15.65
C ILE A 197 10.20 20.96 15.55
N ASP A 198 9.62 20.25 16.51
CA ASP A 198 8.24 19.78 16.39
C ASP A 198 7.25 20.67 17.12
N GLY A 199 7.43 21.98 17.11
CA GLY A 199 6.52 22.82 17.85
C GLY A 199 6.89 22.93 19.30
N TYR A 200 7.94 22.24 19.73
CA TYR A 200 8.42 22.29 21.08
C TYR A 200 9.86 22.75 21.00
N PHE A 201 10.34 23.43 22.03
CA PHE A 201 11.73 23.84 22.08
C PHE A 201 12.41 23.06 23.20
N LYS A 202 13.45 22.31 22.90
CA LYS A 202 13.99 21.37 23.87
C LYS A 202 15.42 21.71 24.21
N ILE A 203 15.76 21.48 25.46
CA ILE A 203 17.08 21.76 26.01
C ILE A 203 17.64 20.49 26.63
N TYR A 204 18.91 20.20 26.35
CA TYR A 204 19.67 19.14 27.00
C TYR A 204 20.91 19.75 27.62
N SER A 205 21.45 19.12 28.67
CA SER A 205 22.56 19.77 29.34
C SER A 205 23.42 18.80 30.13
N LYS A 206 24.62 19.25 30.47
CA LYS A 206 25.58 18.48 31.29
C LYS A 206 26.69 19.35 31.82
N HIS A 207 27.10 19.08 33.05
CA HIS A 207 28.13 19.85 33.76
C HIS A 207 29.27 18.91 34.10
N THR A 208 30.47 19.20 33.60
CA THR A 208 31.52 18.21 33.80
C THR A 208 32.79 18.81 34.37
N PRO A 209 33.51 18.04 35.19
CA PRO A 209 34.82 18.45 35.69
C PRO A 209 35.83 18.64 34.55
N ILE A 210 36.96 19.25 34.89
CA ILE A 210 38.05 19.45 33.93
C ILE A 210 39.39 19.35 34.64
N ASP A 215 39.76 24.40 27.34
CA ASP A 215 39.70 23.72 26.05
C ASP A 215 38.77 22.52 26.12
N LEU A 216 38.36 21.98 24.97
CA LEU A 216 37.49 20.82 25.02
C LEU A 216 38.28 19.59 25.41
N PRO A 217 37.84 18.84 26.40
CA PRO A 217 38.57 17.63 26.83
C PRO A 217 38.36 16.47 25.89
N GLN A 218 39.27 15.51 25.92
CA GLN A 218 39.07 14.34 25.07
C GLN A 218 38.12 13.31 25.68
N GLY A 219 37.68 13.50 26.92
CA GLY A 219 36.82 12.52 27.56
C GLY A 219 35.42 12.50 26.97
N PHE A 220 34.83 11.31 26.91
CA PHE A 220 33.48 11.12 26.40
C PHE A 220 32.42 11.31 27.48
N SER A 221 31.33 12.01 27.14
CA SER A 221 30.25 12.22 28.10
C SER A 221 28.96 12.71 27.42
N ALA A 222 27.83 12.07 27.71
CA ALA A 222 26.56 12.40 27.06
C ALA A 222 25.71 13.38 27.87
N LEU A 223 24.93 14.20 27.14
CA LEU A 223 24.01 15.16 27.71
C LEU A 223 22.66 14.51 28.00
N GLU A 224 22.00 14.94 29.13
CA GLU A 224 20.71 14.42 29.59
C GLU A 224 19.60 15.43 29.34
N PRO A 225 18.40 14.99 28.97
CA PRO A 225 17.29 15.93 28.69
C PRO A 225 16.84 16.77 29.87
N LEU A 226 16.97 18.07 29.72
CA LEU A 226 16.64 18.97 30.81
C LEU A 226 15.22 19.51 30.75
N VAL A 227 14.82 20.15 29.65
CA VAL A 227 13.48 20.73 29.57
C VAL A 227 12.88 20.58 28.18
N ASP A 228 11.58 20.39 28.11
CA ASP A 228 10.84 20.30 26.85
C ASP A 228 9.71 21.35 26.82
N LEU A 229 9.94 22.45 26.23
CA LEU A 229 8.93 23.50 26.33
C LEU A 229 7.94 23.40 25.17
N PRO A 230 6.68 23.75 25.38
CA PRO A 230 5.66 23.67 24.33
C PRO A 230 5.56 24.86 23.40
N ILE A 231 6.34 25.92 23.62
CA ILE A 231 6.23 27.12 22.80
C ILE A 231 6.47 26.83 21.33
N GLY A 232 5.58 27.33 20.47
CA GLY A 232 5.75 27.08 19.05
C GLY A 232 6.26 28.21 18.17
N ILE A 233 7.01 29.16 18.75
CA ILE A 233 7.53 30.28 17.97
C ILE A 233 8.54 29.80 16.93
N ASN A 234 8.50 30.42 15.76
CA ASN A 234 9.43 30.16 14.67
C ASN A 234 10.76 30.86 14.96
N ILE A 235 11.73 30.14 15.51
CA ILE A 235 13.04 30.67 15.88
C ILE A 235 14.01 30.68 14.71
N THR A 236 14.61 31.85 14.44
CA THR A 236 15.63 31.96 13.39
C THR A 236 16.96 32.58 13.80
N ARG A 237 17.01 33.43 14.82
CA ARG A 237 18.28 33.99 15.28
C ARG A 237 18.40 33.90 16.79
N PHE A 238 19.63 33.97 17.27
CA PHE A 238 19.84 33.81 18.70
C PHE A 238 21.06 34.60 19.12
N GLN A 239 21.10 35.01 20.38
CA GLN A 239 22.20 35.77 20.94
C GLN A 239 22.40 35.32 22.37
N THR A 240 23.44 35.81 23.03
CA THR A 240 23.68 35.44 24.42
C THR A 240 23.52 36.71 25.25
N LEU A 241 23.40 36.55 26.57
CA LEU A 241 23.27 37.69 27.48
C LEU A 241 24.34 37.69 28.55
N LEU A 242 24.98 38.84 28.74
CA LEU A 242 26.05 38.92 29.72
C LEU A 242 25.67 39.83 30.88
N ALA A 243 26.53 39.81 31.91
CA ALA A 243 26.35 40.57 33.13
C ALA A 243 27.72 40.97 33.65
N LEU A 244 27.71 41.87 34.65
CA LEU A 244 28.98 42.31 35.21
C LEU A 244 28.71 43.09 36.49
N HIS A 245 29.67 43.00 37.41
CA HIS A 245 29.57 43.66 38.70
C HIS A 245 29.90 45.14 38.57
N ARG A 246 29.01 45.98 39.11
CA ARG A 246 29.23 47.42 39.12
C ARG A 246 29.56 47.93 37.73
N SER A 247 28.74 47.52 36.76
CA SER A 247 28.89 47.90 35.37
C SER A 247 27.81 48.89 34.95
N TYR A 248 28.20 49.85 34.14
CA TYR A 248 27.25 50.82 33.64
C TYR A 248 26.39 50.17 32.56
N LEU A 249 25.21 50.75 32.33
CA LEU A 249 24.28 50.20 31.36
C LEU A 249 23.66 51.33 30.55
N THR A 250 23.72 51.21 29.23
CA THR A 250 23.12 52.17 28.32
C THR A 250 22.54 51.41 27.14
N PRO A 251 21.54 51.98 26.46
CA PRO A 251 20.99 51.30 25.29
C PRO A 251 22.03 51.00 24.23
N GLY A 252 23.05 51.84 24.06
CA GLY A 252 24.07 51.59 23.08
C GLY A 252 25.50 51.83 23.56
N ASP A 253 26.42 50.93 23.22
CA ASP A 253 27.81 51.03 23.64
C ASP A 253 28.74 50.54 22.54
N SER A 254 29.98 50.99 22.64
CA SER A 254 31.07 50.66 21.73
C SER A 254 31.65 49.31 22.13
N SER A 255 32.81 48.97 21.55
CA SER A 255 33.46 47.69 21.83
C SER A 255 34.27 47.74 23.12
N SER A 256 34.10 48.82 23.88
CA SER A 256 34.81 48.98 25.14
C SER A 256 34.31 47.97 26.18
N GLY A 257 32.98 47.82 26.28
CA GLY A 257 32.48 46.87 27.23
C GLY A 257 32.80 47.29 28.66
N TRP A 258 32.72 46.32 29.57
CA TRP A 258 32.99 46.59 30.97
C TRP A 258 33.84 45.41 31.44
N THR A 259 34.61 45.62 32.50
CA THR A 259 35.48 44.54 32.92
C THR A 259 34.67 43.32 33.38
N ALA A 260 35.28 42.14 33.21
CA ALA A 260 34.65 40.89 33.61
C ALA A 260 35.73 39.83 33.79
N GLY A 261 35.34 38.72 34.42
CA GLY A 261 36.25 37.63 34.64
C GLY A 261 36.66 36.91 33.37
N ALA A 262 37.79 36.21 33.46
CA ALA A 262 38.32 35.43 32.35
C ALA A 262 37.39 34.26 32.06
N ALA A 263 36.91 34.15 30.83
CA ALA A 263 35.97 33.08 30.49
C ALA A 263 35.90 32.89 28.99
N ALA A 264 35.30 31.78 28.57
CA ALA A 264 35.19 31.52 27.14
C ALA A 264 34.03 30.57 26.84
N TYR A 265 33.52 30.70 25.60
CA TYR A 265 32.42 29.85 25.17
C TYR A 265 32.49 29.51 23.70
N TYR A 266 32.19 28.25 23.39
CA TYR A 266 32.22 27.72 22.04
C TYR A 266 30.82 27.52 21.50
N VAL A 267 30.68 27.55 20.19
CA VAL A 267 29.39 27.37 19.52
C VAL A 267 29.54 26.36 18.38
N GLY A 268 28.61 25.40 18.29
CA GLY A 268 28.62 24.45 17.19
C GLY A 268 27.22 24.25 16.66
N TYR A 269 27.13 23.83 15.40
CA TYR A 269 25.87 23.63 14.71
C TYR A 269 25.56 22.16 14.48
N LEU A 270 24.36 21.73 14.85
CA LEU A 270 23.96 20.35 14.66
C LEU A 270 23.57 20.05 13.23
N GLN A 271 23.73 18.79 12.83
CA GLN A 271 23.43 18.29 11.50
C GLN A 271 22.86 16.89 11.60
N PRO A 272 22.03 16.49 10.65
CA PRO A 272 21.46 15.14 10.62
C PRO A 272 22.51 14.07 10.33
N ARG A 273 22.72 13.17 11.30
CA ARG A 273 23.70 12.10 11.21
C ARG A 273 23.11 10.83 11.76
N THR A 274 23.73 9.71 11.43
CA THR A 274 23.37 8.40 11.97
C THR A 274 24.46 7.99 12.94
N PHE A 275 24.12 7.78 14.19
CA PHE A 275 25.09 7.49 15.22
C PHE A 275 24.87 6.11 15.82
N LEU A 276 25.94 5.37 16.09
CA LEU A 276 25.85 4.08 16.77
C LEU A 276 26.23 4.27 18.23
N LEU A 277 25.25 4.20 19.13
CA LEU A 277 25.39 4.48 20.55
C LEU A 277 25.53 3.18 21.32
N LYS A 278 26.40 3.16 22.31
CA LYS A 278 26.62 1.99 23.13
C LYS A 278 26.09 2.22 24.53
N TYR A 279 25.15 1.39 24.99
CA TYR A 279 24.64 1.51 26.35
C TYR A 279 25.34 0.53 27.26
N ASN A 280 25.65 0.96 28.47
CA ASN A 280 26.33 0.10 29.42
C ASN A 280 25.33 -0.70 30.26
N GLU A 281 25.86 -1.47 31.21
CA GLU A 281 25.02 -2.34 32.02
C GLU A 281 24.06 -1.58 32.90
N ASN A 282 24.28 -0.30 33.10
CA ASN A 282 23.43 0.51 33.94
C ASN A 282 22.54 1.42 33.13
N GLY A 283 22.54 1.27 31.82
CA GLY A 283 21.64 2.06 31.03
C GLY A 283 22.14 3.43 30.67
N THR A 284 23.45 3.69 30.74
CA THR A 284 24.04 4.98 30.42
C THR A 284 24.93 4.82 29.19
N ILE A 285 24.96 5.83 28.33
CA ILE A 285 25.79 5.75 27.13
C ILE A 285 27.26 5.94 27.47
N THR A 286 28.09 4.99 27.04
CA THR A 286 29.51 5.10 27.32
C THR A 286 30.36 5.38 26.09
N ASP A 287 29.92 4.97 24.90
CA ASP A 287 30.66 5.19 23.66
C ASP A 287 29.68 5.45 22.54
N ALA A 288 30.20 6.00 21.46
CA ALA A 288 29.39 6.30 20.29
C ALA A 288 30.31 6.28 19.09
N VAL A 289 29.74 5.99 17.93
CA VAL A 289 30.50 5.95 16.69
C VAL A 289 29.77 6.82 15.69
N ASP A 290 30.49 7.77 15.10
CA ASP A 290 29.93 8.61 14.05
C ASP A 290 29.94 7.75 12.81
N CYS A 291 28.77 7.43 12.32
CA CYS A 291 28.68 6.45 11.27
C CYS A 291 29.31 6.91 9.95
N ALA A 292 29.53 8.20 9.75
CA ALA A 292 30.02 8.68 8.46
C ALA A 292 31.33 9.45 8.58
N LEU A 293 32.15 9.13 9.56
CA LEU A 293 33.40 9.84 9.73
C LEU A 293 34.46 9.30 8.80
N ASP A 294 34.77 8.02 8.91
CA ASP A 294 35.81 7.43 8.07
C ASP A 294 35.36 6.02 7.68
N PRO A 295 36.04 5.35 6.75
CA PRO A 295 35.57 4.02 6.35
C PRO A 295 35.51 2.98 7.45
N LEU A 296 36.45 2.98 8.37
CA LEU A 296 36.38 1.99 9.44
C LEU A 296 35.15 2.20 10.32
N SER A 297 34.80 3.44 10.61
CA SER A 297 33.60 3.69 11.38
C SER A 297 32.36 3.22 10.63
N GLU A 298 32.32 3.42 9.33
CA GLU A 298 31.15 2.95 8.60
C GLU A 298 31.09 1.43 8.62
N THR A 299 32.23 0.76 8.60
CA THR A 299 32.20 -0.69 8.69
C THR A 299 31.65 -1.12 10.03
N LYS A 300 32.06 -0.46 11.11
CA LYS A 300 31.48 -0.78 12.40
C LYS A 300 29.98 -0.61 12.37
N CYS A 301 29.47 0.46 11.77
CA CYS A 301 28.03 0.60 11.81
C CYS A 301 27.34 -0.50 11.04
N THR A 302 27.96 -1.02 9.99
CA THR A 302 27.24 -2.08 9.30
C THR A 302 27.29 -3.40 10.05
N LEU A 303 28.38 -3.69 10.75
CA LEU A 303 28.37 -4.91 11.52
C LEU A 303 27.78 -4.76 12.90
N LYS A 304 27.48 -3.55 13.34
CA LYS A 304 26.94 -3.31 14.66
C LYS A 304 27.81 -3.93 15.74
N SER A 305 29.11 -3.67 15.66
CA SER A 305 30.03 -4.23 16.63
C SER A 305 31.27 -3.38 16.70
N PHE A 306 31.71 -3.07 17.92
CA PHE A 306 32.88 -2.22 18.06
C PHE A 306 34.18 -2.90 17.67
N THR A 307 34.25 -4.22 17.65
CA THR A 307 35.44 -4.93 17.23
C THR A 307 35.17 -5.70 15.94
N VAL A 308 35.85 -5.32 14.86
CA VAL A 308 35.70 -6.01 13.57
C VAL A 308 36.91 -6.90 13.29
N GLU A 309 36.64 -8.14 12.87
CA GLU A 309 37.67 -9.13 12.58
C GLU A 309 38.24 -8.94 11.19
N LYS A 310 39.33 -9.65 10.93
CA LYS A 310 40.01 -9.60 9.64
C LYS A 310 39.12 -10.07 8.50
N GLY A 311 39.06 -9.29 7.43
CA GLY A 311 38.28 -9.68 6.27
C GLY A 311 37.96 -8.47 5.42
N ILE A 312 37.11 -8.70 4.43
CA ILE A 312 36.64 -7.66 3.52
C ILE A 312 35.14 -7.53 3.69
N TYR A 313 34.65 -6.30 3.82
CA TYR A 313 33.24 -6.04 4.08
C TYR A 313 32.73 -5.03 3.09
N GLN A 314 31.57 -5.30 2.51
CA GLN A 314 30.93 -4.36 1.60
C GLN A 314 30.07 -3.33 2.33
N THR A 315 30.62 -2.15 2.56
CA THR A 315 29.94 -1.18 3.41
C THR A 315 28.86 -0.38 2.69
N SER A 316 29.17 0.18 1.53
CA SER A 316 28.18 1.08 0.94
C SER A 316 28.40 1.21 -0.56
N ASN A 317 27.72 2.18 -1.18
CA ASN A 317 27.86 2.44 -2.59
C ASN A 317 28.13 3.91 -2.81
N PHE A 318 28.80 4.23 -3.92
CA PHE A 318 29.06 5.64 -4.19
C PHE A 318 28.48 5.94 -5.57
N ARG A 319 28.13 7.19 -5.80
CA ARG A 319 27.60 7.56 -7.12
C ARG A 319 27.85 9.04 -7.31
N VAL A 320 28.61 9.38 -8.33
CA VAL A 320 28.96 10.76 -8.62
C VAL A 320 27.70 11.54 -8.94
N GLN A 321 27.55 12.70 -8.31
CA GLN A 321 26.34 13.45 -8.50
C GLN A 321 26.41 14.31 -9.76
N PRO A 322 25.25 14.64 -10.33
CA PRO A 322 25.24 15.49 -11.52
C PRO A 322 25.70 16.91 -11.22
N THR A 323 26.53 17.45 -12.10
CA THR A 323 27.10 18.77 -11.96
C THR A 323 26.31 19.89 -12.61
N GLU A 324 25.33 19.60 -13.46
CA GLU A 324 24.60 20.66 -14.16
C GLU A 324 23.23 20.17 -14.57
N SER A 325 22.34 21.12 -14.88
CA SER A 325 20.99 20.83 -15.36
C SER A 325 20.69 21.62 -16.62
N ILE A 326 20.13 20.97 -17.65
CA ILE A 326 19.84 21.62 -18.92
C ILE A 326 18.43 21.30 -19.38
N VAL A 327 17.79 22.26 -20.05
CA VAL A 327 16.49 22.09 -20.66
C VAL A 327 16.59 22.44 -22.13
N ARG A 328 15.98 21.64 -23.01
CA ARG A 328 16.13 21.85 -24.44
C ARG A 328 14.79 21.74 -25.15
N PHE A 329 14.25 22.86 -25.64
CA PHE A 329 12.96 22.79 -26.33
C PHE A 329 13.05 22.90 -27.86
N PRO A 330 11.96 23.27 -28.62
CA PRO A 330 12.10 23.28 -30.10
C PRO A 330 12.66 24.53 -30.79
N ASN A 331 13.95 24.80 -30.60
CA ASN A 331 14.62 25.93 -31.23
C ASN A 331 13.86 27.27 -31.21
N ILE A 332 12.71 27.37 -31.88
CA ILE A 332 12.02 28.66 -31.89
C ILE A 332 10.82 28.72 -30.96
N THR A 333 9.97 29.75 -31.16
CA THR A 333 8.80 29.96 -30.32
C THR A 333 7.69 30.68 -31.11
N ASN A 334 7.48 30.29 -32.37
CA ASN A 334 6.48 30.88 -33.28
C ASN A 334 5.21 31.42 -32.61
N LEU A 335 4.91 32.69 -32.83
CA LEU A 335 3.79 33.39 -32.20
C LEU A 335 2.44 33.23 -32.91
N CYS A 336 1.57 34.23 -32.74
CA CYS A 336 0.22 34.22 -33.30
C CYS A 336 -0.33 35.63 -33.26
N PRO A 337 -1.49 35.89 -33.92
CA PRO A 337 -1.90 37.28 -34.16
C PRO A 337 -2.33 38.06 -32.93
N PHE A 338 -1.36 38.74 -32.34
CA PHE A 338 -1.55 39.77 -31.33
C PHE A 338 -1.20 41.14 -31.87
N ASP A 339 -0.17 41.21 -32.70
CA ASP A 339 0.23 42.43 -33.37
C ASP A 339 -0.65 42.73 -34.57
N GLU A 340 -1.77 42.00 -34.69
CA GLU A 340 -2.77 42.21 -35.71
C GLU A 340 -4.15 42.44 -35.10
N VAL A 341 -4.21 42.53 -33.78
CA VAL A 341 -5.44 42.84 -33.06
C VAL A 341 -5.32 44.14 -32.28
N PHE A 342 -4.10 44.64 -32.11
CA PHE A 342 -3.83 45.81 -31.29
C PHE A 342 -3.32 47.00 -32.07
N ASN A 343 -2.84 46.80 -33.29
CA ASN A 343 -2.36 47.92 -34.11
C ASN A 343 -3.26 48.15 -35.31
N ALA A 344 -4.51 47.70 -35.24
CA ALA A 344 -5.43 47.88 -36.35
C ALA A 344 -5.64 49.37 -36.60
N THR A 345 -5.71 49.75 -37.87
CA THR A 345 -5.90 51.15 -38.21
C THR A 345 -7.26 51.66 -37.74
N ARG A 346 -8.33 50.96 -38.10
CA ARG A 346 -9.68 51.34 -37.75
C ARG A 346 -10.37 50.17 -37.07
N PHE A 347 -10.97 50.44 -35.92
CA PHE A 347 -11.64 49.41 -35.16
C PHE A 347 -13.11 49.41 -35.52
N ALA A 348 -13.74 48.25 -35.32
CA ALA A 348 -15.15 48.10 -35.65
C ALA A 348 -16.00 48.75 -34.58
N SER A 349 -17.30 48.84 -34.86
CA SER A 349 -18.22 49.49 -33.95
C SER A 349 -18.65 48.52 -32.85
N VAL A 350 -19.39 49.04 -31.88
CA VAL A 350 -19.80 48.23 -30.75
C VAL A 350 -20.69 47.08 -31.18
N TYR A 351 -21.59 47.33 -32.14
CA TYR A 351 -22.54 46.31 -32.55
C TYR A 351 -22.00 45.44 -33.67
N ALA A 352 -20.73 45.60 -34.02
CA ALA A 352 -20.10 44.88 -35.11
C ALA A 352 -18.73 44.41 -34.68
N TRP A 353 -18.62 43.96 -33.44
CA TRP A 353 -17.33 43.55 -32.90
C TRP A 353 -16.69 42.51 -33.81
N ASN A 354 -15.36 42.51 -33.83
CA ASN A 354 -14.61 41.65 -34.74
C ASN A 354 -14.20 40.35 -34.06
N ARG A 355 -15.08 39.37 -34.06
CA ARG A 355 -14.76 38.12 -33.40
C ARG A 355 -13.61 37.46 -34.13
N LYS A 356 -12.76 36.77 -33.39
CA LYS A 356 -11.65 36.10 -34.02
C LYS A 356 -11.26 34.94 -33.12
N ARG A 357 -10.60 33.95 -33.69
CA ARG A 357 -10.01 32.89 -32.88
C ARG A 357 -8.51 32.91 -33.12
N ILE A 358 -7.76 32.65 -32.06
CA ILE A 358 -6.30 32.65 -32.13
C ILE A 358 -5.84 31.39 -31.41
N SER A 359 -5.47 30.37 -32.19
CA SER A 359 -4.99 29.12 -31.62
C SER A 359 -3.71 28.71 -32.33
N ASN A 360 -3.21 27.55 -31.94
CA ASN A 360 -2.01 26.94 -32.50
C ASN A 360 -0.87 27.96 -32.56
N CYS A 361 -0.45 28.40 -31.38
CA CYS A 361 0.65 29.36 -31.34
C CYS A 361 1.28 29.36 -29.96
N VAL A 362 2.55 29.72 -29.93
CA VAL A 362 3.26 29.92 -28.68
C VAL A 362 2.95 31.36 -28.24
N ALA A 363 1.99 31.52 -27.34
CA ALA A 363 1.33 32.80 -27.09
C ALA A 363 2.05 33.53 -25.97
N ASP A 364 2.51 34.75 -26.24
CA ASP A 364 3.15 35.57 -25.22
C ASP A 364 2.29 36.78 -24.91
N TYR A 365 1.68 36.77 -23.72
CA TYR A 365 0.83 37.85 -23.26
C TYR A 365 1.62 39.02 -22.71
N SER A 366 2.93 39.11 -22.96
CA SER A 366 3.72 40.22 -22.49
C SER A 366 4.11 41.19 -23.58
N VAL A 367 3.58 41.01 -24.79
CA VAL A 367 3.74 42.03 -25.82
C VAL A 367 2.80 43.19 -25.53
N LEU A 368 1.78 42.96 -24.71
CA LEU A 368 0.87 44.02 -24.31
C LEU A 368 1.59 45.15 -23.58
N TYR A 369 2.44 44.81 -22.61
CA TYR A 369 2.88 45.83 -21.66
C TYR A 369 3.75 46.91 -22.28
N ASN A 370 4.39 46.64 -23.41
CA ASN A 370 5.15 47.67 -24.12
C ASN A 370 4.29 48.53 -25.03
N PHE A 371 2.98 48.34 -25.02
CA PHE A 371 2.10 49.06 -25.94
C PHE A 371 1.74 50.45 -25.43
N ALA A 372 1.07 50.53 -24.29
CA ALA A 372 0.40 51.79 -23.98
C ALA A 372 0.19 51.93 -22.48
N PRO A 373 -0.36 53.06 -21.99
CA PRO A 373 -0.59 53.16 -20.53
C PRO A 373 -1.64 52.22 -20.00
N PHE A 374 -2.43 51.59 -20.86
CA PHE A 374 -3.45 50.62 -20.45
C PHE A 374 -4.35 51.20 -19.37
N PHE A 375 -5.16 52.19 -19.79
CA PHE A 375 -6.07 52.85 -18.86
C PHE A 375 -6.95 51.86 -18.09
N ALA A 376 -7.62 50.97 -18.81
CA ALA A 376 -8.51 49.97 -18.22
C ALA A 376 -7.90 48.59 -18.46
N PHE A 377 -7.43 47.95 -17.39
CA PHE A 377 -6.91 46.59 -17.54
C PHE A 377 -7.16 45.83 -16.24
N LYS A 378 -8.15 44.94 -16.27
CA LYS A 378 -8.50 44.11 -15.11
C LYS A 378 -8.91 42.74 -15.62
N CYS A 379 -8.35 41.68 -15.03
CA CYS A 379 -8.60 40.33 -15.49
C CYS A 379 -9.39 39.47 -14.50
N TYR A 380 -10.32 38.68 -15.05
CA TYR A 380 -11.18 37.80 -14.27
C TYR A 380 -10.75 36.36 -14.53
N GLY A 381 -10.57 35.61 -13.45
CA GLY A 381 -10.28 34.20 -13.51
C GLY A 381 -8.81 33.83 -13.64
N VAL A 382 -7.96 34.79 -13.98
CA VAL A 382 -6.53 34.52 -14.20
C VAL A 382 -5.78 35.83 -14.00
N SER A 383 -4.64 35.72 -13.35
CA SER A 383 -3.85 36.91 -13.08
C SER A 383 -3.06 37.29 -14.33
N PRO A 384 -2.91 38.59 -14.61
CA PRO A 384 -2.13 38.98 -15.80
C PRO A 384 -0.67 38.62 -15.68
N THR A 385 -0.12 38.66 -14.47
CA THR A 385 1.29 38.35 -14.26
C THR A 385 1.59 36.89 -14.62
N LYS A 386 0.72 35.97 -14.18
CA LYS A 386 0.90 34.54 -14.40
C LYS A 386 0.12 34.04 -15.63
N LEU A 387 0.00 34.88 -16.64
CA LEU A 387 -0.72 34.46 -17.84
C LEU A 387 0.16 33.68 -18.80
N ASN A 388 1.35 34.23 -19.11
CA ASN A 388 2.23 33.64 -20.12
C ASN A 388 2.49 32.15 -19.97
N ASP A 389 2.33 31.61 -18.76
CA ASP A 389 2.63 30.21 -18.55
C ASP A 389 1.44 29.30 -18.80
N LEU A 390 0.25 29.75 -18.39
CA LEU A 390 -0.95 28.93 -18.44
C LEU A 390 -1.35 28.65 -19.90
N CYS A 391 -2.09 27.55 -20.11
CA CYS A 391 -2.51 27.15 -21.45
C CYS A 391 -4.03 27.16 -21.51
N PHE A 392 -4.55 27.28 -22.74
CA PHE A 392 -5.97 27.54 -22.98
C PHE A 392 -6.49 26.71 -24.13
N THR A 393 -7.82 26.57 -24.17
CA THR A 393 -8.45 25.78 -25.23
C THR A 393 -8.60 26.60 -26.50
N ASN A 394 -9.40 27.66 -26.43
CA ASN A 394 -9.69 28.56 -27.53
C ASN A 394 -9.79 29.99 -27.02
N VAL A 395 -9.02 30.89 -27.61
CA VAL A 395 -8.91 32.27 -27.14
C VAL A 395 -9.58 33.15 -28.17
N TYR A 396 -10.68 33.78 -27.76
CA TYR A 396 -11.42 34.69 -28.64
C TYR A 396 -11.08 36.13 -28.29
N ALA A 397 -11.09 36.99 -29.30
CA ALA A 397 -10.76 38.40 -29.15
C ALA A 397 -11.78 39.25 -29.88
N ASP A 398 -12.40 40.19 -29.18
CA ASP A 398 -13.42 41.06 -29.76
C ASP A 398 -12.95 42.49 -29.62
N SER A 399 -12.90 43.23 -30.73
CA SER A 399 -12.34 44.58 -30.72
C SER A 399 -13.38 45.59 -31.18
N PHE A 400 -13.47 46.70 -30.44
CA PHE A 400 -14.39 47.79 -30.81
C PHE A 400 -14.00 49.06 -30.06
N VAL A 401 -14.84 50.09 -30.19
CA VAL A 401 -14.60 51.42 -29.63
C VAL A 401 -15.89 51.93 -28.99
N ILE A 402 -15.77 52.54 -27.82
CA ILE A 402 -16.92 53.07 -27.09
C ILE A 402 -16.59 54.48 -26.60
N ARG A 403 -17.54 55.06 -25.86
CA ARG A 403 -17.34 56.37 -25.27
C ARG A 403 -16.59 56.24 -23.94
N GLY A 404 -16.36 57.38 -23.29
CA GLY A 404 -15.57 57.41 -22.07
C GLY A 404 -16.19 56.86 -20.81
N ASN A 405 -17.36 57.37 -20.40
CA ASN A 405 -17.94 56.97 -19.12
C ASN A 405 -18.71 55.63 -19.19
N GLU A 406 -18.53 54.83 -20.24
CA GLU A 406 -19.23 53.56 -20.38
C GLU A 406 -18.25 52.38 -20.38
N VAL A 407 -16.97 52.64 -20.15
CA VAL A 407 -16.00 51.55 -20.13
C VAL A 407 -16.28 50.67 -18.93
N SER A 408 -16.90 51.23 -17.90
CA SER A 408 -17.24 50.46 -16.72
C SER A 408 -18.32 49.44 -17.01
N GLN A 409 -19.09 49.63 -18.10
CA GLN A 409 -20.24 48.77 -18.33
C GLN A 409 -19.87 47.43 -18.93
N ILE A 410 -18.63 47.25 -19.38
CA ILE A 410 -18.18 45.96 -19.90
C ILE A 410 -17.67 45.20 -18.69
N ALA A 411 -18.58 44.55 -17.99
CA ALA A 411 -18.25 43.80 -16.79
C ALA A 411 -19.31 42.75 -16.58
N PRO A 412 -19.01 41.68 -15.83
CA PRO A 412 -20.00 40.61 -15.64
C PRO A 412 -21.17 41.10 -14.80
N GLY A 413 -22.35 41.02 -15.39
CA GLY A 413 -23.60 41.29 -14.71
C GLY A 413 -24.02 42.74 -14.59
N GLN A 414 -23.39 43.66 -15.31
CA GLN A 414 -23.67 45.07 -15.16
C GLN A 414 -24.64 45.51 -16.25
N THR A 415 -25.70 46.19 -15.85
CA THR A 415 -26.76 46.62 -16.76
C THR A 415 -26.57 48.08 -17.15
N GLY A 416 -27.02 48.42 -18.36
CA GLY A 416 -26.86 49.77 -18.86
C GLY A 416 -27.54 50.05 -20.18
N ASN A 417 -26.84 50.72 -21.09
CA ASN A 417 -27.35 50.98 -22.43
C ASN A 417 -26.51 50.39 -23.54
N ILE A 418 -25.19 50.24 -23.34
CA ILE A 418 -24.38 49.51 -24.31
C ILE A 418 -24.29 48.04 -23.91
N ALA A 419 -24.50 47.73 -22.64
CA ALA A 419 -24.42 46.37 -22.17
C ALA A 419 -25.74 45.67 -22.40
N ASP A 420 -26.84 46.38 -22.22
CA ASP A 420 -28.16 45.82 -22.38
C ASP A 420 -28.70 45.89 -23.80
N TYR A 421 -28.12 46.72 -24.66
CA TYR A 421 -28.64 46.83 -26.03
C TYR A 421 -27.78 46.22 -27.12
N ASN A 422 -26.46 46.42 -27.15
CA ASN A 422 -25.72 45.87 -28.28
C ASN A 422 -24.47 45.06 -27.96
N TYR A 423 -24.07 44.92 -26.70
CA TYR A 423 -22.98 44.00 -26.41
C TYR A 423 -22.97 43.61 -24.95
N LYS A 424 -23.16 42.32 -24.66
CA LYS A 424 -23.33 41.85 -23.29
C LYS A 424 -22.54 40.56 -23.14
N LEU A 425 -21.72 40.48 -22.10
CA LEU A 425 -20.96 39.26 -21.91
C LEU A 425 -21.39 38.57 -20.63
N PRO A 426 -21.32 37.23 -20.59
CA PRO A 426 -21.95 36.48 -19.50
C PRO A 426 -21.37 36.71 -18.11
N ASP A 427 -22.00 36.06 -17.14
CA ASP A 427 -21.57 36.13 -15.75
C ASP A 427 -20.45 35.14 -15.46
N ASP A 428 -20.38 34.04 -16.21
CA ASP A 428 -19.30 33.08 -16.04
C ASP A 428 -18.12 33.38 -16.94
N PHE A 429 -17.91 34.66 -17.27
CA PHE A 429 -16.85 35.06 -18.16
C PHE A 429 -15.48 34.81 -17.54
N THR A 430 -14.57 34.27 -18.34
CA THR A 430 -13.20 34.08 -17.91
C THR A 430 -12.29 34.65 -18.98
N GLY A 431 -11.38 35.52 -18.57
CA GLY A 431 -10.64 36.28 -19.55
C GLY A 431 -10.36 37.66 -19.01
N CYS A 432 -10.28 38.64 -19.91
CA CYS A 432 -10.26 40.03 -19.46
C CYS A 432 -10.31 41.03 -20.59
N VAL A 433 -10.43 42.29 -20.21
CA VAL A 433 -10.73 43.41 -21.08
C VAL A 433 -9.54 44.36 -21.00
N ILE A 434 -9.24 45.00 -22.12
CA ILE A 434 -8.09 45.90 -22.24
C ILE A 434 -8.56 47.10 -23.04
N ALA A 435 -8.60 48.26 -22.40
CA ALA A 435 -9.09 49.49 -23.01
C ALA A 435 -8.04 50.58 -22.82
N TRP A 436 -7.69 51.27 -23.92
CA TRP A 436 -6.72 52.36 -23.83
C TRP A 436 -7.30 53.55 -24.58
N ASN A 437 -7.51 54.63 -23.83
CA ASN A 437 -8.12 55.85 -24.34
C ASN A 437 -7.40 56.24 -25.64
N SER A 438 -8.16 56.42 -26.72
CA SER A 438 -7.60 56.79 -28.02
C SER A 438 -8.45 57.88 -28.66
N ASN A 439 -8.04 59.14 -28.50
CA ASN A 439 -8.72 60.27 -29.11
C ASN A 439 -7.81 61.08 -30.02
N LYS A 440 -6.60 60.57 -30.33
CA LYS A 440 -5.72 61.16 -31.32
C LYS A 440 -5.95 60.65 -32.73
N LEU A 441 -6.67 59.54 -32.89
CA LEU A 441 -6.92 58.92 -34.19
C LEU A 441 -8.38 58.70 -34.53
N ASP A 442 -9.29 59.16 -33.68
CA ASP A 442 -10.73 58.88 -33.79
C ASP A 442 -11.62 60.11 -33.82
N SER A 443 -11.18 61.26 -33.33
CA SER A 443 -11.99 62.46 -33.25
C SER A 443 -11.65 63.51 -34.30
N LYS A 444 -12.65 63.97 -35.06
CA LYS A 444 -12.44 65.01 -36.06
C LYS A 444 -13.00 66.29 -35.50
N VAL A 445 -12.55 67.41 -36.08
CA VAL A 445 -13.02 68.72 -35.64
C VAL A 445 -14.42 68.94 -36.20
N GLY A 446 -15.42 68.92 -35.32
CA GLY A 446 -16.81 69.09 -35.72
C GLY A 446 -17.70 67.92 -35.41
N GLY A 447 -17.14 66.73 -35.16
CA GLY A 447 -17.93 65.55 -34.87
C GLY A 447 -17.81 64.51 -35.97
N ASN A 448 -17.18 63.38 -35.64
CA ASN A 448 -16.97 62.28 -36.57
C ASN A 448 -18.16 61.33 -36.56
N TYR A 449 -19.06 61.49 -37.52
CA TYR A 449 -20.23 60.60 -37.60
C TYR A 449 -19.89 59.35 -38.42
N ASN A 450 -19.01 58.54 -37.85
CA ASN A 450 -18.57 57.29 -38.48
C ASN A 450 -18.78 56.07 -37.61
N TYR A 451 -18.84 56.23 -36.30
CA TYR A 451 -19.04 55.15 -35.34
C TYR A 451 -20.46 55.23 -34.82
N ARG A 452 -21.18 54.11 -34.88
CA ARG A 452 -22.55 54.10 -34.43
C ARG A 452 -22.71 53.08 -33.31
N TYR A 453 -23.91 53.05 -32.75
CA TYR A 453 -24.23 52.16 -31.65
C TYR A 453 -25.74 52.08 -31.55
N ARG A 454 -26.28 50.86 -31.48
CA ARG A 454 -27.71 50.72 -31.33
C ARG A 454 -28.15 51.38 -30.03
N LEU A 455 -28.97 52.42 -30.14
CA LEU A 455 -29.44 53.12 -28.95
C LEU A 455 -30.83 52.67 -28.52
N PHE A 456 -31.69 52.24 -29.45
CA PHE A 456 -33.03 51.80 -29.13
C PHE A 456 -33.25 50.40 -29.66
N ARG A 457 -34.03 49.62 -28.94
CA ARG A 457 -34.35 48.25 -29.35
C ARG A 457 -35.58 47.83 -28.56
N LYS A 458 -35.91 46.54 -28.58
CA LYS A 458 -37.08 46.04 -27.88
C LYS A 458 -36.73 45.34 -26.56
N SER A 459 -35.77 44.42 -26.57
CA SER A 459 -35.40 43.71 -25.34
C SER A 459 -33.90 43.51 -25.29
N ASN A 460 -33.48 42.75 -24.28
CA ASN A 460 -32.09 42.39 -24.06
C ASN A 460 -31.64 41.33 -25.05
N LEU A 461 -30.32 41.15 -25.13
CA LEU A 461 -29.71 40.18 -26.02
C LEU A 461 -29.05 39.06 -25.23
N LYS A 462 -28.92 37.91 -25.87
CA LYS A 462 -28.28 36.77 -25.25
C LYS A 462 -26.77 36.97 -25.30
N PRO A 463 -26.00 36.24 -24.49
CA PRO A 463 -24.55 36.44 -24.49
C PRO A 463 -23.95 36.25 -25.87
N PHE A 464 -23.06 37.17 -26.24
CA PHE A 464 -22.35 37.11 -27.51
C PHE A 464 -23.32 37.05 -28.69
N GLU A 465 -24.37 37.85 -28.63
CA GLU A 465 -25.35 37.94 -29.70
C GLU A 465 -25.20 39.28 -30.38
N ARG A 466 -24.74 39.26 -31.62
CA ARG A 466 -24.47 40.47 -32.39
C ARG A 466 -25.49 40.53 -33.51
N ASP A 467 -26.09 41.71 -33.69
CA ASP A 467 -27.10 41.93 -34.72
C ASP A 467 -26.81 43.22 -35.48
N ILE A 468 -27.18 43.22 -36.76
CA ILE A 468 -26.87 44.35 -37.63
C ILE A 468 -28.13 45.05 -38.14
N SER A 469 -29.29 44.41 -38.09
CA SER A 469 -30.54 44.96 -38.60
C SER A 469 -30.73 46.41 -38.18
N THR A 470 -31.12 47.24 -39.14
CA THR A 470 -31.27 48.68 -38.92
C THR A 470 -32.67 49.16 -39.30
N GLU A 471 -33.68 48.37 -39.01
CA GLU A 471 -35.04 48.81 -39.29
C GLU A 471 -35.41 50.01 -38.40
N ILE A 472 -36.46 50.72 -38.81
CA ILE A 472 -36.99 51.86 -38.07
C ILE A 472 -37.85 51.42 -36.89
N TYR A 473 -37.56 51.96 -35.70
CA TYR A 473 -38.21 51.51 -34.48
C TYR A 473 -39.72 51.78 -34.54
N GLN A 474 -40.45 51.01 -33.75
CA GLN A 474 -41.90 51.07 -33.72
C GLN A 474 -42.38 52.42 -33.17
N ALA A 475 -43.71 52.58 -33.17
CA ALA A 475 -44.38 53.69 -32.51
C ALA A 475 -45.64 53.23 -31.80
N GLY A 476 -45.55 52.10 -31.10
CA GLY A 476 -46.67 51.64 -30.31
C GLY A 476 -47.80 51.07 -31.15
N ASN A 477 -48.49 51.94 -31.88
CA ASN A 477 -49.40 51.51 -32.93
C ASN A 477 -48.58 51.18 -34.18
N LYS A 478 -49.23 50.89 -35.30
CA LYS A 478 -48.52 50.71 -36.55
C LYS A 478 -47.65 51.94 -36.79
N PRO A 479 -46.34 51.78 -36.85
CA PRO A 479 -45.48 52.97 -36.70
C PRO A 479 -45.39 53.87 -37.92
N CYS A 480 -44.51 54.85 -37.78
CA CYS A 480 -44.14 55.80 -38.83
C CYS A 480 -42.93 55.37 -39.65
N ASN A 481 -43.07 54.20 -40.28
CA ASN A 481 -42.03 53.59 -41.10
C ASN A 481 -41.39 54.53 -42.13
N GLY A 482 -40.12 54.89 -41.95
CA GLY A 482 -39.49 55.74 -42.94
C GLY A 482 -39.98 57.17 -43.00
N VAL A 483 -40.56 57.68 -41.92
CA VAL A 483 -41.06 59.05 -41.81
C VAL A 483 -40.86 59.50 -40.37
N ALA A 484 -41.32 60.71 -40.05
CA ALA A 484 -41.19 61.27 -38.71
C ALA A 484 -42.54 61.28 -38.01
N GLY A 485 -42.50 61.54 -36.71
CA GLY A 485 -43.70 61.57 -35.89
C GLY A 485 -43.44 61.53 -34.39
N VAL A 486 -44.29 60.83 -33.64
CA VAL A 486 -44.28 60.86 -32.18
C VAL A 486 -42.94 60.36 -31.63
N ASN A 487 -42.65 59.08 -31.81
CA ASN A 487 -41.39 58.49 -31.38
C ASN A 487 -40.90 57.64 -32.55
N CYS A 488 -40.37 58.30 -33.56
CA CYS A 488 -39.82 57.63 -34.72
C CYS A 488 -38.32 57.81 -34.65
N TYR A 489 -37.66 56.92 -33.92
CA TYR A 489 -36.24 57.04 -33.64
C TYR A 489 -35.47 55.89 -34.28
N PHE A 490 -34.60 56.21 -35.24
CA PHE A 490 -33.72 55.24 -35.87
C PHE A 490 -33.03 54.48 -34.75
N PRO A 491 -32.66 53.21 -34.91
CA PRO A 491 -32.15 52.46 -33.75
C PRO A 491 -30.67 52.75 -33.49
N LEU A 492 -29.94 53.06 -34.56
CA LEU A 492 -28.52 53.32 -34.47
C LEU A 492 -28.30 54.82 -34.27
N GLN A 493 -27.23 55.15 -33.57
CA GLN A 493 -26.89 56.55 -33.31
C GLN A 493 -25.38 56.72 -33.38
N SER A 494 -24.94 57.75 -34.09
CA SER A 494 -23.53 57.98 -34.27
C SER A 494 -22.93 58.63 -33.03
N TYR A 495 -21.66 58.36 -32.79
CA TYR A 495 -20.96 58.95 -31.65
C TYR A 495 -20.65 60.43 -31.88
N GLY A 496 -20.05 60.76 -33.02
CA GLY A 496 -19.74 62.14 -33.35
C GLY A 496 -18.70 62.75 -32.44
N PHE A 497 -17.47 62.26 -32.53
CA PHE A 497 -16.38 62.75 -31.69
C PHE A 497 -15.79 64.05 -32.23
N ARG A 498 -15.44 64.94 -31.31
CA ARG A 498 -14.77 66.20 -31.62
C ARG A 498 -13.72 66.46 -30.56
N PRO A 499 -12.72 67.31 -30.86
CA PRO A 499 -11.61 67.51 -29.93
C PRO A 499 -11.92 68.47 -28.78
N THR A 500 -13.20 68.78 -28.56
CA THR A 500 -13.62 69.58 -27.43
C THR A 500 -14.37 68.76 -26.38
N TYR A 501 -14.61 67.49 -26.63
CA TYR A 501 -15.32 66.65 -25.66
C TYR A 501 -14.49 66.44 -24.41
N GLY A 502 -15.18 66.36 -23.27
CA GLY A 502 -14.53 66.04 -22.01
C GLY A 502 -14.00 64.61 -22.01
N VAL A 503 -13.18 64.31 -21.01
CA VAL A 503 -12.56 62.99 -20.96
C VAL A 503 -13.60 61.89 -20.86
N GLY A 504 -14.80 62.22 -20.39
CA GLY A 504 -15.87 61.25 -20.33
C GLY A 504 -16.50 60.95 -21.67
N HIS A 505 -16.32 61.84 -22.65
CA HIS A 505 -16.93 61.68 -23.97
C HIS A 505 -15.88 61.41 -25.04
N GLN A 506 -14.73 60.99 -24.65
CA GLN A 506 -13.69 60.74 -25.64
C GLN A 506 -13.74 59.29 -26.11
N PRO A 507 -13.28 59.02 -27.33
CA PRO A 507 -13.32 57.66 -27.83
C PRO A 507 -12.31 56.78 -27.10
N TYR A 508 -12.69 55.51 -26.92
CA TYR A 508 -11.87 54.53 -26.25
C TYR A 508 -11.84 53.22 -27.04
N ARG A 509 -10.64 52.75 -27.37
CA ARG A 509 -10.54 51.45 -28.00
C ARG A 509 -10.48 50.38 -26.92
N VAL A 510 -11.10 49.24 -27.19
CA VAL A 510 -11.30 48.20 -26.18
C VAL A 510 -11.32 46.84 -26.86
N VAL A 511 -10.63 45.89 -26.26
CA VAL A 511 -10.59 44.51 -26.71
C VAL A 511 -10.95 43.61 -25.54
N VAL A 512 -11.77 42.60 -25.79
CA VAL A 512 -12.19 41.68 -24.75
C VAL A 512 -11.72 40.30 -25.17
N LEU A 513 -10.97 39.65 -24.29
CA LEU A 513 -10.45 38.32 -24.55
C LEU A 513 -11.22 37.33 -23.71
N SER A 514 -11.73 36.30 -24.36
CA SER A 514 -12.50 35.23 -23.74
C SER A 514 -11.66 33.98 -23.82
N PHE A 515 -11.33 33.42 -22.67
CA PHE A 515 -10.49 32.24 -22.60
C PHE A 515 -11.33 31.00 -22.32
N GLU A 516 -10.63 29.87 -22.35
CA GLU A 516 -11.18 28.62 -21.84
C GLU A 516 -10.04 27.90 -21.14
N LEU A 517 -10.34 27.35 -19.96
CA LEU A 517 -9.34 26.77 -19.08
C LEU A 517 -9.66 25.37 -18.62
N LEU A 518 -10.91 24.92 -18.78
CA LEU A 518 -11.33 23.61 -18.29
C LEU A 518 -10.95 22.55 -19.31
N HIS A 519 -10.14 21.59 -18.89
CA HIS A 519 -9.72 20.49 -19.77
C HIS A 519 -9.15 21.04 -21.08
N ALA A 520 -8.07 21.82 -20.96
CA ALA A 520 -7.78 22.41 -22.25
C ALA A 520 -6.67 21.69 -23.01
N PRO A 521 -6.92 21.52 -24.33
CA PRO A 521 -5.92 20.96 -25.23
C PRO A 521 -4.95 22.04 -25.66
N ALA A 522 -3.88 22.23 -24.87
CA ALA A 522 -3.01 23.39 -24.99
C ALA A 522 -2.66 23.73 -26.43
N THR A 523 -3.14 24.90 -26.85
CA THR A 523 -3.10 25.37 -28.22
C THR A 523 -2.51 26.76 -28.21
N VAL A 524 -2.66 27.45 -27.08
CA VAL A 524 -2.12 28.79 -26.92
C VAL A 524 -1.40 29.03 -25.60
N CYS A 525 -0.07 28.87 -25.61
CA CYS A 525 0.76 29.09 -24.43
C CYS A 525 2.21 28.97 -24.83
N GLY A 526 3.08 29.74 -24.15
CA GLY A 526 4.48 29.75 -24.45
C GLY A 526 5.37 29.27 -23.32
N PRO A 527 6.31 28.37 -23.62
CA PRO A 527 7.38 28.09 -22.67
C PRO A 527 8.59 29.02 -22.84
N LYS A 528 9.26 28.91 -23.99
CA LYS A 528 10.42 29.72 -24.31
C LYS A 528 11.47 29.69 -23.20
N LYS A 529 12.12 28.54 -23.06
CA LYS A 529 13.15 28.40 -22.02
C LYS A 529 14.13 27.30 -22.41
N SER A 530 15.34 27.68 -22.81
CA SER A 530 16.34 26.71 -23.17
C SER A 530 17.67 27.07 -22.52
N THR A 531 18.61 26.14 -22.51
CA THR A 531 19.92 26.36 -21.91
C THR A 531 21.02 25.81 -22.80
N ASN A 532 22.18 26.47 -22.75
CA ASN A 532 23.33 26.03 -23.50
C ASN A 532 23.66 24.58 -23.18
N LEU A 533 24.06 23.82 -24.20
CA LEU A 533 24.27 22.40 -24.00
C LEU A 533 25.62 22.16 -23.31
N VAL A 534 25.66 21.15 -22.44
CA VAL A 534 26.88 20.74 -21.74
C VAL A 534 27.19 19.30 -22.10
N LYS A 535 28.44 19.01 -22.40
CA LYS A 535 28.84 17.66 -22.79
C LYS A 535 29.95 17.10 -21.92
N ASN A 536 30.00 15.77 -21.86
CA ASN A 536 31.03 14.99 -21.17
C ASN A 536 31.00 15.13 -19.65
N LYS A 537 29.87 15.55 -19.07
CA LYS A 537 29.75 15.71 -17.63
C LYS A 537 28.42 15.15 -17.15
N CYS A 538 28.41 14.57 -15.95
CA CYS A 538 27.14 14.08 -15.41
C CYS A 538 26.15 15.22 -15.30
N VAL A 539 25.09 15.18 -16.08
CA VAL A 539 24.20 16.33 -16.15
C VAL A 539 22.77 15.83 -16.13
N ASN A 540 21.91 16.58 -15.46
CA ASN A 540 20.50 16.31 -15.53
C ASN A 540 19.94 16.97 -16.78
N PHE A 541 19.29 16.18 -17.63
CA PHE A 541 18.79 16.67 -18.91
C PHE A 541 17.29 16.52 -19.00
N ASN A 542 16.68 17.41 -19.77
CA ASN A 542 15.25 17.38 -20.09
C ASN A 542 15.09 17.69 -21.58
N PHE A 543 15.13 16.66 -22.41
CA PHE A 543 15.07 16.82 -23.85
C PHE A 543 13.64 16.66 -24.31
N ASN A 544 12.96 17.77 -24.55
CA ASN A 544 11.61 17.73 -25.10
C ASN A 544 10.68 16.82 -24.30
N GLY A 545 10.92 16.70 -23.00
CA GLY A 545 10.12 15.87 -22.12
C GLY A 545 10.84 14.66 -21.56
N LEU A 546 11.85 14.14 -22.26
CA LEU A 546 12.58 12.99 -21.75
C LEU A 546 13.55 13.50 -20.69
N THR A 547 13.33 13.11 -19.44
CA THR A 547 14.18 13.57 -18.35
C THR A 547 15.07 12.44 -17.86
N GLY A 548 16.33 12.76 -17.61
CA GLY A 548 17.22 11.73 -17.11
C GLY A 548 18.55 12.32 -16.68
N THR A 549 19.47 11.43 -16.32
CA THR A 549 20.80 11.84 -15.87
C THR A 549 21.85 10.99 -16.57
N GLY A 550 23.00 11.57 -16.81
CA GLY A 550 24.05 10.83 -17.46
C GLY A 550 25.02 11.76 -18.15
N VAL A 551 26.04 11.14 -18.72
CA VAL A 551 27.07 11.83 -19.48
C VAL A 551 26.71 11.75 -20.95
N LEU A 552 26.84 12.89 -21.64
CA LEU A 552 26.51 13.03 -23.05
C LEU A 552 27.78 12.95 -23.89
N THR A 553 27.74 12.18 -24.96
CA THR A 553 28.89 11.96 -25.82
C THR A 553 28.48 12.06 -27.28
N GLU A 554 29.41 12.48 -28.13
CA GLU A 554 29.11 12.52 -29.56
C GLU A 554 28.77 11.14 -30.11
N SER A 555 27.63 11.05 -30.80
CA SER A 555 27.05 9.85 -31.36
C SER A 555 27.66 9.44 -32.70
N ASN A 556 27.53 8.15 -33.03
CA ASN A 556 27.95 7.63 -34.32
C ASN A 556 26.86 6.84 -35.04
N LYS A 557 25.62 6.84 -34.54
CA LYS A 557 24.51 6.11 -35.13
C LYS A 557 23.53 6.97 -35.91
N LYS A 558 23.02 6.40 -37.02
CA LYS A 558 22.17 7.09 -38.00
C LYS A 558 20.69 7.00 -37.62
N PHE A 559 20.17 8.04 -36.97
CA PHE A 559 18.73 8.13 -36.73
C PHE A 559 18.02 8.43 -38.03
N LEU A 560 16.91 7.76 -38.29
CA LEU A 560 16.16 8.13 -39.49
C LEU A 560 15.50 9.49 -39.23
N PRO A 561 15.28 10.29 -40.25
CA PRO A 561 14.85 11.68 -40.02
C PRO A 561 13.56 11.86 -39.25
N PHE A 562 12.71 10.86 -39.12
CA PHE A 562 11.48 11.06 -38.36
C PHE A 562 11.61 10.55 -36.93
N GLN A 563 12.77 10.04 -36.54
CA GLN A 563 12.95 9.48 -35.21
C GLN A 563 13.56 10.52 -34.28
N GLN A 564 13.15 10.44 -33.03
CA GLN A 564 13.57 11.36 -31.98
C GLN A 564 14.23 10.73 -30.76
N PHE A 565 14.12 9.43 -30.56
CA PHE A 565 14.67 8.83 -29.35
C PHE A 565 15.42 7.58 -29.75
N GLY A 566 16.31 7.09 -28.93
CA GLY A 566 16.99 5.85 -29.23
C GLY A 566 17.01 4.91 -28.05
N ARG A 567 16.89 3.62 -28.32
CA ARG A 567 16.77 2.64 -27.26
C ARG A 567 17.67 1.44 -27.53
N ASP A 568 18.30 0.95 -26.47
CA ASP A 568 19.02 -0.32 -26.53
C ASP A 568 18.09 -1.43 -26.07
N ILE A 569 18.66 -2.60 -25.84
CA ILE A 569 17.87 -3.72 -25.35
C ILE A 569 17.31 -3.32 -23.98
N ALA A 570 16.11 -3.79 -23.68
CA ALA A 570 15.45 -3.57 -22.39
C ALA A 570 15.06 -2.11 -22.18
N ASP A 571 14.63 -1.45 -23.24
CA ASP A 571 14.08 -0.10 -23.19
C ASP A 571 14.97 0.94 -22.52
N THR A 572 16.28 0.73 -22.42
CA THR A 572 17.15 1.74 -21.83
C THR A 572 17.41 2.84 -22.85
N THR A 573 17.00 4.08 -22.57
CA THR A 573 17.19 5.16 -23.52
C THR A 573 18.67 5.43 -23.72
N ASP A 574 19.18 5.06 -24.88
CA ASP A 574 20.60 5.21 -25.19
C ASP A 574 21.01 6.48 -25.91
N ALA A 575 20.13 7.15 -26.65
CA ALA A 575 20.54 8.32 -27.40
C ALA A 575 19.36 9.25 -27.58
N VAL A 576 19.64 10.50 -27.94
CA VAL A 576 18.59 11.51 -28.14
C VAL A 576 19.10 12.54 -29.12
N ARG A 577 18.20 13.08 -29.95
CA ARG A 577 18.58 14.13 -30.87
C ARG A 577 18.12 15.49 -30.36
N ASP A 578 19.00 16.48 -30.50
CA ASP A 578 18.72 17.82 -30.01
C ASP A 578 17.61 18.48 -30.80
N PRO A 579 16.59 19.05 -30.15
CA PRO A 579 15.56 19.79 -30.90
C PRO A 579 16.02 21.15 -31.41
N GLN A 580 17.25 21.57 -31.13
CA GLN A 580 17.76 22.86 -31.58
C GLN A 580 18.77 22.72 -32.71
N THR A 581 19.81 21.92 -32.53
CA THR A 581 20.84 21.71 -33.53
C THR A 581 20.74 20.39 -34.26
N LEU A 582 19.79 19.54 -33.88
CA LEU A 582 19.51 18.27 -34.56
C LEU A 582 20.67 17.28 -34.48
N GLU A 583 21.62 17.49 -33.59
CA GLU A 583 22.70 16.54 -33.40
C GLU A 583 22.29 15.35 -32.54
N ILE A 584 22.77 14.17 -32.91
CA ILE A 584 22.50 12.95 -32.17
C ILE A 584 23.47 12.89 -31.00
N LEU A 585 22.98 12.54 -29.81
CA LEU A 585 23.77 12.50 -28.60
C LEU A 585 23.64 11.14 -27.95
N ASP A 586 24.75 10.61 -27.46
CA ASP A 586 24.81 9.36 -26.75
C ASP A 586 24.73 9.60 -25.25
N ILE A 587 24.01 8.73 -24.55
CA ILE A 587 23.82 8.80 -23.10
C ILE A 587 24.47 7.60 -22.43
N THR A 588 25.34 7.85 -21.46
CA THR A 588 25.91 6.76 -20.68
C THR A 588 25.73 7.12 -19.22
N PRO A 589 25.21 6.23 -18.38
CA PRO A 589 25.06 6.60 -16.97
C PRO A 589 26.44 6.76 -16.35
N CYS A 590 26.64 7.88 -15.65
CA CYS A 590 27.95 8.07 -15.06
C CYS A 590 28.30 7.02 -14.01
N SER A 591 29.60 6.88 -13.83
CA SER A 591 30.21 5.82 -13.05
C SER A 591 29.66 5.73 -11.64
N PHE A 592 29.44 4.49 -11.24
CA PHE A 592 28.93 4.14 -9.92
C PHE A 592 29.38 2.72 -9.60
N GLY A 593 29.32 2.37 -8.32
CA GLY A 593 29.71 1.04 -7.92
C GLY A 593 29.74 0.95 -6.40
N GLY A 594 29.99 -0.26 -5.95
CA GLY A 594 30.08 -0.55 -4.55
C GLY A 594 31.49 -0.36 -4.04
N VAL A 595 31.63 -0.09 -2.74
CA VAL A 595 32.95 0.13 -2.17
C VAL A 595 33.11 -0.86 -1.04
N SER A 596 34.26 -1.47 -0.96
CA SER A 596 34.50 -2.45 0.06
C SER A 596 35.70 -2.06 0.89
N VAL A 597 35.72 -2.48 2.15
CA VAL A 597 36.77 -2.14 3.09
C VAL A 597 37.62 -3.37 3.40
N ILE A 598 38.91 -3.23 3.29
CA ILE A 598 39.87 -4.27 3.63
C ILE A 598 40.44 -3.91 4.99
N THR A 599 40.32 -4.82 5.96
CA THR A 599 40.80 -4.55 7.32
C THR A 599 41.55 -5.74 7.90
N PRO A 600 42.72 -5.51 8.51
CA PRO A 600 43.44 -6.60 9.17
C PRO A 600 42.96 -6.89 10.58
N GLY A 601 41.88 -6.29 11.03
CA GLY A 601 41.40 -6.54 12.37
C GLY A 601 41.56 -5.34 13.29
N THR A 602 40.51 -5.07 14.06
CA THR A 602 40.55 -3.97 15.00
C THR A 602 41.66 -4.18 16.02
N ASN A 603 41.90 -5.42 16.41
CA ASN A 603 42.87 -5.67 17.45
C ASN A 603 44.29 -5.70 16.93
N THR A 604 44.50 -5.77 15.62
CA THR A 604 45.85 -5.59 15.11
C THR A 604 46.17 -4.12 14.83
N SER A 605 45.31 -3.42 14.11
CA SER A 605 45.54 -2.02 13.79
C SER A 605 44.33 -1.42 13.14
N ASN A 606 44.25 -0.09 13.20
CA ASN A 606 43.16 0.69 12.60
C ASN A 606 43.35 1.02 11.12
N GLN A 607 44.48 0.71 10.51
CA GLN A 607 44.62 0.99 9.09
C GLN A 607 43.56 0.26 8.27
N VAL A 608 43.24 0.82 7.12
CA VAL A 608 42.16 0.28 6.31
C VAL A 608 42.47 0.60 4.86
N ALA A 609 42.10 -0.30 3.95
CA ALA A 609 42.23 -0.04 2.52
C ALA A 609 40.88 -0.12 1.83
N VAL A 610 40.68 0.68 0.81
CA VAL A 610 39.37 0.78 0.19
C VAL A 610 39.43 0.31 -1.24
N LEU A 611 38.46 -0.50 -1.63
CA LEU A 611 38.37 -1.04 -2.97
C LEU A 611 37.10 -0.52 -3.63
N TYR A 612 37.24 0.34 -4.63
CA TYR A 612 36.11 0.78 -5.44
C TYR A 612 35.93 -0.23 -6.54
N GLN A 613 34.82 -0.96 -6.49
CA GLN A 613 34.71 -2.16 -7.32
C GLN A 613 34.48 -1.87 -8.80
N GLY A 614 33.35 -1.30 -9.15
CA GLY A 614 33.14 -1.17 -10.57
C GLY A 614 33.61 0.15 -11.13
N VAL A 615 34.89 0.52 -10.97
CA VAL A 615 35.34 1.83 -11.46
C VAL A 615 36.81 1.78 -11.72
N ASN A 616 37.26 2.71 -12.54
CA ASN A 616 38.67 2.99 -12.76
C ASN A 616 39.00 4.30 -12.07
N CYS A 617 40.17 4.35 -11.42
CA CYS A 617 40.56 5.51 -10.63
C CYS A 617 40.59 6.82 -11.41
N THR A 618 40.52 6.77 -12.72
CA THR A 618 40.54 8.03 -13.45
C THR A 618 39.30 8.86 -13.17
N GLU A 619 38.26 8.28 -12.58
CA GLU A 619 37.03 9.02 -12.28
C GLU A 619 36.54 8.73 -10.88
N VAL A 620 37.44 8.51 -9.93
CA VAL A 620 37.03 8.24 -8.57
C VAL A 620 36.30 9.41 -7.94
N ASN A 641 47.99 5.44 -1.44
CA ASN A 641 48.57 4.98 -2.69
C ASN A 641 47.43 4.56 -3.62
N VAL A 642 47.69 4.41 -4.91
CA VAL A 642 46.66 4.04 -5.87
C VAL A 642 47.13 2.84 -6.68
N PHE A 643 46.23 1.92 -6.94
CA PHE A 643 46.56 0.74 -7.71
C PHE A 643 45.34 0.36 -8.53
N GLN A 644 45.56 -0.16 -9.73
CA GLN A 644 44.48 -0.57 -10.61
C GLN A 644 44.41 -2.07 -10.63
N THR A 645 43.21 -2.64 -10.54
CA THR A 645 43.07 -4.08 -10.62
C THR A 645 41.88 -4.42 -11.49
N ARG A 646 41.83 -5.67 -11.93
CA ARG A 646 40.69 -6.10 -12.69
C ARG A 646 39.43 -6.08 -11.86
N ALA A 647 39.56 -6.07 -10.54
CA ALA A 647 38.42 -6.01 -9.67
C ALA A 647 37.97 -4.59 -9.36
N GLY A 648 38.77 -3.60 -9.68
CA GLY A 648 38.44 -2.22 -9.43
C GLY A 648 39.68 -1.47 -9.02
N CYS A 649 39.51 -0.24 -8.59
CA CYS A 649 40.67 0.53 -8.18
C CYS A 649 40.87 0.38 -6.69
N LEU A 650 42.08 0.01 -6.29
CA LEU A 650 42.42 -0.26 -4.90
C LEU A 650 43.24 0.89 -4.35
N ILE A 651 42.80 1.46 -3.24
CA ILE A 651 43.49 2.58 -2.63
C ILE A 651 43.90 2.25 -1.22
N GLY A 652 45.11 2.61 -0.85
CA GLY A 652 45.60 2.36 0.47
C GLY A 652 46.48 1.16 0.66
N ALA A 653 46.80 0.43 -0.41
CA ALA A 653 47.66 -0.75 -0.30
C ALA A 653 48.65 -0.74 -1.45
N GLU A 654 49.88 -1.16 -1.17
CA GLU A 654 50.93 -1.15 -2.17
C GLU A 654 51.13 -2.51 -2.80
N TYR A 655 51.34 -2.53 -4.11
CA TYR A 655 51.51 -3.78 -4.84
C TYR A 655 52.93 -4.29 -4.69
N VAL A 656 53.07 -5.54 -4.31
CA VAL A 656 54.36 -6.18 -4.14
C VAL A 656 54.50 -7.31 -5.15
N ASN A 657 55.73 -7.55 -5.63
CA ASN A 657 55.90 -8.60 -6.62
C ASN A 657 55.90 -10.01 -6.05
N SER A 658 56.08 -10.17 -4.76
CA SER A 658 56.11 -11.49 -4.17
C SER A 658 54.71 -12.10 -4.05
N SER A 659 54.64 -13.41 -4.25
CA SER A 659 53.41 -14.17 -4.15
C SER A 659 53.42 -14.99 -2.87
N TYR A 660 52.29 -15.00 -2.16
CA TYR A 660 52.15 -15.68 -0.89
C TYR A 660 50.85 -16.44 -0.88
N GLU A 661 50.67 -17.32 0.09
CA GLU A 661 49.36 -17.94 0.27
C GLU A 661 48.40 -16.87 0.75
N CYS A 662 47.38 -16.56 -0.02
CA CYS A 662 46.60 -15.37 0.26
C CYS A 662 45.47 -15.68 1.24
N ASP A 663 45.16 -14.67 2.07
CA ASP A 663 44.15 -14.76 3.11
C ASP A 663 43.03 -13.76 2.98
N ILE A 664 43.25 -12.57 2.43
CA ILE A 664 42.11 -11.67 2.23
C ILE A 664 41.91 -11.60 0.73
N PRO A 665 40.91 -12.30 0.20
CA PRO A 665 40.66 -12.34 -1.24
C PRO A 665 40.02 -11.08 -1.77
N ILE A 666 40.67 -10.44 -2.73
CA ILE A 666 40.12 -9.28 -3.39
C ILE A 666 39.45 -9.66 -4.69
N GLY A 667 40.11 -10.45 -5.51
CA GLY A 667 39.49 -10.88 -6.75
C GLY A 667 40.47 -10.87 -7.91
N ALA A 668 40.16 -11.67 -8.91
CA ALA A 668 40.98 -11.74 -10.11
C ALA A 668 42.40 -12.14 -9.76
N GLY A 669 42.54 -13.07 -8.84
CA GLY A 669 43.83 -13.53 -8.44
C GLY A 669 44.59 -12.61 -7.52
N ILE A 670 44.01 -11.49 -7.10
CA ILE A 670 44.68 -10.53 -6.23
C ILE A 670 44.17 -10.72 -4.81
N CYS A 671 45.06 -10.55 -3.84
CA CYS A 671 44.71 -10.66 -2.45
C CYS A 671 45.39 -9.51 -1.70
N ALA A 672 45.23 -9.45 -0.39
CA ALA A 672 45.86 -8.44 0.44
C ALA A 672 46.17 -8.98 1.82
N SER A 673 47.16 -8.40 2.50
CA SER A 673 47.50 -8.85 3.85
C SER A 673 48.31 -7.79 4.59
N TYR A 674 48.43 -7.99 5.91
CA TYR A 674 49.20 -7.11 6.80
C TYR A 674 50.68 -7.47 6.70
N GLN A 675 51.53 -6.53 6.32
CA GLN A 675 52.94 -6.82 6.11
C GLN A 675 53.66 -7.31 7.36
N THR A 676 53.73 -6.47 8.38
CA THR A 676 54.42 -6.80 9.65
C THR A 676 55.90 -7.10 9.40
N GLN A 690 53.49 -3.79 9.28
CA GLN A 690 53.33 -2.37 9.49
C GLN A 690 52.65 -1.69 8.30
N SER A 691 52.23 -2.47 7.31
CA SER A 691 51.56 -1.92 6.14
C SER A 691 50.72 -3.01 5.50
N ILE A 692 49.77 -2.62 4.68
CA ILE A 692 48.95 -3.56 3.93
C ILE A 692 49.46 -3.69 2.50
N ILE A 693 49.81 -4.91 2.12
CA ILE A 693 50.41 -5.23 0.82
C ILE A 693 49.43 -6.05 0.01
N ALA A 694 49.30 -5.71 -1.27
CA ALA A 694 48.50 -6.48 -2.21
C ALA A 694 49.41 -7.33 -3.09
N TYR A 695 48.98 -8.55 -3.42
CA TYR A 695 49.86 -9.45 -4.18
C TYR A 695 49.04 -10.51 -4.89
N THR A 696 49.65 -11.15 -5.88
CA THR A 696 49.01 -12.28 -6.54
C THR A 696 49.25 -13.58 -5.77
N MET A 697 48.24 -14.45 -5.78
CA MET A 697 48.28 -15.69 -5.02
C MET A 697 49.37 -16.64 -5.51
N SER A 698 49.89 -17.43 -4.60
CA SER A 698 50.81 -18.51 -4.92
C SER A 698 50.10 -19.84 -4.74
N LEU A 699 50.12 -20.67 -5.78
CA LEU A 699 49.44 -21.96 -5.78
C LEU A 699 50.27 -23.10 -5.19
N GLY A 700 51.25 -22.82 -4.36
CA GLY A 700 52.07 -23.85 -3.76
C GLY A 700 53.44 -23.97 -4.39
N ALA A 701 54.27 -24.80 -3.76
CA ALA A 701 55.63 -25.02 -4.22
C ALA A 701 55.70 -25.95 -5.42
N GLU A 702 56.75 -25.79 -6.22
CA GLU A 702 56.94 -26.64 -7.38
C GLU A 702 57.87 -27.79 -7.07
N ASN A 703 57.40 -29.01 -7.31
CA ASN A 703 58.13 -30.23 -7.04
C ASN A 703 58.28 -31.03 -8.33
N SER A 704 59.47 -31.05 -8.89
CA SER A 704 59.75 -31.80 -10.12
C SER A 704 60.23 -33.20 -9.77
N VAL A 705 59.26 -34.11 -9.55
CA VAL A 705 59.57 -35.50 -9.25
C VAL A 705 60.40 -36.11 -10.38
N ALA A 706 61.46 -36.82 -10.02
CA ALA A 706 62.38 -37.36 -11.01
C ALA A 706 61.82 -38.54 -11.75
N TYR A 707 61.20 -38.31 -12.89
CA TYR A 707 60.69 -39.42 -13.66
C TYR A 707 61.80 -40.07 -14.47
N SER A 708 61.67 -41.37 -14.72
CA SER A 708 62.60 -42.15 -15.51
C SER A 708 61.94 -43.45 -15.87
N ASN A 709 62.32 -44.03 -17.01
CA ASN A 709 61.67 -45.27 -17.44
C ASN A 709 62.11 -46.51 -16.66
N ASN A 710 63.06 -46.45 -15.75
CA ASN A 710 63.44 -47.68 -15.07
C ASN A 710 63.65 -47.48 -13.57
N SER A 711 63.18 -46.37 -12.99
CA SER A 711 63.34 -46.03 -11.58
C SER A 711 62.02 -46.11 -10.84
N ILE A 712 62.08 -46.56 -9.58
CA ILE A 712 60.96 -46.74 -8.66
C ILE A 712 61.32 -46.19 -7.29
N ALA A 713 60.40 -45.49 -6.67
CA ALA A 713 60.57 -45.01 -5.29
C ALA A 713 59.65 -45.76 -4.35
N ILE A 714 60.21 -46.39 -3.31
CA ILE A 714 59.40 -47.18 -2.36
C ILE A 714 59.57 -46.70 -0.93
N PRO A 715 58.50 -46.64 -0.13
CA PRO A 715 58.62 -46.16 1.23
C PRO A 715 59.19 -47.17 2.18
N THR A 716 60.03 -46.69 3.07
CA THR A 716 60.60 -47.52 4.12
C THR A 716 60.02 -47.33 5.52
N ASN A 717 59.13 -46.37 5.74
CA ASN A 717 58.53 -46.19 7.06
C ASN A 717 57.13 -45.65 6.89
N PHE A 718 56.41 -45.51 7.99
CA PHE A 718 55.04 -45.03 7.93
C PHE A 718 54.78 -44.16 9.13
N THR A 719 53.62 -43.53 9.13
CA THR A 719 53.14 -42.69 10.23
C THR A 719 51.64 -42.68 10.12
N ILE A 720 50.95 -42.96 11.21
CA ILE A 720 49.50 -43.00 11.20
C ILE A 720 48.96 -41.73 11.83
N SER A 721 48.05 -41.07 11.13
CA SER A 721 47.52 -39.81 11.60
C SER A 721 46.02 -39.86 11.83
N VAL A 722 45.51 -38.84 12.51
CA VAL A 722 44.10 -38.73 12.83
C VAL A 722 43.57 -37.39 12.35
N THR A 723 42.51 -37.39 11.58
CA THR A 723 41.92 -36.15 11.10
C THR A 723 40.49 -36.01 11.57
N THR A 724 40.10 -34.83 12.00
CA THR A 724 38.76 -34.57 12.50
C THR A 724 37.89 -33.91 11.45
N GLU A 725 36.74 -34.48 11.15
CA GLU A 725 35.81 -33.88 10.22
C GLU A 725 34.48 -33.60 10.91
N ILE A 726 33.93 -32.40 10.74
CA ILE A 726 32.70 -31.95 11.40
C ILE A 726 31.59 -31.82 10.39
N LEU A 727 30.37 -32.21 10.78
CA LEU A 727 29.24 -32.15 9.89
C LEU A 727 27.97 -31.81 10.64
N PRO A 728 27.22 -30.79 10.23
CA PRO A 728 25.96 -30.50 10.88
C PRO A 728 24.87 -31.45 10.49
N VAL A 729 24.00 -31.76 11.45
CA VAL A 729 22.96 -32.75 11.24
C VAL A 729 21.55 -32.20 11.33
N SER A 730 21.30 -31.16 12.12
CA SER A 730 19.93 -30.72 12.26
C SER A 730 19.87 -29.29 12.75
N MET A 731 18.67 -28.73 12.75
CA MET A 731 18.43 -27.37 13.20
C MET A 731 17.23 -27.29 14.14
N THR A 732 17.01 -26.11 14.69
CA THR A 732 15.93 -25.88 15.66
C THR A 732 14.55 -25.97 15.03
N LYS A 733 13.66 -26.72 15.67
CA LYS A 733 12.28 -26.83 15.23
C LYS A 733 11.49 -25.63 15.70
N THR A 734 10.78 -24.97 14.79
CA THR A 734 10.01 -23.75 15.10
C THR A 734 8.54 -23.90 14.75
N SER A 735 7.68 -23.35 15.58
CA SER A 735 6.25 -23.28 15.32
C SER A 735 5.77 -21.84 15.42
N VAL A 736 4.80 -21.48 14.60
CA VAL A 736 4.33 -20.10 14.49
C VAL A 736 2.82 -20.02 14.66
N ASP A 737 2.38 -19.00 15.38
CA ASP A 737 0.98 -18.66 15.54
C ASP A 737 0.57 -17.52 14.61
N CYS A 738 -0.30 -17.79 13.64
CA CYS A 738 -0.64 -16.78 12.64
C CYS A 738 -1.24 -15.53 13.25
N THR A 739 -2.41 -15.66 13.86
CA THR A 739 -3.12 -14.48 14.36
C THR A 739 -2.35 -13.72 15.40
N MET A 740 -1.68 -14.39 16.31
CA MET A 740 -0.93 -13.64 17.31
C MET A 740 0.14 -12.81 16.66
N TYR A 741 1.00 -13.42 15.85
CA TYR A 741 2.03 -12.62 15.22
C TYR A 741 1.44 -11.51 14.37
N ILE A 742 0.33 -11.75 13.71
CA ILE A 742 -0.17 -10.73 12.79
C ILE A 742 -0.69 -9.55 13.58
N CYS A 743 -1.70 -9.75 14.43
CA CYS A 743 -2.26 -8.59 15.11
C CYS A 743 -2.66 -8.82 16.55
N GLY A 744 -1.81 -9.48 17.31
CA GLY A 744 -1.85 -9.49 18.76
C GLY A 744 -3.19 -9.43 19.44
N ASP A 745 -4.10 -10.32 19.05
CA ASP A 745 -5.38 -10.50 19.70
C ASP A 745 -6.16 -9.17 19.71
N SER A 746 -6.49 -8.73 18.51
CA SER A 746 -7.32 -7.56 18.27
C SER A 746 -8.54 -8.03 17.49
N THR A 747 -9.73 -7.72 17.99
CA THR A 747 -10.93 -8.21 17.31
C THR A 747 -11.09 -7.59 15.94
N GLU A 748 -10.91 -6.27 15.84
CA GLU A 748 -11.07 -5.60 14.56
C GLU A 748 -10.06 -6.10 13.55
N CYS A 749 -8.87 -6.48 13.98
CA CYS A 749 -7.93 -6.99 12.98
C CYS A 749 -8.25 -8.41 12.55
N SER A 750 -8.72 -9.26 13.45
CA SER A 750 -9.05 -10.61 13.02
C SER A 750 -10.23 -10.62 12.08
N ASN A 751 -11.23 -9.79 12.35
CA ASN A 751 -12.36 -9.71 11.44
C ASN A 751 -11.94 -9.37 10.03
N LEU A 752 -10.87 -8.61 9.89
CA LEU A 752 -10.38 -8.23 8.58
C LEU A 752 -9.40 -9.23 8.01
N LEU A 753 -8.67 -9.94 8.86
CA LEU A 753 -7.72 -10.93 8.37
C LEU A 753 -8.42 -12.16 7.88
N LEU A 754 -9.58 -12.47 8.45
CA LEU A 754 -10.37 -13.60 8.01
C LEU A 754 -10.73 -13.54 6.54
N GLN A 755 -10.59 -12.37 5.92
CA GLN A 755 -10.91 -12.15 4.52
C GLN A 755 -9.76 -12.47 3.60
N TYR A 756 -8.61 -12.82 4.15
CA TYR A 756 -7.43 -12.97 3.33
C TYR A 756 -7.27 -14.39 2.83
N GLY A 757 -7.93 -15.36 3.46
CA GLY A 757 -7.93 -16.73 2.99
C GLY A 757 -7.29 -17.68 3.98
N SER A 758 -6.60 -18.68 3.45
CA SER A 758 -6.01 -19.77 4.21
C SER A 758 -4.50 -19.71 4.23
N PHE A 759 -3.93 -18.51 4.20
CA PHE A 759 -2.48 -18.40 4.23
C PHE A 759 -1.84 -19.07 5.45
N CYS A 760 -2.39 -18.88 6.65
CA CYS A 760 -1.77 -19.58 7.78
C CYS A 760 -1.90 -21.09 7.73
N THR A 761 -2.98 -21.65 7.23
CA THR A 761 -2.97 -23.10 7.15
C THR A 761 -1.75 -23.56 6.35
N GLN A 762 -1.50 -22.93 5.22
CA GLN A 762 -0.33 -23.29 4.44
C GLN A 762 0.96 -23.08 5.20
N LEU A 763 1.08 -21.96 5.90
CA LEU A 763 2.31 -21.68 6.62
C LEU A 763 2.57 -22.69 7.73
N LYS A 764 1.54 -22.98 8.50
CA LYS A 764 1.68 -23.92 9.59
C LYS A 764 2.02 -25.30 9.08
N ARG A 765 1.39 -25.72 7.99
CA ARG A 765 1.72 -27.01 7.42
C ARG A 765 3.17 -27.07 6.97
N ALA A 766 3.67 -26.02 6.35
CA ALA A 766 5.06 -26.04 5.91
C ALA A 766 6.02 -26.17 7.08
N LEU A 767 5.77 -25.42 8.16
CA LEU A 767 6.71 -25.49 9.26
C LEU A 767 6.66 -26.84 9.99
N THR A 768 5.47 -27.40 10.17
CA THR A 768 5.40 -28.71 10.81
C THR A 768 6.12 -29.78 9.99
N GLY A 769 6.03 -29.70 8.66
CA GLY A 769 6.77 -30.65 7.87
C GLY A 769 8.26 -30.53 8.10
N ILE A 770 8.74 -29.30 8.21
CA ILE A 770 10.17 -29.12 8.48
C ILE A 770 10.56 -29.76 9.82
N ALA A 771 9.74 -29.57 10.85
CA ALA A 771 10.09 -30.12 12.17
C ALA A 771 10.19 -31.65 12.17
N VAL A 772 9.17 -32.32 11.62
CA VAL A 772 9.25 -33.78 11.62
C VAL A 772 10.45 -34.25 10.83
N GLU A 773 10.83 -33.48 9.81
CA GLU A 773 11.97 -33.85 9.01
C GLU A 773 13.25 -33.77 9.83
N GLN A 774 13.38 -32.76 10.68
CA GLN A 774 14.59 -32.68 11.50
C GLN A 774 14.75 -33.89 12.40
N ASP A 775 13.66 -34.33 12.99
CA ASP A 775 13.75 -35.53 13.82
C ASP A 775 14.20 -36.73 13.01
N LYS A 776 13.67 -36.86 11.79
CA LYS A 776 14.07 -37.99 10.97
C LYS A 776 15.56 -37.95 10.62
N ASN A 777 16.13 -36.77 10.43
CA ASN A 777 17.55 -36.70 10.13
C ASN A 777 18.38 -37.25 11.26
N THR A 778 18.09 -36.83 12.49
CA THR A 778 18.84 -37.41 13.60
C THR A 778 18.70 -38.92 13.64
N GLN A 779 17.50 -39.43 13.39
CA GLN A 779 17.30 -40.88 13.42
C GLN A 779 18.18 -41.58 12.41
N GLU A 780 18.13 -41.15 11.16
CA GLU A 780 18.90 -41.83 10.14
C GLU A 780 20.38 -41.81 10.44
N VAL A 781 20.88 -40.76 11.04
CA VAL A 781 22.31 -40.74 11.25
C VAL A 781 22.72 -41.63 12.40
N PHE A 782 22.12 -41.46 13.56
CA PHE A 782 22.67 -42.12 14.74
C PHE A 782 22.11 -43.49 15.05
N ALA A 783 20.82 -43.69 14.88
CA ALA A 783 20.16 -44.94 15.25
C ALA A 783 20.34 -46.05 14.22
N GLN A 784 21.59 -46.34 13.90
CA GLN A 784 21.90 -47.41 12.97
C GLN A 784 22.10 -48.76 13.65
N VAL A 785 22.71 -48.78 14.80
CA VAL A 785 22.91 -50.00 15.55
C VAL A 785 21.64 -50.33 16.32
N LYS A 786 21.34 -51.61 16.44
CA LYS A 786 20.13 -52.06 17.10
C LYS A 786 20.31 -52.35 18.57
N GLN A 787 21.45 -52.87 18.99
CA GLN A 787 21.71 -53.24 20.37
C GLN A 787 22.77 -52.38 21.02
N ILE A 788 22.55 -52.00 22.27
CA ILE A 788 23.49 -51.15 22.98
C ILE A 788 24.63 -52.04 23.49
N TYR A 789 25.75 -52.05 22.79
CA TYR A 789 26.91 -52.84 23.20
C TYR A 789 27.68 -52.21 24.33
N LYS A 790 27.98 -52.96 25.37
CA LYS A 790 28.72 -52.44 26.50
C LYS A 790 30.22 -52.74 26.38
N THR A 791 31.02 -51.85 26.89
CA THR A 791 32.47 -51.95 26.94
C THR A 791 32.90 -52.87 28.09
N PRO A 792 33.86 -53.76 27.88
CA PRO A 792 34.30 -54.60 28.98
C PRO A 792 34.95 -53.78 30.08
N PRO A 793 35.01 -54.30 31.31
CA PRO A 793 35.60 -53.51 32.39
C PRO A 793 37.13 -53.42 32.34
N ILE A 794 37.83 -54.50 32.02
CA ILE A 794 39.29 -54.47 31.90
C ILE A 794 39.60 -53.82 30.56
N LYS A 795 39.96 -52.54 30.61
CA LYS A 795 40.20 -51.74 29.42
C LYS A 795 41.64 -51.80 28.90
N TYR A 796 42.08 -53.00 28.60
CA TYR A 796 43.39 -53.24 27.98
C TYR A 796 43.17 -53.81 26.59
N PHE A 797 43.62 -53.08 25.56
CA PHE A 797 43.42 -53.46 24.16
C PHE A 797 44.73 -53.54 23.42
N GLY A 798 45.76 -54.05 24.05
CA GLY A 798 47.02 -54.17 23.36
C GLY A 798 47.79 -52.89 23.15
N GLY A 799 47.93 -52.07 24.18
CA GLY A 799 48.67 -50.84 24.12
C GLY A 799 47.92 -49.61 23.65
N PHE A 800 46.84 -49.77 22.93
CA PHE A 800 46.08 -48.62 22.47
C PHE A 800 45.34 -47.97 23.63
N ASN A 801 45.30 -46.64 23.64
CA ASN A 801 44.67 -45.84 24.71
C ASN A 801 43.49 -45.03 24.21
N PHE A 802 42.28 -45.58 24.38
CA PHE A 802 41.02 -44.96 24.01
C PHE A 802 40.38 -44.08 25.09
N SER A 803 41.11 -43.70 26.14
CA SER A 803 40.47 -42.91 27.20
C SER A 803 39.90 -41.61 26.71
N GLN A 804 40.48 -41.00 25.68
CA GLN A 804 40.01 -39.70 25.22
C GLN A 804 38.70 -39.79 24.49
N ILE A 805 38.28 -40.97 24.06
CA ILE A 805 37.02 -41.10 23.36
C ILE A 805 35.99 -41.94 24.10
N LEU A 806 36.39 -42.81 25.01
CA LEU A 806 35.40 -43.58 25.73
C LEU A 806 34.70 -42.70 26.77
N PRO A 807 33.45 -42.99 27.12
CA PRO A 807 32.75 -42.15 28.08
C PRO A 807 33.37 -42.22 29.45
N ASP A 808 33.35 -41.08 30.14
CA ASP A 808 33.92 -40.95 31.47
C ASP A 808 32.85 -41.21 32.53
N PRO A 809 32.96 -42.28 33.32
CA PRO A 809 31.94 -42.53 34.35
C PRO A 809 31.92 -41.49 35.46
N SER A 810 33.00 -40.71 35.60
CA SER A 810 33.07 -39.72 36.67
C SER A 810 32.01 -38.63 36.48
N LYS A 811 32.04 -37.94 35.35
CA LYS A 811 31.10 -36.86 35.15
C LYS A 811 29.69 -37.42 35.08
N PRO A 812 28.69 -36.66 35.55
CA PRO A 812 27.32 -37.18 35.54
C PRO A 812 26.73 -37.29 34.15
N SER A 813 27.12 -36.39 33.24
CA SER A 813 26.60 -36.43 31.88
C SER A 813 27.11 -37.61 31.09
N LYS A 814 28.17 -38.28 31.54
CA LYS A 814 28.72 -39.47 30.88
C LYS A 814 29.21 -39.21 29.47
N ARG A 815 29.78 -38.04 29.22
CA ARG A 815 30.36 -37.74 27.93
C ARG A 815 31.87 -37.86 28.03
N SER A 816 32.47 -38.31 26.96
CA SER A 816 33.91 -38.40 26.87
C SER A 816 34.56 -37.04 26.98
N PRO A 817 35.85 -36.95 27.22
CA PRO A 817 36.46 -35.62 27.24
C PRO A 817 36.39 -34.85 25.93
N ILE A 818 36.55 -35.48 24.78
CA ILE A 818 36.41 -34.73 23.54
C ILE A 818 34.98 -34.23 23.38
N GLU A 819 34.01 -35.04 23.74
CA GLU A 819 32.63 -34.61 23.65
C GLU A 819 32.35 -33.43 24.58
N ASP A 820 32.94 -33.45 25.77
CA ASP A 820 32.79 -32.32 26.68
C ASP A 820 33.39 -31.07 26.10
N LEU A 821 34.57 -31.18 25.52
CA LEU A 821 35.17 -30.01 24.90
C LEU A 821 34.28 -29.46 23.82
N LEU A 822 33.69 -30.34 23.03
CA LEU A 822 32.80 -29.87 21.98
C LEU A 822 31.58 -29.17 22.55
N PHE A 823 30.98 -29.70 23.60
CA PHE A 823 29.78 -29.05 24.12
C PHE A 823 30.09 -27.69 24.73
N ASN A 824 31.28 -27.53 25.28
CA ASN A 824 31.58 -26.24 25.87
C ASN A 824 32.10 -25.24 24.84
N LYS A 825 32.72 -25.73 23.76
CA LYS A 825 33.30 -24.83 22.77
C LYS A 825 32.25 -24.11 21.95
N VAL A 826 31.08 -24.67 21.76
CA VAL A 826 30.09 -23.99 20.94
C VAL A 826 28.94 -23.64 21.85
N THR A 827 28.48 -22.39 21.73
CA THR A 827 27.39 -21.84 22.51
C THR A 827 26.51 -20.98 21.63
N LEU A 828 25.37 -20.57 22.18
CA LEU A 828 24.40 -19.74 21.47
C LEU A 828 24.92 -18.32 21.21
N PHE A 855 8.08 -14.11 23.60
CA PHE A 855 7.96 -14.03 22.16
C PHE A 855 6.60 -13.53 21.72
N ASN A 856 6.34 -13.53 20.43
CA ASN A 856 5.08 -13.06 19.87
C ASN A 856 4.36 -14.14 19.09
N GLY A 857 4.28 -15.34 19.63
CA GLY A 857 3.63 -16.40 18.91
C GLY A 857 4.58 -17.33 18.20
N LEU A 858 5.88 -17.19 18.44
CA LEU A 858 6.91 -18.02 17.86
C LEU A 858 7.43 -18.89 18.98
N THR A 859 7.48 -20.19 18.76
CA THR A 859 7.90 -21.12 19.78
C THR A 859 8.90 -22.11 19.22
N VAL A 860 9.84 -22.52 20.05
CA VAL A 860 10.85 -23.48 19.68
C VAL A 860 10.49 -24.82 20.28
N LEU A 861 10.35 -25.76 19.50
CA LEU A 861 9.98 -27.06 20.01
C LEU A 861 11.23 -27.83 20.41
N PRO A 862 11.18 -28.75 21.36
CA PRO A 862 12.38 -29.45 21.76
C PRO A 862 12.65 -30.61 20.81
N PRO A 863 13.87 -31.12 20.76
CA PRO A 863 14.14 -32.27 19.93
C PRO A 863 13.60 -33.53 20.58
N LEU A 864 13.37 -34.54 19.76
CA LEU A 864 12.87 -35.81 20.28
C LEU A 864 13.95 -36.59 21.02
N LEU A 865 15.12 -36.75 20.45
CA LEU A 865 16.21 -37.42 21.13
C LEU A 865 16.99 -36.42 21.95
N THR A 866 17.03 -36.60 23.26
CA THR A 866 17.80 -35.66 24.05
C THR A 866 19.29 -35.91 23.83
N ASP A 867 20.10 -34.98 24.32
CA ASP A 867 21.54 -35.10 24.19
C ASP A 867 22.04 -36.38 24.82
N GLU A 868 21.45 -36.76 25.93
CA GLU A 868 21.85 -37.99 26.58
C GLU A 868 21.62 -39.21 25.73
N MET A 869 20.47 -39.32 25.05
CA MET A 869 20.28 -40.54 24.30
C MET A 869 21.22 -40.63 23.10
N ILE A 870 21.52 -39.52 22.46
CA ILE A 870 22.49 -39.55 21.38
C ILE A 870 23.87 -39.91 21.89
N ALA A 871 24.25 -39.39 23.04
CA ALA A 871 25.55 -39.79 23.57
C ALA A 871 25.57 -41.27 23.88
N GLN A 872 24.46 -41.82 24.31
CA GLN A 872 24.42 -43.25 24.53
C GLN A 872 24.57 -44.05 23.24
N TYR A 873 23.93 -43.59 22.16
CA TYR A 873 24.13 -44.27 20.88
C TYR A 873 25.59 -44.24 20.43
N THR A 874 26.22 -43.08 20.57
CA THR A 874 27.63 -42.99 20.19
C THR A 874 28.48 -43.94 20.99
N SER A 875 28.22 -44.05 22.28
CA SER A 875 29.01 -45.00 23.04
C SER A 875 28.77 -46.41 22.55
N ALA A 876 27.55 -46.70 22.11
CA ALA A 876 27.29 -48.04 21.59
C ALA A 876 28.13 -48.33 20.36
N LEU A 877 28.21 -47.39 19.42
CA LEU A 877 29.03 -47.63 18.23
C LEU A 877 30.50 -47.79 18.58
N LEU A 878 31.02 -46.98 19.48
CA LEU A 878 32.43 -47.15 19.85
C LEU A 878 32.71 -48.51 20.48
N ALA A 879 31.89 -48.93 21.44
CA ALA A 879 32.12 -50.22 22.03
C ALA A 879 32.00 -51.33 21.01
N GLY A 880 31.01 -51.22 20.12
CA GLY A 880 30.88 -52.23 19.10
C GLY A 880 32.10 -52.34 18.22
N THR A 881 32.58 -51.22 17.68
CA THR A 881 33.73 -51.29 16.77
C THR A 881 35.00 -51.68 17.49
N ILE A 882 35.13 -51.41 18.77
CA ILE A 882 36.40 -51.75 19.40
C ILE A 882 36.43 -53.22 19.68
N THR A 883 35.28 -53.82 19.93
CA THR A 883 35.29 -55.21 20.36
C THR A 883 34.94 -56.18 19.26
N SER A 884 34.32 -55.74 18.17
CA SER A 884 33.83 -56.64 17.15
C SER A 884 34.17 -56.27 15.72
N GLY A 885 34.86 -55.18 15.46
CA GLY A 885 35.22 -54.86 14.09
C GLY A 885 34.08 -54.59 13.13
N TRP A 886 34.18 -55.17 11.95
CA TRP A 886 33.17 -55.02 10.92
C TRP A 886 31.92 -55.80 11.19
N THR A 887 32.03 -56.86 11.98
CA THR A 887 30.99 -57.85 12.05
C THR A 887 29.70 -57.29 12.60
N PHE A 888 29.78 -56.38 13.54
CA PHE A 888 28.55 -55.91 14.16
C PHE A 888 27.64 -55.14 13.22
N GLY A 889 28.11 -54.75 12.05
CA GLY A 889 27.28 -54.03 11.13
C GLY A 889 26.64 -54.95 10.11
N ALA A 890 27.15 -56.17 10.03
CA ALA A 890 26.69 -57.19 9.10
C ALA A 890 25.85 -58.27 9.74
N GLY A 891 25.75 -58.31 11.05
CA GLY A 891 24.96 -59.29 11.75
C GLY A 891 25.38 -59.45 13.19
N PRO A 892 25.51 -60.67 13.65
CA PRO A 892 25.87 -60.90 15.05
C PRO A 892 27.29 -60.46 15.37
N ALA A 893 27.45 -59.74 16.46
CA ALA A 893 28.77 -59.26 16.85
C ALA A 893 29.68 -60.40 17.26
N LEU A 894 30.78 -60.59 16.56
CA LEU A 894 31.76 -61.62 16.84
C LEU A 894 33.01 -60.99 17.41
N GLN A 895 33.38 -61.34 18.64
CA GLN A 895 34.54 -60.74 19.27
C GLN A 895 35.86 -61.18 18.65
N ILE A 896 36.81 -60.25 18.55
CA ILE A 896 38.13 -60.54 17.99
C ILE A 896 39.18 -59.67 18.69
N PRO A 897 40.33 -60.21 19.05
CA PRO A 897 41.37 -59.40 19.70
C PRO A 897 41.73 -58.16 18.89
N PHE A 898 41.93 -57.04 19.57
CA PHE A 898 42.21 -55.80 18.83
C PHE A 898 43.47 -55.78 17.99
N PRO A 899 44.60 -56.31 18.39
CA PRO A 899 45.70 -56.34 17.44
C PRO A 899 45.38 -57.12 16.18
N MET A 900 44.69 -58.25 16.24
CA MET A 900 44.34 -58.94 15.00
C MET A 900 43.35 -58.15 14.18
N GLN A 901 42.51 -57.39 14.80
CA GLN A 901 41.62 -56.59 14.00
C GLN A 901 42.42 -55.59 13.21
N MET A 902 43.39 -54.95 13.85
CA MET A 902 44.21 -54.05 13.07
C MET A 902 45.07 -54.76 12.02
N ALA A 903 45.49 -56.00 12.24
CA ALA A 903 46.21 -56.69 11.16
C ALA A 903 45.31 -56.95 9.96
N TYR A 904 44.09 -57.38 10.21
CA TYR A 904 43.11 -57.47 9.13
C TYR A 904 43.07 -56.18 8.34
N ARG A 905 42.96 -55.05 9.03
CA ARG A 905 42.84 -53.80 8.28
C ARG A 905 44.10 -53.46 7.49
N PHE A 906 45.26 -53.75 8.05
CA PHE A 906 46.49 -53.55 7.30
C PHE A 906 46.46 -54.37 6.02
N ASN A 907 46.14 -55.65 6.09
CA ASN A 907 45.97 -56.41 4.85
C ASN A 907 44.98 -55.75 3.90
N GLY A 908 43.95 -55.16 4.43
CA GLY A 908 43.01 -54.49 3.57
C GLY A 908 43.63 -53.42 2.72
N ILE A 909 44.66 -52.74 3.21
CA ILE A 909 45.34 -51.72 2.40
C ILE A 909 46.60 -52.27 1.74
N GLY A 910 46.73 -53.59 1.59
CA GLY A 910 47.84 -54.11 0.84
C GLY A 910 49.16 -54.25 1.53
N VAL A 911 49.21 -54.24 2.85
CA VAL A 911 50.46 -54.42 3.58
C VAL A 911 50.35 -55.74 4.33
N THR A 912 51.35 -56.59 4.21
CA THR A 912 51.25 -57.89 4.86
C THR A 912 51.21 -57.70 6.36
N GLN A 913 50.48 -58.56 7.02
CA GLN A 913 50.25 -58.42 8.44
C GLN A 913 51.49 -58.57 9.30
N ASN A 914 52.56 -59.22 8.85
CA ASN A 914 53.73 -59.24 9.72
C ASN A 914 54.24 -57.84 10.03
N VAL A 915 54.01 -56.89 9.13
CA VAL A 915 54.41 -55.52 9.38
C VAL A 915 53.73 -54.99 10.62
N LEU A 916 52.51 -55.43 10.90
CA LEU A 916 51.88 -54.95 12.12
C LEU A 916 52.39 -55.71 13.34
N TYR A 917 52.60 -57.00 13.26
CA TYR A 917 53.02 -57.66 14.49
C TYR A 917 54.40 -57.30 14.94
N GLU A 918 55.26 -56.79 14.09
CA GLU A 918 56.60 -56.43 14.52
C GLU A 918 56.73 -54.99 14.96
N ASN A 919 55.70 -54.19 14.79
CA ASN A 919 55.73 -52.77 15.13
C ASN A 919 54.50 -52.43 15.94
N GLN A 920 53.96 -53.40 16.66
CA GLN A 920 52.82 -53.11 17.50
C GLN A 920 53.13 -51.99 18.48
N LYS A 921 54.30 -52.02 19.10
CA LYS A 921 54.64 -50.98 20.06
C LYS A 921 54.70 -49.63 19.38
N LEU A 922 55.41 -49.53 18.27
CA LEU A 922 55.52 -48.25 17.58
C LEU A 922 54.18 -47.74 17.09
N ILE A 923 53.34 -48.62 16.58
CA ILE A 923 52.06 -48.18 16.07
C ILE A 923 51.18 -47.67 17.20
N ALA A 924 51.21 -48.35 18.33
CA ALA A 924 50.40 -47.90 19.44
C ALA A 924 50.86 -46.53 19.91
N ASN A 925 52.17 -46.33 19.96
CA ASN A 925 52.66 -45.03 20.36
C ASN A 925 52.23 -43.93 19.42
N GLN A 926 52.29 -44.18 18.13
CA GLN A 926 51.88 -43.13 17.20
C GLN A 926 50.41 -42.82 17.32
N PHE A 927 49.58 -43.84 17.49
CA PHE A 927 48.14 -43.61 17.64
C PHE A 927 47.83 -42.81 18.89
N ASN A 928 48.48 -43.14 20.00
CA ASN A 928 48.24 -42.42 21.23
C ASN A 928 48.64 -40.97 21.09
N SER A 929 49.78 -40.71 20.47
CA SER A 929 50.21 -39.31 20.30
C SER A 929 49.22 -38.52 19.46
N ALA A 930 48.70 -39.10 18.38
CA ALA A 930 47.76 -38.34 17.57
C ALA A 930 46.49 -38.05 18.35
N ILE A 931 45.98 -39.01 19.10
CA ILE A 931 44.76 -38.73 19.86
C ILE A 931 45.03 -37.65 20.88
N GLY A 932 46.24 -37.59 21.42
CA GLY A 932 46.52 -36.53 22.37
C GLY A 932 46.55 -35.17 21.72
N LYS A 933 47.08 -35.07 20.52
CA LYS A 933 47.10 -33.77 19.86
C LYS A 933 45.75 -33.33 19.31
N ILE A 934 44.80 -34.24 19.12
CA ILE A 934 43.49 -33.85 18.60
C ILE A 934 42.75 -32.86 19.49
N GLN A 935 42.75 -33.10 20.80
CA GLN A 935 42.01 -32.20 21.69
C GLN A 935 42.63 -30.79 21.71
N ASP A 936 43.95 -30.72 21.78
CA ASP A 936 44.60 -29.41 21.77
C ASP A 936 44.28 -28.66 20.48
N SER A 937 44.28 -29.37 19.35
CA SER A 937 43.99 -28.71 18.09
C SER A 937 42.57 -28.17 18.07
N LEU A 938 41.60 -28.95 18.54
CA LEU A 938 40.24 -28.42 18.53
C LEU A 938 40.11 -27.19 19.41
N SER A 939 40.84 -27.15 20.53
CA SER A 939 40.69 -25.98 21.39
C SER A 939 41.42 -24.75 20.89
N SER A 940 42.59 -24.90 20.26
CA SER A 940 43.33 -23.72 19.83
C SER A 940 42.82 -23.10 18.54
N THR A 941 42.24 -23.87 17.65
CA THR A 941 41.75 -23.29 16.41
C THR A 941 40.58 -22.37 16.72
N PRO A 942 40.57 -21.15 16.18
CA PRO A 942 39.50 -20.21 16.54
C PRO A 942 38.18 -20.51 15.82
N SER A 943 38.24 -21.08 14.63
CA SER A 943 37.03 -21.32 13.85
C SER A 943 37.04 -22.74 13.31
N ALA A 944 37.37 -23.70 14.18
CA ALA A 944 37.36 -25.09 13.77
C ALA A 944 35.93 -25.62 13.67
N LEU A 945 35.03 -25.13 14.51
CA LEU A 945 33.63 -25.51 14.57
C LEU A 945 32.74 -24.53 13.83
N GLY A 946 33.23 -23.97 12.73
CA GLY A 946 32.47 -22.94 12.04
C GLY A 946 31.08 -23.35 11.61
N LYS A 947 30.92 -24.60 11.18
CA LYS A 947 29.61 -25.03 10.68
C LYS A 947 28.53 -25.09 11.75
N LEU A 948 28.80 -25.73 12.87
CA LEU A 948 27.79 -25.79 13.92
C LEU A 948 27.48 -24.40 14.49
N GLN A 949 28.50 -23.61 14.72
CA GLN A 949 28.26 -22.26 15.21
C GLN A 949 27.43 -21.47 14.21
N ASP A 950 27.67 -21.69 12.94
CA ASP A 950 26.95 -20.94 11.93
C ASP A 950 25.49 -21.33 11.86
N VAL A 951 25.17 -22.62 11.99
CA VAL A 951 23.76 -22.98 11.99
C VAL A 951 23.05 -22.30 13.14
N VAL A 952 23.64 -22.34 14.32
CA VAL A 952 22.99 -21.71 15.47
C VAL A 952 22.77 -20.23 15.24
N ASN A 953 23.79 -19.53 14.75
CA ASN A 953 23.67 -18.09 14.57
C ASN A 953 22.64 -17.71 13.52
N HIS A 954 22.56 -18.48 12.44
CA HIS A 954 21.57 -18.16 11.42
C HIS A 954 20.16 -18.30 11.96
N ASN A 955 19.90 -19.37 12.70
CA ASN A 955 18.56 -19.52 13.25
C ASN A 955 18.20 -18.38 14.20
N ALA A 956 19.13 -18.02 15.10
CA ALA A 956 18.85 -16.93 16.04
C ALA A 956 18.59 -15.63 15.31
N GLN A 957 19.41 -15.32 14.30
CA GLN A 957 19.23 -14.09 13.57
C GLN A 957 17.91 -14.04 12.82
N ALA A 958 17.49 -15.17 12.26
CA ALA A 958 16.21 -15.21 11.58
C ALA A 958 15.07 -14.84 12.52
N LEU A 959 15.04 -15.46 13.70
CA LEU A 959 13.98 -15.09 14.64
C LEU A 959 14.06 -13.64 15.03
N ASN A 960 15.28 -13.13 15.22
CA ASN A 960 15.42 -11.74 15.62
C ASN A 960 14.83 -10.80 14.60
N THR A 961 15.13 -11.01 13.33
CA THR A 961 14.59 -10.12 12.33
C THR A 961 13.09 -10.25 12.21
N LEU A 962 12.57 -11.46 12.37
CA LEU A 962 11.12 -11.60 12.30
C LEU A 962 10.41 -10.87 13.43
N VAL A 963 10.97 -10.92 14.63
CA VAL A 963 10.34 -10.21 15.74
C VAL A 963 10.52 -8.72 15.61
N LYS A 964 11.67 -8.28 15.15
CA LYS A 964 11.91 -6.85 15.08
C LYS A 964 11.07 -6.18 14.03
N GLN A 965 10.79 -6.85 12.95
CA GLN A 965 10.01 -6.20 11.91
C GLN A 965 8.58 -5.88 12.33
N LEU A 966 8.13 -6.23 13.53
CA LEU A 966 6.78 -5.79 13.89
C LEU A 966 6.72 -4.30 14.16
N SER A 967 7.84 -3.67 14.51
CA SER A 967 7.80 -2.25 14.80
C SER A 967 7.69 -1.39 13.56
N SER A 968 8.07 -1.89 12.39
CA SER A 968 8.02 -1.08 11.18
C SER A 968 6.59 -0.68 10.87
N LYS A 969 6.43 0.51 10.30
CA LYS A 969 5.12 1.04 9.95
C LYS A 969 4.60 0.69 8.57
N PHE A 970 5.45 0.38 7.61
CA PHE A 970 5.03 0.00 6.26
C PHE A 970 4.17 1.06 5.59
N GLY A 971 4.29 2.31 5.99
CA GLY A 971 3.52 3.37 5.42
C GLY A 971 2.30 3.80 6.21
N ALA A 972 1.87 3.00 7.19
CA ALA A 972 0.73 3.44 7.98
C ALA A 972 1.18 4.54 8.92
N ILE A 973 0.20 5.31 9.40
CA ILE A 973 0.52 6.42 10.28
C ILE A 973 1.09 5.99 11.62
N SER A 974 0.97 4.73 12.00
CA SER A 974 1.57 4.29 13.25
C SER A 974 1.67 2.78 13.26
N SER A 975 2.57 2.29 14.11
CA SER A 975 2.84 0.86 14.13
C SER A 975 1.97 0.10 15.11
N VAL A 976 1.53 0.72 16.19
CA VAL A 976 0.72 0.02 17.18
C VAL A 976 -0.73 0.05 16.74
N LEU A 977 -1.43 -1.08 16.88
CA LEU A 977 -2.80 -1.14 16.40
C LEU A 977 -3.73 -0.26 17.21
N ASN A 978 -3.43 -0.08 18.49
CA ASN A 978 -4.34 0.64 19.38
C ASN A 978 -4.48 2.09 18.95
N ASP A 979 -3.39 2.76 18.63
CA ASP A 979 -3.47 4.14 18.21
C ASP A 979 -4.31 4.26 16.95
N ILE A 980 -4.08 3.37 15.99
CA ILE A 980 -4.85 3.42 14.76
C ILE A 980 -6.34 3.33 15.07
N LEU A 981 -6.71 2.42 15.97
CA LEU A 981 -8.13 2.30 16.27
C LEU A 981 -8.63 3.37 17.25
N SER A 982 -7.75 4.12 17.89
CA SER A 982 -8.18 5.15 18.82
C SER A 982 -8.38 6.48 18.13
N ARG A 983 -7.34 6.98 17.45
CA ARG A 983 -7.39 8.33 16.92
C ARG A 983 -7.88 8.39 15.48
N LEU A 984 -8.76 7.47 15.06
CA LEU A 984 -9.30 7.57 13.71
C LEU A 984 -10.61 6.81 13.63
N ASP A 985 -11.48 7.30 12.76
CA ASP A 985 -12.77 6.70 12.53
C ASP A 985 -12.58 5.40 11.78
N PRO A 986 -13.57 4.51 11.84
CA PRO A 986 -13.42 3.20 11.22
C PRO A 986 -13.14 3.28 9.72
N PRO A 987 -13.78 4.18 8.96
CA PRO A 987 -13.49 4.20 7.53
C PRO A 987 -12.01 4.41 7.21
N GLU A 988 -11.33 5.31 7.91
CA GLU A 988 -9.92 5.48 7.63
C GLU A 988 -9.06 4.45 8.32
N ALA A 989 -9.48 3.96 9.48
CA ALA A 989 -8.72 2.90 10.12
C ALA A 989 -8.68 1.64 9.27
N GLU A 990 -9.69 1.39 8.43
CA GLU A 990 -9.61 0.21 7.57
C GLU A 990 -8.41 0.26 6.64
N VAL A 991 -8.25 1.35 5.90
CA VAL A 991 -7.14 1.43 4.98
C VAL A 991 -5.84 1.63 5.72
N GLN A 992 -5.88 2.13 6.94
CA GLN A 992 -4.65 2.18 7.71
C GLN A 992 -4.26 0.85 8.32
N ILE A 993 -5.20 -0.08 8.46
CA ILE A 993 -4.89 -1.39 9.00
C ILE A 993 -4.57 -2.41 7.91
N ASP A 994 -5.09 -2.21 6.71
CA ASP A 994 -4.69 -3.03 5.59
C ASP A 994 -3.17 -3.07 5.40
N ARG A 995 -2.53 -1.91 5.49
CA ARG A 995 -1.08 -1.86 5.28
C ARG A 995 -0.33 -2.67 6.31
N LEU A 996 -0.68 -2.52 7.58
CA LEU A 996 0.01 -3.28 8.61
C LEU A 996 -0.18 -4.77 8.40
N ILE A 997 -1.41 -5.18 8.13
CA ILE A 997 -1.65 -6.60 7.88
C ILE A 997 -0.82 -7.10 6.73
N THR A 998 -0.86 -6.43 5.59
CA THR A 998 -0.15 -6.95 4.43
C THR A 998 1.35 -7.00 4.68
N GLY A 999 1.89 -6.01 5.36
CA GLY A 999 3.31 -6.01 5.60
C GLY A 999 3.73 -7.14 6.53
N ARG A 1000 2.98 -7.36 7.60
CA ARG A 1000 3.37 -8.41 8.52
C ARG A 1000 3.17 -9.79 7.90
N LEU A 1001 2.16 -9.93 7.05
CA LEU A 1001 1.97 -11.19 6.35
C LEU A 1001 3.09 -11.49 5.37
N GLN A 1002 3.55 -10.48 4.64
CA GLN A 1002 4.67 -10.71 3.73
C GLN A 1002 5.93 -11.06 4.48
N SER A 1003 6.15 -10.44 5.62
CA SER A 1003 7.34 -10.78 6.39
C SER A 1003 7.31 -12.23 6.82
N LEU A 1004 6.18 -12.68 7.32
CA LEU A 1004 6.10 -14.07 7.75
C LEU A 1004 6.27 -15.02 6.58
N GLN A 1005 5.77 -14.66 5.41
CA GLN A 1005 5.92 -15.52 4.26
C GLN A 1005 7.38 -15.66 3.83
N THR A 1006 8.11 -14.56 3.85
CA THR A 1006 9.54 -14.63 3.55
C THR A 1006 10.28 -15.49 4.53
N TYR A 1007 9.95 -15.36 5.81
CA TYR A 1007 10.62 -16.20 6.78
C TYR A 1007 10.41 -17.66 6.49
N VAL A 1008 9.19 -18.05 6.15
CA VAL A 1008 8.95 -19.46 5.92
C VAL A 1008 9.70 -19.97 4.71
N THR A 1009 9.80 -19.16 3.65
CA THR A 1009 10.56 -19.64 2.48
C THR A 1009 12.04 -19.81 2.79
N GLN A 1010 12.63 -18.86 3.49
CA GLN A 1010 14.02 -19.03 3.86
C GLN A 1010 14.22 -20.30 4.66
N GLN A 1011 13.28 -20.60 5.54
CA GLN A 1011 13.45 -21.83 6.31
C GLN A 1011 13.35 -23.06 5.44
N LEU A 1012 12.51 -23.03 4.41
CA LEU A 1012 12.45 -24.21 3.56
C LEU A 1012 13.76 -24.48 2.84
N ILE A 1013 14.37 -23.43 2.27
CA ILE A 1013 15.65 -23.63 1.61
C ILE A 1013 16.72 -24.10 2.57
N ARG A 1014 16.84 -23.47 3.74
CA ARG A 1014 17.86 -23.95 4.66
C ARG A 1014 17.62 -25.37 5.09
N ALA A 1015 16.37 -25.78 5.22
CA ALA A 1015 16.11 -27.14 5.64
C ALA A 1015 16.52 -28.14 4.58
N ALA A 1016 16.33 -27.80 3.30
CA ALA A 1016 16.82 -28.69 2.26
C ALA A 1016 18.34 -28.84 2.32
N GLU A 1017 19.04 -27.74 2.49
CA GLU A 1017 20.50 -27.83 2.62
C GLU A 1017 20.92 -28.71 3.78
N ILE A 1018 20.29 -28.55 4.94
CA ILE A 1018 20.70 -29.36 6.09
C ILE A 1018 20.38 -30.82 5.85
N ARG A 1019 19.30 -31.11 5.12
CA ARG A 1019 18.99 -32.50 4.81
C ARG A 1019 20.05 -33.13 3.93
N ALA A 1020 20.53 -32.40 2.92
CA ALA A 1020 21.63 -32.95 2.12
C ALA A 1020 22.83 -33.24 3.00
N SER A 1021 23.18 -32.32 3.88
CA SER A 1021 24.31 -32.58 4.76
C SER A 1021 24.09 -33.79 5.67
N ALA A 1022 22.87 -33.98 6.15
CA ALA A 1022 22.62 -35.12 7.04
C ALA A 1022 22.70 -36.43 6.30
N ASN A 1023 22.25 -36.46 5.04
CA ASN A 1023 22.40 -37.67 4.24
C ASN A 1023 23.86 -38.02 4.07
N LEU A 1024 24.70 -37.02 3.81
CA LEU A 1024 26.11 -37.29 3.73
C LEU A 1024 26.65 -37.83 5.04
N ALA A 1025 26.21 -37.30 6.16
CA ALA A 1025 26.72 -37.79 7.44
C ALA A 1025 26.34 -39.24 7.66
N ALA A 1026 25.12 -39.63 7.28
CA ALA A 1026 24.72 -41.03 7.46
C ALA A 1026 25.54 -41.95 6.59
N THR A 1027 25.79 -41.56 5.34
CA THR A 1027 26.64 -42.36 4.49
C THR A 1027 28.01 -42.53 5.09
N LYS A 1028 28.57 -41.47 5.64
CA LYS A 1028 29.88 -41.61 6.21
C LYS A 1028 29.88 -42.55 7.39
N MET A 1029 28.87 -42.43 8.25
CA MET A 1029 28.75 -43.40 9.33
C MET A 1029 28.81 -44.82 8.82
N SER A 1030 27.90 -45.19 7.93
CA SER A 1030 27.87 -46.57 7.46
C SER A 1030 29.19 -47.02 6.87
N GLU A 1031 29.77 -46.20 6.00
CA GLU A 1031 30.91 -46.67 5.23
C GLU A 1031 32.21 -46.57 5.99
N CYS A 1032 32.43 -45.52 6.77
CA CYS A 1032 33.71 -45.41 7.46
C CYS A 1032 33.72 -46.05 8.83
N VAL A 1033 32.66 -45.93 9.63
CA VAL A 1033 32.70 -46.48 10.99
C VAL A 1033 32.43 -47.96 10.99
N LEU A 1034 31.34 -48.38 10.37
CA LEU A 1034 30.91 -49.76 10.33
C LEU A 1034 31.66 -50.59 9.33
N GLY A 1035 32.74 -50.09 8.75
CA GLY A 1035 33.50 -50.86 7.81
C GLY A 1035 34.77 -50.15 7.44
N GLN A 1036 35.34 -50.53 6.31
CA GLN A 1036 36.57 -49.92 5.82
C GLN A 1036 36.34 -49.57 4.36
N SER A 1037 36.62 -48.35 3.97
CA SER A 1037 36.31 -47.90 2.62
C SER A 1037 37.58 -47.76 1.83
N LYS A 1038 37.55 -48.23 0.59
CA LYS A 1038 38.65 -48.02 -0.32
C LYS A 1038 38.48 -46.78 -1.16
N ARG A 1039 37.38 -46.05 -1.02
CA ARG A 1039 37.19 -44.83 -1.78
C ARG A 1039 38.21 -43.81 -1.32
N VAL A 1040 38.91 -43.19 -2.27
CA VAL A 1040 40.01 -42.29 -1.96
C VAL A 1040 39.54 -40.93 -1.45
N ASP A 1041 40.07 -40.53 -0.30
CA ASP A 1041 39.84 -39.21 0.28
C ASP A 1041 38.38 -38.97 0.56
N PHE A 1042 37.70 -40.02 1.00
CA PHE A 1042 36.35 -39.98 1.51
C PHE A 1042 36.42 -39.98 3.02
N CYS A 1043 37.04 -41.00 3.57
CA CYS A 1043 37.27 -41.06 5.00
C CYS A 1043 38.68 -40.57 5.36
N GLY A 1044 39.00 -39.33 5.01
CA GLY A 1044 40.29 -38.76 5.35
C GLY A 1044 41.37 -38.96 4.30
N LYS A 1045 42.42 -38.15 4.40
CA LYS A 1045 43.56 -38.18 3.47
C LYS A 1045 44.55 -39.25 3.85
N GLY A 1046 44.78 -40.20 2.96
CA GLY A 1046 45.67 -41.31 3.18
C GLY A 1046 44.92 -42.62 3.11
N TYR A 1047 45.66 -43.70 3.25
CA TYR A 1047 45.04 -45.02 3.21
C TYR A 1047 44.19 -45.22 4.47
N HIS A 1048 42.87 -45.37 4.33
CA HIS A 1048 41.99 -45.40 5.49
C HIS A 1048 42.07 -46.68 6.28
N LEU A 1049 42.23 -46.56 7.59
CA LEU A 1049 42.17 -47.68 8.53
C LEU A 1049 40.85 -47.76 9.29
N MET A 1050 40.45 -46.73 10.03
CA MET A 1050 39.19 -46.80 10.75
C MET A 1050 38.73 -45.40 11.14
N SER A 1051 37.57 -45.29 11.78
CA SER A 1051 37.05 -43.99 12.16
C SER A 1051 36.23 -44.09 13.43
N PHE A 1052 36.28 -43.06 14.27
CA PHE A 1052 35.51 -43.10 15.51
C PHE A 1052 34.55 -41.92 15.57
N PRO A 1053 33.26 -42.11 15.87
CA PRO A 1053 32.34 -40.97 15.93
C PRO A 1053 32.26 -40.29 17.28
N GLN A 1054 32.01 -38.99 17.26
CA GLN A 1054 31.82 -38.26 18.50
C GLN A 1054 30.67 -37.30 18.37
N SER A 1055 29.79 -37.25 19.35
CA SER A 1055 28.65 -36.37 19.28
C SER A 1055 29.06 -34.92 19.47
N ALA A 1056 28.29 -34.01 18.89
CA ALA A 1056 28.43 -32.57 18.99
C ALA A 1056 27.03 -32.00 19.13
N PRO A 1057 26.89 -30.76 19.60
CA PRO A 1057 25.53 -30.23 19.82
C PRO A 1057 24.60 -30.32 18.63
N HIS A 1058 25.03 -30.16 17.43
CA HIS A 1058 24.07 -30.25 16.33
C HIS A 1058 24.65 -31.03 15.17
N GLY A 1059 25.61 -31.90 15.41
CA GLY A 1059 26.20 -32.62 14.32
C GLY A 1059 27.09 -33.71 14.85
N VAL A 1060 27.92 -34.24 13.95
CA VAL A 1060 28.82 -35.32 14.30
C VAL A 1060 30.24 -34.90 13.99
N VAL A 1061 31.18 -35.50 14.71
CA VAL A 1061 32.60 -35.27 14.54
C VAL A 1061 33.30 -36.60 14.36
N PHE A 1062 33.75 -36.89 13.14
CA PHE A 1062 34.42 -38.15 12.82
C PHE A 1062 35.92 -38.04 12.98
N LEU A 1063 36.51 -38.94 13.73
CA LEU A 1063 37.95 -39.01 13.95
C LEU A 1063 38.59 -40.09 13.08
N HIS A 1064 38.84 -39.78 11.81
CA HIS A 1064 39.42 -40.74 10.89
C HIS A 1064 40.87 -41.10 11.20
N VAL A 1065 41.19 -42.38 11.33
CA VAL A 1065 42.56 -42.88 11.49
C VAL A 1065 43.06 -43.42 10.17
N THR A 1066 44.10 -42.81 9.63
CA THR A 1066 44.71 -43.08 8.32
C THR A 1066 46.18 -43.45 8.44
N TYR A 1067 46.65 -44.26 7.53
CA TYR A 1067 48.04 -44.70 7.40
C TYR A 1067 48.72 -43.98 6.25
N VAL A 1068 49.85 -43.32 6.52
CA VAL A 1068 50.56 -42.51 5.53
C VAL A 1068 52.00 -42.98 5.41
N PRO A 1069 52.46 -43.33 4.23
CA PRO A 1069 53.87 -43.70 4.04
C PRO A 1069 54.85 -42.55 4.18
N ALA A 1070 56.12 -42.89 4.37
CA ALA A 1070 57.14 -41.87 4.51
C ALA A 1070 58.51 -42.50 4.38
N GLN A 1071 59.52 -41.65 4.26
CA GLN A 1071 60.92 -42.03 4.12
C GLN A 1071 61.19 -42.95 2.92
N GLU A 1072 60.82 -42.50 1.73
CA GLU A 1072 61.01 -43.32 0.55
C GLU A 1072 62.45 -43.36 0.09
N LYS A 1073 62.74 -44.28 -0.83
CA LYS A 1073 64.08 -44.53 -1.33
C LYS A 1073 64.05 -44.96 -2.79
N ASN A 1074 65.11 -44.62 -3.53
CA ASN A 1074 65.25 -44.95 -4.95
C ASN A 1074 65.69 -46.38 -5.23
N PHE A 1075 65.19 -46.92 -6.33
CA PHE A 1075 65.52 -48.27 -6.73
C PHE A 1075 65.41 -48.35 -8.24
N THR A 1076 66.11 -49.31 -8.82
CA THR A 1076 66.02 -49.60 -10.24
C THR A 1076 65.21 -50.88 -10.43
N THR A 1077 64.31 -50.90 -11.40
CA THR A 1077 63.42 -52.04 -11.55
C THR A 1077 63.28 -52.46 -13.00
N ALA A 1078 62.73 -53.66 -13.20
CA ALA A 1078 62.45 -54.21 -14.50
C ALA A 1078 61.13 -54.95 -14.51
N PRO A 1079 60.45 -55.01 -15.65
CA PRO A 1079 59.15 -55.67 -15.69
C PRO A 1079 59.19 -57.18 -15.61
N ALA A 1080 60.30 -57.83 -15.94
CA ALA A 1080 60.31 -59.28 -15.93
C ALA A 1080 61.73 -59.76 -15.85
N ILE A 1081 61.91 -61.00 -15.44
CA ILE A 1081 63.22 -61.61 -15.40
C ILE A 1081 63.25 -62.69 -16.45
N CYS A 1082 64.35 -62.82 -17.17
CA CYS A 1082 64.47 -63.86 -18.18
C CYS A 1082 65.43 -64.90 -17.66
N HIS A 1083 64.94 -66.13 -17.50
CA HIS A 1083 65.75 -67.23 -17.04
C HIS A 1083 65.41 -68.47 -17.82
N ASP A 1084 66.43 -69.17 -18.30
CA ASP A 1084 66.23 -70.39 -19.09
C ASP A 1084 65.35 -70.16 -20.29
N GLY A 1085 65.33 -68.94 -20.78
CA GLY A 1085 64.57 -68.64 -21.96
C GLY A 1085 63.12 -68.34 -21.71
N LYS A 1086 62.66 -68.40 -20.46
CA LYS A 1086 61.28 -68.10 -20.14
C LYS A 1086 61.21 -66.88 -19.22
N ALA A 1087 60.14 -66.12 -19.34
CA ALA A 1087 59.95 -64.88 -18.59
C ALA A 1087 59.26 -65.13 -17.27
N HIS A 1088 59.73 -64.49 -16.23
CA HIS A 1088 59.16 -64.58 -14.90
C HIS A 1088 58.60 -63.23 -14.50
N PHE A 1089 57.44 -63.22 -13.88
CA PHE A 1089 56.77 -62.02 -13.38
C PHE A 1089 56.47 -62.20 -11.92
N PRO A 1090 56.35 -61.12 -11.16
CA PRO A 1090 56.10 -61.27 -9.74
C PRO A 1090 54.63 -61.48 -9.49
N ARG A 1091 54.30 -62.39 -8.59
CA ARG A 1091 52.89 -62.60 -8.24
C ARG A 1091 52.28 -61.36 -7.61
N GLU A 1092 52.95 -60.80 -6.62
CA GLU A 1092 52.53 -59.56 -6.01
C GLU A 1092 53.79 -58.82 -5.64
N GLY A 1093 53.88 -57.57 -6.01
CA GLY A 1093 55.01 -56.76 -5.73
C GLY A 1093 55.78 -56.38 -6.96
N VAL A 1094 57.02 -55.99 -6.75
CA VAL A 1094 57.88 -55.49 -7.80
C VAL A 1094 59.27 -56.03 -7.68
N PHE A 1095 59.92 -56.21 -8.82
CA PHE A 1095 61.33 -56.55 -8.91
C PHE A 1095 62.14 -55.30 -8.65
N VAL A 1096 62.89 -55.28 -7.57
CA VAL A 1096 63.64 -54.12 -7.14
C VAL A 1096 65.11 -54.49 -7.14
N SER A 1097 65.94 -53.66 -7.76
CA SER A 1097 67.38 -53.86 -7.75
C SER A 1097 68.05 -52.79 -6.95
N ASN A 1098 68.99 -53.17 -6.10
CA ASN A 1098 69.68 -52.22 -5.26
C ASN A 1098 71.08 -51.92 -5.74
N GLY A 1099 71.30 -52.04 -7.04
CA GLY A 1099 72.59 -51.71 -7.60
C GLY A 1099 73.29 -52.93 -8.14
N THR A 1100 73.21 -54.05 -7.42
CA THR A 1100 73.87 -55.28 -7.83
C THR A 1100 73.03 -56.55 -7.75
N HIS A 1101 71.95 -56.57 -6.97
CA HIS A 1101 71.12 -57.74 -6.80
C HIS A 1101 69.67 -57.42 -7.04
N TRP A 1102 68.93 -58.42 -7.49
CA TRP A 1102 67.51 -58.28 -7.76
C TRP A 1102 66.73 -58.96 -6.66
N PHE A 1103 65.61 -58.36 -6.26
CA PHE A 1103 64.75 -58.86 -5.20
C PHE A 1103 63.31 -58.63 -5.57
N VAL A 1104 62.41 -59.26 -4.82
CA VAL A 1104 60.99 -59.02 -4.92
C VAL A 1104 60.56 -58.33 -3.65
N THR A 1105 59.69 -57.34 -3.77
CA THR A 1105 59.24 -56.63 -2.59
C THR A 1105 57.82 -56.14 -2.79
N GLN A 1106 57.02 -56.20 -1.75
CA GLN A 1106 55.66 -55.68 -1.86
C GLN A 1106 55.71 -54.20 -2.19
N ARG A 1107 54.66 -53.71 -2.83
CA ARG A 1107 54.73 -52.36 -3.39
C ARG A 1107 54.76 -51.28 -2.31
N ASN A 1108 53.98 -51.40 -1.25
CA ASN A 1108 53.81 -50.32 -0.29
C ASN A 1108 54.75 -50.36 0.89
N PHE A 1109 55.74 -51.23 0.92
CA PHE A 1109 56.63 -51.17 2.07
C PHE A 1109 57.87 -51.97 1.73
N TYR A 1110 59.04 -51.41 1.93
CA TYR A 1110 60.26 -52.09 1.54
C TYR A 1110 60.53 -53.31 2.42
N GLU A 1111 60.49 -54.50 1.84
CA GLU A 1111 60.83 -55.74 2.56
C GLU A 1111 61.39 -56.75 1.58
N PRO A 1112 62.66 -56.64 1.23
CA PRO A 1112 63.22 -57.46 0.16
C PRO A 1112 63.29 -58.95 0.46
N GLN A 1113 63.02 -59.75 -0.57
CA GLN A 1113 63.06 -61.20 -0.53
C GLN A 1113 63.82 -61.75 -1.72
N ILE A 1114 64.37 -62.96 -1.57
CA ILE A 1114 65.01 -63.65 -2.68
C ILE A 1114 63.99 -64.06 -3.73
N ILE A 1115 64.33 -63.89 -5.01
CA ILE A 1115 63.43 -64.29 -6.09
C ILE A 1115 63.39 -65.80 -6.22
N THR A 1116 62.21 -66.39 -6.02
CA THR A 1116 62.06 -67.85 -6.09
C THR A 1116 60.83 -68.16 -6.91
N THR A 1117 60.65 -69.43 -7.22
CA THR A 1117 59.47 -69.88 -7.94
C THR A 1117 58.20 -69.71 -7.13
N ASP A 1118 58.29 -69.39 -5.85
CA ASP A 1118 57.08 -69.29 -5.07
C ASP A 1118 56.35 -67.97 -5.30
N ASN A 1119 57.09 -66.87 -5.49
CA ASN A 1119 56.52 -65.54 -5.66
C ASN A 1119 56.54 -65.02 -7.09
N THR A 1120 56.67 -65.88 -8.09
CA THR A 1120 56.68 -65.45 -9.48
C THR A 1120 55.97 -66.48 -10.34
N PHE A 1121 55.46 -66.05 -11.47
CA PHE A 1121 54.81 -66.97 -12.39
C PHE A 1121 55.36 -66.75 -13.78
N VAL A 1122 55.30 -67.77 -14.59
CA VAL A 1122 55.96 -67.81 -15.88
C VAL A 1122 54.97 -67.59 -17.01
N SER A 1123 55.43 -66.98 -18.10
CA SER A 1123 54.57 -66.84 -19.26
C SER A 1123 55.43 -66.64 -20.52
N GLY A 1124 55.55 -67.69 -21.32
CA GLY A 1124 56.19 -67.59 -22.61
C GLY A 1124 57.67 -67.27 -22.59
N ASN A 1125 58.24 -67.28 -23.79
CA ASN A 1125 59.64 -66.98 -24.02
C ASN A 1125 59.91 -65.51 -23.77
N CYS A 1126 61.19 -65.18 -23.65
CA CYS A 1126 61.60 -63.88 -23.14
C CYS A 1126 62.03 -62.92 -24.23
N ASP A 1127 61.42 -62.99 -25.41
CA ASP A 1127 61.73 -61.99 -26.41
C ASP A 1127 60.61 -61.02 -26.75
N VAL A 1128 59.39 -61.21 -26.25
CA VAL A 1128 58.33 -60.26 -26.59
C VAL A 1128 58.24 -59.07 -25.63
N VAL A 1129 58.54 -59.27 -24.35
CA VAL A 1129 58.46 -58.21 -23.35
C VAL A 1129 59.66 -57.28 -23.50
N ILE A 1130 59.42 -55.99 -23.34
CA ILE A 1130 60.46 -54.97 -23.46
C ILE A 1130 61.04 -54.66 -22.10
N GLY A 1131 62.35 -54.51 -22.04
CA GLY A 1131 63.02 -54.26 -20.79
C GLY A 1131 63.29 -55.45 -19.90
N ILE A 1132 63.26 -56.66 -20.42
CA ILE A 1132 63.50 -57.82 -19.59
C ILE A 1132 64.97 -57.87 -19.22
N VAL A 1133 65.27 -58.41 -18.05
CA VAL A 1133 66.64 -58.47 -17.56
C VAL A 1133 66.95 -59.92 -17.23
N ASN A 1134 68.18 -60.18 -16.87
CA ASN A 1134 68.57 -61.55 -16.64
C ASN A 1134 68.95 -61.76 -15.19
N ASN A 1135 68.54 -62.90 -14.63
CA ASN A 1135 69.00 -63.24 -13.30
C ASN A 1135 68.54 -64.64 -12.95
N THR A 1136 69.17 -65.20 -11.94
CA THR A 1136 68.91 -66.56 -11.48
C THR A 1136 67.63 -66.58 -10.64
N VAL A 1137 66.74 -67.51 -10.95
CA VAL A 1137 65.51 -67.70 -10.19
C VAL A 1137 65.60 -69.00 -9.41
N TYR A 1138 66.01 -68.91 -8.15
CA TYR A 1138 66.25 -70.12 -7.38
C TYR A 1138 64.97 -70.89 -7.13
N ASP A 1139 65.09 -72.21 -7.13
CA ASP A 1139 63.97 -73.08 -6.81
C ASP A 1139 64.27 -73.74 -5.48
N PRO A 1140 63.47 -73.53 -4.45
CA PRO A 1140 63.82 -74.10 -3.13
C PRO A 1140 63.83 -75.61 -3.10
N LEU A 1141 63.24 -76.27 -4.09
CA LEU A 1141 63.24 -77.73 -4.11
C LEU A 1141 64.59 -78.32 -4.49
N GLN A 1142 65.38 -77.58 -5.26
CA GLN A 1142 66.66 -78.13 -5.70
C GLN A 1142 67.64 -78.32 -4.55
N PRO A 1143 67.96 -77.31 -3.72
CA PRO A 1143 68.91 -77.55 -2.63
C PRO A 1143 68.52 -78.66 -1.68
N GLU A 1144 67.23 -78.88 -1.43
CA GLU A 1144 66.88 -79.97 -0.53
C GLU A 1144 67.14 -81.31 -1.19
N LEU A 1145 66.74 -81.42 -2.46
CA LEU A 1145 66.93 -82.62 -3.25
C LEU A 1145 66.34 -83.83 -2.54
N ASP A 1146 65.08 -83.72 -2.15
CA ASP A 1146 64.43 -84.84 -1.45
C ASP A 1146 64.05 -85.96 -2.40
N ALA B 27 -38.00 -30.69 34.96
CA ALA B 27 -37.06 -31.80 34.78
C ALA B 27 -35.94 -31.41 33.82
N TYR B 28 -35.17 -32.41 33.38
CA TYR B 28 -34.07 -32.18 32.46
C TYR B 28 -33.84 -33.42 31.62
N THR B 29 -33.28 -33.24 30.42
CA THR B 29 -32.97 -34.43 29.64
C THR B 29 -31.98 -34.08 28.55
N ASN B 30 -30.92 -34.88 28.40
CA ASN B 30 -29.93 -34.56 27.37
C ASN B 30 -30.51 -34.79 25.98
N SER B 31 -30.27 -33.85 25.11
CA SER B 31 -30.65 -33.95 23.72
C SER B 31 -29.49 -34.58 23.01
N PHE B 32 -29.74 -35.67 22.31
CA PHE B 32 -28.68 -36.34 21.60
C PHE B 32 -28.39 -35.52 20.35
N THR B 33 -27.87 -36.17 19.33
CA THR B 33 -27.47 -35.48 18.12
C THR B 33 -28.73 -35.10 17.33
N ARG B 34 -29.34 -33.99 17.75
CA ARG B 34 -30.60 -33.52 17.19
C ARG B 34 -30.47 -32.03 16.95
N GLY B 35 -31.47 -31.45 16.30
CA GLY B 35 -31.44 -30.02 16.09
C GLY B 35 -30.73 -29.51 14.86
N VAL B 36 -30.05 -30.36 14.09
CA VAL B 36 -29.36 -29.88 12.89
C VAL B 36 -30.39 -29.55 11.83
N TYR B 37 -30.12 -28.50 11.05
CA TYR B 37 -31.07 -28.07 10.04
C TYR B 37 -30.32 -27.57 8.82
N TYR B 38 -31.00 -27.53 7.70
CA TYR B 38 -30.39 -27.00 6.49
C TYR B 38 -30.20 -25.50 6.58
N PRO B 39 -29.01 -25.00 6.60
CA PRO B 39 -28.83 -23.58 6.87
C PRO B 39 -28.86 -22.62 5.69
N ASP B 40 -28.59 -23.04 4.44
CA ASP B 40 -28.40 -22.07 3.37
C ASP B 40 -29.19 -22.31 2.09
N LYS B 41 -30.08 -23.30 2.03
CA LYS B 41 -30.91 -23.60 0.85
C LYS B 41 -30.12 -23.65 -0.47
N VAL B 42 -28.88 -24.11 -0.42
CA VAL B 42 -28.04 -24.33 -1.59
C VAL B 42 -27.78 -25.82 -1.64
N PHE B 43 -27.97 -26.43 -2.80
CA PHE B 43 -27.87 -27.88 -2.90
C PHE B 43 -26.42 -28.33 -2.89
N ARG B 44 -26.13 -29.41 -2.18
CA ARG B 44 -24.79 -29.99 -2.17
C ARG B 44 -24.81 -31.51 -2.09
N SER B 45 -23.89 -32.14 -2.79
CA SER B 45 -23.85 -33.59 -2.96
C SER B 45 -22.50 -34.16 -2.56
N SER B 46 -22.52 -35.17 -1.71
CA SER B 46 -21.32 -35.93 -1.34
C SER B 46 -20.12 -35.06 -1.01
N VAL B 47 -20.27 -34.18 -0.02
CA VAL B 47 -19.22 -33.26 0.39
C VAL B 47 -19.43 -32.91 1.85
N LEU B 48 -18.35 -32.47 2.51
CA LEU B 48 -18.41 -32.02 3.89
C LEU B 48 -18.35 -30.50 3.88
N HIS B 49 -19.12 -29.86 4.74
CA HIS B 49 -19.18 -28.41 4.72
C HIS B 49 -19.17 -27.88 6.14
N SER B 50 -18.41 -26.81 6.38
CA SER B 50 -18.33 -26.22 7.71
C SER B 50 -19.07 -24.89 7.75
N THR B 51 -19.95 -24.75 8.74
CA THR B 51 -20.78 -23.55 8.85
C THR B 51 -20.82 -23.03 10.26
N GLN B 52 -20.76 -21.70 10.42
CA GLN B 52 -20.91 -21.05 11.71
C GLN B 52 -22.30 -20.43 11.79
N ASP B 53 -23.18 -21.01 12.62
CA ASP B 53 -24.55 -20.53 12.74
C ASP B 53 -25.09 -20.92 14.10
N LEU B 54 -26.33 -20.54 14.38
CA LEU B 54 -26.95 -20.85 15.67
C LEU B 54 -27.51 -22.26 15.62
N PHE B 55 -26.82 -23.19 16.27
CA PHE B 55 -27.22 -24.58 16.33
C PHE B 55 -27.50 -24.98 17.78
N LEU B 56 -28.05 -26.16 17.95
CA LEU B 56 -28.28 -26.72 19.28
C LEU B 56 -27.10 -27.58 19.67
N PRO B 57 -26.29 -27.19 20.66
CA PRO B 57 -25.12 -27.97 21.02
C PRO B 57 -25.46 -29.41 21.34
N PHE B 58 -24.63 -30.33 20.88
CA PHE B 58 -24.91 -31.73 21.14
C PHE B 58 -24.75 -32.03 22.62
N PHE B 59 -25.49 -33.03 23.08
CA PHE B 59 -25.45 -33.51 24.47
C PHE B 59 -25.81 -32.45 25.48
N SER B 60 -26.59 -31.46 25.11
CA SER B 60 -26.99 -30.48 26.10
C SER B 60 -28.33 -30.86 26.66
N ASN B 61 -28.53 -30.56 27.94
CA ASN B 61 -29.79 -30.89 28.59
C ASN B 61 -30.82 -29.85 28.20
N VAL B 62 -32.08 -30.28 28.10
CA VAL B 62 -33.17 -29.42 27.71
C VAL B 62 -34.30 -29.61 28.70
N THR B 63 -34.97 -28.50 29.01
CA THR B 63 -36.07 -28.49 29.95
C THR B 63 -37.24 -29.28 29.43
N TRP B 64 -37.93 -29.95 30.35
CA TRP B 64 -39.01 -30.85 30.04
C TRP B 64 -40.26 -30.39 30.78
N PHE B 65 -41.38 -30.29 30.07
CA PHE B 65 -42.62 -29.87 30.67
C PHE B 65 -43.73 -30.80 30.23
N HIS B 66 -44.80 -30.83 31.01
CA HIS B 66 -45.91 -31.73 30.73
C HIS B 66 -47.18 -30.97 30.34
N ALA B 67 -47.99 -31.67 29.55
CA ALA B 67 -49.21 -31.12 28.97
C ALA B 67 -50.42 -31.71 29.67
N ILE B 68 -50.54 -31.49 30.98
CA ILE B 68 -51.73 -31.93 31.69
C ILE B 68 -52.57 -30.71 32.03
N HIS B 69 -52.06 -29.88 32.95
CA HIS B 69 -52.70 -28.62 33.31
C HIS B 69 -51.67 -27.75 33.99
N VAL B 70 -51.83 -26.45 33.81
CA VAL B 70 -51.06 -25.39 34.44
C VAL B 70 -49.72 -25.81 35.07
N ASP B 80 -51.51 -19.61 33.55
CA ASP B 80 -51.70 -21.06 33.64
C ASP B 80 -50.42 -21.78 33.22
N ASN B 81 -49.78 -21.26 32.19
CA ASN B 81 -48.60 -21.83 31.55
C ASN B 81 -47.51 -20.79 31.69
N PRO B 82 -46.29 -21.17 32.06
CA PRO B 82 -45.25 -20.17 32.25
C PRO B 82 -44.66 -19.57 31.00
N VAL B 83 -44.16 -18.37 31.17
CA VAL B 83 -43.53 -17.64 30.11
C VAL B 83 -42.10 -18.15 30.08
N LEU B 84 -41.55 -18.33 28.91
CA LEU B 84 -40.19 -18.80 28.78
C LEU B 84 -39.43 -17.79 27.95
N PRO B 85 -38.24 -17.38 28.31
CA PRO B 85 -37.60 -16.35 27.50
C PRO B 85 -37.17 -16.95 26.18
N PHE B 86 -37.10 -16.07 25.19
CA PHE B 86 -36.66 -16.33 23.83
C PHE B 86 -35.25 -15.75 23.71
N ASN B 87 -34.28 -16.51 24.22
CA ASN B 87 -32.94 -15.94 24.35
C ASN B 87 -32.40 -15.53 22.99
N ASP B 88 -32.22 -16.50 22.12
CA ASP B 88 -31.67 -16.24 20.79
C ASP B 88 -32.32 -17.10 19.74
N GLY B 89 -33.15 -18.06 20.13
CA GLY B 89 -33.73 -19.01 19.23
C GLY B 89 -34.12 -20.21 20.06
N VAL B 90 -35.23 -20.82 19.75
CA VAL B 90 -35.81 -21.87 20.57
C VAL B 90 -35.97 -23.14 19.77
N TYR B 91 -35.63 -24.26 20.36
CA TYR B 91 -35.81 -25.55 19.74
C TYR B 91 -36.93 -26.18 20.53
N PHE B 92 -38.10 -26.27 19.95
CA PHE B 92 -39.32 -26.72 20.61
C PHE B 92 -39.67 -28.10 20.11
N ALA B 93 -39.54 -29.13 20.93
CA ALA B 93 -39.96 -30.46 20.50
C ALA B 93 -41.18 -30.92 21.26
N SER B 94 -42.07 -31.67 20.61
CA SER B 94 -43.27 -32.12 21.31
C SER B 94 -43.67 -33.48 20.81
N THR B 95 -43.91 -34.40 21.75
CA THR B 95 -44.41 -35.73 21.41
C THR B 95 -45.84 -35.88 21.91
N GLU B 96 -46.81 -35.90 21.00
CA GLU B 96 -48.21 -35.93 21.42
C GLU B 96 -49.01 -36.66 20.37
N LYS B 97 -50.21 -37.10 20.78
CA LYS B 97 -51.12 -37.84 19.90
C LYS B 97 -52.57 -37.40 20.07
N SER B 98 -52.82 -36.17 20.54
CA SER B 98 -54.20 -35.74 20.77
C SER B 98 -54.51 -34.33 20.28
N ASN B 99 -53.64 -33.69 19.52
CA ASN B 99 -53.86 -32.32 19.06
C ASN B 99 -54.07 -31.36 20.23
N ILE B 100 -53.24 -31.53 21.25
CA ILE B 100 -53.31 -30.71 22.46
C ILE B 100 -52.60 -29.38 22.29
N ILE B 101 -51.54 -29.34 21.48
CA ILE B 101 -50.77 -28.13 21.20
C ILE B 101 -51.16 -27.52 19.87
N ARG B 102 -51.54 -26.24 19.91
CA ARG B 102 -52.13 -25.61 18.75
C ARG B 102 -51.51 -24.28 18.37
N GLY B 103 -50.57 -23.75 19.12
CA GLY B 103 -50.03 -22.49 18.71
C GLY B 103 -49.01 -21.97 19.68
N TRP B 104 -48.58 -20.76 19.40
CA TRP B 104 -47.59 -20.07 20.20
C TRP B 104 -47.97 -18.62 20.25
N ILE B 105 -47.32 -17.91 21.14
CA ILE B 105 -47.49 -16.47 21.26
C ILE B 105 -46.15 -15.89 21.58
N PHE B 106 -45.76 -14.85 20.89
CA PHE B 106 -44.46 -14.25 21.13
C PHE B 106 -44.65 -12.77 21.37
N GLY B 107 -43.61 -12.13 21.85
CA GLY B 107 -43.63 -10.70 22.04
C GLY B 107 -42.81 -10.29 23.25
N THR B 108 -42.68 -8.99 23.43
CA THR B 108 -41.96 -8.49 24.57
C THR B 108 -42.83 -8.28 25.81
N THR B 109 -44.15 -8.28 25.66
CA THR B 109 -45.01 -8.09 26.82
C THR B 109 -46.44 -8.43 26.42
N LEU B 110 -47.23 -8.80 27.43
CA LEU B 110 -48.63 -9.16 27.21
C LEU B 110 -49.54 -7.95 27.08
N ASP B 111 -49.07 -6.75 27.39
CA ASP B 111 -49.96 -5.62 27.27
C ASP B 111 -50.04 -5.18 25.83
N SER B 112 -51.01 -4.33 25.52
CA SER B 112 -51.18 -3.87 24.15
C SER B 112 -50.23 -2.75 23.78
N LYS B 113 -49.31 -2.38 24.67
CA LYS B 113 -48.38 -1.31 24.35
C LYS B 113 -47.39 -1.67 23.24
N THR B 114 -47.33 -2.94 22.82
CA THR B 114 -46.38 -3.34 21.78
C THR B 114 -46.97 -4.47 20.95
N GLN B 115 -46.46 -4.58 19.72
CA GLN B 115 -46.95 -5.51 18.71
C GLN B 115 -46.50 -6.96 18.95
N SER B 116 -47.18 -7.64 19.88
CA SER B 116 -46.88 -9.05 20.06
C SER B 116 -47.28 -9.85 18.81
N LEU B 117 -46.94 -11.13 18.80
CA LEU B 117 -47.11 -12.00 17.64
C LEU B 117 -47.98 -13.18 18.02
N LEU B 118 -48.70 -13.73 17.05
CA LEU B 118 -49.57 -14.88 17.27
C LEU B 118 -49.38 -15.90 16.17
N ILE B 119 -49.29 -17.18 16.54
CA ILE B 119 -49.26 -18.24 15.54
C ILE B 119 -50.25 -19.28 16.02
N VAL B 120 -51.29 -19.53 15.24
CA VAL B 120 -52.34 -20.42 15.70
C VAL B 120 -52.65 -21.44 14.62
N ASN B 121 -52.49 -22.71 14.93
CA ASN B 121 -52.83 -23.74 13.97
C ASN B 121 -54.29 -24.09 14.11
N ASN B 122 -54.78 -24.91 13.19
CA ASN B 122 -56.17 -25.33 13.18
C ASN B 122 -56.28 -26.53 12.27
N ALA B 123 -57.46 -27.14 12.26
CA ALA B 123 -57.63 -28.30 11.40
C ALA B 123 -57.58 -27.95 9.93
N THR B 124 -57.82 -26.68 9.58
CA THR B 124 -57.87 -26.24 8.19
C THR B 124 -56.63 -25.48 7.73
N ASN B 125 -56.04 -24.64 8.58
CA ASN B 125 -54.95 -23.79 8.13
C ASN B 125 -54.27 -23.17 9.34
N VAL B 126 -53.14 -22.54 9.08
CA VAL B 126 -52.41 -21.76 10.08
C VAL B 126 -52.80 -20.32 9.93
N VAL B 127 -52.90 -19.61 11.03
CA VAL B 127 -53.17 -18.19 11.06
C VAL B 127 -52.04 -17.49 11.77
N ILE B 128 -51.29 -16.66 11.06
CA ILE B 128 -50.19 -15.93 11.66
C ILE B 128 -50.59 -14.48 11.68
N LYS B 129 -50.40 -13.81 12.82
CA LYS B 129 -50.90 -12.46 12.95
C LYS B 129 -49.94 -11.61 13.75
N VAL B 130 -49.90 -10.31 13.45
CA VAL B 130 -49.14 -9.37 14.26
C VAL B 130 -50.03 -8.17 14.56
N CYS B 131 -50.67 -8.15 15.73
CA CYS B 131 -51.66 -7.08 15.96
C CYS B 131 -51.59 -6.41 17.32
N GLU B 132 -50.56 -6.65 18.14
CA GLU B 132 -50.43 -5.97 19.44
C GLU B 132 -51.65 -6.22 20.31
N PHE B 133 -52.24 -7.40 20.16
CA PHE B 133 -53.44 -7.74 20.90
C PHE B 133 -53.13 -7.99 22.36
N GLN B 134 -53.81 -7.28 23.25
CA GLN B 134 -53.60 -7.48 24.67
C GLN B 134 -54.20 -8.84 25.04
N PHE B 135 -53.46 -9.61 25.80
CA PHE B 135 -53.89 -10.94 26.21
C PHE B 135 -54.39 -10.93 27.64
N CYS B 136 -55.04 -12.02 28.01
CA CYS B 136 -55.53 -12.13 29.37
C CYS B 136 -54.36 -12.52 30.26
N ASN B 137 -54.61 -12.67 31.56
CA ASN B 137 -53.51 -13.08 32.43
C ASN B 137 -52.94 -14.40 31.98
N ASP B 138 -53.77 -15.24 31.36
CA ASP B 138 -53.29 -16.49 30.83
C ASP B 138 -53.85 -16.69 29.43
N PRO B 139 -53.11 -17.36 28.57
CA PRO B 139 -53.61 -17.65 27.23
C PRO B 139 -54.83 -18.55 27.27
N PHE B 140 -55.81 -18.20 26.46
CA PHE B 140 -57.05 -18.94 26.40
C PHE B 140 -56.81 -20.38 25.97
N LEU B 141 -57.61 -21.27 26.51
CA LEU B 141 -57.54 -22.69 26.21
C LEU B 141 -58.67 -22.97 25.25
N ASP B 142 -58.32 -23.26 24.01
CA ASP B 142 -59.28 -23.53 22.96
C ASP B 142 -60.19 -24.73 23.23
N PHE B 157 -65.31 -20.54 23.29
CA PHE B 157 -63.95 -20.56 23.83
C PHE B 157 -62.92 -20.66 22.71
N ARG B 158 -63.13 -19.92 21.64
CA ARG B 158 -62.21 -19.97 20.52
C ARG B 158 -61.19 -18.84 20.53
N VAL B 159 -61.47 -17.72 21.19
CA VAL B 159 -60.54 -16.59 21.23
C VAL B 159 -60.73 -15.86 22.56
N TYR B 160 -59.64 -15.26 23.06
CA TYR B 160 -59.69 -14.46 24.27
C TYR B 160 -58.53 -13.47 24.19
N SER B 161 -58.83 -12.23 23.83
CA SER B 161 -57.82 -11.18 23.70
C SER B 161 -58.54 -9.85 23.56
N SER B 162 -57.78 -8.77 23.76
CA SER B 162 -58.31 -7.43 23.65
C SER B 162 -58.27 -6.99 22.19
N ALA B 163 -58.56 -5.72 21.93
CA ALA B 163 -58.55 -5.20 20.57
C ALA B 163 -57.17 -5.34 19.92
N ASN B 164 -57.16 -5.19 18.60
CA ASN B 164 -55.96 -5.40 17.80
C ASN B 164 -55.77 -4.27 16.81
N ASN B 165 -54.52 -4.07 16.37
CA ASN B 165 -54.23 -3.08 15.34
C ASN B 165 -53.31 -3.64 14.26
N CYS B 166 -53.61 -4.85 13.78
CA CYS B 166 -52.68 -5.58 12.91
C CYS B 166 -52.14 -4.79 11.73
N THR B 167 -50.87 -5.10 11.45
CA THR B 167 -50.14 -4.66 10.29
C THR B 167 -49.79 -5.81 9.37
N PHE B 168 -49.84 -7.05 9.85
CA PHE B 168 -49.52 -8.19 9.00
C PHE B 168 -50.35 -9.39 9.41
N GLU B 169 -50.79 -10.16 8.41
CA GLU B 169 -51.57 -11.36 8.63
C GLU B 169 -51.26 -12.34 7.50
N TYR B 170 -51.34 -13.64 7.78
CA TYR B 170 -50.87 -14.64 6.82
C TYR B 170 -51.57 -15.95 7.10
N VAL B 171 -51.71 -16.78 6.05
CA VAL B 171 -52.39 -18.07 6.16
C VAL B 171 -51.75 -19.05 5.19
N SER B 172 -51.71 -20.32 5.57
CA SER B 172 -51.14 -21.39 4.76
C SER B 172 -51.52 -22.74 5.37
N GLN B 173 -51.03 -23.81 4.73
CA GLN B 173 -51.35 -25.18 5.14
C GLN B 173 -50.91 -25.44 6.59
N PRO B 174 -51.52 -26.42 7.24
CA PRO B 174 -51.23 -26.66 8.67
C PRO B 174 -49.89 -27.33 8.87
N PHE B 175 -49.37 -27.20 10.10
CA PHE B 175 -48.15 -27.91 10.49
C PHE B 175 -48.43 -29.33 10.92
N LEU B 176 -49.14 -30.10 10.11
CA LEU B 176 -49.52 -31.45 10.52
C LEU B 176 -49.27 -32.38 9.34
N LYS B 187 -46.97 -41.14 18.44
CA LYS B 187 -45.82 -41.71 17.75
C LYS B 187 -45.15 -40.66 16.88
N ASN B 188 -45.87 -39.57 16.58
CA ASN B 188 -45.30 -38.52 15.75
C ASN B 188 -44.54 -37.53 16.62
N LEU B 189 -43.24 -37.41 16.35
CA LEU B 189 -42.35 -36.49 17.04
C LEU B 189 -42.30 -35.21 16.23
N ARG B 190 -42.97 -34.16 16.69
CA ARG B 190 -42.92 -32.88 15.97
C ARG B 190 -41.80 -32.03 16.53
N GLU B 191 -40.93 -31.53 15.67
CA GLU B 191 -39.82 -30.69 16.05
C GLU B 191 -39.90 -29.38 15.34
N PHE B 192 -39.53 -28.31 16.01
CA PHE B 192 -39.57 -26.99 15.44
C PHE B 192 -38.37 -26.21 15.92
N VAL B 193 -37.85 -25.35 15.07
CA VAL B 193 -36.76 -24.47 15.47
C VAL B 193 -37.22 -23.08 15.09
N PHE B 194 -37.25 -22.17 16.05
CA PHE B 194 -37.68 -20.81 15.84
C PHE B 194 -36.49 -19.91 16.00
N LYS B 195 -36.25 -19.05 15.03
CA LYS B 195 -35.08 -18.20 14.99
C LYS B 195 -35.51 -16.82 14.57
N ASN B 196 -34.90 -15.78 15.12
CA ASN B 196 -35.30 -14.42 14.71
C ASN B 196 -34.08 -13.51 14.76
N ILE B 197 -33.43 -13.33 13.60
CA ILE B 197 -32.19 -12.56 13.58
C ILE B 197 -32.14 -11.40 12.58
N ASP B 198 -32.39 -11.65 11.30
CA ASP B 198 -32.12 -10.68 10.24
C ASP B 198 -33.36 -9.91 9.82
N GLY B 199 -34.23 -9.55 10.74
CA GLY B 199 -35.43 -8.88 10.28
C GLY B 199 -36.48 -9.87 9.83
N TYR B 200 -36.18 -11.15 9.86
CA TYR B 200 -37.11 -12.20 9.54
C TYR B 200 -37.21 -13.11 10.75
N PHE B 201 -38.36 -13.73 10.90
CA PHE B 201 -38.59 -14.71 11.93
C PHE B 201 -38.76 -16.01 11.17
N LYS B 202 -37.92 -16.99 11.44
CA LYS B 202 -37.86 -18.15 10.60
C LYS B 202 -38.21 -19.38 11.39
N ILE B 203 -38.88 -20.30 10.73
CA ILE B 203 -39.34 -21.53 11.30
C ILE B 203 -38.78 -22.68 10.48
N TYR B 204 -38.27 -23.67 11.16
CA TYR B 204 -37.86 -24.95 10.61
C TYR B 204 -38.68 -26.00 11.31
N SER B 205 -38.90 -27.13 10.65
CA SER B 205 -39.80 -28.10 11.23
C SER B 205 -39.55 -29.49 10.70
N LYS B 206 -40.09 -30.47 11.41
CA LYS B 206 -39.96 -31.86 10.97
C LYS B 206 -40.93 -32.74 11.73
N HIS B 207 -41.50 -33.70 11.03
CA HIS B 207 -42.46 -34.64 11.60
C HIS B 207 -41.91 -36.04 11.43
N THR B 208 -41.62 -36.72 12.53
CA THR B 208 -40.98 -38.00 12.27
C THR B 208 -41.63 -39.14 13.05
N PRO B 209 -41.65 -40.34 12.48
CA PRO B 209 -42.11 -41.51 13.22
C PRO B 209 -41.21 -41.81 14.42
N ILE B 210 -41.70 -42.66 15.31
CA ILE B 210 -40.91 -43.06 16.46
C ILE B 210 -41.23 -44.51 16.82
N ASP B 215 -39.64 -40.31 24.23
CA ASP B 215 -38.36 -39.68 24.48
C ASP B 215 -37.70 -39.33 23.15
N LEU B 216 -36.67 -38.48 23.18
CA LEU B 216 -36.01 -38.14 21.94
C LEU B 216 -35.16 -39.32 21.46
N PRO B 217 -35.28 -39.70 20.20
CA PRO B 217 -34.53 -40.85 19.69
C PRO B 217 -33.06 -40.53 19.44
N GLN B 218 -32.26 -41.58 19.39
CA GLN B 218 -30.85 -41.39 19.09
C GLN B 218 -30.59 -41.22 17.60
N GLY B 219 -31.61 -41.37 16.77
CA GLY B 219 -31.40 -41.28 15.34
C GLY B 219 -31.11 -39.86 14.90
N PHE B 220 -30.27 -39.74 13.90
CA PHE B 220 -29.93 -38.44 13.34
C PHE B 220 -30.92 -38.05 12.23
N SER B 221 -31.35 -36.79 12.22
CA SER B 221 -32.28 -36.31 11.21
C SER B 221 -32.36 -34.79 11.15
N ALA B 222 -32.22 -34.21 9.96
CA ALA B 222 -32.19 -32.76 9.79
C ALA B 222 -33.57 -32.20 9.50
N LEU B 223 -33.80 -30.98 9.97
CA LEU B 223 -35.04 -30.25 9.75
C LEU B 223 -35.06 -29.45 8.46
N GLU B 224 -36.22 -29.39 7.81
CA GLU B 224 -36.11 -28.58 6.62
C GLU B 224 -36.77 -27.23 6.83
N PRO B 225 -36.23 -26.15 6.29
CA PRO B 225 -36.82 -24.80 6.48
C PRO B 225 -38.24 -24.64 5.96
N LEU B 226 -39.15 -24.32 6.87
CA LEU B 226 -40.55 -24.21 6.56
C LEU B 226 -41.03 -22.82 6.17
N VAL B 227 -40.82 -21.80 7.00
CA VAL B 227 -41.31 -20.47 6.64
C VAL B 227 -40.35 -19.35 7.07
N ASP B 228 -40.26 -18.31 6.26
CA ASP B 228 -39.44 -17.14 6.60
C ASP B 228 -40.24 -15.84 6.57
N LEU B 229 -40.71 -15.38 7.70
CA LEU B 229 -41.58 -14.20 7.67
C LEU B 229 -40.75 -12.93 7.82
N PRO B 230 -41.18 -11.82 7.20
CA PRO B 230 -40.42 -10.56 7.28
C PRO B 230 -40.69 -9.68 8.48
N ILE B 231 -41.63 -10.02 9.35
CA ILE B 231 -41.97 -9.16 10.47
C ILE B 231 -40.77 -8.91 11.36
N GLY B 232 -40.53 -7.65 11.71
CA GLY B 232 -39.38 -7.34 12.55
C GLY B 232 -39.60 -6.99 14.02
N ILE B 233 -40.66 -7.52 14.64
CA ILE B 233 -40.94 -7.21 16.03
C ILE B 233 -39.85 -7.76 16.94
N ASN B 234 -39.51 -7.00 17.98
CA ASN B 234 -38.51 -7.42 18.97
C ASN B 234 -39.14 -8.42 19.95
N ILE B 235 -38.93 -9.72 19.69
CA ILE B 235 -39.45 -10.82 20.50
C ILE B 235 -38.49 -11.14 21.63
N THR B 236 -38.99 -11.16 22.87
CA THR B 236 -38.16 -11.55 24.01
C THR B 236 -38.74 -12.66 24.90
N ARG B 237 -40.06 -12.86 24.93
CA ARG B 237 -40.69 -13.91 25.69
C ARG B 237 -41.67 -14.66 24.81
N PHE B 238 -41.99 -15.89 25.19
CA PHE B 238 -42.84 -16.71 24.35
C PHE B 238 -43.64 -17.66 25.20
N GLN B 239 -44.79 -18.09 24.70
CA GLN B 239 -45.65 -19.00 25.44
C GLN B 239 -46.26 -20.00 24.49
N THR B 240 -46.94 -21.00 25.01
CA THR B 240 -47.55 -21.98 24.12
C THR B 240 -49.06 -21.91 24.31
N LEU B 241 -49.79 -22.49 23.37
CA LEU B 241 -51.24 -22.53 23.44
C LEU B 241 -51.74 -23.97 23.38
N LEU B 242 -52.60 -24.30 24.30
CA LEU B 242 -53.17 -25.63 24.43
C LEU B 242 -54.66 -25.59 24.15
N ALA B 243 -55.24 -26.78 24.12
CA ALA B 243 -56.65 -26.95 23.86
C ALA B 243 -57.12 -28.17 24.66
N LEU B 244 -58.44 -28.34 24.72
CA LEU B 244 -59.03 -29.45 25.44
C LEU B 244 -60.50 -29.52 25.05
N HIS B 245 -61.03 -30.75 25.07
CA HIS B 245 -62.40 -31.02 24.68
C HIS B 245 -63.40 -30.69 25.78
N ARG B 246 -64.42 -29.91 25.42
CA ARG B 246 -65.52 -29.55 26.32
C ARG B 246 -64.99 -28.96 27.62
N SER B 247 -64.07 -28.03 27.49
CA SER B 247 -63.45 -27.36 28.60
C SER B 247 -63.94 -25.94 28.73
N TYR B 248 -64.15 -25.50 29.96
CA TYR B 248 -64.56 -24.13 30.17
C TYR B 248 -63.39 -23.19 29.93
N LEU B 249 -63.71 -21.93 29.65
CA LEU B 249 -62.71 -20.92 29.35
C LEU B 249 -63.12 -19.64 30.08
N THR B 250 -62.18 -19.07 30.81
CA THR B 250 -62.40 -17.84 31.54
C THR B 250 -61.15 -17.00 31.47
N PRO B 251 -61.27 -15.68 31.61
CA PRO B 251 -60.08 -14.82 31.63
C PRO B 251 -59.10 -15.24 32.70
N GLY B 252 -59.58 -15.74 33.82
CA GLY B 252 -58.72 -16.20 34.89
C GLY B 252 -59.18 -17.52 35.49
N ASP B 253 -58.24 -18.43 35.74
CA ASP B 253 -58.60 -19.72 36.32
C ASP B 253 -57.48 -20.14 37.25
N SER B 254 -57.80 -21.05 38.16
CA SER B 254 -56.87 -21.56 39.16
C SER B 254 -55.96 -22.65 38.58
N SER B 255 -55.23 -23.32 39.48
CA SER B 255 -54.31 -24.37 39.10
C SER B 255 -54.99 -25.71 38.91
N SER B 256 -56.33 -25.72 38.93
CA SER B 256 -57.08 -26.95 38.72
C SER B 256 -56.94 -27.42 37.28
N GLY B 257 -57.07 -26.49 36.33
CA GLY B 257 -56.94 -26.77 34.92
C GLY B 257 -58.07 -27.69 34.47
N TRP B 258 -57.86 -28.30 33.31
CA TRP B 258 -58.86 -29.20 32.76
C TRP B 258 -58.12 -30.41 32.20
N THR B 259 -58.84 -31.53 32.12
CA THR B 259 -58.22 -32.76 31.65
C THR B 259 -57.79 -32.59 30.20
N ALA B 260 -56.76 -33.33 29.83
CA ALA B 260 -56.25 -33.30 28.46
C ALA B 260 -55.49 -34.60 28.22
N GLY B 261 -55.20 -34.86 26.96
CA GLY B 261 -54.47 -36.07 26.63
C GLY B 261 -53.05 -36.06 27.15
N ALA B 262 -52.50 -37.25 27.28
CA ALA B 262 -51.12 -37.39 27.76
C ALA B 262 -50.18 -36.83 26.71
N ALA B 263 -49.35 -35.86 27.10
CA ALA B 263 -48.43 -35.24 26.16
C ALA B 263 -47.35 -34.52 26.92
N ALA B 264 -46.29 -34.16 26.21
CA ALA B 264 -45.18 -33.47 26.83
C ALA B 264 -44.42 -32.73 25.75
N TYR B 265 -43.72 -31.70 26.20
CA TYR B 265 -42.94 -30.89 25.29
C TYR B 265 -41.66 -30.41 25.95
N TYR B 266 -40.60 -30.46 25.19
CA TYR B 266 -39.27 -30.07 25.61
C TYR B 266 -38.91 -28.73 24.99
N VAL B 267 -38.03 -28.02 25.65
CA VAL B 267 -37.54 -26.74 25.18
C VAL B 267 -36.02 -26.73 25.27
N GLY B 268 -35.36 -26.27 24.21
CA GLY B 268 -33.92 -26.16 24.21
C GLY B 268 -33.50 -24.83 23.59
N TYR B 269 -32.33 -24.37 23.97
CA TYR B 269 -31.80 -23.08 23.55
C TYR B 269 -30.66 -23.20 22.55
N LEU B 270 -30.77 -22.46 21.44
CA LEU B 270 -29.74 -22.44 20.42
C LEU B 270 -28.58 -21.57 20.85
N GLN B 271 -27.40 -21.87 20.32
CA GLN B 271 -26.17 -21.15 20.61
C GLN B 271 -25.33 -21.05 19.35
N PRO B 272 -24.50 -20.01 19.22
CA PRO B 272 -23.62 -19.89 18.04
C PRO B 272 -22.54 -20.96 18.06
N ARG B 273 -22.55 -21.86 17.08
CA ARG B 273 -21.58 -22.94 17.02
C ARG B 273 -21.13 -23.15 15.58
N THR B 274 -20.00 -23.85 15.44
CA THR B 274 -19.45 -24.24 14.16
C THR B 274 -19.67 -25.73 13.96
N PHE B 275 -20.38 -26.09 12.92
CA PHE B 275 -20.76 -27.48 12.66
C PHE B 275 -20.15 -27.98 11.36
N LEU B 276 -19.68 -29.21 11.39
CA LEU B 276 -19.20 -29.87 10.18
C LEU B 276 -20.30 -30.82 9.71
N LEU B 277 -20.99 -30.46 8.64
CA LEU B 277 -22.14 -31.18 8.14
C LEU B 277 -21.73 -32.09 7.02
N LYS B 278 -22.25 -33.30 7.00
CA LYS B 278 -21.93 -34.27 5.96
C LYS B 278 -23.14 -34.48 5.09
N TYR B 279 -23.01 -34.18 3.80
CA TYR B 279 -24.07 -34.39 2.85
C TYR B 279 -23.83 -35.69 2.12
N ASN B 280 -24.88 -36.46 1.87
CA ASN B 280 -24.74 -37.70 1.14
C ASN B 280 -24.93 -37.43 -0.36
N GLU B 281 -24.90 -38.49 -1.15
CA GLU B 281 -25.02 -38.34 -2.60
C GLU B 281 -26.37 -37.81 -3.04
N ASN B 282 -27.37 -37.83 -2.19
CA ASN B 282 -28.68 -37.33 -2.56
C ASN B 282 -28.96 -35.97 -1.96
N GLY B 283 -27.96 -35.34 -1.35
CA GLY B 283 -28.17 -34.00 -0.87
C GLY B 283 -28.80 -33.91 0.48
N THR B 284 -28.76 -34.98 1.28
CA THR B 284 -29.34 -34.99 2.62
C THR B 284 -28.23 -35.12 3.63
N ILE B 285 -28.38 -34.44 4.76
CA ILE B 285 -27.39 -34.51 5.82
C ILE B 285 -27.51 -35.82 6.58
N THR B 286 -26.41 -36.54 6.70
CA THR B 286 -26.44 -37.81 7.41
C THR B 286 -25.69 -37.79 8.73
N ASP B 287 -24.68 -36.94 8.86
CA ASP B 287 -23.89 -36.80 10.09
C ASP B 287 -23.49 -35.36 10.26
N ALA B 288 -23.09 -35.03 11.47
CA ALA B 288 -22.66 -33.70 11.79
C ALA B 288 -21.72 -33.81 12.97
N VAL B 289 -20.83 -32.84 13.08
CA VAL B 289 -19.84 -32.83 14.15
C VAL B 289 -19.91 -31.48 14.84
N ASP B 290 -20.09 -31.50 16.16
CA ASP B 290 -20.07 -30.29 16.95
C ASP B 290 -18.63 -29.92 17.12
N CYS B 291 -18.24 -28.81 16.52
CA CYS B 291 -16.83 -28.50 16.48
C CYS B 291 -16.24 -28.18 17.85
N ALA B 292 -17.04 -27.86 18.85
CA ALA B 292 -16.48 -27.45 20.14
C ALA B 292 -16.95 -28.31 21.30
N LEU B 293 -17.27 -29.57 21.05
CA LEU B 293 -17.75 -30.43 22.13
C LEU B 293 -16.59 -31.02 22.93
N ASP B 294 -15.71 -31.76 22.29
CA ASP B 294 -14.62 -32.42 22.99
C ASP B 294 -13.39 -32.37 22.09
N PRO B 295 -12.20 -32.75 22.58
CA PRO B 295 -11.02 -32.65 21.72
C PRO B 295 -11.06 -33.45 20.45
N LEU B 296 -11.63 -34.65 20.47
CA LEU B 296 -11.68 -35.44 19.25
C LEU B 296 -12.53 -34.77 18.18
N SER B 297 -13.65 -34.18 18.55
CA SER B 297 -14.44 -33.46 17.57
C SER B 297 -13.66 -32.30 17.00
N GLU B 298 -12.88 -31.63 17.83
CA GLU B 298 -12.09 -30.52 17.30
C GLU B 298 -11.00 -31.01 16.36
N THR B 299 -10.42 -32.18 16.62
CA THR B 299 -9.43 -32.71 15.69
C THR B 299 -10.08 -33.02 14.36
N LYS B 300 -11.26 -33.61 14.40
CA LYS B 300 -11.99 -33.84 13.17
C LYS B 300 -12.22 -32.53 12.45
N CYS B 301 -12.57 -31.47 13.18
CA CYS B 301 -12.83 -30.22 12.48
C CYS B 301 -11.60 -29.70 11.80
N THR B 302 -10.42 -29.94 12.34
CA THR B 302 -9.29 -29.40 11.61
C THR B 302 -9.01 -30.25 10.40
N LEU B 303 -8.95 -31.57 10.57
CA LEU B 303 -8.61 -32.37 9.40
C LEU B 303 -9.73 -32.48 8.39
N LYS B 304 -10.93 -32.01 8.73
CA LYS B 304 -12.09 -32.08 7.85
C LYS B 304 -12.34 -33.51 7.38
N SER B 305 -12.32 -34.44 8.32
CA SER B 305 -12.51 -35.85 7.98
C SER B 305 -13.00 -36.59 9.19
N PHE B 306 -14.02 -37.42 9.02
CA PHE B 306 -14.59 -38.14 10.15
C PHE B 306 -13.67 -39.20 10.73
N THR B 307 -12.68 -39.67 9.99
CA THR B 307 -11.75 -40.68 10.47
C THR B 307 -10.34 -40.13 10.63
N VAL B 308 -9.81 -40.11 11.86
CA VAL B 308 -8.45 -39.67 12.11
C VAL B 308 -7.55 -40.87 12.38
N GLU B 309 -6.39 -40.90 11.74
CA GLU B 309 -5.44 -41.99 11.85
C GLU B 309 -4.60 -41.79 13.10
N LYS B 310 -3.86 -42.82 13.47
CA LYS B 310 -3.01 -42.71 14.65
C LYS B 310 -1.96 -41.62 14.50
N GLY B 311 -1.83 -40.77 15.52
CA GLY B 311 -0.82 -39.74 15.49
C GLY B 311 -1.13 -38.63 16.48
N ILE B 312 -0.35 -37.56 16.38
CA ILE B 312 -0.46 -36.37 17.21
C ILE B 312 -0.79 -35.18 16.31
N TYR B 313 -1.78 -34.39 16.70
CA TYR B 313 -2.26 -33.27 15.89
C TYR B 313 -2.35 -31.98 16.69
N GLN B 314 -1.87 -30.90 16.11
CA GLN B 314 -1.95 -29.56 16.69
C GLN B 314 -3.24 -28.87 16.32
N THR B 315 -4.22 -28.88 17.23
CA THR B 315 -5.55 -28.39 16.87
C THR B 315 -5.70 -26.88 16.97
N SER B 316 -5.26 -26.28 18.07
CA SER B 316 -5.51 -24.85 18.25
C SER B 316 -4.51 -24.27 19.24
N ASN B 317 -4.77 -23.02 19.69
CA ASN B 317 -3.94 -22.37 20.68
C ASN B 317 -4.79 -21.82 21.80
N PHE B 318 -4.19 -21.69 22.97
CA PHE B 318 -4.89 -21.17 24.13
C PHE B 318 -4.12 -19.97 24.62
N ARG B 319 -4.83 -19.05 25.27
CA ARG B 319 -4.19 -17.85 25.82
C ARG B 319 -5.08 -17.31 26.92
N VAL B 320 -4.52 -17.23 28.13
CA VAL B 320 -5.27 -16.75 29.28
C VAL B 320 -5.69 -15.30 29.08
N GLN B 321 -6.95 -15.01 29.35
CA GLN B 321 -7.52 -13.71 29.09
C GLN B 321 -7.23 -12.71 30.21
N PRO B 322 -7.23 -11.41 29.88
CA PRO B 322 -7.01 -10.40 30.91
C PRO B 322 -8.19 -10.32 31.87
N THR B 323 -7.88 -10.21 33.15
CA THR B 323 -8.91 -10.15 34.17
C THR B 323 -9.35 -8.75 34.56
N GLU B 324 -8.61 -7.71 34.19
CA GLU B 324 -8.96 -6.34 34.60
C GLU B 324 -8.34 -5.33 33.65
N SER B 325 -8.83 -4.09 33.72
CA SER B 325 -8.30 -2.99 32.93
C SER B 325 -7.97 -1.82 33.83
N ILE B 326 -6.77 -1.23 33.68
CA ILE B 326 -6.31 -0.13 34.52
C ILE B 326 -5.77 0.99 33.67
N VAL B 327 -5.95 2.22 34.16
CA VAL B 327 -5.41 3.44 33.57
C VAL B 327 -4.59 4.13 34.65
N ARG B 328 -3.44 4.66 34.28
CA ARG B 328 -2.54 5.26 35.26
C ARG B 328 -2.03 6.59 34.73
N PHE B 329 -2.50 7.70 35.30
CA PHE B 329 -2.04 8.97 34.79
C PHE B 329 -1.59 9.94 35.88
N PRO B 330 -0.63 10.84 35.54
CA PRO B 330 -0.04 11.77 36.52
C PRO B 330 -0.93 12.28 37.66
N ASN B 331 -0.48 12.22 38.90
CA ASN B 331 -1.27 12.61 40.07
C ASN B 331 -1.42 14.12 40.01
N ILE B 332 -1.89 14.59 38.84
CA ILE B 332 -2.16 15.98 38.45
C ILE B 332 -2.27 16.95 39.61
N THR B 333 -1.40 17.96 39.51
CA THR B 333 -1.03 19.08 40.37
C THR B 333 -1.82 20.37 40.24
N ASN B 334 -2.06 20.90 39.04
CA ASN B 334 -2.66 22.21 38.99
C ASN B 334 -3.88 22.39 38.11
N LEU B 335 -4.83 23.09 38.70
CA LEU B 335 -6.07 23.58 38.14
C LEU B 335 -5.83 25.04 37.79
N CYS B 336 -6.76 25.66 37.08
CA CYS B 336 -6.52 27.02 36.60
C CYS B 336 -7.65 27.97 36.95
N PRO B 337 -7.44 29.30 36.73
CA PRO B 337 -8.33 30.30 37.31
C PRO B 337 -9.74 30.40 36.74
N PHE B 338 -10.62 29.68 37.41
CA PHE B 338 -12.07 29.77 37.28
C PHE B 338 -12.68 30.40 38.51
N ASP B 339 -12.16 30.10 39.69
CA ASP B 339 -12.64 30.71 40.92
C ASP B 339 -12.10 32.12 41.07
N GLU B 340 -11.50 32.66 40.02
CA GLU B 340 -11.03 34.03 39.99
C GLU B 340 -11.66 34.76 38.82
N VAL B 341 -12.57 34.09 38.12
CA VAL B 341 -13.33 34.72 37.06
C VAL B 341 -14.81 34.73 37.38
N PHE B 342 -15.22 33.93 38.36
CA PHE B 342 -16.61 33.76 38.74
C PHE B 342 -16.88 34.28 40.14
N ASN B 343 -15.83 34.46 40.95
CA ASN B 343 -15.95 34.95 42.30
C ASN B 343 -15.31 36.33 42.44
N ALA B 344 -15.18 37.05 41.35
CA ALA B 344 -14.58 38.39 41.40
C ALA B 344 -15.42 39.29 42.28
N THR B 345 -14.75 40.12 43.08
CA THR B 345 -15.48 41.02 43.96
C THR B 345 -16.30 42.02 43.15
N ARG B 346 -15.68 42.73 42.22
CA ARG B 346 -16.39 43.73 41.43
C ARG B 346 -16.18 43.47 39.94
N PHE B 347 -17.28 43.41 39.20
CA PHE B 347 -17.24 43.15 37.78
C PHE B 347 -17.23 44.45 36.98
N ALA B 348 -16.69 44.36 35.77
CA ALA B 348 -16.57 45.46 34.85
C ALA B 348 -17.90 45.75 34.16
N SER B 349 -17.94 46.86 33.44
CA SER B 349 -19.16 47.29 32.78
C SER B 349 -19.32 46.57 31.45
N VAL B 350 -20.48 46.78 30.82
CA VAL B 350 -20.80 46.09 29.58
C VAL B 350 -19.84 46.47 28.46
N TYR B 351 -19.49 47.75 28.38
CA TYR B 351 -18.63 48.21 27.29
C TYR B 351 -17.17 48.12 27.67
N ALA B 352 -16.87 47.50 28.80
CA ALA B 352 -15.53 47.40 29.34
C ALA B 352 -15.27 45.99 29.85
N TRP B 353 -15.76 44.98 29.13
CA TRP B 353 -15.60 43.61 29.58
C TRP B 353 -14.15 43.30 29.86
N ASN B 354 -13.92 42.39 30.80
CA ASN B 354 -12.57 42.08 31.29
C ASN B 354 -11.98 40.87 30.56
N ARG B 355 -11.37 41.13 29.42
CA ARG B 355 -10.81 40.05 28.63
C ARG B 355 -9.66 39.40 29.38
N LYS B 356 -9.52 38.10 29.18
CA LYS B 356 -8.48 37.34 29.81
C LYS B 356 -8.17 36.16 28.92
N ARG B 357 -6.97 35.62 29.05
CA ARG B 357 -6.65 34.38 28.40
C ARG B 357 -6.32 33.36 29.46
N ILE B 358 -6.74 32.12 29.26
CA ILE B 358 -6.49 31.05 30.19
C ILE B 358 -6.02 29.85 29.39
N SER B 359 -4.72 29.62 29.37
CA SER B 359 -4.19 28.46 28.66
C SER B 359 -3.23 27.74 29.58
N ASN B 360 -2.61 26.69 29.05
CA ASN B 360 -1.63 25.90 29.78
C ASN B 360 -2.14 25.55 31.18
N CYS B 361 -3.21 24.78 31.22
CA CYS B 361 -3.76 24.38 32.51
C CYS B 361 -4.63 23.15 32.30
N VAL B 362 -4.73 22.35 33.36
CA VAL B 362 -5.62 21.19 33.39
C VAL B 362 -7.01 21.68 33.82
N ALA B 363 -7.89 21.88 32.85
CA ALA B 363 -9.11 22.66 33.01
C ALA B 363 -10.26 21.72 33.40
N ASP B 364 -10.90 21.99 34.53
CA ASP B 364 -12.05 21.20 34.96
C ASP B 364 -13.30 22.05 34.89
N TYR B 365 -14.16 21.76 33.92
CA TYR B 365 -15.41 22.47 33.71
C TYR B 365 -16.53 22.03 34.63
N SER B 366 -16.28 21.30 35.72
CA SER B 366 -17.37 20.90 36.61
C SER B 366 -17.37 21.65 37.93
N VAL B 367 -16.51 22.66 38.09
CA VAL B 367 -16.59 23.54 39.23
C VAL B 367 -17.74 24.52 39.10
N LEU B 368 -18.26 24.69 37.89
CA LEU B 368 -19.39 25.58 37.67
C LEU B 368 -20.60 25.15 38.49
N TYR B 369 -20.93 23.86 38.48
CA TYR B 369 -22.25 23.45 38.96
C TYR B 369 -22.46 23.71 40.44
N ASN B 370 -21.40 23.87 41.22
CA ASN B 370 -21.51 24.22 42.62
C ASN B 370 -21.69 25.71 42.87
N PHE B 371 -21.80 26.53 41.81
CA PHE B 371 -21.87 27.96 42.04
C PHE B 371 -23.29 28.44 42.37
N ALA B 372 -24.22 28.28 41.44
CA ALA B 372 -25.46 29.04 41.54
C ALA B 372 -26.59 28.35 40.77
N PRO B 373 -27.82 28.87 40.77
CA PRO B 373 -28.87 28.20 39.97
C PRO B 373 -28.62 28.26 38.49
N PHE B 374 -27.68 29.11 38.05
CA PHE B 374 -27.29 29.23 36.65
C PHE B 374 -28.52 29.47 35.76
N PHE B 375 -29.07 30.67 35.92
CA PHE B 375 -30.26 31.07 35.17
C PHE B 375 -30.11 30.88 33.67
N ALA B 376 -29.04 31.41 33.09
CA ALA B 376 -28.78 31.29 31.65
C ALA B 376 -27.54 30.43 31.42
N PHE B 377 -27.71 29.23 30.87
CA PHE B 377 -26.54 28.40 30.55
C PHE B 377 -26.88 27.56 29.32
N LYS B 378 -26.33 27.97 28.18
CA LYS B 378 -26.53 27.30 26.90
C LYS B 378 -25.24 27.35 26.10
N CYS B 379 -24.83 26.22 25.54
CA CYS B 379 -23.57 26.16 24.81
C CYS B 379 -23.81 25.94 23.32
N TYR B 380 -23.01 26.66 22.50
CA TYR B 380 -23.09 26.59 21.05
C TYR B 380 -21.86 25.87 20.53
N GLY B 381 -22.08 24.92 19.63
CA GLY B 381 -20.99 24.22 18.98
C GLY B 381 -20.46 23.03 19.74
N VAL B 382 -20.82 22.88 21.00
CA VAL B 382 -20.30 21.81 21.84
C VAL B 382 -21.29 21.57 22.96
N SER B 383 -21.50 20.32 23.28
CA SER B 383 -22.46 20.00 24.32
C SER B 383 -21.80 20.22 25.67
N PRO B 384 -22.52 20.71 26.67
CA PRO B 384 -21.92 20.93 27.98
C PRO B 384 -21.52 19.63 28.68
N THR B 385 -22.26 18.55 28.46
CA THR B 385 -21.93 17.28 29.10
C THR B 385 -20.56 16.76 28.66
N LYS B 386 -20.28 16.80 27.36
CA LYS B 386 -19.04 16.27 26.83
C LYS B 386 -17.97 17.35 26.64
N LEU B 387 -17.97 18.35 27.51
CA LEU B 387 -16.98 19.40 27.37
C LEU B 387 -15.68 18.98 28.04
N ASN B 388 -15.76 18.48 29.28
CA ASN B 388 -14.58 18.16 30.09
C ASN B 388 -13.59 17.28 29.33
N ASP B 389 -14.04 16.53 28.33
CA ASP B 389 -13.10 15.64 27.66
C ASP B 389 -12.38 16.29 26.48
N LEU B 390 -13.11 17.10 25.71
CA LEU B 390 -12.60 17.71 24.49
C LEU B 390 -11.49 18.72 24.81
N CYS B 391 -10.61 18.96 23.84
CA CYS B 391 -9.49 19.87 24.06
C CYS B 391 -9.53 21.07 23.11
N PHE B 392 -8.85 22.16 23.49
CA PHE B 392 -8.95 23.47 22.84
C PHE B 392 -7.59 24.11 22.66
N THR B 393 -7.54 25.09 21.75
CA THR B 393 -6.30 25.80 21.47
C THR B 393 -6.06 26.89 22.50
N ASN B 394 -6.95 27.89 22.52
CA ASN B 394 -6.89 29.03 23.42
C ASN B 394 -8.29 29.44 23.84
N VAL B 395 -8.53 29.53 25.14
CA VAL B 395 -9.86 29.76 25.70
C VAL B 395 -9.91 31.15 26.31
N TYR B 396 -10.73 32.02 25.73
CA TYR B 396 -10.92 33.38 26.23
C TYR B 396 -12.21 33.47 27.02
N ALA B 397 -12.20 34.35 28.02
CA ALA B 397 -13.34 34.54 28.92
C ALA B 397 -13.62 36.03 29.08
N ASP B 398 -14.86 36.43 28.84
CA ASP B 398 -15.27 37.83 28.92
C ASP B 398 -16.36 37.95 29.97
N SER B 399 -16.14 38.82 30.95
CA SER B 399 -17.03 38.93 32.09
C SER B 399 -17.61 40.34 32.20
N PHE B 400 -18.91 40.44 32.46
CA PHE B 400 -19.51 41.75 32.65
C PHE B 400 -20.87 41.58 33.33
N VAL B 401 -21.62 42.68 33.44
CA VAL B 401 -22.90 42.70 34.14
C VAL B 401 -23.88 43.47 33.29
N ILE B 402 -25.11 42.96 33.15
CA ILE B 402 -26.14 43.59 32.36
C ILE B 402 -27.45 43.60 33.15
N ARG B 403 -28.50 44.09 32.51
CA ARG B 403 -29.84 44.11 33.07
C ARG B 403 -30.53 42.78 32.86
N GLY B 404 -31.78 42.69 33.30
CA GLY B 404 -32.53 41.45 33.25
C GLY B 404 -32.96 41.05 31.86
N ASN B 405 -33.68 41.94 31.15
CA ASN B 405 -34.24 41.58 29.85
C ASN B 405 -33.24 41.67 28.73
N GLU B 406 -31.94 41.73 29.03
CA GLU B 406 -30.92 41.84 27.99
C GLU B 406 -29.99 40.64 27.97
N VAL B 407 -30.27 39.62 28.80
CA VAL B 407 -29.41 38.44 28.80
C VAL B 407 -29.59 37.72 27.49
N SER B 408 -30.76 37.89 26.86
CA SER B 408 -31.03 37.27 25.58
C SER B 408 -30.19 37.86 24.46
N GLN B 409 -29.65 39.07 24.65
CA GLN B 409 -28.98 39.75 23.55
C GLN B 409 -27.58 39.26 23.29
N ILE B 410 -27.01 38.45 24.17
CA ILE B 410 -25.69 37.87 23.96
C ILE B 410 -25.93 36.57 23.21
N ALA B 411 -26.05 36.68 21.90
CA ALA B 411 -26.33 35.52 21.05
C ALA B 411 -25.83 35.83 19.64
N PRO B 412 -25.57 34.80 18.83
CA PRO B 412 -25.03 35.04 17.48
C PRO B 412 -26.05 35.70 16.56
N GLY B 413 -25.70 36.89 16.06
CA GLY B 413 -26.46 37.57 15.04
C GLY B 413 -27.67 38.37 15.49
N GLN B 414 -27.82 38.60 16.78
CA GLN B 414 -29.00 39.24 17.34
C GLN B 414 -28.74 40.72 17.58
N THR B 415 -29.66 41.57 17.13
CA THR B 415 -29.49 43.01 17.24
C THR B 415 -30.25 43.52 18.45
N GLY B 416 -29.73 44.59 19.03
CA GLY B 416 -30.30 45.17 20.24
C GLY B 416 -29.62 46.47 20.61
N ASN B 417 -29.30 46.65 21.89
CA ASN B 417 -28.58 47.84 22.30
C ASN B 417 -27.21 47.57 22.91
N ILE B 418 -27.01 46.42 23.55
CA ILE B 418 -25.66 46.06 23.99
C ILE B 418 -24.99 45.20 22.93
N ALA B 419 -25.76 44.53 22.08
CA ALA B 419 -25.21 43.68 21.05
C ALA B 419 -24.86 44.50 19.82
N ASP B 420 -25.69 45.48 19.51
CA ASP B 420 -25.51 46.33 18.35
C ASP B 420 -24.62 47.54 18.62
N TYR B 421 -24.43 47.93 19.88
CA TYR B 421 -23.62 49.11 20.13
C TYR B 421 -22.25 48.89 20.75
N ASN B 422 -22.12 48.06 21.78
CA ASN B 422 -20.81 47.93 22.41
C ASN B 422 -20.29 46.51 22.62
N TYR B 423 -21.04 45.48 22.25
CA TYR B 423 -20.46 44.13 22.32
C TYR B 423 -21.19 43.17 21.43
N LYS B 424 -20.45 42.61 20.47
CA LYS B 424 -21.03 41.77 19.44
C LYS B 424 -20.11 40.59 19.23
N LEU B 425 -20.68 39.39 19.24
CA LEU B 425 -19.95 38.16 19.04
C LEU B 425 -20.45 37.50 17.76
N PRO B 426 -19.59 36.76 17.06
CA PRO B 426 -19.94 36.34 15.69
C PRO B 426 -21.09 35.37 15.64
N ASP B 427 -21.48 35.01 14.41
CA ASP B 427 -22.56 34.06 14.19
C ASP B 427 -22.03 32.63 14.28
N ASP B 428 -20.75 32.43 13.98
CA ASP B 428 -20.09 31.14 14.08
C ASP B 428 -19.46 30.91 15.44
N PHE B 429 -20.05 31.49 16.48
CA PHE B 429 -19.50 31.38 17.82
C PHE B 429 -19.57 29.95 18.35
N THR B 430 -18.46 29.53 18.97
CA THR B 430 -18.38 28.24 19.62
C THR B 430 -17.84 28.45 21.02
N GLY B 431 -18.55 27.93 22.00
CA GLY B 431 -18.30 28.24 23.40
C GLY B 431 -19.63 28.25 24.13
N CYS B 432 -19.72 29.07 25.17
CA CYS B 432 -21.03 29.33 25.77
C CYS B 432 -21.02 30.38 26.87
N VAL B 433 -22.24 30.74 27.28
CA VAL B 433 -22.54 31.88 28.13
C VAL B 433 -23.16 31.37 29.42
N ILE B 434 -22.86 32.06 30.52
CA ILE B 434 -23.31 31.68 31.85
C ILE B 434 -23.73 32.96 32.54
N ALA B 435 -25.02 33.10 32.83
CA ALA B 435 -25.54 34.32 33.44
C ALA B 435 -26.33 33.93 34.67
N TRP B 436 -26.02 34.58 35.79
CA TRP B 436 -26.70 34.31 37.05
C TRP B 436 -27.09 35.62 37.73
N ASN B 437 -28.38 35.79 37.95
CA ASN B 437 -28.94 37.00 38.57
C ASN B 437 -28.14 37.36 39.81
N SER B 438 -27.65 38.60 39.85
CA SER B 438 -26.89 39.08 41.00
C SER B 438 -27.36 40.49 41.35
N ASN B 439 -28.26 40.58 42.32
CA ASN B 439 -28.77 41.83 42.83
C ASN B 439 -28.47 41.94 44.31
N LYS B 440 -27.61 41.07 44.82
CA LYS B 440 -27.11 41.18 46.18
C LYS B 440 -25.88 42.05 46.29
N LEU B 441 -25.23 42.35 45.17
CA LEU B 441 -24.01 43.15 45.15
C LEU B 441 -24.03 44.36 44.25
N ASP B 442 -25.14 44.69 43.61
CA ASP B 442 -25.11 45.77 42.62
C ASP B 442 -26.12 46.89 42.79
N SER B 443 -27.22 46.70 43.50
CA SER B 443 -28.21 47.75 43.62
C SER B 443 -28.10 48.38 44.99
N LYS B 444 -27.89 49.70 45.01
CA LYS B 444 -27.80 50.46 46.24
C LYS B 444 -29.08 51.26 46.45
N VAL B 445 -29.29 51.68 47.69
CA VAL B 445 -30.47 52.47 48.01
C VAL B 445 -30.22 53.88 47.47
N GLY B 446 -30.95 54.22 46.41
CA GLY B 446 -30.82 55.50 45.75
C GLY B 446 -30.40 55.37 44.30
N GLY B 447 -29.84 54.24 43.92
CA GLY B 447 -29.39 54.03 42.56
C GLY B 447 -27.88 53.92 42.48
N ASN B 448 -27.36 52.75 42.13
CA ASN B 448 -25.92 52.56 42.03
C ASN B 448 -25.52 53.01 40.63
N TYR B 449 -25.06 54.25 40.55
CA TYR B 449 -24.64 54.86 39.29
C TYR B 449 -23.15 54.55 39.05
N ASN B 450 -22.88 53.27 38.82
CA ASN B 450 -21.52 52.81 38.60
C ASN B 450 -21.34 52.05 37.31
N TYR B 451 -22.39 51.46 36.76
CA TYR B 451 -22.33 50.70 35.53
C TYR B 451 -22.96 51.52 34.42
N ARG B 452 -22.24 51.69 33.33
CA ARG B 452 -22.75 52.48 32.22
C ARG B 452 -22.84 51.61 30.96
N TYR B 453 -23.38 52.20 29.90
CA TYR B 453 -23.55 51.47 28.66
C TYR B 453 -23.78 52.45 27.52
N ARG B 454 -23.04 52.28 26.44
CA ARG B 454 -23.22 53.11 25.27
C ARG B 454 -24.64 52.96 24.74
N LEU B 455 -25.39 54.05 24.75
CA LEU B 455 -26.76 54.05 24.27
C LEU B 455 -26.85 54.56 22.84
N PHE B 456 -25.93 55.43 22.43
CA PHE B 456 -25.90 55.99 21.09
C PHE B 456 -24.54 55.73 20.46
N ARG B 457 -24.54 55.53 19.16
CA ARG B 457 -23.32 55.29 18.39
C ARG B 457 -23.69 55.54 16.93
N LYS B 458 -22.82 55.17 16.00
CA LYS B 458 -23.15 55.41 14.60
C LYS B 458 -23.64 54.15 13.88
N SER B 459 -22.91 53.05 13.99
CA SER B 459 -23.29 51.81 13.33
C SER B 459 -22.93 50.64 14.25
N ASN B 460 -23.09 49.43 13.72
CA ASN B 460 -22.74 48.23 14.47
C ASN B 460 -21.24 48.06 14.52
N LEU B 461 -20.81 47.17 15.40
CA LEU B 461 -19.40 46.88 15.59
C LEU B 461 -19.13 45.45 15.14
N LYS B 462 -17.89 45.20 14.76
CA LYS B 462 -17.48 43.87 14.33
C LYS B 462 -17.26 43.03 15.58
N PRO B 463 -17.23 41.71 15.44
CA PRO B 463 -17.09 40.85 16.62
C PRO B 463 -15.85 41.17 17.44
N PHE B 464 -16.06 41.18 18.76
CA PHE B 464 -15.05 41.39 19.80
C PHE B 464 -14.29 42.72 19.65
N GLU B 465 -15.02 43.78 19.32
CA GLU B 465 -14.46 45.13 19.24
C GLU B 465 -15.00 45.93 20.40
N ARG B 466 -14.14 46.30 21.32
CA ARG B 466 -14.55 47.02 22.52
C ARG B 466 -14.02 48.44 22.42
N ASP B 467 -14.88 49.41 22.74
CA ASP B 467 -14.51 50.81 22.70
C ASP B 467 -14.93 51.49 23.98
N ILE B 468 -14.12 52.48 24.37
CA ILE B 468 -14.29 53.17 25.64
C ILE B 468 -14.64 54.64 25.47
N SER B 469 -14.40 55.22 24.30
CA SER B 469 -14.62 56.65 24.06
C SER B 469 -15.95 57.12 24.63
N THR B 470 -15.89 58.28 25.30
CA THR B 470 -17.01 58.90 25.98
C THR B 470 -17.19 60.31 25.47
N GLU B 471 -16.96 60.49 24.17
CA GLU B 471 -17.14 61.79 23.52
C GLU B 471 -18.62 62.17 23.53
N ILE B 472 -18.89 63.45 23.31
CA ILE B 472 -20.26 63.95 23.26
C ILE B 472 -20.91 63.70 21.89
N TYR B 473 -22.09 63.08 21.90
CA TYR B 473 -22.73 62.69 20.65
C TYR B 473 -23.03 63.93 19.82
N GLN B 474 -23.17 63.72 18.50
CA GLN B 474 -23.39 64.83 17.60
C GLN B 474 -24.78 65.45 17.84
N ALA B 475 -25.05 66.52 17.09
CA ALA B 475 -26.36 67.15 17.02
C ALA B 475 -26.66 67.54 15.58
N GLY B 476 -26.37 66.64 14.65
CA GLY B 476 -26.69 66.87 13.26
C GLY B 476 -25.73 67.89 12.67
N ASN B 477 -25.86 69.13 13.09
CA ASN B 477 -24.84 70.14 12.82
C ASN B 477 -23.71 69.96 13.83
N LYS B 478 -22.75 70.87 13.82
CA LYS B 478 -21.68 70.91 14.81
C LYS B 478 -22.26 70.91 16.23
N PRO B 479 -21.96 69.89 17.05
CA PRO B 479 -22.76 69.66 18.25
C PRO B 479 -22.47 70.63 19.37
N CYS B 480 -23.09 70.35 20.51
CA CYS B 480 -22.88 71.13 21.73
C CYS B 480 -21.76 70.54 22.58
N ASN B 481 -20.54 70.48 22.04
CA ASN B 481 -19.46 69.89 22.83
C ASN B 481 -19.44 70.45 24.26
N GLY B 482 -19.79 69.60 25.22
CA GLY B 482 -19.78 70.00 26.61
C GLY B 482 -20.86 70.99 26.99
N VAL B 483 -21.96 71.06 26.23
CA VAL B 483 -23.10 71.93 26.50
C VAL B 483 -24.38 71.25 26.01
N ALA B 484 -25.50 71.95 26.13
CA ALA B 484 -26.85 71.52 25.76
C ALA B 484 -27.35 72.23 24.50
N GLY B 485 -28.47 71.72 23.98
CA GLY B 485 -29.09 72.25 22.78
C GLY B 485 -30.15 71.38 22.12
N VAL B 486 -30.23 71.35 20.79
CA VAL B 486 -31.34 70.69 20.10
C VAL B 486 -31.48 69.19 20.36
N ASN B 487 -30.53 68.38 19.89
CA ASN B 487 -30.53 66.94 20.16
C ASN B 487 -29.08 66.65 20.54
N CYS B 488 -28.73 67.06 21.75
CA CYS B 488 -27.40 66.86 22.29
C CYS B 488 -27.47 65.84 23.42
N TYR B 489 -27.37 64.55 23.06
CA TYR B 489 -27.56 63.47 24.01
C TYR B 489 -26.26 62.73 24.21
N PHE B 490 -25.71 62.77 25.42
CA PHE B 490 -24.50 62.03 25.75
C PHE B 490 -24.66 60.58 25.29
N PRO B 491 -23.57 59.90 24.89
CA PRO B 491 -23.72 58.56 24.30
C PRO B 491 -23.83 57.49 25.38
N LEU B 492 -23.22 57.75 26.53
CA LEU B 492 -23.17 56.80 27.62
C LEU B 492 -24.37 57.04 28.52
N GLN B 493 -24.86 55.96 29.12
CA GLN B 493 -26.01 56.06 30.02
C GLN B 493 -25.82 55.10 31.18
N SER B 494 -26.06 55.59 32.39
CA SER B 494 -25.85 54.77 33.58
C SER B 494 -27.04 53.83 33.76
N TYR B 495 -26.77 52.69 34.36
CA TYR B 495 -27.83 51.73 34.63
C TYR B 495 -28.70 52.18 35.80
N GLY B 496 -28.07 52.54 36.91
CA GLY B 496 -28.79 53.01 38.07
C GLY B 496 -29.64 51.94 38.68
N PHE B 497 -29.00 50.91 39.24
CA PHE B 497 -29.74 49.83 39.85
C PHE B 497 -30.20 50.22 41.26
N ARG B 498 -31.41 49.80 41.61
CA ARG B 498 -31.94 50.00 42.95
C ARG B 498 -32.72 48.77 43.38
N PRO B 499 -32.92 48.57 44.68
CA PRO B 499 -33.55 47.35 45.16
C PRO B 499 -35.07 47.33 45.09
N THR B 500 -35.71 48.25 44.36
CA THR B 500 -37.14 48.19 44.15
C THR B 500 -37.52 47.85 42.72
N TYR B 501 -36.55 47.72 41.83
CA TYR B 501 -36.82 47.39 40.45
C TYR B 501 -37.33 45.96 40.31
N GLY B 502 -38.20 45.75 39.34
CA GLY B 502 -38.67 44.42 39.04
C GLY B 502 -37.53 43.56 38.52
N VAL B 503 -37.80 42.25 38.46
CA VAL B 503 -36.76 41.30 38.06
C VAL B 503 -36.24 41.60 36.66
N GLY B 504 -37.02 42.31 35.84
CA GLY B 504 -36.54 42.68 34.53
C GLY B 504 -35.50 43.77 34.57
N HIS B 505 -35.46 44.53 35.67
CA HIS B 505 -34.55 45.66 35.80
C HIS B 505 -33.45 45.39 36.82
N GLN B 506 -33.24 44.15 37.16
CA GLN B 506 -32.24 43.77 38.13
C GLN B 506 -30.89 43.46 37.49
N PRO B 507 -29.81 43.64 38.23
CA PRO B 507 -28.48 43.34 37.68
C PRO B 507 -28.26 41.85 37.54
N TYR B 508 -27.53 41.47 36.49
CA TYR B 508 -27.21 40.09 36.18
C TYR B 508 -25.74 39.98 35.82
N ARG B 509 -25.00 39.12 36.50
CA ARG B 509 -23.60 38.89 36.12
C ARG B 509 -23.54 37.79 35.06
N VAL B 510 -22.60 37.93 34.13
CA VAL B 510 -22.57 37.04 32.98
C VAL B 510 -21.13 36.89 32.50
N VAL B 511 -20.76 35.65 32.19
CA VAL B 511 -19.43 35.32 31.66
C VAL B 511 -19.61 34.51 30.40
N VAL B 512 -18.85 34.85 29.37
CA VAL B 512 -18.92 34.19 28.08
C VAL B 512 -17.57 33.57 27.77
N LEU B 513 -17.57 32.28 27.48
CA LEU B 513 -16.35 31.57 27.16
C LEU B 513 -16.32 31.30 25.66
N SER B 514 -15.22 31.70 25.04
CA SER B 514 -14.97 31.53 23.63
C SER B 514 -13.83 30.54 23.47
N PHE B 515 -14.11 29.44 22.78
CA PHE B 515 -13.14 28.38 22.58
C PHE B 515 -12.55 28.45 21.18
N GLU B 516 -11.57 27.60 20.95
CA GLU B 516 -11.07 27.29 19.62
C GLU B 516 -10.78 25.80 19.60
N LEU B 517 -11.17 25.14 18.51
CA LEU B 517 -11.10 23.69 18.43
C LEU B 517 -10.37 23.20 17.21
N LEU B 518 -10.14 24.07 16.24
CA LEU B 518 -9.52 23.76 14.96
C LEU B 518 -8.00 23.78 15.14
N HIS B 519 -7.33 22.68 14.81
CA HIS B 519 -5.87 22.59 14.93
C HIS B 519 -5.36 22.97 16.33
N ALA B 520 -5.81 22.18 17.31
CA ALA B 520 -5.35 22.81 18.52
C ALA B 520 -4.11 22.15 19.08
N PRO B 521 -3.14 22.95 19.54
CA PRO B 521 -1.97 22.38 20.22
C PRO B 521 -2.39 22.18 21.65
N ALA B 522 -2.98 21.00 21.93
CA ALA B 522 -3.66 20.78 23.20
C ALA B 522 -2.90 21.31 24.41
N THR B 523 -3.47 22.34 25.04
CA THR B 523 -2.76 23.05 26.09
C THR B 523 -3.65 23.21 27.31
N VAL B 524 -4.96 23.22 27.08
CA VAL B 524 -5.95 23.37 28.13
C VAL B 524 -7.15 22.43 28.05
N CYS B 525 -7.11 21.31 28.78
CA CYS B 525 -8.23 20.37 28.75
C CYS B 525 -8.10 19.29 29.81
N GLY B 526 -9.23 18.61 30.03
CA GLY B 526 -9.46 17.52 30.95
C GLY B 526 -8.36 16.93 31.81
N PRO B 527 -8.68 16.81 33.10
CA PRO B 527 -7.98 15.89 34.00
C PRO B 527 -8.29 14.43 33.74
N LYS B 528 -7.49 13.75 32.94
CA LYS B 528 -7.71 12.32 32.71
C LYS B 528 -7.47 11.54 33.99
N LYS B 529 -8.55 11.05 34.60
CA LYS B 529 -8.50 10.32 35.86
C LYS B 529 -7.79 8.98 35.71
N SER B 530 -7.33 8.42 36.84
CA SER B 530 -6.62 7.15 36.81
C SER B 530 -7.28 6.12 37.72
N THR B 531 -6.76 4.89 37.71
CA THR B 531 -7.27 3.78 38.51
C THR B 531 -6.17 3.13 39.32
N ASN B 532 -6.54 2.62 40.48
CA ASN B 532 -5.61 1.91 41.37
C ASN B 532 -4.91 0.74 40.70
N LEU B 533 -3.64 0.54 41.05
CA LEU B 533 -2.80 -0.47 40.44
C LEU B 533 -3.09 -1.87 40.95
N VAL B 534 -2.99 -2.84 40.05
CA VAL B 534 -3.14 -4.27 40.32
C VAL B 534 -1.86 -4.99 39.94
N LYS B 535 -1.39 -5.90 40.78
CA LYS B 535 -0.15 -6.62 40.49
C LYS B 535 -0.32 -8.13 40.50
N ASN B 536 0.60 -8.79 39.78
CA ASN B 536 0.75 -10.24 39.67
C ASN B 536 -0.38 -10.97 38.95
N LYS B 537 -1.19 -10.29 38.15
CA LYS B 537 -2.22 -10.97 37.38
C LYS B 537 -2.19 -10.38 35.99
N CYS B 538 -2.37 -11.22 34.95
CA CYS B 538 -2.37 -10.64 33.61
C CYS B 538 -3.54 -9.70 33.43
N VAL B 539 -3.19 -8.43 33.24
CA VAL B 539 -4.11 -7.30 33.26
C VAL B 539 -3.79 -6.37 32.10
N ASN B 540 -4.84 -5.75 31.57
CA ASN B 540 -4.67 -4.73 30.55
C ASN B 540 -4.34 -3.39 31.17
N PHE B 541 -3.24 -2.78 30.76
CA PHE B 541 -2.75 -1.55 31.35
C PHE B 541 -2.66 -0.43 30.32
N ASN B 542 -2.78 0.80 30.82
CA ASN B 542 -2.60 2.05 30.08
C ASN B 542 -1.81 3.02 30.94
N PHE B 543 -0.48 2.98 30.82
CA PHE B 543 0.39 3.82 31.65
C PHE B 543 0.72 5.09 30.90
N ASN B 544 0.04 6.18 31.22
CA ASN B 544 0.33 7.48 30.65
C ASN B 544 0.37 7.46 29.13
N GLY B 545 -0.42 6.60 28.50
CA GLY B 545 -0.46 6.51 27.06
C GLY B 545 0.08 5.21 26.52
N LEU B 546 0.97 4.54 27.26
CA LEU B 546 1.52 3.27 26.84
C LEU B 546 0.49 2.18 27.11
N THR B 547 -0.02 1.55 26.06
CA THR B 547 -1.06 0.54 26.22
C THR B 547 -0.53 -0.87 25.98
N GLY B 548 -0.93 -1.81 26.83
CA GLY B 548 -0.49 -3.18 26.63
C GLY B 548 -1.20 -4.13 27.56
N THR B 549 -0.77 -5.39 27.53
CA THR B 549 -1.34 -6.45 28.35
C THR B 549 -0.21 -7.26 28.98
N GLY B 550 -0.41 -7.76 30.18
CA GLY B 550 0.64 -8.56 30.77
C GLY B 550 0.55 -8.57 32.27
N VAL B 551 1.46 -9.32 32.87
CA VAL B 551 1.57 -9.42 34.31
C VAL B 551 2.65 -8.43 34.74
N LEU B 552 2.36 -7.68 35.79
CA LEU B 552 3.27 -6.68 36.34
C LEU B 552 3.97 -7.24 37.56
N THR B 553 5.28 -7.06 37.64
CA THR B 553 6.01 -7.63 38.76
C THR B 553 7.01 -6.61 39.30
N GLU B 554 7.31 -6.67 40.59
CA GLU B 554 8.31 -5.74 41.12
C GLU B 554 9.66 -5.96 40.45
N SER B 555 10.22 -4.88 39.95
CA SER B 555 11.46 -4.77 39.19
C SER B 555 12.71 -4.74 40.04
N ASN B 556 13.82 -5.10 39.41
CA ASN B 556 15.14 -5.05 40.03
C ASN B 556 16.15 -4.24 39.22
N LYS B 557 15.72 -3.51 38.18
CA LYS B 557 16.62 -2.72 37.36
C LYS B 557 16.54 -1.23 37.67
N LYS B 558 17.70 -0.57 37.62
CA LYS B 558 17.86 0.84 38.01
C LYS B 558 17.59 1.74 36.80
N PHE B 559 16.37 2.26 36.67
CA PHE B 559 16.10 3.26 35.66
C PHE B 559 16.73 4.59 36.03
N LEU B 560 17.36 5.26 35.07
CA LEU B 560 17.87 6.60 35.38
C LEU B 560 16.69 7.57 35.47
N PRO B 561 16.82 8.63 36.26
CA PRO B 561 15.67 9.48 36.58
C PRO B 561 14.94 10.16 35.44
N PHE B 562 15.49 10.29 34.26
CA PHE B 562 14.77 10.96 33.18
C PHE B 562 14.05 9.99 32.26
N GLN B 563 14.12 8.69 32.55
CA GLN B 563 13.55 7.62 31.74
C GLN B 563 12.19 7.17 32.26
N GLN B 564 11.33 6.79 31.31
CA GLN B 564 9.96 6.36 31.50
C GLN B 564 9.61 4.98 30.96
N PHE B 565 10.45 4.39 30.11
CA PHE B 565 10.17 3.11 29.47
C PHE B 565 11.40 2.24 29.56
N GLY B 566 11.23 0.94 29.39
CA GLY B 566 12.36 0.05 29.34
C GLY B 566 12.18 -0.90 28.17
N ARG B 567 13.29 -1.24 27.53
CA ARG B 567 13.21 -2.05 26.33
C ARG B 567 14.27 -3.13 26.35
N ASP B 568 13.90 -4.32 25.90
CA ASP B 568 14.90 -5.34 25.67
C ASP B 568 15.35 -5.29 24.21
N ILE B 569 16.10 -6.30 23.80
CA ILE B 569 16.53 -6.38 22.41
C ILE B 569 15.27 -6.53 21.56
N ALA B 570 15.31 -5.98 20.35
CA ALA B 570 14.22 -6.11 19.41
C ALA B 570 12.95 -5.37 19.84
N ASP B 571 13.13 -4.20 20.43
CA ASP B 571 12.03 -3.29 20.77
C ASP B 571 10.93 -3.89 21.64
N THR B 572 11.17 -4.96 22.39
CA THR B 572 10.13 -5.49 23.25
C THR B 572 10.04 -4.65 24.52
N THR B 573 8.89 -4.01 24.76
CA THR B 573 8.76 -3.17 25.97
C THR B 573 8.85 -4.07 27.19
N ASP B 574 9.95 -3.99 27.92
CA ASP B 574 10.13 -4.85 29.07
C ASP B 574 9.73 -4.27 30.43
N ALA B 575 9.73 -2.96 30.63
CA ALA B 575 9.44 -2.42 31.96
C ALA B 575 8.84 -1.04 31.83
N VAL B 576 8.25 -0.56 32.93
CA VAL B 576 7.63 0.76 32.97
C VAL B 576 7.65 1.27 34.39
N ARG B 577 7.77 2.57 34.53
CA ARG B 577 7.73 3.18 35.86
C ARG B 577 6.37 3.81 36.08
N ASP B 578 5.85 3.62 37.28
CA ASP B 578 4.51 4.10 37.60
C ASP B 578 4.49 5.62 37.59
N PRO B 579 3.52 6.26 36.94
CA PRO B 579 3.42 7.71 37.00
C PRO B 579 2.93 8.24 38.34
N GLN B 580 2.58 7.39 39.29
CA GLN B 580 2.10 7.83 40.59
C GLN B 580 3.14 7.65 41.68
N THR B 581 3.66 6.42 41.84
CA THR B 581 4.62 6.10 42.87
C THR B 581 6.04 5.96 42.36
N LEU B 582 6.25 6.10 41.05
CA LEU B 582 7.59 6.10 40.45
C LEU B 582 8.31 4.77 40.61
N GLU B 583 7.59 3.72 40.93
CA GLU B 583 8.16 2.38 41.02
C GLU B 583 8.34 1.72 39.66
N ILE B 584 9.44 0.98 39.52
CA ILE B 584 9.74 0.24 38.29
C ILE B 584 8.94 -1.05 38.33
N LEU B 585 8.30 -1.40 37.22
CA LEU B 585 7.46 -2.58 37.09
C LEU B 585 7.91 -3.35 35.87
N ASP B 586 7.97 -4.66 35.98
CA ASP B 586 8.31 -5.53 34.87
C ASP B 586 7.05 -6.01 34.18
N ILE B 587 7.08 -6.12 32.86
CA ILE B 587 5.94 -6.59 32.08
C ILE B 587 6.26 -7.93 31.43
N THR B 588 5.42 -8.93 31.68
CA THR B 588 5.57 -10.23 31.03
C THR B 588 4.24 -10.63 30.42
N PRO B 589 4.19 -11.05 29.15
CA PRO B 589 2.90 -11.42 28.56
C PRO B 589 2.35 -12.67 29.23
N CYS B 590 1.05 -12.65 29.56
CA CYS B 590 0.49 -13.81 30.21
C CYS B 590 0.61 -15.06 29.32
N SER B 591 0.60 -16.20 29.99
CA SER B 591 0.87 -17.50 29.39
C SER B 591 -0.01 -17.82 28.20
N PHE B 592 0.61 -18.38 27.17
CA PHE B 592 -0.08 -18.78 25.96
C PHE B 592 0.69 -19.91 25.33
N GLY B 593 0.05 -20.62 24.41
CA GLY B 593 0.74 -21.72 23.78
C GLY B 593 -0.17 -22.54 22.90
N GLY B 594 0.44 -23.51 22.23
CA GLY B 594 -0.28 -24.42 21.37
C GLY B 594 -0.77 -25.64 22.11
N VAL B 595 -1.84 -26.24 21.60
CA VAL B 595 -2.41 -27.42 22.24
C VAL B 595 -2.46 -28.52 21.21
N SER B 596 -2.06 -29.72 21.59
CA SER B 596 -2.03 -30.85 20.69
C SER B 596 -2.87 -32.00 21.20
N VAL B 597 -3.39 -32.79 20.27
CA VAL B 597 -4.25 -33.92 20.58
C VAL B 597 -3.50 -35.20 20.23
N ILE B 598 -3.45 -36.13 21.16
CA ILE B 598 -2.86 -37.44 20.95
C ILE B 598 -4.01 -38.40 20.74
N THR B 599 -4.02 -39.11 19.63
CA THR B 599 -5.12 -40.00 19.34
C THR B 599 -4.61 -41.35 18.85
N PRO B 600 -5.13 -42.46 19.36
CA PRO B 600 -4.74 -43.77 18.87
C PRO B 600 -5.44 -44.25 17.61
N GLY B 601 -6.20 -43.40 16.95
CA GLY B 601 -6.90 -43.79 15.74
C GLY B 601 -8.38 -43.85 16.02
N THR B 602 -9.17 -43.28 15.12
CA THR B 602 -10.60 -43.33 15.31
C THR B 602 -11.08 -44.76 15.33
N ASN B 603 -10.46 -45.61 14.53
CA ASN B 603 -10.89 -46.97 14.38
C ASN B 603 -10.41 -47.90 15.49
N THR B 604 -9.48 -47.48 16.31
CA THR B 604 -9.14 -48.26 17.49
C THR B 604 -10.03 -47.94 18.68
N SER B 605 -10.17 -46.67 19.03
CA SER B 605 -10.99 -46.25 20.16
C SER B 605 -11.08 -44.74 20.16
N ASN B 606 -12.10 -44.23 20.84
CA ASN B 606 -12.30 -42.80 20.94
C ASN B 606 -11.52 -42.10 22.04
N GLN B 607 -10.82 -42.81 22.91
CA GLN B 607 -10.04 -42.13 23.93
C GLN B 607 -9.00 -41.19 23.31
N VAL B 608 -8.64 -40.14 24.05
CA VAL B 608 -7.74 -39.12 23.53
C VAL B 608 -6.99 -38.51 24.71
N ALA B 609 -5.73 -38.12 24.48
CA ALA B 609 -4.93 -37.41 25.48
C ALA B 609 -4.51 -36.05 24.97
N VAL B 610 -4.39 -35.06 25.83
CA VAL B 610 -4.15 -33.68 25.41
C VAL B 610 -2.81 -33.19 25.93
N LEU B 611 -2.04 -32.53 25.06
CA LEU B 611 -0.73 -31.98 25.39
C LEU B 611 -0.73 -30.47 25.26
N TYR B 612 -0.60 -29.75 26.35
CA TYR B 612 -0.42 -28.31 26.33
C TYR B 612 1.06 -28.04 26.18
N GLN B 613 1.47 -27.46 25.04
CA GLN B 613 2.89 -27.44 24.69
C GLN B 613 3.68 -26.45 25.52
N GLY B 614 3.41 -25.18 25.38
CA GLY B 614 4.18 -24.17 26.06
C GLY B 614 3.58 -23.74 27.38
N VAL B 615 3.37 -24.62 28.35
CA VAL B 615 2.77 -24.18 29.60
C VAL B 615 3.11 -25.17 30.69
N ASN B 616 3.04 -24.72 31.92
CA ASN B 616 3.12 -25.61 33.06
C ASN B 616 1.75 -25.72 33.68
N CYS B 617 1.37 -26.94 34.08
CA CYS B 617 0.05 -27.23 34.62
C CYS B 617 -0.35 -26.37 35.82
N THR B 618 0.59 -25.68 36.44
CA THR B 618 0.17 -24.86 37.56
C THR B 618 -0.71 -23.73 37.08
N GLU B 619 -0.71 -23.46 35.77
CA GLU B 619 -1.56 -22.40 35.23
C GLU B 619 -2.25 -22.87 33.97
N VAL B 620 -2.60 -24.15 33.91
CA VAL B 620 -3.28 -24.71 32.75
C VAL B 620 -4.67 -24.14 32.49
N ASN B 641 -5.47 -38.13 34.33
CA ASN B 641 -4.27 -37.90 35.09
C ASN B 641 -3.48 -36.73 34.52
N VAL B 642 -2.53 -36.19 35.29
CA VAL B 642 -1.73 -35.05 34.87
C VAL B 642 -0.26 -35.38 35.02
N PHE B 643 0.55 -34.94 34.07
CA PHE B 643 1.98 -35.19 34.09
C PHE B 643 2.74 -34.00 33.49
N GLN B 644 3.91 -33.71 34.03
CA GLN B 644 4.74 -32.61 33.57
C GLN B 644 5.89 -33.18 32.77
N THR B 645 6.22 -32.58 31.62
CA THR B 645 7.32 -33.03 30.81
C THR B 645 8.09 -31.84 30.31
N ARG B 646 9.31 -32.09 29.83
CA ARG B 646 10.08 -31.00 29.26
C ARG B 646 9.40 -30.43 28.02
N ALA B 647 8.50 -31.17 27.40
CA ALA B 647 7.78 -30.66 26.26
C ALA B 647 6.52 -29.91 26.61
N GLY B 648 6.03 -29.98 27.84
CA GLY B 648 4.83 -29.29 28.24
C GLY B 648 4.04 -30.13 29.21
N CYS B 649 2.82 -29.72 29.52
CA CYS B 649 2.01 -30.51 30.43
C CYS B 649 1.09 -31.45 29.68
N LEU B 650 1.15 -32.75 30.01
CA LEU B 650 0.39 -33.79 29.35
C LEU B 650 -0.72 -34.29 30.26
N ILE B 651 -1.96 -34.25 29.79
CA ILE B 651 -3.10 -34.68 30.59
C ILE B 651 -3.88 -35.76 29.89
N GLY B 652 -4.30 -36.76 30.65
CA GLY B 652 -5.07 -37.86 30.11
C GLY B 652 -4.31 -39.13 29.84
N ALA B 653 -3.02 -39.19 30.14
CA ALA B 653 -2.23 -40.38 29.93
C ALA B 653 -1.35 -40.58 31.15
N GLU B 654 -1.17 -41.81 31.57
CA GLU B 654 -0.40 -42.11 32.77
C GLU B 654 1.01 -42.54 32.49
N TYR B 655 1.94 -42.04 33.29
CA TYR B 655 3.35 -42.36 33.12
C TYR B 655 3.65 -43.70 33.78
N VAL B 656 4.23 -44.62 33.02
CA VAL B 656 4.62 -45.94 33.45
C VAL B 656 6.13 -46.10 33.38
N ASN B 657 6.71 -46.89 34.29
CA ASN B 657 8.17 -47.02 34.31
C ASN B 657 8.75 -47.91 33.23
N SER B 658 7.97 -48.73 32.53
CA SER B 658 8.54 -49.57 31.50
C SER B 658 8.85 -48.76 30.25
N SER B 659 9.94 -49.09 29.58
CA SER B 659 10.36 -48.43 28.37
C SER B 659 10.13 -49.33 27.17
N TYR B 660 9.60 -48.76 26.08
CA TYR B 660 9.30 -49.55 24.89
C TYR B 660 9.80 -48.80 23.67
N GLU B 661 9.82 -49.49 22.55
CA GLU B 661 10.08 -48.83 21.28
C GLU B 661 8.91 -47.93 20.99
N CYS B 662 9.15 -46.63 20.95
CA CYS B 662 8.03 -45.71 20.97
C CYS B 662 7.48 -45.42 19.58
N ASP B 663 6.17 -45.19 19.53
CA ASP B 663 5.45 -44.97 18.29
C ASP B 663 4.72 -43.63 18.17
N ILE B 664 4.25 -43.03 19.25
CA ILE B 664 3.67 -41.69 19.11
C ILE B 664 4.69 -40.80 19.80
N PRO B 665 5.51 -40.08 19.05
CA PRO B 665 6.56 -39.27 19.66
C PRO B 665 6.01 -37.98 20.25
N ILE B 666 6.23 -37.77 21.53
CA ILE B 666 5.81 -36.51 22.14
C ILE B 666 6.97 -35.52 22.19
N GLY B 667 8.13 -35.93 22.62
CA GLY B 667 9.26 -35.03 22.63
C GLY B 667 10.08 -35.17 23.89
N ALA B 668 11.34 -34.80 23.80
CA ALA B 668 12.24 -34.84 24.93
C ALA B 668 12.31 -36.25 25.49
N GLY B 669 12.36 -37.22 24.61
CA GLY B 669 12.46 -38.60 24.99
C GLY B 669 11.18 -39.26 25.47
N ILE B 670 10.05 -38.56 25.47
CA ILE B 670 8.80 -39.16 25.92
C ILE B 670 7.96 -39.52 24.72
N CYS B 671 7.27 -40.65 24.81
CA CYS B 671 6.37 -41.09 23.76
C CYS B 671 5.09 -41.58 24.41
N ALA B 672 4.14 -42.05 23.62
CA ALA B 672 2.89 -42.56 24.16
C ALA B 672 2.34 -43.64 23.25
N SER B 673 1.51 -44.52 23.83
CA SER B 673 0.91 -45.59 23.04
C SER B 673 -0.31 -46.14 23.75
N TYR B 674 -1.11 -46.91 23.01
CA TYR B 674 -2.29 -47.53 23.58
C TYR B 674 -1.88 -48.80 24.33
N GLN B 675 -2.15 -48.82 25.64
CA GLN B 675 -1.75 -49.96 26.47
C GLN B 675 -2.42 -51.24 26.06
N THR B 676 -3.75 -51.29 26.17
CA THR B 676 -4.58 -52.46 25.85
C THR B 676 -4.19 -53.66 26.72
N GLN B 690 -6.68 -50.50 27.07
CA GLN B 690 -7.81 -49.78 27.62
C GLN B 690 -7.42 -48.38 28.12
N SER B 691 -6.18 -47.98 27.89
CA SER B 691 -5.71 -46.68 28.34
C SER B 691 -4.52 -46.27 27.48
N ILE B 692 -4.24 -44.98 27.48
CA ILE B 692 -3.08 -44.42 26.78
C ILE B 692 -1.98 -44.16 27.79
N ILE B 693 -0.81 -44.76 27.58
CA ILE B 693 0.31 -44.68 28.51
C ILE B 693 1.45 -43.87 27.89
N ALA B 694 2.06 -43.01 28.69
CA ALA B 694 3.25 -42.28 28.28
C ALA B 694 4.48 -42.92 28.93
N TYR B 695 5.59 -43.00 28.21
CA TYR B 695 6.77 -43.71 28.70
C TYR B 695 8.01 -43.17 28.02
N THR B 696 9.17 -43.42 28.62
CA THR B 696 10.44 -43.03 28.02
C THR B 696 10.94 -44.06 27.02
N MET B 697 11.58 -43.60 25.96
CA MET B 697 12.05 -44.48 24.90
C MET B 697 13.11 -45.45 25.36
N SER B 698 13.13 -46.62 24.73
CA SER B 698 14.14 -47.64 24.90
C SER B 698 15.01 -47.72 23.66
N LEU B 699 16.31 -47.62 23.85
CA LEU B 699 17.28 -47.63 22.76
C LEU B 699 17.75 -49.04 22.36
N GLY B 700 16.99 -50.08 22.63
CA GLY B 700 17.37 -51.43 22.27
C GLY B 700 17.88 -52.24 23.43
N ALA B 701 18.11 -53.52 23.16
CA ALA B 701 18.59 -54.44 24.16
C ALA B 701 20.06 -54.28 24.42
N GLU B 702 20.49 -54.65 25.62
CA GLU B 702 21.90 -54.55 25.98
C GLU B 702 22.62 -55.86 25.73
N ASN B 703 23.68 -55.78 24.95
CA ASN B 703 24.49 -56.91 24.55
C ASN B 703 25.91 -56.65 24.99
N SER B 704 26.37 -57.30 26.05
CA SER B 704 27.73 -57.12 26.53
C SER B 704 28.65 -58.15 25.87
N VAL B 705 29.09 -57.85 24.65
CA VAL B 705 29.98 -58.75 23.93
C VAL B 705 31.24 -59.03 24.72
N ALA B 706 31.62 -60.30 24.81
CA ALA B 706 32.78 -60.77 25.58
C ALA B 706 34.10 -60.52 24.88
N TYR B 707 34.77 -59.42 25.18
CA TYR B 707 36.08 -59.21 24.59
C TYR B 707 37.10 -60.02 25.36
N SER B 708 38.16 -60.43 24.68
CA SER B 708 39.23 -61.18 25.31
C SER B 708 40.42 -61.11 24.41
N ASN B 709 41.61 -61.18 24.99
CA ASN B 709 42.78 -61.06 24.15
C ASN B 709 43.11 -62.29 23.34
N ASN B 710 42.44 -63.41 23.49
CA ASN B 710 42.83 -64.57 22.69
C ASN B 710 41.64 -65.37 22.16
N SER B 711 40.44 -64.81 22.16
CA SER B 711 39.22 -65.48 21.72
C SER B 711 38.68 -64.93 20.41
N ILE B 712 38.13 -65.81 19.57
CA ILE B 712 37.55 -65.45 18.27
C ILE B 712 36.22 -66.18 18.13
N ALA B 713 35.22 -65.51 17.61
CA ALA B 713 33.94 -66.12 17.29
C ALA B 713 33.77 -66.23 15.79
N ILE B 714 33.54 -67.44 15.30
CA ILE B 714 33.43 -67.68 13.86
C ILE B 714 32.09 -68.30 13.51
N PRO B 715 31.44 -67.90 12.42
CA PRO B 715 30.16 -68.49 12.07
C PRO B 715 30.30 -69.86 11.46
N THR B 716 29.40 -70.76 11.84
CA THR B 716 29.35 -72.09 11.27
C THR B 716 28.24 -72.30 10.25
N ASN B 717 27.35 -71.36 10.05
CA ASN B 717 26.29 -71.56 9.08
C ASN B 717 25.94 -70.20 8.51
N PHE B 718 25.03 -70.18 7.56
CA PHE B 718 24.71 -68.89 6.97
C PHE B 718 23.22 -68.85 6.67
N THR B 719 22.76 -67.68 6.27
CA THR B 719 21.37 -67.50 5.90
C THR B 719 21.29 -66.30 4.98
N ILE B 720 20.66 -66.46 3.86
CA ILE B 720 20.56 -65.38 2.91
C ILE B 720 19.18 -64.77 2.98
N SER B 721 19.10 -63.46 3.07
CA SER B 721 17.83 -62.78 3.22
C SER B 721 17.59 -61.83 2.06
N VAL B 722 16.35 -61.35 1.95
CA VAL B 722 15.94 -60.43 0.90
C VAL B 722 15.29 -59.22 1.54
N THR B 723 15.77 -58.03 1.19
CA THR B 723 15.27 -56.77 1.71
C THR B 723 14.71 -55.89 0.62
N THR B 724 13.57 -55.28 0.86
CA THR B 724 12.90 -54.41 -0.10
C THR B 724 13.15 -52.94 0.22
N GLU B 725 13.67 -52.18 -0.75
CA GLU B 725 13.90 -50.75 -0.59
C GLU B 725 13.13 -49.95 -1.62
N ILE B 726 12.40 -48.93 -1.21
CA ILE B 726 11.54 -48.13 -2.09
C ILE B 726 12.11 -46.73 -2.27
N LEU B 727 12.00 -46.19 -3.49
CA LEU B 727 12.52 -44.86 -3.75
C LEU B 727 11.65 -44.14 -4.76
N PRO B 728 11.18 -42.93 -4.47
CA PRO B 728 10.42 -42.17 -5.46
C PRO B 728 11.29 -41.57 -6.54
N VAL B 729 10.76 -41.54 -7.76
CA VAL B 729 11.50 -41.10 -8.93
C VAL B 729 10.92 -39.88 -9.62
N SER B 730 9.63 -39.66 -9.54
CA SER B 730 9.10 -38.53 -10.30
C SER B 730 7.78 -38.09 -9.72
N MET B 731 7.26 -36.96 -10.20
CA MET B 731 5.99 -36.42 -9.76
C MET B 731 5.16 -36.02 -10.97
N THR B 732 3.93 -35.60 -10.70
CA THR B 732 3.02 -35.26 -11.79
C THR B 732 3.47 -34.02 -12.52
N LYS B 733 3.50 -34.07 -13.84
CA LYS B 733 3.82 -32.88 -14.60
C LYS B 733 2.57 -32.02 -14.68
N THR B 734 2.70 -30.75 -14.33
CA THR B 734 1.57 -29.84 -14.27
C THR B 734 1.75 -28.64 -15.16
N SER B 735 0.69 -28.21 -15.82
CA SER B 735 0.71 -26.96 -16.56
C SER B 735 -0.44 -26.10 -16.06
N VAL B 736 -0.21 -24.79 -16.00
CA VAL B 736 -1.19 -23.87 -15.45
C VAL B 736 -1.41 -22.77 -16.46
N ASP B 737 -2.66 -22.36 -16.64
CA ASP B 737 -3.01 -21.23 -17.49
C ASP B 737 -3.20 -19.97 -16.67
N CYS B 738 -2.32 -18.99 -16.84
CA CYS B 738 -2.40 -17.83 -15.96
C CYS B 738 -3.72 -17.13 -16.09
N THR B 739 -4.01 -16.61 -17.28
CA THR B 739 -5.18 -15.79 -17.47
C THR B 739 -6.47 -16.47 -17.09
N MET B 740 -6.66 -17.74 -17.40
CA MET B 740 -7.92 -18.33 -16.95
C MET B 740 -7.98 -18.29 -15.43
N TYR B 741 -6.95 -18.79 -14.77
CA TYR B 741 -6.98 -18.75 -13.32
C TYR B 741 -7.11 -17.35 -12.77
N ILE B 742 -6.49 -16.36 -13.40
CA ILE B 742 -6.53 -15.01 -12.84
C ILE B 742 -7.92 -14.44 -13.00
N CYS B 743 -8.38 -14.30 -14.23
CA CYS B 743 -9.67 -13.68 -14.41
C CYS B 743 -10.54 -14.25 -15.53
N GLY B 744 -10.62 -15.55 -15.61
CA GLY B 744 -11.67 -16.23 -16.35
C GLY B 744 -12.20 -15.60 -17.61
N ASP B 745 -11.34 -15.24 -18.55
CA ASP B 745 -11.77 -14.74 -19.85
C ASP B 745 -12.67 -13.52 -19.69
N SER B 746 -12.05 -12.48 -19.15
CA SER B 746 -12.65 -11.17 -19.00
C SER B 746 -11.80 -10.19 -19.79
N THR B 747 -12.41 -9.45 -20.69
CA THR B 747 -11.62 -8.54 -21.51
C THR B 747 -11.00 -7.45 -20.66
N GLU B 748 -11.80 -6.82 -19.80
CA GLU B 748 -11.30 -5.73 -18.97
C GLU B 748 -10.22 -6.21 -18.01
N CYS B 749 -10.32 -7.43 -17.53
CA CYS B 749 -9.26 -7.86 -16.62
C CYS B 749 -7.97 -8.22 -17.34
N SER B 750 -8.02 -8.80 -18.53
CA SER B 750 -6.75 -9.06 -19.19
C SER B 750 -6.08 -7.76 -19.60
N ASN B 751 -6.88 -6.82 -20.12
CA ASN B 751 -6.35 -5.52 -20.48
C ASN B 751 -5.72 -4.83 -19.29
N LEU B 752 -6.21 -5.10 -18.09
CA LEU B 752 -5.64 -4.49 -16.91
C LEU B 752 -4.46 -5.28 -16.35
N LEU B 753 -4.43 -6.58 -16.57
CA LEU B 753 -3.34 -7.41 -16.06
C LEU B 753 -2.08 -7.17 -16.85
N LEU B 754 -2.23 -6.77 -18.10
CA LEU B 754 -1.05 -6.46 -18.91
C LEU B 754 -0.12 -5.44 -18.29
N GLN B 755 -0.54 -4.71 -17.26
CA GLN B 755 0.32 -3.68 -16.69
C GLN B 755 1.28 -4.23 -15.65
N TYR B 756 1.22 -5.49 -15.30
CA TYR B 756 2.05 -6.01 -14.22
C TYR B 756 3.39 -6.52 -14.69
N GLY B 757 3.57 -6.80 -15.98
CA GLY B 757 4.87 -7.21 -16.48
C GLY B 757 4.82 -8.59 -17.07
N SER B 758 5.89 -9.33 -16.86
CA SER B 758 6.10 -10.63 -17.47
C SER B 758 5.96 -11.75 -16.46
N PHE B 759 5.10 -11.56 -15.48
CA PHE B 759 4.86 -12.59 -14.49
C PHE B 759 4.37 -13.88 -15.13
N CYS B 760 3.45 -13.80 -16.08
CA CYS B 760 2.97 -15.04 -16.69
C CYS B 760 4.03 -15.78 -17.47
N THR B 761 4.87 -15.07 -18.21
CA THR B 761 5.94 -15.75 -18.90
C THR B 761 6.83 -16.47 -17.93
N GLN B 762 7.22 -15.80 -16.84
CA GLN B 762 8.09 -16.46 -15.89
C GLN B 762 7.44 -17.70 -15.31
N LEU B 763 6.16 -17.63 -14.97
CA LEU B 763 5.52 -18.81 -14.38
C LEU B 763 5.47 -19.97 -15.37
N LYS B 764 5.08 -19.69 -16.61
CA LYS B 764 5.01 -20.75 -17.60
C LYS B 764 6.36 -21.37 -17.84
N ARG B 765 7.41 -20.56 -17.92
CA ARG B 765 8.74 -21.09 -18.11
C ARG B 765 9.15 -21.99 -16.97
N ALA B 766 8.89 -21.58 -15.73
CA ALA B 766 9.29 -22.43 -14.61
C ALA B 766 8.59 -23.76 -14.62
N LEU B 767 7.28 -23.77 -14.90
CA LEU B 767 6.58 -25.05 -14.86
C LEU B 767 7.02 -25.97 -16.00
N THR B 768 7.24 -25.42 -17.18
CA THR B 768 7.74 -26.27 -18.27
C THR B 768 9.09 -26.88 -17.94
N GLY B 769 9.96 -26.12 -17.29
CA GLY B 769 11.22 -26.71 -16.89
C GLY B 769 11.03 -27.88 -15.95
N ILE B 770 10.12 -27.75 -15.00
CA ILE B 770 9.86 -28.87 -14.10
C ILE B 770 9.38 -30.11 -14.84
N ALA B 771 8.49 -29.94 -15.80
CA ALA B 771 7.98 -31.12 -16.51
C ALA B 771 9.07 -31.86 -17.29
N VAL B 772 9.87 -31.13 -18.07
CA VAL B 772 10.90 -31.86 -18.81
C VAL B 772 11.88 -32.52 -17.86
N GLU B 773 12.08 -31.93 -16.69
CA GLU B 773 12.98 -32.55 -15.74
C GLU B 773 12.44 -33.87 -15.24
N GLN B 774 11.14 -33.96 -14.99
CA GLN B 774 10.58 -35.24 -14.56
C GLN B 774 10.81 -36.34 -15.59
N ASP B 775 10.60 -36.02 -16.86
CA ASP B 775 10.85 -37.03 -17.89
C ASP B 775 12.31 -37.48 -17.88
N LYS B 776 13.22 -36.54 -17.73
CA LYS B 776 14.62 -36.89 -17.69
C LYS B 776 14.95 -37.78 -16.50
N ASN B 777 14.29 -37.58 -15.36
CA ASN B 777 14.57 -38.46 -14.22
C ASN B 777 14.21 -39.89 -14.54
N THR B 778 13.02 -40.12 -15.06
CA THR B 778 12.68 -41.50 -15.43
C THR B 778 13.65 -42.10 -16.43
N GLN B 779 14.03 -41.34 -17.46
CA GLN B 779 14.95 -41.90 -18.44
C GLN B 779 16.27 -42.28 -17.79
N GLU B 780 16.85 -41.36 -17.05
CA GLU B 780 18.14 -41.66 -16.43
C GLU B 780 18.08 -42.87 -15.53
N VAL B 781 16.97 -43.09 -14.84
CA VAL B 781 16.96 -44.25 -13.94
C VAL B 781 16.80 -45.54 -14.72
N PHE B 782 15.79 -45.63 -15.57
CA PHE B 782 15.49 -46.96 -16.08
C PHE B 782 16.18 -47.33 -17.39
N ALA B 783 16.31 -46.41 -18.34
CA ALA B 783 16.86 -46.73 -19.66
C ALA B 783 18.38 -46.79 -19.69
N GLN B 784 18.93 -47.63 -18.85
CA GLN B 784 20.38 -47.82 -18.82
C GLN B 784 20.87 -48.91 -19.77
N VAL B 785 20.11 -49.96 -19.92
CA VAL B 785 20.46 -51.06 -20.81
C VAL B 785 20.11 -50.68 -22.24
N LYS B 786 20.93 -51.11 -23.19
CA LYS B 786 20.69 -50.73 -24.58
C LYS B 786 19.84 -51.72 -25.35
N GLN B 787 19.98 -53.01 -25.11
CA GLN B 787 19.27 -54.06 -25.82
C GLN B 787 18.28 -54.80 -24.94
N ILE B 788 17.10 -55.09 -25.47
CA ILE B 788 16.07 -55.77 -24.70
C ILE B 788 16.38 -57.26 -24.70
N TYR B 789 16.96 -57.76 -23.62
CA TYR B 789 17.29 -59.17 -23.48
C TYR B 789 16.07 -60.01 -23.13
N LYS B 790 15.86 -61.09 -23.85
CA LYS B 790 14.73 -61.97 -23.61
C LYS B 790 15.14 -63.12 -22.70
N THR B 791 14.22 -63.59 -21.92
CA THR B 791 14.40 -64.72 -21.00
C THR B 791 14.33 -66.04 -21.76
N PRO B 792 15.21 -67.00 -21.50
CA PRO B 792 15.14 -68.27 -22.24
C PRO B 792 13.86 -69.02 -21.93
N PRO B 793 13.42 -69.91 -22.82
CA PRO B 793 12.17 -70.63 -22.56
C PRO B 793 12.25 -71.72 -21.52
N ILE B 794 13.31 -72.52 -21.50
CA ILE B 794 13.46 -73.55 -20.47
C ILE B 794 13.92 -72.80 -19.23
N LYS B 795 12.98 -72.55 -18.33
CA LYS B 795 13.25 -71.75 -17.16
C LYS B 795 13.78 -72.53 -15.98
N TYR B 796 14.86 -73.28 -16.17
CA TYR B 796 15.51 -73.99 -15.07
C TYR B 796 16.89 -73.39 -14.86
N PHE B 797 17.12 -72.83 -13.68
CA PHE B 797 18.36 -72.12 -13.35
C PHE B 797 19.04 -72.71 -12.14
N GLY B 798 19.05 -74.02 -12.04
CA GLY B 798 19.71 -74.70 -10.95
C GLY B 798 19.05 -74.63 -9.59
N GLY B 799 17.76 -74.88 -9.54
CA GLY B 799 17.01 -74.87 -8.32
C GLY B 799 16.44 -73.53 -7.90
N PHE B 800 17.00 -72.43 -8.36
CA PHE B 800 16.49 -71.12 -7.98
C PHE B 800 15.16 -70.88 -8.68
N ASN B 801 14.21 -70.27 -7.98
CA ASN B 801 12.87 -70.03 -8.49
C ASN B 801 12.57 -68.54 -8.59
N PHE B 802 12.77 -67.96 -9.76
CA PHE B 802 12.51 -66.56 -10.03
C PHE B 802 11.09 -66.27 -10.48
N SER B 803 10.15 -67.18 -10.28
CA SER B 803 8.80 -66.95 -10.78
C SER B 803 8.13 -65.71 -10.22
N GLN B 804 8.44 -65.31 -8.98
CA GLN B 804 7.76 -64.17 -8.39
C GLN B 804 8.18 -62.83 -8.95
N ILE B 805 9.31 -62.74 -9.64
CA ILE B 805 9.77 -61.48 -10.19
C ILE B 805 9.79 -61.43 -11.71
N LEU B 806 9.84 -62.55 -12.39
CA LEU B 806 9.82 -62.55 -13.84
C LEU B 806 8.43 -62.20 -14.35
N PRO B 807 8.29 -61.66 -15.55
CA PRO B 807 6.97 -61.27 -16.01
C PRO B 807 6.06 -62.46 -16.16
N ASP B 808 4.79 -62.24 -15.84
CA ASP B 808 3.77 -63.27 -15.90
C ASP B 808 3.12 -63.23 -17.27
N PRO B 809 3.30 -64.24 -18.12
CA PRO B 809 2.68 -64.20 -19.45
C PRO B 809 1.17 -64.29 -19.44
N SER B 810 0.56 -64.71 -18.35
CA SER B 810 -0.90 -64.85 -18.32
C SER B 810 -1.60 -63.51 -18.45
N LYS B 811 -1.35 -62.60 -17.52
CA LYS B 811 -2.01 -61.32 -17.56
C LYS B 811 -1.55 -60.50 -18.77
N PRO B 812 -2.43 -59.67 -19.33
CA PRO B 812 -2.05 -58.88 -20.51
C PRO B 812 -1.04 -57.79 -20.20
N SER B 813 -1.07 -57.24 -18.99
CA SER B 813 -0.16 -56.16 -18.62
C SER B 813 1.29 -56.62 -18.52
N LYS B 814 1.53 -57.92 -18.46
CA LYS B 814 2.86 -58.50 -18.47
C LYS B 814 3.71 -58.08 -17.29
N ARG B 815 3.12 -57.88 -16.12
CA ARG B 815 3.84 -57.54 -14.91
C ARG B 815 3.98 -58.77 -14.05
N SER B 816 5.07 -58.87 -13.36
CA SER B 816 5.26 -59.95 -12.43
C SER B 816 4.22 -59.88 -11.32
N PRO B 817 4.04 -60.92 -10.52
CA PRO B 817 3.10 -60.79 -9.40
C PRO B 817 3.45 -59.74 -8.39
N ILE B 818 4.73 -59.55 -8.07
CA ILE B 818 5.07 -58.48 -7.14
C ILE B 818 4.71 -57.13 -7.71
N GLU B 819 4.94 -56.93 -8.99
CA GLU B 819 4.58 -55.66 -9.60
C GLU B 819 3.08 -55.42 -9.57
N ASP B 820 2.27 -56.47 -9.77
CA ASP B 820 0.82 -56.32 -9.67
C ASP B 820 0.39 -55.92 -8.27
N LEU B 821 0.97 -56.56 -7.27
CA LEU B 821 0.64 -56.18 -5.91
C LEU B 821 1.00 -54.73 -5.67
N LEU B 822 2.14 -54.29 -6.17
CA LEU B 822 2.54 -52.90 -6.00
C LEU B 822 1.57 -51.94 -6.66
N PHE B 823 1.10 -52.24 -7.87
CA PHE B 823 0.18 -51.30 -8.48
C PHE B 823 -1.15 -51.23 -7.77
N ASN B 824 -1.57 -52.31 -7.13
CA ASN B 824 -2.85 -52.17 -6.44
C ASN B 824 -2.69 -51.56 -5.06
N LYS B 825 -1.52 -51.70 -4.44
CA LYS B 825 -1.36 -51.20 -3.09
C LYS B 825 -1.36 -49.68 -3.02
N VAL B 826 -0.90 -49.01 -4.06
CA VAL B 826 -0.82 -47.55 -4.07
C VAL B 826 -1.73 -47.06 -5.18
N THR B 827 -2.51 -46.03 -4.89
CA THR B 827 -3.42 -45.48 -5.89
C THR B 827 -3.39 -43.96 -5.83
N LEU B 828 -4.01 -43.35 -6.82
CA LEU B 828 -4.07 -41.90 -6.92
C LEU B 828 -4.96 -41.35 -5.81
N PHE B 855 -12.24 -27.55 -15.44
CA PHE B 855 -11.34 -26.70 -14.68
C PHE B 855 -11.27 -25.24 -14.87
N ASN B 856 -10.28 -24.71 -14.15
CA ASN B 856 -9.95 -23.31 -14.13
C ASN B 856 -8.54 -23.08 -14.61
N GLY B 857 -8.10 -23.79 -15.63
CA GLY B 857 -6.76 -23.57 -16.11
C GLY B 857 -5.68 -24.49 -15.59
N LEU B 858 -6.00 -25.52 -14.83
CA LEU B 858 -4.99 -26.42 -14.29
C LEU B 858 -5.10 -27.76 -14.99
N THR B 859 -3.98 -28.23 -15.54
CA THR B 859 -4.00 -29.50 -16.25
C THR B 859 -2.78 -30.33 -15.87
N VAL B 860 -2.98 -31.63 -15.82
CA VAL B 860 -1.94 -32.58 -15.51
C VAL B 860 -1.55 -33.26 -16.82
N LEU B 861 -0.33 -33.18 -17.18
CA LEU B 861 0.13 -33.77 -18.42
C LEU B 861 0.55 -35.22 -18.20
N PRO B 862 0.47 -36.06 -19.22
CA PRO B 862 0.83 -37.44 -19.04
C PRO B 862 2.32 -37.63 -19.15
N PRO B 863 2.85 -38.71 -18.60
CA PRO B 863 4.26 -39.01 -18.74
C PRO B 863 4.57 -39.54 -20.12
N LEU B 864 5.84 -39.44 -20.50
CA LEU B 864 6.25 -39.93 -21.81
C LEU B 864 6.28 -41.46 -21.88
N LEU B 865 6.92 -42.11 -20.91
CA LEU B 865 6.99 -43.56 -20.85
C LEU B 865 5.79 -44.16 -20.12
N THR B 866 5.00 -44.95 -20.80
CA THR B 866 3.87 -45.55 -20.12
C THR B 866 4.36 -46.64 -19.17
N ASP B 867 3.46 -47.14 -18.32
CA ASP B 867 3.82 -48.19 -17.38
C ASP B 867 4.29 -49.45 -18.09
N GLU B 868 3.68 -49.79 -19.21
CA GLU B 868 4.12 -51.00 -19.89
C GLU B 868 5.58 -50.88 -20.31
N MET B 869 5.98 -49.72 -20.84
CA MET B 869 7.36 -49.60 -21.28
C MET B 869 8.33 -49.60 -20.12
N ILE B 870 7.96 -49.04 -18.98
CA ILE B 870 8.86 -49.14 -17.83
C ILE B 870 8.99 -50.58 -17.38
N ALA B 871 7.89 -51.32 -17.38
CA ALA B 871 7.97 -52.72 -17.01
C ALA B 871 8.83 -53.51 -17.99
N GLN B 872 8.77 -53.15 -19.26
CA GLN B 872 9.60 -53.81 -20.24
C GLN B 872 11.07 -53.55 -19.99
N TYR B 873 11.42 -52.32 -19.63
CA TYR B 873 12.80 -52.05 -19.28
C TYR B 873 13.25 -52.87 -18.09
N THR B 874 12.41 -52.97 -17.07
CA THR B 874 12.78 -53.77 -15.90
C THR B 874 12.97 -55.24 -16.23
N SER B 875 12.11 -55.80 -17.07
CA SER B 875 12.28 -57.20 -17.43
C SER B 875 13.58 -57.38 -18.20
N ALA B 876 13.95 -56.40 -19.01
CA ALA B 876 15.22 -56.50 -19.71
C ALA B 876 16.38 -56.55 -18.73
N LEU B 877 16.36 -55.70 -17.70
CA LEU B 877 17.44 -55.77 -16.72
C LEU B 877 17.47 -57.11 -15.98
N LEU B 878 16.31 -57.63 -15.60
CA LEU B 878 16.30 -58.92 -14.91
C LEU B 878 16.83 -60.04 -15.79
N ALA B 879 16.36 -60.14 -17.03
CA ALA B 879 16.86 -61.21 -17.89
C ALA B 879 18.35 -61.07 -18.10
N GLY B 880 18.82 -59.85 -18.29
CA GLY B 880 20.24 -59.67 -18.45
C GLY B 880 21.01 -60.14 -17.25
N THR B 881 20.61 -59.74 -16.05
CA THR B 881 21.39 -60.14 -14.88
C THR B 881 21.31 -61.62 -14.59
N ILE B 882 20.23 -62.29 -14.98
CA ILE B 882 20.11 -63.70 -14.66
C ILE B 882 20.93 -64.54 -15.60
N THR B 883 21.06 -64.10 -16.84
CA THR B 883 21.69 -64.93 -17.85
C THR B 883 23.12 -64.51 -18.11
N SER B 884 23.52 -63.30 -17.71
CA SER B 884 24.80 -62.76 -18.09
C SER B 884 25.63 -62.18 -16.97
N GLY B 885 25.17 -62.18 -15.74
CA GLY B 885 25.97 -61.68 -14.62
C GLY B 885 26.37 -60.22 -14.68
N TRP B 886 27.64 -59.94 -14.36
CA TRP B 886 28.11 -58.57 -14.37
C TRP B 886 28.32 -58.05 -15.76
N THR B 887 28.56 -58.97 -16.68
CA THR B 887 29.12 -58.67 -17.99
C THR B 887 28.22 -57.80 -18.83
N PHE B 888 26.93 -57.95 -18.73
CA PHE B 888 26.08 -57.17 -19.64
C PHE B 888 26.13 -55.69 -19.38
N GLY B 889 26.71 -55.24 -18.28
CA GLY B 889 26.79 -53.84 -17.96
C GLY B 889 28.08 -53.19 -18.39
N ALA B 890 29.08 -53.99 -18.70
CA ALA B 890 30.39 -53.53 -19.10
C ALA B 890 30.64 -53.64 -20.59
N GLY B 891 29.78 -54.28 -21.34
CA GLY B 891 29.97 -54.45 -22.75
C GLY B 891 29.12 -55.58 -23.30
N PRO B 892 29.72 -56.46 -24.10
CA PRO B 892 28.96 -57.55 -24.70
C PRO B 892 28.47 -58.55 -23.65
N ALA B 893 27.20 -58.90 -23.69
CA ALA B 893 26.66 -59.85 -22.72
C ALA B 893 27.20 -61.25 -22.94
N LEU B 894 27.92 -61.80 -21.96
CA LEU B 894 28.47 -63.14 -22.01
C LEU B 894 27.69 -64.05 -21.07
N GLN B 895 27.06 -65.11 -21.61
CA GLN B 895 26.27 -66.03 -20.80
C GLN B 895 27.12 -66.89 -19.88
N ILE B 896 26.62 -67.15 -18.68
CA ILE B 896 27.33 -67.97 -17.70
C ILE B 896 26.33 -68.75 -16.86
N PRO B 897 26.57 -70.03 -16.56
CA PRO B 897 25.64 -70.79 -15.72
C PRO B 897 25.33 -70.10 -14.39
N PHE B 898 24.07 -70.12 -13.98
CA PHE B 898 23.73 -69.40 -12.76
C PHE B 898 24.42 -69.91 -11.50
N PRO B 899 24.58 -71.19 -11.27
CA PRO B 899 25.38 -71.58 -10.10
C PRO B 899 26.82 -71.11 -10.15
N MET B 900 27.53 -71.15 -11.28
CA MET B 900 28.87 -70.59 -11.21
C MET B 900 28.85 -69.11 -11.01
N GLN B 901 27.84 -68.43 -11.49
CA GLN B 901 27.78 -67.02 -11.23
C GLN B 901 27.66 -66.77 -9.76
N MET B 902 26.79 -67.50 -9.09
CA MET B 902 26.74 -67.29 -7.66
C MET B 902 28.02 -67.72 -6.96
N ALA B 903 28.77 -68.67 -7.47
CA ALA B 903 30.05 -68.96 -6.84
C ALA B 903 31.00 -67.78 -6.97
N TYR B 904 31.04 -67.17 -8.15
CA TYR B 904 31.77 -65.92 -8.32
C TYR B 904 31.43 -64.92 -7.23
N ARG B 905 30.14 -64.72 -7.01
CA ARG B 905 29.78 -63.71 -6.02
C ARG B 905 30.21 -64.10 -4.61
N PHE B 906 30.11 -65.37 -4.29
CA PHE B 906 30.61 -65.84 -3.01
C PHE B 906 32.08 -65.52 -2.84
N ASN B 907 32.93 -65.84 -3.80
CA ASN B 907 34.31 -65.36 -3.70
C ASN B 907 34.39 -63.86 -3.52
N GLY B 908 33.52 -63.13 -4.16
CA GLY B 908 33.56 -61.70 -3.98
C GLY B 908 33.38 -61.25 -2.55
N ILE B 909 32.62 -61.98 -1.76
CA ILE B 909 32.50 -61.60 -0.36
C ILE B 909 33.44 -62.39 0.53
N GLY B 910 34.48 -62.98 -0.03
CA GLY B 910 35.47 -63.64 0.80
C GLY B 910 35.17 -65.02 1.31
N VAL B 911 34.21 -65.72 0.73
CA VAL B 911 33.89 -67.09 1.11
C VAL B 911 34.25 -67.94 -0.10
N THR B 912 35.02 -69.00 0.08
CA THR B 912 35.44 -69.79 -1.06
C THR B 912 34.27 -70.48 -1.74
N GLN B 913 34.37 -70.62 -3.05
CA GLN B 913 33.29 -71.15 -3.86
C GLN B 913 32.93 -72.59 -3.60
N ASN B 914 33.79 -73.41 -3.02
CA ASN B 914 33.32 -74.76 -2.73
C ASN B 914 32.14 -74.73 -1.78
N VAL B 915 32.04 -73.70 -0.94
CA VAL B 915 30.91 -73.52 -0.05
C VAL B 915 29.61 -73.42 -0.82
N LEU B 916 29.63 -72.87 -2.02
CA LEU B 916 28.38 -72.87 -2.75
C LEU B 916 28.11 -74.22 -3.38
N TYR B 917 29.14 -74.90 -3.89
CA TYR B 917 28.86 -76.17 -4.53
C TYR B 917 28.44 -77.26 -3.60
N GLU B 918 28.72 -77.17 -2.34
CA GLU B 918 28.30 -78.22 -1.44
C GLU B 918 26.95 -77.93 -0.80
N ASN B 919 26.40 -76.75 -0.99
CA ASN B 919 25.14 -76.36 -0.37
C ASN B 919 24.21 -75.71 -1.37
N GLN B 920 24.34 -76.08 -2.64
CA GLN B 920 23.43 -75.54 -3.63
C GLN B 920 21.99 -75.76 -3.26
N LYS B 921 21.65 -76.96 -2.81
CA LYS B 921 20.27 -77.28 -2.45
C LYS B 921 19.76 -76.40 -1.32
N LEU B 922 20.54 -76.29 -0.26
CA LEU B 922 20.12 -75.49 0.88
C LEU B 922 19.96 -74.04 0.49
N ILE B 923 20.87 -73.52 -0.33
CA ILE B 923 20.81 -72.13 -0.74
C ILE B 923 19.59 -71.86 -1.58
N ALA B 924 19.26 -72.78 -2.49
CA ALA B 924 18.08 -72.56 -3.29
C ALA B 924 16.85 -72.55 -2.41
N ASN B 925 16.80 -73.44 -1.42
CA ASN B 925 15.66 -73.44 -0.51
C ASN B 925 15.53 -72.14 0.27
N GLN B 926 16.65 -71.63 0.78
CA GLN B 926 16.59 -70.38 1.53
C GLN B 926 16.18 -69.21 0.68
N PHE B 927 16.71 -69.13 -0.53
CA PHE B 927 16.32 -68.05 -1.42
C PHE B 927 14.85 -68.11 -1.77
N ASN B 928 14.34 -69.30 -2.05
CA ASN B 928 12.94 -69.42 -2.38
C ASN B 928 12.05 -69.02 -1.22
N SER B 929 12.39 -69.45 0.00
CA SER B 929 11.57 -69.08 1.14
C SER B 929 11.54 -67.57 1.35
N ALA B 930 12.70 -66.91 1.24
CA ALA B 930 12.73 -65.47 1.43
C ALA B 930 11.92 -64.74 0.36
N ILE B 931 12.05 -65.15 -0.88
CA ILE B 931 11.27 -64.47 -1.92
C ILE B 931 9.80 -64.69 -1.68
N GLY B 932 9.42 -65.85 -1.15
CA GLY B 932 8.01 -66.07 -0.87
C GLY B 932 7.49 -65.20 0.25
N LYS B 933 8.28 -64.99 1.29
CA LYS B 933 7.78 -64.15 2.37
C LYS B 933 7.75 -62.68 2.02
N ILE B 934 8.51 -62.23 1.02
CA ILE B 934 8.47 -60.81 0.65
C ILE B 934 7.09 -60.35 0.24
N GLN B 935 6.41 -61.11 -0.61
CA GLN B 935 5.11 -60.65 -1.05
C GLN B 935 4.10 -60.58 0.09
N ASP B 936 4.08 -61.59 0.94
CA ASP B 936 3.18 -61.57 2.09
C ASP B 936 3.47 -60.37 2.98
N SER B 937 4.75 -60.08 3.21
CA SER B 937 5.08 -58.93 4.04
C SER B 937 4.61 -57.64 3.42
N LEU B 938 4.83 -57.45 2.12
CA LEU B 938 4.35 -56.21 1.53
C LEU B 938 2.83 -56.11 1.60
N SER B 939 2.12 -57.22 1.49
CA SER B 939 0.66 -57.12 1.51
C SER B 939 0.10 -56.90 2.90
N SER B 940 0.70 -57.50 3.94
CA SER B 940 0.15 -57.33 5.27
C SER B 940 0.57 -56.01 5.91
N THR B 941 1.70 -55.47 5.52
CA THR B 941 2.16 -54.21 6.09
C THR B 941 1.21 -53.10 5.63
N PRO B 942 0.72 -52.26 6.53
CA PRO B 942 -0.24 -51.22 6.14
C PRO B 942 0.37 -50.00 5.45
N SER B 943 1.61 -49.66 5.79
CA SER B 943 2.22 -48.43 5.27
C SER B 943 3.62 -48.69 4.73
N ALA B 944 3.76 -49.74 3.93
CA ALA B 944 5.04 -50.04 3.33
C ALA B 944 5.39 -49.06 2.21
N LEU B 945 4.39 -48.57 1.48
CA LEU B 945 4.57 -47.65 0.37
C LEU B 945 4.34 -46.21 0.78
N GLY B 946 4.70 -45.86 2.00
CA GLY B 946 4.43 -44.52 2.47
C GLY B 946 5.04 -43.43 1.62
N LYS B 947 6.23 -43.65 1.09
CA LYS B 947 6.90 -42.59 0.35
C LYS B 947 6.20 -42.20 -0.94
N LEU B 948 5.86 -43.18 -1.76
CA LEU B 948 5.18 -42.87 -3.00
C LEU B 948 3.82 -42.24 -2.73
N GLN B 949 3.11 -42.79 -1.76
CA GLN B 949 1.80 -42.24 -1.42
C GLN B 949 1.91 -40.81 -0.94
N ASP B 950 2.97 -40.50 -0.21
CA ASP B 950 3.16 -39.16 0.32
C ASP B 950 3.43 -38.16 -0.78
N VAL B 951 4.19 -38.57 -1.79
CA VAL B 951 4.42 -37.69 -2.93
C VAL B 951 3.10 -37.36 -3.61
N VAL B 952 2.28 -38.38 -3.84
CA VAL B 952 1.01 -38.14 -4.52
C VAL B 952 0.14 -37.17 -3.73
N ASN B 953 0.05 -37.39 -2.41
CA ASN B 953 -0.80 -36.53 -1.61
C ASN B 953 -0.32 -35.10 -1.54
N HIS B 954 1.00 -34.88 -1.50
CA HIS B 954 1.48 -33.51 -1.46
C HIS B 954 1.10 -32.74 -2.71
N ASN B 955 1.30 -33.34 -3.88
CA ASN B 955 0.92 -32.63 -5.09
C ASN B 955 -0.59 -32.35 -5.11
N ALA B 956 -1.40 -33.34 -4.76
CA ALA B 956 -2.85 -33.14 -4.76
C ALA B 956 -3.29 -32.04 -3.83
N GLN B 957 -2.72 -31.99 -2.63
CA GLN B 957 -3.10 -30.97 -1.68
C GLN B 957 -2.73 -29.58 -2.16
N ALA B 958 -1.57 -29.45 -2.80
CA ALA B 958 -1.20 -28.14 -3.34
C ALA B 958 -2.21 -27.66 -4.37
N LEU B 959 -2.57 -28.51 -5.32
CA LEU B 959 -3.56 -28.07 -6.29
C LEU B 959 -4.88 -27.73 -5.62
N ASN B 960 -5.27 -28.49 -4.61
CA ASN B 960 -6.53 -28.20 -3.94
C ASN B 960 -6.53 -26.82 -3.30
N THR B 961 -5.47 -26.48 -2.59
CA THR B 961 -5.48 -25.16 -1.98
C THR B 961 -5.45 -24.07 -3.03
N LEU B 962 -4.77 -24.30 -4.13
CA LEU B 962 -4.77 -23.27 -5.17
C LEU B 962 -6.14 -23.07 -5.77
N VAL B 963 -6.90 -24.14 -5.98
CA VAL B 963 -8.25 -23.95 -6.53
C VAL B 963 -9.18 -23.36 -5.50
N LYS B 964 -9.02 -23.71 -4.24
CA LYS B 964 -9.95 -23.19 -3.25
C LYS B 964 -9.76 -21.71 -3.04
N GLN B 965 -8.55 -21.23 -3.16
CA GLN B 965 -8.30 -19.82 -2.92
C GLN B 965 -8.94 -18.90 -3.92
N LEU B 966 -9.63 -19.39 -4.93
CA LEU B 966 -10.30 -18.45 -5.81
C LEU B 966 -11.52 -17.83 -5.17
N SER B 967 -12.11 -18.47 -4.18
CA SER B 967 -13.31 -17.92 -3.57
C SER B 967 -13.06 -16.75 -2.64
N SER B 968 -11.86 -16.61 -2.08
CA SER B 968 -11.58 -15.52 -1.15
C SER B 968 -11.73 -14.17 -1.84
N LYS B 969 -12.20 -13.16 -1.10
CA LYS B 969 -12.40 -11.83 -1.68
C LYS B 969 -11.23 -10.88 -1.66
N PHE B 970 -10.29 -11.03 -0.74
CA PHE B 970 -9.14 -10.14 -0.65
C PHE B 970 -9.52 -8.69 -0.46
N GLY B 971 -10.70 -8.38 0.05
CA GLY B 971 -11.10 -7.00 0.21
C GLY B 971 -12.02 -6.44 -0.85
N ALA B 972 -12.18 -7.11 -1.98
CA ALA B 972 -13.10 -6.60 -2.98
C ALA B 972 -14.52 -6.82 -2.53
N ILE B 973 -15.45 -6.08 -3.13
CA ILE B 973 -16.84 -6.21 -2.72
C ILE B 973 -17.43 -7.56 -3.07
N SER B 974 -16.79 -8.33 -3.94
CA SER B 974 -17.29 -9.65 -4.28
C SER B 974 -16.18 -10.43 -4.94
N SER B 975 -16.29 -11.74 -4.91
CA SER B 975 -15.20 -12.56 -5.42
C SER B 975 -15.35 -12.88 -6.89
N VAL B 976 -16.54 -12.97 -7.43
CA VAL B 976 -16.69 -13.31 -8.83
C VAL B 976 -16.57 -12.06 -9.70
N LEU B 977 -15.87 -12.17 -10.82
CA LEU B 977 -15.63 -11.00 -11.66
C LEU B 977 -16.92 -10.48 -12.28
N ASN B 978 -17.85 -11.37 -12.54
CA ASN B 978 -19.07 -10.99 -13.24
C ASN B 978 -19.87 -9.95 -12.46
N ASP B 979 -20.05 -10.17 -11.16
CA ASP B 979 -20.78 -9.17 -10.38
C ASP B 979 -20.05 -7.84 -10.39
N ILE B 980 -18.74 -7.85 -10.19
CA ILE B 980 -18.00 -6.62 -10.17
C ILE B 980 -18.22 -5.86 -11.46
N LEU B 981 -18.17 -6.56 -12.58
CA LEU B 981 -18.31 -5.92 -13.88
C LEU B 981 -19.74 -5.65 -14.26
N SER B 982 -20.71 -6.20 -13.54
CA SER B 982 -22.12 -5.99 -13.86
C SER B 982 -22.67 -4.78 -13.14
N ARG B 983 -22.54 -4.74 -11.82
CA ARG B 983 -23.18 -3.72 -11.02
C ARG B 983 -22.26 -2.53 -10.74
N LEU B 984 -21.38 -2.16 -11.64
CA LEU B 984 -20.56 -1.00 -11.34
C LEU B 984 -20.04 -0.37 -12.62
N ASP B 985 -19.86 0.94 -12.59
CA ASP B 985 -19.34 1.63 -13.74
C ASP B 985 -17.85 1.31 -13.87
N PRO B 986 -17.28 1.49 -15.05
CA PRO B 986 -15.86 1.11 -15.25
C PRO B 986 -14.89 1.84 -14.35
N PRO B 987 -15.05 3.14 -14.10
CA PRO B 987 -14.07 3.82 -13.25
C PRO B 987 -13.92 3.23 -11.86
N GLU B 988 -15.01 2.85 -11.21
CA GLU B 988 -14.90 2.23 -9.90
C GLU B 988 -14.56 0.75 -9.99
N ALA B 989 -15.01 0.10 -11.06
CA ALA B 989 -14.65 -1.30 -11.26
C ALA B 989 -13.16 -1.50 -11.37
N GLU B 990 -12.43 -0.49 -11.83
CA GLU B 990 -10.98 -0.63 -11.89
C GLU B 990 -10.39 -0.89 -10.50
N VAL B 991 -10.72 -0.05 -9.54
CA VAL B 991 -10.14 -0.24 -8.23
C VAL B 991 -10.76 -1.44 -7.53
N GLN B 992 -11.93 -1.87 -7.94
CA GLN B 992 -12.42 -3.11 -7.36
C GLN B 992 -11.81 -4.35 -7.97
N ILE B 993 -11.24 -4.27 -9.17
CA ILE B 993 -10.62 -5.43 -9.78
C ILE B 993 -9.15 -5.56 -9.47
N ASP B 994 -8.47 -4.45 -9.19
CA ASP B 994 -7.09 -4.52 -8.74
C ASP B 994 -6.87 -5.45 -7.56
N ARG B 995 -7.74 -5.41 -6.57
CA ARG B 995 -7.53 -6.24 -5.40
C ARG B 995 -7.56 -7.71 -5.76
N LEU B 996 -8.53 -8.12 -6.55
CA LEU B 996 -8.60 -9.52 -6.94
C LEU B 996 -7.36 -9.92 -7.71
N ILE B 997 -6.94 -9.10 -8.67
CA ILE B 997 -5.75 -9.45 -9.43
C ILE B 997 -4.55 -9.63 -8.52
N THR B 998 -4.27 -8.65 -7.67
CA THR B 998 -3.07 -8.77 -6.87
C THR B 998 -3.12 -9.99 -5.96
N GLY B 999 -4.28 -10.29 -5.39
CA GLY B 999 -4.34 -11.42 -4.50
C GLY B 999 -4.14 -12.74 -5.21
N ARG B 1000 -4.79 -12.92 -6.35
CA ARG B 1000 -4.65 -14.17 -7.06
C ARG B 1000 -3.27 -14.36 -7.63
N LEU B 1001 -2.63 -13.26 -8.02
CA LEU B 1001 -1.27 -13.34 -8.49
C LEU B 1001 -0.31 -13.74 -7.39
N GLN B 1002 -0.48 -13.23 -6.19
CA GLN B 1002 0.41 -13.67 -5.13
C GLN B 1002 0.21 -15.14 -4.79
N SER B 1003 -1.02 -15.61 -4.80
CA SER B 1003 -1.24 -17.02 -4.51
C SER B 1003 -0.56 -17.91 -5.54
N LEU B 1004 -0.70 -17.56 -6.81
CA LEU B 1004 -0.09 -18.38 -7.85
C LEU B 1004 1.44 -18.35 -7.75
N GLN B 1005 2.01 -17.23 -7.36
CA GLN B 1005 3.46 -17.17 -7.20
C GLN B 1005 3.93 -18.08 -6.08
N THR B 1006 3.19 -18.10 -4.97
CA THR B 1006 3.56 -19.00 -3.89
C THR B 1006 3.54 -20.45 -4.34
N TYR B 1007 2.51 -20.82 -5.10
CA TYR B 1007 2.45 -22.18 -5.58
C TYR B 1007 3.65 -22.56 -6.43
N VAL B 1008 4.06 -21.68 -7.34
CA VAL B 1008 5.19 -22.05 -8.19
C VAL B 1008 6.46 -22.20 -7.39
N THR B 1009 6.64 -21.37 -6.38
CA THR B 1009 7.85 -21.53 -5.58
C THR B 1009 7.87 -22.86 -4.84
N GLN B 1010 6.75 -23.24 -4.24
CA GLN B 1010 6.70 -24.53 -3.59
C GLN B 1010 7.01 -25.66 -4.54
N GLN B 1011 6.49 -25.60 -5.77
CA GLN B 1011 6.77 -26.69 -6.70
C GLN B 1011 8.23 -26.75 -7.08
N LEU B 1012 8.91 -25.61 -7.18
CA LEU B 1012 10.33 -25.70 -7.48
C LEU B 1012 11.10 -26.38 -6.38
N ILE B 1013 10.81 -26.05 -5.13
CA ILE B 1013 11.53 -26.72 -4.05
C ILE B 1013 11.26 -28.23 -4.06
N ARG B 1014 10.00 -28.64 -4.19
CA ARG B 1014 9.74 -30.07 -4.20
C ARG B 1014 10.38 -30.78 -5.37
N ALA B 1015 10.48 -30.14 -6.53
CA ALA B 1015 11.09 -30.82 -7.66
C ALA B 1015 12.57 -31.00 -7.43
N ALA B 1016 13.24 -30.05 -6.78
CA ALA B 1016 14.63 -30.28 -6.44
C ALA B 1016 14.79 -31.48 -5.51
N GLU B 1017 13.91 -31.59 -4.52
CA GLU B 1017 13.98 -32.75 -3.64
C GLU B 1017 13.82 -34.06 -4.39
N ILE B 1018 12.85 -34.14 -5.30
CA ILE B 1018 12.64 -35.39 -6.02
C ILE B 1018 13.80 -35.69 -6.94
N ARG B 1019 14.44 -34.67 -7.51
CA ARG B 1019 15.61 -34.92 -8.33
C ARG B 1019 16.75 -35.52 -7.55
N ALA B 1020 16.97 -35.03 -6.34
CA ALA B 1020 17.99 -35.69 -5.51
C ALA B 1020 17.66 -37.15 -5.33
N SER B 1021 16.39 -37.44 -5.04
CA SER B 1021 15.99 -38.83 -4.86
C SER B 1021 16.21 -39.67 -6.11
N ALA B 1022 15.93 -39.11 -7.29
CA ALA B 1022 16.09 -39.88 -8.51
C ALA B 1022 17.55 -40.15 -8.83
N ASN B 1023 18.42 -39.19 -8.56
CA ASN B 1023 19.84 -39.44 -8.73
C ASN B 1023 20.28 -40.59 -7.84
N LEU B 1024 19.81 -40.61 -6.61
CA LEU B 1024 20.15 -41.74 -5.75
C LEU B 1024 19.65 -43.04 -6.35
N ALA B 1025 18.44 -43.05 -6.91
CA ALA B 1025 17.94 -44.30 -7.47
C ALA B 1025 18.79 -44.78 -8.62
N ALA B 1026 19.24 -43.86 -9.48
CA ALA B 1026 20.08 -44.28 -10.61
C ALA B 1026 21.41 -44.82 -10.14
N THR B 1027 22.02 -44.17 -9.16
CA THR B 1027 23.25 -44.72 -8.61
C THR B 1027 23.03 -46.12 -8.07
N LYS B 1028 21.93 -46.34 -7.37
CA LYS B 1028 21.69 -47.67 -6.85
C LYS B 1028 21.50 -48.67 -7.97
N MET B 1029 20.74 -48.32 -8.98
CA MET B 1029 20.64 -49.21 -10.14
C MET B 1029 22.01 -49.64 -10.64
N SER B 1030 22.83 -48.67 -11.04
CA SER B 1030 24.14 -49.03 -11.59
C SER B 1030 24.94 -49.88 -10.64
N GLU B 1031 25.03 -49.50 -9.38
CA GLU B 1031 25.99 -50.17 -8.51
C GLU B 1031 25.49 -51.47 -7.93
N CYS B 1032 24.21 -51.57 -7.59
CA CYS B 1032 23.70 -52.78 -6.98
C CYS B 1032 23.15 -53.76 -7.99
N VAL B 1033 22.46 -53.31 -9.03
CA VAL B 1033 21.86 -54.24 -9.97
C VAL B 1033 22.86 -54.76 -10.97
N LEU B 1034 23.57 -53.87 -11.65
CA LEU B 1034 24.53 -54.22 -12.68
C LEU B 1034 25.86 -54.65 -12.15
N GLY B 1035 26.00 -54.90 -10.87
CA GLY B 1035 27.28 -55.33 -10.36
C GLY B 1035 27.16 -55.75 -8.93
N GLN B 1036 28.27 -55.76 -8.24
CA GLN B 1036 28.30 -56.13 -6.84
C GLN B 1036 29.09 -55.06 -6.10
N SER B 1037 28.52 -54.53 -5.03
CA SER B 1037 29.15 -53.42 -4.33
C SER B 1037 29.72 -53.87 -3.01
N LYS B 1038 30.94 -53.41 -2.73
CA LYS B 1038 31.55 -53.64 -1.43
C LYS B 1038 31.28 -52.50 -0.46
N ARG B 1039 30.56 -51.47 -0.88
CA ARG B 1039 30.27 -50.38 0.04
C ARG B 1039 29.35 -50.91 1.11
N VAL B 1040 29.71 -50.65 2.35
CA VAL B 1040 29.00 -51.23 3.48
C VAL B 1040 27.64 -50.61 3.70
N ASP B 1041 26.63 -51.46 3.75
CA ASP B 1041 25.28 -51.06 4.10
C ASP B 1041 24.76 -50.02 3.13
N PHE B 1042 25.06 -50.21 1.86
CA PHE B 1042 24.49 -49.41 0.80
C PHE B 1042 23.34 -50.14 0.13
N CYS B 1043 23.61 -51.33 -0.37
CA CYS B 1043 22.58 -52.15 -0.95
C CYS B 1043 22.03 -53.17 0.06
N GLY B 1044 21.47 -52.71 1.17
CA GLY B 1044 20.90 -53.60 2.17
C GLY B 1044 21.87 -54.00 3.26
N LYS B 1045 21.32 -54.50 4.37
CA LYS B 1045 22.11 -54.91 5.53
C LYS B 1045 22.67 -56.32 5.38
N GLY B 1046 23.99 -56.43 5.42
CA GLY B 1046 24.68 -57.69 5.24
C GLY B 1046 25.55 -57.63 4.03
N TYR B 1047 26.29 -58.71 3.80
CA TYR B 1047 27.17 -58.83 2.65
C TYR B 1047 26.35 -58.94 1.37
N HIS B 1048 26.45 -57.97 0.48
CA HIS B 1048 25.58 -57.93 -0.68
C HIS B 1048 25.96 -58.96 -1.72
N LEU B 1049 24.95 -59.71 -2.21
CA LEU B 1049 25.12 -60.65 -3.32
C LEU B 1049 24.61 -60.12 -4.64
N MET B 1050 23.34 -59.73 -4.73
CA MET B 1050 22.82 -59.18 -5.97
C MET B 1050 21.55 -58.43 -5.64
N SER B 1051 20.94 -57.82 -6.65
CA SER B 1051 19.73 -57.07 -6.39
C SER B 1051 18.83 -57.14 -7.59
N PHE B 1052 17.52 -57.15 -7.36
CA PHE B 1052 16.59 -57.24 -8.47
C PHE B 1052 15.68 -56.02 -8.46
N PRO B 1053 15.52 -55.31 -9.55
CA PRO B 1053 14.62 -54.16 -9.55
C PRO B 1053 13.19 -54.48 -9.88
N GLN B 1054 12.26 -53.73 -9.31
CA GLN B 1054 10.86 -53.89 -9.63
C GLN B 1054 10.18 -52.55 -9.78
N SER B 1055 9.41 -52.37 -10.84
CA SER B 1055 8.77 -51.11 -11.08
C SER B 1055 7.64 -50.85 -10.08
N ALA B 1056 7.37 -49.59 -9.80
CA ALA B 1056 6.30 -49.11 -8.95
C ALA B 1056 5.73 -47.88 -9.63
N PRO B 1057 4.52 -47.44 -9.27
CA PRO B 1057 3.91 -46.31 -9.99
C PRO B 1057 4.75 -45.04 -10.12
N HIS B 1058 5.54 -44.67 -9.15
CA HIS B 1058 6.32 -43.46 -9.31
C HIS B 1058 7.71 -43.67 -8.76
N GLY B 1059 8.20 -44.90 -8.74
CA GLY B 1059 9.50 -45.14 -8.18
C GLY B 1059 9.98 -46.52 -8.46
N VAL B 1060 11.00 -46.92 -7.74
CA VAL B 1060 11.62 -48.23 -7.91
C VAL B 1060 11.62 -48.97 -6.59
N VAL B 1061 11.61 -50.30 -6.67
CA VAL B 1061 11.69 -51.18 -5.52
C VAL B 1061 12.83 -52.18 -5.70
N PHE B 1062 13.90 -52.02 -4.97
CA PHE B 1062 15.06 -52.90 -5.08
C PHE B 1062 14.99 -54.06 -4.11
N LEU B 1063 15.13 -55.28 -4.60
CA LEU B 1063 15.14 -56.48 -3.78
C LEU B 1063 16.56 -56.95 -3.53
N HIS B 1064 17.21 -56.34 -2.55
CA HIS B 1064 18.59 -56.69 -2.20
C HIS B 1064 18.71 -58.08 -1.61
N VAL B 1065 19.57 -58.93 -2.17
CA VAL B 1065 19.84 -60.25 -1.61
C VAL B 1065 21.15 -60.22 -0.84
N THR B 1066 21.10 -60.50 0.45
CA THR B 1066 22.26 -60.40 1.34
C THR B 1066 22.59 -61.73 1.99
N TYR B 1067 23.86 -61.94 2.26
CA TYR B 1067 24.36 -63.12 2.92
C TYR B 1067 24.69 -62.75 4.36
N VAL B 1068 24.12 -63.46 5.33
CA VAL B 1068 24.28 -63.13 6.73
C VAL B 1068 24.79 -64.34 7.47
N PRO B 1069 25.90 -64.24 8.17
CA PRO B 1069 26.40 -65.37 8.95
C PRO B 1069 25.51 -65.70 10.14
N ALA B 1070 25.72 -66.89 10.69
CA ALA B 1070 24.94 -67.30 11.86
C ALA B 1070 25.58 -68.51 12.53
N GLN B 1071 25.08 -68.80 13.73
CA GLN B 1071 25.54 -69.91 14.55
C GLN B 1071 27.04 -69.86 14.84
N GLU B 1072 27.49 -68.78 15.44
CA GLU B 1072 28.92 -68.63 15.71
C GLU B 1072 29.37 -69.50 16.86
N LYS B 1073 30.68 -69.62 16.99
CA LYS B 1073 31.28 -70.48 18.01
C LYS B 1073 32.60 -69.90 18.49
N ASN B 1074 32.96 -70.17 19.75
CA ASN B 1074 34.21 -69.70 20.34
C ASN B 1074 35.42 -70.53 19.93
N PHE B 1075 36.55 -69.86 19.82
CA PHE B 1075 37.76 -70.54 19.43
C PHE B 1075 38.89 -69.79 20.10
N THR B 1076 40.01 -70.45 20.28
CA THR B 1076 41.19 -69.77 20.78
C THR B 1076 42.16 -69.52 19.65
N THR B 1077 42.77 -68.35 19.60
CA THR B 1077 43.60 -68.06 18.44
C THR B 1077 44.89 -67.44 18.86
N ALA B 1078 45.83 -67.42 17.93
CA ALA B 1078 47.13 -66.83 18.12
C ALA B 1078 47.57 -66.11 16.87
N PRO B 1079 48.38 -65.07 17.01
CA PRO B 1079 48.81 -64.32 15.84
C PRO B 1079 49.82 -65.03 14.96
N ALA B 1080 50.58 -65.99 15.47
CA ALA B 1080 51.61 -66.64 14.68
C ALA B 1080 51.98 -67.95 15.34
N ILE B 1081 52.59 -68.83 14.56
CA ILE B 1081 53.09 -70.10 15.09
C ILE B 1081 54.60 -70.09 15.01
N CYS B 1082 55.26 -70.55 16.04
CA CYS B 1082 56.72 -70.59 16.05
C CYS B 1082 57.17 -72.03 15.94
N HIS B 1083 57.85 -72.34 14.84
CA HIS B 1083 58.36 -73.69 14.62
C HIS B 1083 59.74 -73.63 13.99
N ASP B 1084 60.65 -74.44 14.50
CA ASP B 1084 62.00 -74.46 13.99
C ASP B 1084 62.64 -73.10 14.13
N GLY B 1085 62.18 -72.32 15.09
CA GLY B 1085 62.76 -71.03 15.35
C GLY B 1085 62.27 -69.92 14.47
N LYS B 1086 61.41 -70.19 13.51
CA LYS B 1086 60.88 -69.14 12.65
C LYS B 1086 59.37 -69.01 12.81
N ALA B 1087 58.87 -67.78 12.63
CA ALA B 1087 57.47 -67.49 12.82
C ALA B 1087 56.71 -67.69 11.52
N HIS B 1088 55.55 -68.28 11.60
CA HIS B 1088 54.69 -68.52 10.46
C HIS B 1088 53.42 -67.71 10.63
N PHE B 1089 52.95 -67.12 9.56
CA PHE B 1089 51.72 -66.36 9.56
C PHE B 1089 50.80 -66.93 8.51
N PRO B 1090 49.50 -66.80 8.66
CA PRO B 1090 48.60 -67.41 7.72
C PRO B 1090 48.44 -66.54 6.49
N ARG B 1091 48.48 -67.18 5.33
CA ARG B 1091 48.26 -66.46 4.09
C ARG B 1091 46.87 -65.89 4.04
N GLU B 1092 45.88 -66.70 4.35
CA GLU B 1092 44.52 -66.20 4.43
C GLU B 1092 43.82 -66.96 5.54
N GLY B 1093 43.18 -66.26 6.44
CA GLY B 1093 42.46 -66.87 7.51
C GLY B 1093 43.13 -66.64 8.84
N VAL B 1094 42.77 -67.48 9.80
CA VAL B 1094 43.23 -67.36 11.17
C VAL B 1094 43.57 -68.71 11.73
N PHE B 1095 44.55 -68.74 12.62
CA PHE B 1095 44.91 -69.93 13.36
C PHE B 1095 43.89 -70.17 14.45
N VAL B 1096 43.13 -71.25 14.38
CA VAL B 1096 42.04 -71.53 15.29
C VAL B 1096 42.33 -72.80 16.06
N SER B 1097 42.18 -72.75 17.38
CA SER B 1097 42.34 -73.89 18.26
C SER B 1097 41.03 -74.28 18.90
N ASN B 1098 40.78 -75.58 18.92
CA ASN B 1098 39.58 -76.17 19.49
C ASN B 1098 39.85 -76.84 20.83
N GLY B 1099 40.86 -76.38 21.55
CA GLY B 1099 41.17 -76.90 22.86
C GLY B 1099 42.50 -77.62 22.93
N THR B 1100 42.83 -78.42 21.91
CA THR B 1100 44.08 -79.18 21.90
C THR B 1100 44.86 -79.15 20.58
N HIS B 1101 44.23 -78.83 19.46
CA HIS B 1101 44.90 -78.83 18.16
C HIS B 1101 44.67 -77.51 17.48
N TRP B 1102 45.62 -77.11 16.66
CA TRP B 1102 45.57 -75.85 15.94
C TRP B 1102 45.23 -76.12 14.48
N PHE B 1103 44.44 -75.25 13.88
CA PHE B 1103 44.03 -75.42 12.50
C PHE B 1103 44.02 -74.06 11.85
N VAL B 1104 43.90 -74.02 10.54
CA VAL B 1104 43.74 -72.78 9.78
C VAL B 1104 42.34 -72.71 9.24
N THR B 1105 41.73 -71.54 9.27
CA THR B 1105 40.37 -71.44 8.76
C THR B 1105 40.10 -70.08 8.14
N GLN B 1106 39.37 -70.08 7.03
CA GLN B 1106 38.99 -68.80 6.44
C GLN B 1106 38.14 -68.05 7.44
N ARG B 1107 38.15 -66.72 7.34
CA ARG B 1107 37.56 -65.92 8.39
C ARG B 1107 36.03 -66.04 8.44
N ASN B 1108 35.36 -66.07 7.30
CA ASN B 1108 33.90 -65.99 7.30
C ASN B 1108 33.17 -67.31 7.34
N PHE B 1109 33.84 -68.43 7.54
CA PHE B 1109 33.06 -69.65 7.61
C PHE B 1109 33.96 -70.72 8.21
N TYR B 1110 33.50 -71.43 9.20
CA TYR B 1110 34.35 -72.41 9.86
C TYR B 1110 34.64 -73.59 8.95
N GLU B 1111 35.90 -73.77 8.56
CA GLU B 1111 36.32 -74.92 7.75
C GLU B 1111 37.76 -75.25 8.09
N PRO B 1112 38.00 -75.95 9.19
CA PRO B 1112 39.37 -76.14 9.67
C PRO B 1112 40.20 -76.99 8.73
N GLN B 1113 41.46 -76.63 8.59
CA GLN B 1113 42.41 -77.35 7.77
C GLN B 1113 43.68 -77.57 8.55
N ILE B 1114 44.44 -78.58 8.17
CA ILE B 1114 45.74 -78.82 8.77
C ILE B 1114 46.73 -77.73 8.38
N ILE B 1115 47.53 -77.29 9.34
CA ILE B 1115 48.55 -76.27 9.10
C ILE B 1115 49.70 -76.84 8.29
N THR B 1116 49.93 -76.31 7.10
CA THR B 1116 50.98 -76.83 6.23
C THR B 1116 51.77 -75.68 5.66
N THR B 1117 52.88 -76.02 5.01
CA THR B 1117 53.71 -75.03 4.35
C THR B 1117 53.01 -74.40 3.16
N ASP B 1118 51.90 -74.96 2.72
CA ASP B 1118 51.24 -74.40 1.56
C ASP B 1118 50.42 -73.16 1.91
N ASN B 1119 49.78 -73.14 3.08
CA ASN B 1119 48.90 -72.04 3.47
C ASN B 1119 49.48 -71.09 4.50
N THR B 1120 50.80 -71.02 4.67
CA THR B 1120 51.41 -70.09 5.60
C THR B 1120 52.72 -69.57 5.03
N PHE B 1121 53.15 -68.40 5.48
CA PHE B 1121 54.42 -67.86 5.00
C PHE B 1121 55.27 -67.43 6.18
N VAL B 1122 56.55 -67.40 5.96
CA VAL B 1122 57.51 -67.22 7.05
C VAL B 1122 58.01 -65.79 7.05
N SER B 1123 58.32 -65.26 8.23
CA SER B 1123 58.91 -63.94 8.32
C SER B 1123 59.69 -63.83 9.63
N GLY B 1124 60.99 -63.93 9.56
CA GLY B 1124 61.84 -63.68 10.69
C GLY B 1124 61.69 -64.64 11.84
N ASN B 1125 62.56 -64.49 12.84
CA ASN B 1125 62.54 -65.32 14.03
C ASN B 1125 61.33 -64.98 14.88
N CYS B 1126 61.05 -65.87 15.83
CA CYS B 1126 59.81 -65.89 16.57
C CYS B 1126 59.92 -65.27 17.95
N ASP B 1127 60.77 -64.28 18.12
CA ASP B 1127 60.82 -63.59 19.40
C ASP B 1127 60.30 -62.18 19.40
N VAL B 1128 59.97 -61.61 18.24
CA VAL B 1128 59.47 -60.24 18.23
C VAL B 1128 57.96 -60.14 18.41
N VAL B 1129 57.19 -61.11 17.92
CA VAL B 1129 55.74 -61.06 18.01
C VAL B 1129 55.30 -61.40 19.41
N ILE B 1130 54.28 -60.71 19.88
CA ILE B 1130 53.74 -60.92 21.21
C ILE B 1130 52.57 -61.88 21.09
N GLY B 1131 52.47 -62.82 22.02
CA GLY B 1131 51.44 -63.83 21.96
C GLY B 1131 51.70 -64.99 21.04
N ILE B 1132 52.95 -65.22 20.64
CA ILE B 1132 53.29 -66.31 19.74
C ILE B 1132 53.17 -67.64 20.46
N VAL B 1133 52.81 -68.69 19.72
CA VAL B 1133 52.63 -70.02 20.29
C VAL B 1133 53.49 -71.01 19.54
N ASN B 1134 53.51 -72.25 20.01
CA ASN B 1134 54.37 -73.26 19.42
C ASN B 1134 53.51 -74.34 18.81
N ASN B 1135 53.89 -74.84 17.63
CA ASN B 1135 53.17 -75.97 17.08
C ASN B 1135 53.87 -76.49 15.83
N THR B 1136 53.51 -77.72 15.45
CA THR B 1136 54.08 -78.41 14.31
C THR B 1136 53.48 -77.88 13.00
N VAL B 1137 54.32 -77.53 12.05
CA VAL B 1137 53.91 -77.08 10.72
C VAL B 1137 54.30 -78.13 9.68
N TYR B 1138 53.36 -78.99 9.31
CA TYR B 1138 53.69 -80.09 8.42
C TYR B 1138 54.10 -79.58 7.05
N ASP B 1139 55.06 -80.25 6.43
CA ASP B 1139 55.48 -79.93 5.09
C ASP B 1139 55.07 -81.06 4.16
N PRO B 1140 54.21 -80.83 3.17
CA PRO B 1140 53.73 -81.93 2.34
C PRO B 1140 54.77 -82.64 1.51
N LEU B 1141 55.95 -82.06 1.31
CA LEU B 1141 56.97 -82.73 0.52
C LEU B 1141 57.64 -83.89 1.23
N GLN B 1142 57.68 -83.85 2.57
CA GLN B 1142 58.36 -84.93 3.29
C GLN B 1142 57.66 -86.28 3.18
N PRO B 1143 56.37 -86.42 3.48
CA PRO B 1143 55.75 -87.76 3.34
C PRO B 1143 55.83 -88.35 1.94
N GLU B 1144 55.80 -87.52 0.88
CA GLU B 1144 55.89 -88.08 -0.46
C GLU B 1144 57.31 -88.59 -0.74
N LEU B 1145 58.31 -87.82 -0.35
CA LEU B 1145 59.72 -88.17 -0.55
C LEU B 1145 60.01 -88.41 -2.03
N ASP B 1146 59.66 -87.41 -2.85
CA ASP B 1146 59.85 -87.50 -4.30
C ASP B 1146 61.30 -87.32 -4.72
N ALA C 27 -14.63 -5.44 -56.65
CA ALA C 27 -13.81 -6.61 -56.90
C ALA C 27 -13.05 -7.01 -55.65
N TYR C 28 -12.09 -7.91 -55.78
CA TYR C 28 -11.30 -8.36 -54.65
C TYR C 28 -9.91 -8.79 -55.08
N THR C 29 -8.95 -8.69 -54.16
CA THR C 29 -7.60 -9.14 -54.45
C THR C 29 -6.86 -9.28 -53.13
N ASN C 30 -6.19 -10.40 -52.90
CA ASN C 30 -5.50 -10.56 -51.64
C ASN C 30 -4.30 -9.64 -51.53
N SER C 31 -4.17 -9.00 -50.38
CA SER C 31 -3.06 -8.17 -50.04
C SER C 31 -2.03 -9.08 -49.39
N PHE C 32 -0.83 -9.10 -49.92
CA PHE C 32 0.23 -9.94 -49.45
C PHE C 32 0.82 -9.30 -48.20
N THR C 33 2.08 -9.63 -47.91
CA THR C 33 2.75 -9.12 -46.73
C THR C 33 3.16 -7.66 -46.99
N ARG C 34 2.18 -6.77 -46.88
CA ARG C 34 2.36 -5.36 -47.19
C ARG C 34 1.65 -4.55 -46.12
N GLY C 35 1.82 -3.23 -46.14
CA GLY C 35 1.08 -2.39 -45.23
C GLY C 35 1.66 -2.12 -43.86
N VAL C 36 2.75 -2.76 -43.46
CA VAL C 36 3.32 -2.50 -42.14
C VAL C 36 4.00 -1.13 -42.12
N TYR C 37 3.95 -0.45 -40.97
CA TYR C 37 4.50 0.90 -40.86
C TYR C 37 5.18 1.10 -39.52
N TYR C 38 6.03 2.13 -39.45
CA TYR C 38 6.74 2.46 -38.21
C TYR C 38 5.81 3.02 -37.15
N PRO C 39 5.61 2.33 -36.07
CA PRO C 39 4.58 2.77 -35.11
C PRO C 39 5.01 3.74 -34.02
N ASP C 40 6.31 3.79 -33.67
CA ASP C 40 6.72 4.56 -32.49
C ASP C 40 7.89 5.53 -32.65
N LYS C 41 8.42 5.74 -33.85
CA LYS C 41 9.52 6.70 -34.09
C LYS C 41 10.66 6.62 -33.06
N VAL C 42 10.98 5.41 -32.60
CA VAL C 42 12.08 5.20 -31.69
C VAL C 42 13.11 4.35 -32.41
N PHE C 43 14.37 4.75 -32.34
CA PHE C 43 15.39 4.03 -33.09
C PHE C 43 15.70 2.72 -32.37
N ARG C 44 15.84 1.64 -33.13
CA ARG C 44 16.26 0.36 -32.59
C ARG C 44 17.12 -0.36 -33.61
N SER C 45 18.14 -1.04 -33.14
CA SER C 45 19.16 -1.63 -34.00
C SER C 45 19.30 -3.11 -33.71
N SER C 46 19.23 -3.92 -34.76
CA SER C 46 19.47 -5.36 -34.69
C SER C 46 18.74 -6.00 -33.52
N VAL C 47 17.41 -5.82 -33.51
CA VAL C 47 16.57 -6.36 -32.46
C VAL C 47 15.18 -6.60 -33.01
N LEU C 48 14.46 -7.49 -32.34
CA LEU C 48 13.10 -7.84 -32.64
C LEU C 48 12.19 -7.18 -31.63
N HIS C 49 11.04 -6.70 -32.10
CA HIS C 49 10.13 -5.99 -31.23
C HIS C 49 8.72 -6.46 -31.49
N SER C 50 7.94 -6.67 -30.44
CA SER C 50 6.56 -7.09 -30.61
C SER C 50 5.65 -5.94 -30.25
N THR C 51 4.73 -5.62 -31.15
CA THR C 51 3.85 -4.47 -30.92
C THR C 51 2.41 -4.80 -31.26
N GLN C 52 1.49 -4.32 -30.43
CA GLN C 52 0.05 -4.46 -30.67
C GLN C 52 -0.54 -3.16 -31.19
N ASP C 53 -0.93 -3.14 -32.46
CA ASP C 53 -1.48 -1.92 -33.04
C ASP C 53 -2.39 -2.27 -34.21
N LEU C 54 -2.99 -1.26 -34.82
CA LEU C 54 -3.93 -1.47 -35.93
C LEU C 54 -3.11 -1.65 -37.20
N PHE C 55 -2.99 -2.88 -37.67
CA PHE C 55 -2.25 -3.21 -38.87
C PHE C 55 -3.14 -3.82 -39.94
N LEU C 56 -2.58 -4.00 -41.14
CA LEU C 56 -3.27 -4.69 -42.22
C LEU C 56 -2.87 -6.16 -42.19
N PRO C 57 -3.76 -7.08 -41.82
CA PRO C 57 -3.41 -8.49 -41.75
C PRO C 57 -2.87 -9.03 -43.06
N PHE C 58 -1.83 -9.86 -42.98
CA PHE C 58 -1.22 -10.40 -44.18
C PHE C 58 -2.14 -11.35 -44.92
N PHE C 59 -1.97 -11.40 -46.24
CA PHE C 59 -2.73 -12.28 -47.12
C PHE C 59 -4.24 -12.03 -46.99
N SER C 60 -4.62 -10.82 -46.62
CA SER C 60 -6.05 -10.51 -46.52
C SER C 60 -6.57 -9.87 -47.78
N ASN C 61 -7.84 -10.10 -48.10
CA ASN C 61 -8.38 -9.53 -49.33
C ASN C 61 -8.72 -8.06 -49.16
N VAL C 62 -8.52 -7.30 -50.24
CA VAL C 62 -8.77 -5.87 -50.26
C VAL C 62 -9.58 -5.54 -51.51
N THR C 63 -10.51 -4.59 -51.37
CA THR C 63 -11.33 -4.18 -52.50
C THR C 63 -10.48 -3.49 -53.55
N TRP C 64 -10.82 -3.73 -54.80
CA TRP C 64 -10.05 -3.24 -55.93
C TRP C 64 -10.96 -2.42 -56.84
N PHE C 65 -10.52 -1.22 -57.23
CA PHE C 65 -11.34 -0.41 -58.14
C PHE C 65 -10.47 0.16 -59.24
N HIS C 66 -11.11 0.52 -60.36
CA HIS C 66 -10.42 1.04 -61.53
C HIS C 66 -10.79 2.50 -61.81
N ALA C 67 -9.84 3.18 -62.45
CA ALA C 67 -9.88 4.61 -62.71
C ALA C 67 -10.17 4.91 -64.18
N ILE C 68 -11.33 4.50 -64.68
CA ILE C 68 -11.71 4.85 -66.04
C ILE C 68 -12.80 5.92 -65.99
N HIS C 69 -13.99 5.53 -65.53
CA HIS C 69 -15.09 6.45 -65.30
C HIS C 69 -16.08 5.76 -64.38
N VAL C 70 -16.74 6.58 -63.56
CA VAL C 70 -17.81 6.19 -62.65
C VAL C 70 -17.93 4.69 -62.37
N ASP C 80 -19.68 9.42 -59.22
CA ASP C 80 -18.66 8.66 -59.92
C ASP C 80 -18.04 7.62 -59.00
N ASN C 81 -17.79 8.00 -57.74
CA ASN C 81 -17.14 7.11 -56.82
C ASN C 81 -18.03 6.84 -55.61
N PRO C 82 -18.17 5.59 -55.22
CA PRO C 82 -18.99 5.27 -54.04
C PRO C 82 -18.26 5.60 -52.75
N VAL C 83 -19.05 5.83 -51.73
CA VAL C 83 -18.46 6.16 -50.44
C VAL C 83 -18.05 4.86 -49.79
N LEU C 84 -16.93 4.86 -49.11
CA LEU C 84 -16.40 3.71 -48.44
C LEU C 84 -16.26 4.08 -46.99
N PRO C 85 -16.68 3.26 -46.05
CA PRO C 85 -16.62 3.68 -44.65
C PRO C 85 -15.19 3.70 -44.16
N PHE C 86 -14.96 4.53 -43.16
CA PHE C 86 -13.70 4.66 -42.46
C PHE C 86 -13.86 3.96 -41.12
N ASN C 87 -13.77 2.64 -41.16
CA ASN C 87 -14.10 1.87 -39.98
C ASN C 87 -13.15 2.22 -38.84
N ASP C 88 -11.86 1.96 -39.04
CA ASP C 88 -10.83 2.18 -38.04
C ASP C 88 -9.54 2.69 -38.62
N GLY C 89 -9.39 2.70 -39.94
CA GLY C 89 -8.15 3.08 -40.56
C GLY C 89 -8.10 2.46 -41.92
N VAL C 90 -7.59 3.15 -42.91
CA VAL C 90 -7.65 2.68 -44.29
C VAL C 90 -6.26 2.61 -44.88
N TYR C 91 -5.99 1.56 -45.61
CA TYR C 91 -4.71 1.42 -46.29
C TYR C 91 -5.08 1.59 -47.75
N PHE C 92 -4.73 2.72 -48.31
CA PHE C 92 -5.11 3.14 -49.64
C PHE C 92 -3.87 3.01 -50.53
N ALA C 93 -3.86 2.06 -51.44
CA ALA C 93 -2.74 1.94 -52.37
C ALA C 93 -3.22 2.29 -53.76
N SER C 94 -2.36 2.91 -54.56
CA SER C 94 -2.78 3.31 -55.90
C SER C 94 -1.62 3.19 -56.86
N THR C 95 -1.84 2.55 -58.00
CA THR C 95 -0.83 2.49 -59.05
C THR C 95 -1.27 3.34 -60.23
N GLU C 96 -0.66 4.50 -60.39
CA GLU C 96 -1.04 5.45 -61.42
C GLU C 96 0.19 6.25 -61.81
N LYS C 97 0.13 6.87 -62.99
CA LYS C 97 1.25 7.66 -63.46
C LYS C 97 0.83 8.97 -64.12
N SER C 98 -0.37 9.48 -63.82
CA SER C 98 -0.82 10.72 -64.43
C SER C 98 -1.50 11.66 -63.45
N ASN C 99 -1.43 11.40 -62.15
CA ASN C 99 -2.07 12.24 -61.12
C ASN C 99 -3.57 12.36 -61.37
N ILE C 100 -4.21 11.22 -61.64
CA ILE C 100 -5.62 11.25 -61.92
C ILE C 100 -6.40 11.35 -60.61
N ILE C 101 -5.85 10.79 -59.54
CA ILE C 101 -6.41 10.86 -58.20
C ILE C 101 -5.64 11.93 -57.43
N ARG C 102 -6.37 12.88 -56.87
CA ARG C 102 -5.72 14.08 -56.37
C ARG C 102 -6.08 14.44 -54.93
N GLY C 103 -6.97 13.72 -54.28
CA GLY C 103 -7.27 14.14 -52.93
C GLY C 103 -8.32 13.28 -52.30
N TRP C 104 -8.72 13.70 -51.11
CA TRP C 104 -9.72 13.01 -50.34
C TRP C 104 -10.58 14.03 -49.63
N ILE C 105 -11.70 13.56 -49.10
CA ILE C 105 -12.59 14.36 -48.29
C ILE C 105 -13.11 13.45 -47.20
N PHE C 106 -13.08 13.89 -45.97
CA PHE C 106 -13.51 13.01 -44.89
C PHE C 106 -14.56 13.70 -44.02
N GLY C 107 -15.15 12.92 -43.14
CA GLY C 107 -16.14 13.47 -42.24
C GLY C 107 -17.19 12.44 -41.88
N THR C 108 -18.08 12.87 -41.00
CA THR C 108 -19.21 12.05 -40.55
C THR C 108 -20.39 12.16 -41.49
N THR C 109 -20.37 13.12 -42.41
CA THR C 109 -21.43 13.29 -43.40
C THR C 109 -20.90 14.24 -44.46
N LEU C 110 -21.48 14.12 -45.65
CA LEU C 110 -21.07 14.96 -46.76
C LEU C 110 -21.70 16.35 -46.73
N ASP C 111 -22.69 16.56 -45.88
CA ASP C 111 -23.35 17.85 -45.81
C ASP C 111 -22.55 18.83 -44.98
N SER C 112 -22.93 20.09 -45.08
CA SER C 112 -22.25 21.16 -44.35
C SER C 112 -22.71 21.25 -42.90
N LYS C 113 -23.54 20.32 -42.44
CA LYS C 113 -24.03 20.33 -41.07
C LYS C 113 -22.92 20.07 -40.06
N THR C 114 -21.73 19.68 -40.50
CA THR C 114 -20.62 19.40 -39.61
C THR C 114 -19.32 19.76 -40.31
N GLN C 115 -18.31 20.04 -39.50
CA GLN C 115 -17.03 20.53 -40.02
C GLN C 115 -16.29 19.36 -40.67
N SER C 116 -16.68 19.04 -41.89
CA SER C 116 -16.01 17.99 -42.64
C SER C 116 -14.57 18.37 -42.94
N LEU C 117 -13.81 17.46 -43.53
CA LEU C 117 -12.37 17.64 -43.71
C LEU C 117 -12.07 17.55 -45.20
N LEU C 118 -11.01 18.23 -45.61
CA LEU C 118 -10.57 18.22 -47.00
C LEU C 118 -9.07 18.07 -47.05
N ILE C 119 -8.58 17.20 -47.93
CA ILE C 119 -7.15 17.06 -48.17
C ILE C 119 -6.94 17.05 -49.67
N VAL C 120 -6.19 18.01 -50.20
CA VAL C 120 -6.05 18.10 -51.64
C VAL C 120 -4.59 18.23 -51.99
N ASN C 121 -4.09 17.28 -52.76
CA ASN C 121 -2.71 17.37 -53.21
C ASN C 121 -2.69 18.12 -54.54
N ASN C 122 -1.49 18.44 -54.98
CA ASN C 122 -1.30 19.17 -56.23
C ASN C 122 0.17 19.04 -56.61
N ALA C 123 0.49 19.53 -57.80
CA ALA C 123 1.88 19.48 -58.23
C ALA C 123 2.75 20.39 -57.38
N THR C 124 2.16 21.40 -56.75
CA THR C 124 2.91 22.37 -55.95
C THR C 124 2.78 22.19 -54.45
N ASN C 125 1.60 21.85 -53.91
CA ASN C 125 1.43 21.79 -52.46
C ASN C 125 0.10 21.13 -52.11
N VAL C 126 -0.05 20.79 -50.83
CA VAL C 126 -1.29 20.27 -50.25
C VAL C 126 -2.05 21.36 -49.54
N VAL C 127 -3.38 21.30 -49.62
CA VAL C 127 -4.27 22.18 -48.88
C VAL C 127 -5.18 21.34 -48.00
N ILE C 128 -5.05 21.50 -46.68
CA ILE C 128 -5.85 20.76 -45.72
C ILE C 128 -6.76 21.75 -45.05
N LYS C 129 -8.03 21.39 -44.93
CA LYS C 129 -9.01 22.35 -44.42
C LYS C 129 -10.04 21.64 -43.58
N VAL C 130 -10.58 22.32 -42.57
CA VAL C 130 -11.70 21.79 -41.79
C VAL C 130 -12.75 22.90 -41.71
N CYS C 131 -13.66 22.91 -42.66
CA CYS C 131 -14.63 23.99 -42.80
C CYS C 131 -16.05 23.60 -43.17
N GLU C 132 -16.43 22.33 -43.11
CA GLU C 132 -17.81 21.92 -43.37
C GLU C 132 -18.28 22.30 -44.77
N PHE C 133 -17.42 22.25 -45.77
CA PHE C 133 -17.89 22.63 -47.10
C PHE C 133 -18.80 21.53 -47.64
N GLN C 134 -20.03 21.92 -48.00
CA GLN C 134 -21.00 20.98 -48.53
C GLN C 134 -20.62 20.53 -49.94
N PHE C 135 -20.73 19.23 -50.18
CA PHE C 135 -20.40 18.65 -51.48
C PHE C 135 -21.68 18.37 -52.25
N CYS C 136 -21.50 18.10 -53.54
CA CYS C 136 -22.62 17.74 -54.39
C CYS C 136 -22.92 16.26 -54.18
N ASN C 137 -23.88 15.73 -54.90
CA ASN C 137 -24.17 14.30 -54.76
C ASN C 137 -22.93 13.47 -55.07
N ASP C 138 -22.03 13.98 -55.90
CA ASP C 138 -20.80 13.28 -56.22
C ASP C 138 -19.62 14.25 -56.14
N PRO C 139 -18.44 13.75 -55.77
CA PRO C 139 -17.26 14.61 -55.76
C PRO C 139 -16.96 15.10 -57.16
N PHE C 140 -16.65 16.39 -57.28
CA PHE C 140 -16.40 16.95 -58.60
C PHE C 140 -15.22 16.23 -59.24
N LEU C 141 -15.28 16.05 -60.56
CA LEU C 141 -14.21 15.37 -61.28
C LEU C 141 -13.37 16.41 -61.99
N ASP C 142 -12.15 16.59 -61.49
CA ASP C 142 -11.23 17.56 -62.06
C ASP C 142 -10.88 17.25 -63.51
N PHE C 157 -13.43 24.89 -63.46
CA PHE C 157 -13.72 23.59 -62.90
C PHE C 157 -12.61 23.14 -61.95
N ARG C 158 -12.14 24.07 -61.12
CA ARG C 158 -11.07 23.76 -60.19
C ARG C 158 -11.57 23.43 -58.79
N VAL C 159 -12.78 23.87 -58.43
CA VAL C 159 -13.34 23.62 -57.10
C VAL C 159 -14.84 23.53 -57.22
N TYR C 160 -15.46 22.75 -56.33
CA TYR C 160 -16.91 22.62 -56.31
C TYR C 160 -17.32 22.25 -54.88
N SER C 161 -17.82 23.25 -54.15
CA SER C 161 -18.25 23.07 -52.78
C SER C 161 -19.02 24.32 -52.36
N SER C 162 -19.78 24.18 -51.26
CA SER C 162 -20.58 25.26 -50.72
C SER C 162 -19.73 26.13 -49.81
N ALA C 163 -20.37 27.06 -49.11
CA ALA C 163 -19.70 27.95 -48.18
C ALA C 163 -19.02 27.17 -47.06
N ASN C 164 -18.13 27.86 -46.35
CA ASN C 164 -17.31 27.27 -45.32
C ASN C 164 -17.32 28.15 -44.07
N ASN C 165 -17.05 27.55 -42.92
CA ASN C 165 -16.92 28.23 -41.64
C ASN C 165 -15.66 27.74 -40.94
N CYS C 166 -14.56 27.73 -41.69
CA CYS C 166 -13.35 27.01 -41.33
C CYS C 166 -12.92 27.26 -39.89
N THR C 167 -12.47 26.19 -39.24
CA THR C 167 -11.87 26.25 -37.92
C THR C 167 -10.40 25.84 -37.88
N PHE C 168 -9.90 25.13 -38.89
CA PHE C 168 -8.50 24.74 -38.89
C PHE C 168 -8.06 24.70 -40.35
N GLU C 169 -6.84 25.12 -40.61
CA GLU C 169 -6.35 25.13 -41.97
C GLU C 169 -4.85 24.91 -41.97
N TYR C 170 -4.32 24.27 -43.01
CA TYR C 170 -2.93 23.90 -42.99
C TYR C 170 -2.46 23.72 -44.42
N VAL C 171 -1.17 23.94 -44.65
CA VAL C 171 -0.57 23.85 -45.98
C VAL C 171 0.88 23.39 -45.84
N SER C 172 1.34 22.63 -46.82
CA SER C 172 2.71 22.13 -46.86
C SER C 172 2.97 21.55 -48.23
N GLN C 173 4.17 21.03 -48.41
CA GLN C 173 4.65 20.48 -49.66
C GLN C 173 3.76 19.30 -50.13
N PRO C 174 3.79 18.97 -51.42
CA PRO C 174 2.92 17.91 -51.93
C PRO C 174 3.46 16.55 -51.48
N PHE C 175 2.59 15.55 -51.52
CA PHE C 175 2.99 14.18 -51.20
C PHE C 175 3.67 13.39 -52.32
N LEU C 176 4.70 13.95 -52.93
CA LEU C 176 5.32 13.28 -54.08
C LEU C 176 6.83 13.33 -53.92
N LYS C 187 4.18 3.24 -63.06
CA LYS C 187 5.04 2.22 -62.48
C LYS C 187 5.29 2.45 -60.99
N ASN C 188 5.01 3.65 -60.51
CA ASN C 188 5.21 3.98 -59.11
C ASN C 188 3.97 3.62 -58.30
N LEU C 189 4.13 2.75 -57.31
CA LEU C 189 3.08 2.30 -56.41
C LEU C 189 3.07 3.19 -55.18
N ARG C 190 2.07 4.06 -55.08
CA ARG C 190 1.94 4.93 -53.92
C ARG C 190 1.07 4.25 -52.88
N GLU C 191 1.54 4.19 -51.65
CA GLU C 191 0.83 3.56 -50.56
C GLU C 191 0.60 4.58 -49.47
N PHE C 192 -0.55 4.50 -48.83
CA PHE C 192 -0.89 5.45 -47.79
C PHE C 192 -1.65 4.73 -46.70
N VAL C 193 -1.46 5.15 -45.46
CA VAL C 193 -2.23 4.60 -44.36
C VAL C 193 -2.82 5.78 -43.63
N PHE C 194 -4.12 5.81 -43.49
CA PHE C 194 -4.81 6.92 -42.85
C PHE C 194 -5.40 6.41 -41.55
N LYS C 195 -5.12 7.09 -40.46
CA LYS C 195 -5.53 6.67 -39.13
C LYS C 195 -6.03 7.88 -38.36
N ASN C 196 -7.07 7.71 -37.57
CA ASN C 196 -7.58 8.84 -36.78
C ASN C 196 -8.16 8.25 -35.49
N ILE C 197 -7.36 8.26 -34.43
CA ILE C 197 -7.82 7.59 -33.22
C ILE C 197 -7.83 8.49 -31.98
N ASP C 198 -6.71 9.11 -31.66
CA ASP C 198 -6.55 9.79 -30.38
C ASP C 198 -6.81 11.28 -30.50
N GLY C 199 -7.79 11.68 -31.30
CA GLY C 199 -8.03 13.08 -31.48
C GLY C 199 -7.15 13.73 -32.50
N TYR C 200 -6.23 12.97 -33.10
CA TYR C 200 -5.33 13.47 -34.12
C TYR C 200 -5.56 12.63 -35.35
N PHE C 201 -5.33 13.19 -36.52
CA PHE C 201 -5.45 12.44 -37.75
C PHE C 201 -4.06 12.25 -38.34
N LYS C 202 -3.64 11.01 -38.54
CA LYS C 202 -2.27 10.71 -38.86
C LYS C 202 -2.19 10.04 -40.22
N ILE C 203 -1.16 10.37 -40.96
CA ILE C 203 -0.92 9.83 -42.29
C ILE C 203 0.46 9.23 -42.30
N TYR C 204 0.59 8.04 -42.88
CA TYR C 204 1.85 7.37 -43.16
C TYR C 204 1.90 7.11 -44.64
N SER C 205 3.09 7.05 -45.23
CA SER C 205 3.07 6.92 -46.68
C SER C 205 4.37 6.35 -47.21
N LYS C 206 4.33 5.90 -48.46
CA LYS C 206 5.52 5.38 -49.13
C LYS C 206 5.31 5.25 -50.62
N HIS C 207 6.36 5.54 -51.39
CA HIS C 207 6.33 5.51 -52.85
C HIS C 207 7.37 4.52 -53.35
N THR C 208 6.92 3.49 -54.08
CA THR C 208 7.92 2.50 -54.43
C THR C 208 7.90 2.16 -55.92
N PRO C 209 9.07 1.84 -56.47
CA PRO C 209 9.16 1.34 -57.84
C PRO C 209 8.40 0.03 -58.03
N ILE C 210 8.21 -0.35 -59.29
CA ILE C 210 7.56 -1.60 -59.67
C ILE C 210 8.22 -2.12 -60.94
N ASP C 215 -0.10 -6.30 -60.61
CA ASP C 215 -0.52 -6.71 -59.26
C ASP C 215 0.43 -6.10 -58.24
N LEU C 216 0.03 -6.13 -56.97
CA LEU C 216 0.88 -5.58 -55.94
C LEU C 216 2.05 -6.54 -55.77
N PRO C 217 3.28 -6.06 -55.73
CA PRO C 217 4.42 -6.97 -55.64
C PRO C 217 4.53 -7.57 -54.25
N GLN C 218 5.21 -8.69 -54.17
CA GLN C 218 5.42 -9.35 -52.89
C GLN C 218 6.57 -8.77 -52.08
N GLY C 219 7.31 -7.80 -52.61
CA GLY C 219 8.46 -7.28 -51.87
C GLY C 219 8.05 -6.50 -50.64
N PHE C 220 8.85 -6.63 -49.59
CA PHE C 220 8.62 -5.96 -48.32
C PHE C 220 9.20 -4.55 -48.24
N SER C 221 8.41 -3.63 -47.69
CA SER C 221 8.82 -2.24 -47.47
C SER C 221 7.84 -1.57 -46.50
N ALA C 222 8.34 -0.93 -45.43
CA ALA C 222 7.50 -0.34 -44.41
C ALA C 222 7.22 1.14 -44.65
N LEU C 223 6.05 1.58 -44.21
CA LEU C 223 5.60 2.97 -44.27
C LEU C 223 6.06 3.81 -43.09
N GLU C 224 6.40 5.14 -43.35
CA GLU C 224 6.90 6.13 -42.40
C GLU C 224 5.86 7.17 -41.99
N PRO C 225 5.82 7.62 -40.74
CA PRO C 225 4.85 8.64 -40.35
C PRO C 225 5.05 9.95 -41.10
N LEU C 226 4.05 10.32 -41.88
CA LEU C 226 4.19 11.50 -42.70
C LEU C 226 3.64 12.76 -42.05
N VAL C 227 2.39 12.77 -41.59
CA VAL C 227 1.80 13.97 -40.97
C VAL C 227 0.88 13.64 -39.80
N ASP C 228 0.87 14.50 -38.77
CA ASP C 228 0.00 14.38 -37.60
C ASP C 228 -0.86 15.61 -37.31
N LEU C 229 -2.04 15.62 -37.71
CA LEU C 229 -2.86 16.83 -37.56
C LEU C 229 -3.64 16.81 -36.25
N PRO C 230 -3.86 17.98 -35.66
CA PRO C 230 -4.58 18.07 -34.37
C PRO C 230 -6.10 18.09 -34.50
N ILE C 231 -6.63 18.09 -35.71
CA ILE C 231 -8.08 18.18 -35.91
C ILE C 231 -8.79 17.04 -35.21
N GLY C 232 -9.84 17.37 -34.48
CA GLY C 232 -10.57 16.34 -33.76
C GLY C 232 -11.89 15.95 -34.38
N ILE C 233 -11.98 16.08 -35.72
CA ILE C 233 -13.21 15.73 -36.41
C ILE C 233 -13.48 14.23 -36.31
N ASN C 234 -14.75 13.87 -36.12
CA ASN C 234 -15.16 12.48 -36.08
C ASN C 234 -15.26 11.97 -37.51
N ILE C 235 -14.23 11.30 -38.02
CA ILE C 235 -14.27 10.80 -39.39
C ILE C 235 -14.97 9.45 -39.41
N THR C 236 -16.02 9.33 -40.22
CA THR C 236 -16.73 8.07 -40.39
C THR C 236 -16.90 7.67 -41.84
N ARG C 237 -16.87 8.61 -42.79
CA ARG C 237 -16.97 8.30 -44.20
C ARG C 237 -15.86 9.00 -44.97
N PHE C 238 -15.54 8.46 -46.13
CA PHE C 238 -14.45 9.04 -46.89
C PHE C 238 -14.72 8.78 -48.36
N GLN C 239 -14.19 9.66 -49.21
CA GLN C 239 -14.39 9.56 -50.65
C GLN C 239 -13.11 10.00 -51.32
N THR C 240 -13.03 9.83 -52.64
CA THR C 240 -11.84 10.19 -53.38
C THR C 240 -12.15 11.31 -54.36
N LEU C 241 -11.09 11.94 -54.87
CA LEU C 241 -11.19 13.01 -55.86
C LEU C 241 -10.37 12.61 -57.07
N LEU C 242 -10.96 12.74 -58.26
CA LEU C 242 -10.28 12.36 -59.48
C LEU C 242 -10.02 13.60 -60.34
N ALA C 243 -9.25 13.40 -61.41
CA ALA C 243 -8.91 14.48 -62.33
C ALA C 243 -8.79 13.92 -63.73
N LEU C 244 -8.74 14.83 -64.71
CA LEU C 244 -8.61 14.48 -66.12
C LEU C 244 -8.34 15.75 -66.90
N HIS C 245 -7.62 15.61 -68.00
CA HIS C 245 -7.28 16.77 -68.83
C HIS C 245 -8.48 17.11 -69.70
N ARG C 246 -8.87 18.39 -69.69
CA ARG C 246 -9.97 18.88 -70.53
C ARG C 246 -11.22 18.04 -70.33
N SER C 247 -11.59 17.85 -69.07
CA SER C 247 -12.77 17.09 -68.69
C SER C 247 -13.85 18.03 -68.21
N TYR C 248 -15.09 17.74 -68.58
CA TYR C 248 -16.20 18.56 -68.12
C TYR C 248 -16.49 18.31 -66.66
N LEU C 249 -17.14 19.29 -66.04
CA LEU C 249 -17.48 19.23 -64.62
C LEU C 249 -18.90 19.74 -64.46
N THR C 250 -19.73 18.99 -63.77
CA THR C 250 -21.10 19.37 -63.50
C THR C 250 -21.49 18.91 -62.10
N PRO C 251 -22.44 19.60 -61.47
CA PRO C 251 -22.89 19.14 -60.14
C PRO C 251 -23.43 17.72 -60.13
N GLY C 252 -24.07 17.28 -61.22
CA GLY C 252 -24.57 15.93 -61.29
C GLY C 252 -24.29 15.29 -62.63
N ASP C 253 -23.86 14.03 -62.64
CA ASP C 253 -23.54 13.37 -63.89
C ASP C 253 -23.93 11.89 -63.82
N SER C 254 -24.09 11.31 -64.99
CA SER C 254 -24.46 9.91 -65.15
C SER C 254 -23.21 9.04 -65.04
N SER C 255 -23.33 7.77 -65.38
CA SER C 255 -22.19 6.86 -65.30
C SER C 255 -21.30 6.96 -66.53
N SER C 256 -21.54 7.94 -67.39
CA SER C 256 -20.70 8.13 -68.57
C SER C 256 -19.31 8.60 -68.19
N GLY C 257 -19.24 9.58 -67.30
CA GLY C 257 -17.93 10.04 -66.90
C GLY C 257 -17.18 10.68 -68.05
N TRP C 258 -15.87 10.78 -67.87
CA TRP C 258 -14.98 11.36 -68.86
C TRP C 258 -13.75 10.48 -68.96
N THR C 259 -13.08 10.54 -70.10
CA THR C 259 -11.92 9.70 -70.30
C THR C 259 -10.83 10.06 -69.30
N ALA C 260 -10.00 9.08 -68.98
CA ALA C 260 -8.89 9.29 -68.06
C ALA C 260 -7.85 8.21 -68.31
N GLY C 261 -6.66 8.41 -67.76
CA GLY C 261 -5.60 7.45 -67.93
C GLY C 261 -5.90 6.14 -67.23
N ALA C 262 -5.22 5.09 -67.71
CA ALA C 262 -5.38 3.76 -67.11
C ALA C 262 -4.80 3.78 -65.70
N ALA C 263 -5.62 3.45 -64.71
CA ALA C 263 -5.16 3.47 -63.33
C ALA C 263 -6.12 2.66 -62.47
N ALA C 264 -5.67 2.37 -61.25
CA ALA C 264 -6.46 1.60 -60.32
C ALA C 264 -5.99 1.89 -58.91
N TYR C 265 -6.90 1.66 -57.95
CA TYR C 265 -6.57 1.89 -56.56
C TYR C 265 -7.25 0.83 -55.71
N TYR C 266 -6.52 0.34 -54.72
CA TYR C 266 -6.98 -0.68 -53.81
C TYR C 266 -7.26 -0.06 -52.46
N VAL C 267 -8.16 -0.67 -51.72
CA VAL C 267 -8.52 -0.20 -50.38
C VAL C 267 -8.53 -1.38 -49.42
N GLY C 268 -7.93 -1.21 -48.25
CA GLY C 268 -7.94 -2.25 -47.24
C GLY C 268 -8.23 -1.63 -45.89
N TYR C 269 -8.77 -2.45 -45.00
CA TYR C 269 -9.16 -2.03 -43.66
C TYR C 269 -8.24 -2.58 -42.59
N LEU C 270 -7.75 -1.71 -41.71
CA LEU C 270 -6.88 -2.11 -40.63
C LEU C 270 -7.64 -2.75 -39.49
N GLN C 271 -6.94 -3.59 -38.73
CA GLN C 271 -7.50 -4.34 -37.61
C GLN C 271 -6.49 -4.42 -36.49
N PRO C 272 -6.94 -4.52 -35.23
CA PRO C 272 -6.00 -4.66 -34.11
C PRO C 272 -5.29 -6.00 -34.15
N ARG C 273 -3.97 -5.97 -34.31
CA ARG C 273 -3.17 -7.18 -34.42
C ARG C 273 -1.88 -7.03 -33.63
N THR C 274 -1.24 -8.15 -33.38
CA THR C 274 0.07 -8.19 -32.76
C THR C 274 1.10 -8.58 -33.81
N PHE C 275 2.07 -7.73 -34.07
CA PHE C 275 3.07 -7.96 -35.10
C PHE C 275 4.46 -8.06 -34.50
N LEU C 276 5.26 -9.00 -34.99
CA LEU C 276 6.65 -9.09 -34.57
C LEU C 276 7.53 -8.46 -35.65
N LEU C 277 8.09 -7.30 -35.35
CA LEU C 277 8.85 -6.49 -36.30
C LEU C 277 10.34 -6.69 -36.11
N LYS C 278 11.07 -6.76 -37.20
CA LYS C 278 12.51 -6.95 -37.17
C LYS C 278 13.22 -5.68 -37.62
N TYR C 279 14.06 -5.10 -36.76
CA TYR C 279 14.83 -3.94 -37.14
C TYR C 279 16.24 -4.35 -37.52
N ASN C 280 16.77 -3.73 -38.56
CA ASN C 280 18.12 -4.02 -39.00
C ASN C 280 19.12 -3.12 -38.28
N GLU C 281 20.39 -3.23 -38.63
CA GLU C 281 21.40 -2.45 -37.93
C GLU C 281 21.27 -0.95 -38.16
N ASN C 282 20.51 -0.53 -39.15
CA ASN C 282 20.34 0.89 -39.43
C ASN C 282 19.01 1.40 -38.96
N GLY C 283 18.25 0.60 -38.22
CA GLY C 283 17.03 1.10 -37.65
C GLY C 283 15.84 1.08 -38.56
N THR C 284 15.85 0.28 -39.62
CA THR C 284 14.74 0.17 -40.56
C THR C 284 14.16 -1.23 -40.48
N ILE C 285 12.85 -1.33 -40.61
CA ILE C 285 12.17 -2.61 -40.56
C ILE C 285 12.39 -3.37 -41.86
N THR C 286 12.89 -4.59 -41.76
CA THR C 286 13.13 -5.41 -42.92
C THR C 286 12.18 -6.60 -43.01
N ASP C 287 11.66 -7.08 -41.88
CA ASP C 287 10.75 -8.21 -41.90
C ASP C 287 9.72 -8.04 -40.79
N ALA C 288 8.64 -8.79 -40.92
CA ALA C 288 7.59 -8.75 -39.93
C ALA C 288 6.88 -10.08 -39.98
N VAL C 289 6.30 -10.47 -38.85
CA VAL C 289 5.60 -11.73 -38.71
C VAL C 289 4.22 -11.44 -38.16
N ASP C 290 3.19 -11.91 -38.86
CA ASP C 290 1.83 -11.75 -38.36
C ASP C 290 1.62 -12.81 -37.30
N CYS C 291 1.45 -12.37 -36.07
CA CYS C 291 1.44 -13.30 -34.97
C CYS C 291 0.28 -14.26 -35.00
N ALA C 292 -0.78 -13.97 -35.76
CA ALA C 292 -1.99 -14.80 -35.76
C ALA C 292 -2.33 -15.33 -37.15
N LEU C 293 -1.33 -15.54 -37.99
CA LEU C 293 -1.60 -16.04 -39.32
C LEU C 293 -1.77 -17.55 -39.32
N ASP C 294 -0.74 -18.29 -38.92
CA ASP C 294 -0.78 -19.74 -38.93
C ASP C 294 -0.03 -20.23 -37.69
N PRO C 295 -0.07 -21.51 -37.36
CA PRO C 295 0.62 -21.94 -36.14
C PRO C 295 2.10 -21.69 -36.12
N LEU C 296 2.80 -21.81 -37.24
CA LEU C 296 4.22 -21.55 -37.21
C LEU C 296 4.55 -20.10 -36.89
N SER C 297 3.82 -19.15 -37.46
CA SER C 297 4.10 -17.77 -37.11
C SER C 297 3.83 -17.50 -35.65
N GLU C 298 2.77 -18.09 -35.12
CA GLU C 298 2.51 -17.88 -33.71
C GLU C 298 3.58 -18.51 -32.86
N THR C 299 4.16 -19.62 -33.30
CA THR C 299 5.26 -20.21 -32.57
C THR C 299 6.46 -19.29 -32.56
N LYS C 300 6.72 -18.66 -33.70
CA LYS C 300 7.79 -17.66 -33.74
C LYS C 300 7.56 -16.55 -32.73
N CYS C 301 6.32 -16.06 -32.61
CA CYS C 301 6.12 -14.96 -31.68
C CYS C 301 6.41 -15.33 -30.24
N THR C 302 6.19 -16.57 -29.85
CA THR C 302 6.45 -16.88 -28.45
C THR C 302 7.93 -17.01 -28.16
N LEU C 303 8.73 -17.43 -29.13
CA LEU C 303 10.16 -17.45 -28.88
C LEU C 303 10.84 -16.15 -29.26
N LYS C 304 10.12 -15.22 -29.89
CA LYS C 304 10.71 -13.97 -30.33
C LYS C 304 11.94 -14.22 -31.18
N SER C 305 11.79 -15.08 -32.16
CA SER C 305 12.92 -15.43 -33.03
C SER C 305 12.41 -15.93 -34.36
N PHE C 306 12.99 -15.43 -35.45
CA PHE C 306 12.56 -15.84 -36.78
C PHE C 306 12.92 -17.29 -37.11
N THR C 307 13.90 -17.86 -36.42
CA THR C 307 14.31 -19.25 -36.64
C THR C 307 13.96 -20.09 -35.41
N VAL C 308 13.08 -21.07 -35.58
CA VAL C 308 12.69 -21.96 -34.51
C VAL C 308 13.37 -23.32 -34.69
N GLU C 309 13.93 -23.84 -33.62
CA GLU C 309 14.66 -25.10 -33.63
C GLU C 309 13.69 -26.27 -33.55
N LYS C 310 14.20 -27.48 -33.82
CA LYS C 310 13.37 -28.67 -33.74
C LYS C 310 12.84 -28.90 -32.33
N GLY C 311 11.54 -29.16 -32.20
CA GLY C 311 10.97 -29.44 -30.90
C GLY C 311 9.48 -29.22 -30.88
N ILE C 312 8.91 -29.29 -29.67
CA ILE C 312 7.49 -29.08 -29.43
C ILE C 312 7.31 -27.87 -28.52
N TYR C 313 6.40 -26.97 -28.90
CA TYR C 313 6.20 -25.72 -28.18
C TYR C 313 4.73 -25.49 -27.86
N GLN C 314 4.44 -25.08 -26.64
CA GLN C 314 3.09 -24.74 -26.19
C GLN C 314 2.71 -23.30 -26.50
N THR C 315 1.99 -23.06 -27.58
CA THR C 315 1.78 -21.69 -28.00
C THR C 315 0.63 -20.98 -27.29
N SER C 316 -0.56 -21.57 -27.23
CA SER C 316 -1.71 -20.82 -26.71
C SER C 316 -2.80 -21.78 -26.24
N ASN C 317 -3.98 -21.23 -26.00
CA ASN C 317 -5.15 -22.01 -25.61
C ASN C 317 -6.32 -21.68 -26.51
N PHE C 318 -7.26 -22.62 -26.61
CA PHE C 318 -8.41 -22.42 -27.45
C PHE C 318 -9.63 -22.55 -26.53
N ARG C 319 -10.72 -21.90 -26.90
CA ARG C 319 -11.95 -21.95 -26.10
C ARG C 319 -13.13 -21.58 -26.98
N VAL C 320 -14.09 -22.49 -27.11
CA VAL C 320 -15.24 -22.24 -27.96
C VAL C 320 -16.04 -21.06 -27.45
N GLN C 321 -16.38 -20.14 -28.34
CA GLN C 321 -17.09 -18.94 -27.93
C GLN C 321 -18.60 -19.15 -27.85
N PRO C 322 -19.29 -18.36 -27.02
CA PRO C 322 -20.74 -18.46 -26.92
C PRO C 322 -21.44 -17.98 -28.18
N THR C 323 -22.45 -18.74 -28.59
CA THR C 323 -23.20 -18.43 -29.80
C THR C 323 -24.47 -17.61 -29.60
N GLU C 324 -24.98 -17.45 -28.38
CA GLU C 324 -26.24 -16.74 -28.14
C GLU C 324 -26.29 -16.21 -26.72
N SER C 325 -27.21 -15.28 -26.48
CA SER C 325 -27.41 -14.73 -25.15
C SER C 325 -28.88 -14.79 -24.75
N ILE C 326 -29.15 -15.24 -23.51
CA ILE C 326 -30.51 -15.40 -23.01
C ILE C 326 -30.62 -14.76 -21.64
N VAL C 327 -31.79 -14.21 -21.36
CA VAL C 327 -32.14 -13.62 -20.08
C VAL C 327 -33.39 -14.29 -19.57
N ARG C 328 -33.41 -14.58 -18.29
CA ARG C 328 -34.49 -15.31 -17.67
C ARG C 328 -34.86 -14.60 -16.38
N PHE C 329 -36.02 -13.96 -16.36
CA PHE C 329 -36.58 -13.21 -15.25
C PHE C 329 -38.00 -13.63 -14.93
N PRO C 330 -38.44 -13.38 -13.69
CA PRO C 330 -39.78 -13.77 -13.26
C PRO C 330 -40.90 -13.06 -14.00
N ASN C 331 -42.09 -13.52 -13.64
CA ASN C 331 -43.45 -13.18 -14.06
C ASN C 331 -43.94 -11.80 -13.66
N ILE C 332 -44.15 -11.55 -12.38
CA ILE C 332 -44.66 -10.33 -11.74
C ILE C 332 -45.22 -9.19 -12.60
N THR C 333 -44.41 -8.45 -13.35
CA THR C 333 -44.96 -7.41 -14.24
C THR C 333 -45.64 -6.21 -13.58
N ASN C 334 -46.11 -6.29 -12.33
CA ASN C 334 -46.74 -5.10 -11.77
C ASN C 334 -45.70 -4.19 -11.11
N LEU C 335 -46.06 -2.93 -10.96
CA LEU C 335 -45.17 -1.95 -10.38
C LEU C 335 -45.24 -1.95 -8.86
N CYS C 336 -44.64 -0.95 -8.22
CA CYS C 336 -44.63 -0.90 -6.76
C CYS C 336 -44.46 0.54 -6.29
N PRO C 337 -44.67 0.80 -4.98
CA PRO C 337 -44.82 2.18 -4.48
C PRO C 337 -43.60 3.08 -4.48
N PHE C 338 -43.43 3.84 -5.55
CA PHE C 338 -42.47 4.93 -5.54
C PHE C 338 -43.16 6.27 -5.54
N ASP C 339 -44.27 6.40 -6.24
CA ASP C 339 -45.02 7.64 -6.21
C ASP C 339 -45.83 7.76 -4.95
N GLU C 340 -45.56 6.90 -3.98
CA GLU C 340 -46.16 6.95 -2.65
C GLU C 340 -45.07 7.03 -1.61
N VAL C 341 -43.83 7.13 -2.05
CA VAL C 341 -42.69 7.33 -1.18
C VAL C 341 -41.99 8.63 -1.51
N PHE C 342 -42.28 9.21 -2.68
CA PHE C 342 -41.61 10.40 -3.17
C PHE C 342 -42.58 11.55 -3.27
N ASN C 343 -43.87 11.27 -3.29
CA ASN C 343 -44.98 12.20 -3.35
C ASN C 343 -45.78 12.26 -2.09
N ALA C 344 -45.20 11.85 -0.98
CA ALA C 344 -45.91 11.90 0.28
C ALA C 344 -46.26 13.33 0.62
N THR C 345 -47.45 13.52 1.16
CA THR C 345 -47.86 14.85 1.54
C THR C 345 -46.99 15.39 2.65
N ARG C 346 -46.84 14.63 3.73
CA ARG C 346 -46.05 15.03 4.87
C ARG C 346 -45.00 13.99 5.22
N PHE C 347 -43.76 14.41 5.36
CA PHE C 347 -42.67 13.50 5.66
C PHE C 347 -42.43 13.44 7.15
N ALA C 348 -41.89 12.32 7.58
CA ALA C 348 -41.64 12.21 8.99
C ALA C 348 -40.37 12.95 9.37
N SER C 349 -40.16 13.11 10.67
CA SER C 349 -39.02 13.82 11.20
C SER C 349 -37.83 12.89 11.28
N VAL C 350 -36.67 13.44 11.62
CA VAL C 350 -35.45 12.63 11.63
C VAL C 350 -35.52 11.51 12.64
N TYR C 351 -36.09 11.75 13.81
CA TYR C 351 -36.06 10.69 14.82
C TYR C 351 -37.25 9.77 14.69
N ALA C 352 -38.04 9.94 13.64
CA ALA C 352 -39.23 9.19 13.38
C ALA C 352 -39.27 8.80 11.93
N TRP C 353 -38.12 8.44 11.38
CA TRP C 353 -38.06 8.10 9.97
C TRP C 353 -39.10 7.04 9.64
N ASN C 354 -39.60 7.09 8.44
CA ASN C 354 -40.67 6.23 7.98
C ASN C 354 -40.21 4.99 7.25
N ARG C 355 -39.90 3.93 7.99
CA ARG C 355 -39.40 2.71 7.37
C ARG C 355 -40.48 2.08 6.52
N LYS C 356 -40.05 1.41 5.46
CA LYS C 356 -41.00 0.75 4.58
C LYS C 356 -40.30 -0.42 3.93
N ARG C 357 -41.07 -1.41 3.51
CA ARG C 357 -40.54 -2.50 2.73
C ARG C 357 -41.22 -2.51 1.38
N ILE C 358 -40.47 -2.84 0.34
CA ILE C 358 -40.96 -2.86 -1.02
C ILE C 358 -40.54 -4.16 -1.68
N SER C 359 -41.45 -5.11 -1.78
CA SER C 359 -41.06 -6.33 -2.47
C SER C 359 -42.12 -6.69 -3.50
N ASN C 360 -41.90 -7.81 -4.16
CA ASN C 360 -42.80 -8.37 -5.16
C ASN C 360 -43.25 -7.32 -6.16
N CYS C 361 -42.31 -6.80 -6.93
CA CYS C 361 -42.68 -5.82 -7.94
C CYS C 361 -41.59 -5.73 -8.98
N VAL C 362 -41.97 -5.37 -10.19
CA VAL C 362 -41.01 -5.10 -11.25
C VAL C 362 -40.56 -3.64 -11.13
N ALA C 363 -39.40 -3.40 -10.53
CA ALA C 363 -39.07 -2.06 -10.04
C ALA C 363 -38.32 -1.32 -11.15
N ASP C 364 -38.85 -0.18 -11.58
CA ASP C 364 -38.21 0.67 -12.59
C ASP C 364 -37.74 1.96 -11.95
N TYR C 365 -36.44 2.11 -11.83
CA TYR C 365 -35.82 3.27 -11.24
C TYR C 365 -35.74 4.45 -12.13
N SER C 366 -36.49 4.56 -13.21
CA SER C 366 -36.39 5.77 -14.00
C SER C 366 -37.59 6.67 -13.82
N VAL C 367 -38.48 6.34 -12.89
CA VAL C 367 -39.53 7.29 -12.53
C VAL C 367 -38.98 8.41 -11.67
N LEU C 368 -37.84 8.20 -11.03
CA LEU C 368 -37.20 9.25 -10.24
C LEU C 368 -36.88 10.47 -11.08
N TYR C 369 -36.30 10.27 -12.27
CA TYR C 369 -35.66 11.39 -12.96
C TYR C 369 -36.66 12.44 -13.38
N ASN C 370 -37.94 12.11 -13.44
CA ASN C 370 -38.94 13.13 -13.73
C ASN C 370 -39.32 13.91 -12.49
N PHE C 371 -38.67 13.66 -11.36
CA PHE C 371 -39.11 14.31 -10.15
C PHE C 371 -38.55 15.72 -10.01
N ALA C 372 -37.24 15.85 -9.89
CA ALA C 372 -36.72 17.11 -9.36
C ALA C 372 -35.27 17.35 -9.76
N PRO C 373 -34.67 18.49 -9.41
CA PRO C 373 -33.25 18.68 -9.75
C PRO C 373 -32.33 17.75 -8.99
N PHE C 374 -32.81 17.10 -7.94
CA PHE C 374 -32.04 16.11 -7.18
C PHE C 374 -30.69 16.66 -6.73
N PHE C 375 -30.76 17.57 -5.77
CA PHE C 375 -29.55 18.17 -5.23
C PHE C 375 -28.52 17.11 -4.81
N ALA C 376 -28.94 16.14 -4.01
CA ALA C 376 -28.08 15.06 -3.52
C ALA C 376 -28.51 13.71 -4.10
N PHE C 377 -27.71 13.09 -4.94
CA PHE C 377 -28.10 11.75 -5.42
C PHE C 377 -26.81 10.98 -5.65
N LYS C 378 -26.47 10.07 -4.74
CA LYS C 378 -25.24 9.31 -4.87
C LYS C 378 -25.43 7.88 -4.39
N CYS C 379 -24.97 6.92 -5.17
CA CYS C 379 -25.18 5.52 -4.82
C CYS C 379 -23.88 4.84 -4.43
N TYR C 380 -23.95 4.02 -3.39
CA TYR C 380 -22.81 3.28 -2.87
C TYR C 380 -22.99 1.82 -3.20
N GLY C 381 -21.95 1.21 -3.72
CA GLY C 381 -21.97 -0.20 -4.00
C GLY C 381 -22.52 -0.54 -5.36
N VAL C 382 -23.18 0.40 -6.04
CA VAL C 382 -23.80 0.11 -7.32
C VAL C 382 -23.96 1.42 -8.08
N SER C 383 -23.70 1.38 -9.34
CA SER C 383 -23.82 2.61 -10.12
C SER C 383 -25.28 2.83 -10.46
N PRO C 384 -25.74 4.07 -10.47
CA PRO C 384 -27.14 4.34 -10.79
C PRO C 384 -27.50 4.04 -12.22
N THR C 385 -26.58 4.21 -13.15
CA THR C 385 -26.91 3.95 -14.55
C THR C 385 -27.25 2.49 -14.78
N LYS C 386 -26.49 1.57 -14.21
CA LYS C 386 -26.68 0.14 -14.42
C LYS C 386 -27.52 -0.49 -13.33
N LEU C 387 -28.47 0.28 -12.80
CA LEU C 387 -29.35 -0.19 -11.73
C LEU C 387 -30.54 -0.96 -12.25
N ASN C 388 -31.21 -0.37 -13.23
CA ASN C 388 -32.47 -0.88 -13.76
C ASN C 388 -32.42 -2.36 -14.14
N ASP C 389 -31.25 -2.94 -14.42
CA ASP C 389 -31.20 -4.32 -14.87
C ASP C 389 -31.11 -5.38 -13.76
N LEU C 390 -30.35 -5.08 -12.72
CA LEU C 390 -29.98 -5.93 -11.60
C LEU C 390 -31.16 -6.31 -10.70
N CYS C 391 -31.04 -7.42 -9.95
CA CYS C 391 -32.11 -7.89 -9.06
C CYS C 391 -31.64 -7.88 -7.62
N PHE C 392 -32.61 -7.82 -6.70
CA PHE C 392 -32.30 -7.52 -5.29
C PHE C 392 -33.06 -8.45 -4.38
N THR C 393 -32.56 -8.53 -3.14
CA THR C 393 -33.19 -9.40 -2.15
C THR C 393 -34.40 -8.76 -1.50
N ASN C 394 -34.17 -7.66 -0.78
CA ASN C 394 -35.19 -6.90 -0.08
C ASN C 394 -34.87 -5.42 -0.14
N VAL C 395 -35.82 -4.61 -0.60
CA VAL C 395 -35.58 -3.20 -0.84
C VAL C 395 -36.35 -2.40 0.19
N TYR C 396 -35.63 -1.73 1.08
CA TYR C 396 -36.20 -0.86 2.11
C TYR C 396 -36.08 0.59 1.71
N ALA C 397 -37.04 1.42 2.12
CA ALA C 397 -37.01 2.83 1.78
C ALA C 397 -37.31 3.62 3.03
N ASP C 398 -36.44 4.57 3.38
CA ASP C 398 -36.59 5.36 4.60
C ASP C 398 -36.68 6.82 4.23
N SER C 399 -37.74 7.49 4.65
CA SER C 399 -37.97 8.86 4.25
C SER C 399 -38.06 9.78 5.45
N PHE C 400 -37.42 10.94 5.38
CA PHE C 400 -37.47 11.93 6.44
C PHE C 400 -37.01 13.27 5.90
N VAL C 401 -36.84 14.25 6.79
CA VAL C 401 -36.49 15.61 6.39
C VAL C 401 -35.40 16.10 7.33
N ILE C 402 -34.39 16.76 6.77
CA ILE C 402 -33.29 17.27 7.55
C ILE C 402 -33.00 18.70 7.13
N ARG C 403 -31.96 19.27 7.70
CA ARG C 403 -31.55 20.62 7.37
C ARG C 403 -30.71 20.59 6.11
N GLY C 404 -30.25 21.75 5.69
CA GLY C 404 -29.54 21.82 4.44
C GLY C 404 -28.16 21.23 4.49
N ASN C 405 -27.35 21.71 5.41
CA ASN C 405 -25.95 21.34 5.50
C ASN C 405 -25.71 20.00 6.19
N GLU C 406 -26.73 19.17 6.36
CA GLU C 406 -26.56 17.88 7.02
C GLU C 406 -26.85 16.72 6.09
N VAL C 407 -27.11 16.99 4.81
CA VAL C 407 -27.36 15.91 3.88
C VAL C 407 -26.09 15.14 3.71
N SER C 408 -24.95 15.77 3.95
CA SER C 408 -23.72 15.03 3.82
C SER C 408 -23.59 13.97 4.89
N GLN C 409 -24.32 14.09 6.00
CA GLN C 409 -24.05 13.14 7.07
C GLN C 409 -24.72 11.79 6.88
N ILE C 410 -25.64 11.63 5.93
CA ILE C 410 -26.23 10.32 5.71
C ILE C 410 -25.32 9.62 4.70
N ALA C 411 -24.26 9.03 5.24
CA ALA C 411 -23.26 8.33 4.42
C ALA C 411 -22.57 7.33 5.32
N PRO C 412 -21.95 6.31 4.74
CA PRO C 412 -21.32 5.26 5.54
C PRO C 412 -20.12 5.77 6.33
N GLY C 413 -20.19 5.63 7.66
CA GLY C 413 -19.07 5.91 8.53
C GLY C 413 -18.85 7.35 8.92
N GLN C 414 -19.82 8.22 8.70
CA GLN C 414 -19.67 9.64 8.94
C GLN C 414 -20.25 10.04 10.28
N THR C 415 -19.46 10.77 11.08
CA THR C 415 -19.88 11.16 12.42
C THR C 415 -20.39 12.58 12.36
N GLY C 416 -21.34 12.89 13.23
CA GLY C 416 -21.94 14.20 13.23
C GLY C 416 -22.90 14.39 14.38
N ASN C 417 -24.06 14.95 14.11
CA ASN C 417 -25.09 15.09 15.12
C ASN C 417 -26.36 14.34 14.79
N ILE C 418 -26.68 14.16 13.51
CA ILE C 418 -27.80 13.30 13.15
C ILE C 418 -27.32 11.88 12.90
N ALA C 419 -26.05 11.69 12.59
CA ALA C 419 -25.60 10.35 12.29
C ALA C 419 -25.28 9.56 13.55
N ASP C 420 -24.71 10.18 14.56
CA ASP C 420 -24.40 9.41 15.75
C ASP C 420 -25.54 9.38 16.76
N TYR C 421 -26.51 10.29 16.65
CA TYR C 421 -27.59 10.34 17.60
C TYR C 421 -28.96 9.87 17.11
N ASN C 422 -29.40 10.23 15.93
CA ASN C 422 -30.75 9.83 15.55
C ASN C 422 -30.97 9.14 14.21
N TYR C 423 -29.96 8.91 13.39
CA TYR C 423 -30.16 8.07 12.22
C TYR C 423 -28.80 7.57 11.76
N LYS C 424 -28.58 6.27 11.78
CA LYS C 424 -27.22 5.80 11.51
C LYS C 424 -27.28 4.59 10.59
N LEU C 425 -26.50 4.62 9.52
CA LEU C 425 -26.44 3.53 8.57
C LEU C 425 -25.06 2.90 8.54
N PRO C 426 -24.97 1.60 8.26
CA PRO C 426 -23.74 0.85 8.49
C PRO C 426 -22.56 1.26 7.64
N ASP C 427 -21.43 0.62 7.87
CA ASP C 427 -20.25 0.92 7.07
C ASP C 427 -20.25 0.13 5.77
N ASP C 428 -20.88 -1.05 5.76
CA ASP C 428 -21.02 -1.87 4.57
C ASP C 428 -22.30 -1.59 3.80
N PHE C 429 -22.82 -0.37 3.87
CA PHE C 429 -24.07 -0.06 3.22
C PHE C 429 -23.95 -0.12 1.71
N THR C 430 -24.96 -0.74 1.08
CA THR C 430 -25.08 -0.80 -0.37
C THR C 430 -26.48 -0.38 -0.74
N GLY C 431 -26.62 0.56 -1.65
CA GLY C 431 -27.89 1.20 -1.91
C GLY C 431 -27.66 2.65 -2.29
N CYS C 432 -28.61 3.53 -1.99
CA CYS C 432 -28.28 4.95 -2.14
C CYS C 432 -29.33 5.93 -1.65
N VAL C 433 -28.93 7.20 -1.66
CA VAL C 433 -29.64 8.30 -1.01
C VAL C 433 -30.06 9.32 -2.05
N ILE C 434 -31.23 9.93 -1.82
CA ILE C 434 -31.82 10.89 -2.74
C ILE C 434 -32.38 12.02 -1.92
N ALA C 435 -31.82 13.21 -2.04
CA ALA C 435 -32.25 14.37 -1.26
C ALA C 435 -32.54 15.51 -2.19
N TRP C 436 -33.70 16.13 -2.07
CA TRP C 436 -34.03 17.24 -2.94
C TRP C 436 -34.62 18.39 -2.15
N ASN C 437 -33.94 19.54 -2.17
CA ASN C 437 -34.36 20.72 -1.43
C ASN C 437 -35.83 21.03 -1.64
N SER C 438 -36.56 21.12 -0.54
CA SER C 438 -37.97 21.49 -0.60
C SER C 438 -38.25 22.46 0.52
N ASN C 439 -38.21 23.75 0.23
CA ASN C 439 -38.56 24.77 1.21
C ASN C 439 -39.69 25.60 0.66
N LYS C 440 -40.34 25.10 -0.39
CA LYS C 440 -41.56 25.67 -0.91
C LYS C 440 -42.78 25.11 -0.21
N LEU C 441 -42.59 24.03 0.54
CA LEU C 441 -43.64 23.36 1.27
C LEU C 441 -43.30 23.21 2.75
N ASP C 442 -42.18 23.76 3.19
CA ASP C 442 -41.72 23.50 4.55
C ASP C 442 -41.43 24.75 5.36
N SER C 443 -41.18 25.89 4.76
CA SER C 443 -40.89 27.09 5.53
C SER C 443 -42.08 28.00 5.50
N LYS C 444 -42.57 28.36 6.68
CA LYS C 444 -43.69 29.27 6.81
C LYS C 444 -43.19 30.61 7.31
N VAL C 445 -43.98 31.66 7.11
CA VAL C 445 -43.56 32.97 7.60
C VAL C 445 -43.79 32.96 9.10
N GLY C 446 -42.72 32.92 9.87
CA GLY C 446 -42.79 32.87 11.31
C GLY C 446 -42.15 31.62 11.89
N GLY C 447 -41.96 30.59 11.07
CA GLY C 447 -41.35 29.36 11.54
C GLY C 447 -42.26 28.15 11.57
N ASN C 448 -41.98 27.16 10.75
CA ASN C 448 -42.79 25.95 10.71
C ASN C 448 -42.20 25.05 11.79
N TYR C 449 -42.82 25.08 12.97
CA TYR C 449 -42.39 24.28 14.11
C TYR C 449 -43.06 22.91 14.08
N ASN C 450 -42.66 22.12 13.09
CA ASN C 450 -43.23 20.79 12.92
C ASN C 450 -42.20 19.69 12.89
N TYR C 451 -40.96 19.97 12.51
CA TYR C 451 -39.90 18.98 12.41
C TYR C 451 -38.93 19.15 13.56
N ARG C 452 -38.67 18.07 14.28
CA ARG C 452 -37.77 18.09 15.41
C ARG C 452 -36.64 17.10 15.19
N TYR C 453 -35.70 17.07 16.13
CA TYR C 453 -34.56 16.18 16.01
C TYR C 453 -33.88 16.03 17.36
N ARG C 454 -33.61 14.79 17.74
CA ARG C 454 -32.91 14.50 18.99
C ARG C 454 -31.51 15.11 19.01
N LEU C 455 -31.29 16.02 19.95
CA LEU C 455 -30.00 16.68 20.14
C LEU C 455 -29.18 16.06 21.25
N PHE C 456 -29.82 15.47 22.26
CA PHE C 456 -29.13 14.86 23.39
C PHE C 456 -29.54 13.41 23.54
N ARG C 457 -28.61 12.60 23.98
CA ARG C 457 -28.88 11.18 24.17
C ARG C 457 -27.79 10.65 25.09
N LYS C 458 -27.72 9.32 25.22
CA LYS C 458 -26.70 8.75 26.09
C LYS C 458 -25.50 8.19 25.34
N SER C 459 -25.71 7.38 24.31
CA SER C 459 -24.59 6.83 23.57
C SER C 459 -24.96 6.79 22.09
N ASN C 460 -24.08 6.19 21.30
CA ASN C 460 -24.37 6.06 19.88
C ASN C 460 -25.41 4.95 19.69
N LEU C 461 -25.99 4.91 18.51
CA LEU C 461 -27.00 3.91 18.21
C LEU C 461 -26.48 2.96 17.14
N LYS C 462 -27.04 1.76 17.14
CA LYS C 462 -26.67 0.74 16.16
C LYS C 462 -27.34 1.06 14.83
N PRO C 463 -26.86 0.48 13.73
CA PRO C 463 -27.45 0.80 12.42
C PRO C 463 -28.93 0.50 12.36
N PHE C 464 -29.68 1.43 11.77
CA PHE C 464 -31.12 1.29 11.56
C PHE C 464 -31.85 1.01 12.87
N GLU C 465 -31.45 1.73 13.92
CA GLU C 465 -32.04 1.66 15.25
C GLU C 465 -32.80 2.94 15.54
N ARG C 466 -34.11 2.86 15.63
CA ARG C 466 -34.95 4.04 15.83
C ARG C 466 -35.60 4.04 17.20
N ASP C 467 -35.54 5.20 17.87
CA ASP C 467 -36.12 5.39 19.18
C ASP C 467 -36.89 6.70 19.19
N ILE C 468 -37.99 6.75 19.93
CA ILE C 468 -38.85 7.91 19.92
C ILE C 468 -38.92 8.61 21.29
N SER C 469 -38.54 7.93 22.37
CA SER C 469 -38.62 8.44 23.74
C SER C 469 -38.18 9.90 23.84
N THR C 470 -38.95 10.69 24.57
CA THR C 470 -38.74 12.12 24.73
C THR C 470 -38.64 12.49 26.20
N GLU C 471 -37.99 11.63 26.99
CA GLU C 471 -37.79 11.94 28.39
C GLU C 471 -36.88 13.15 28.54
N ILE C 472 -36.91 13.74 29.74
CA ILE C 472 -36.03 14.87 30.03
C ILE C 472 -34.64 14.35 30.35
N TYR C 473 -33.64 14.91 29.68
CA TYR C 473 -32.29 14.42 29.80
C TYR C 473 -31.81 14.60 31.24
N GLN C 474 -30.82 13.81 31.62
CA GLN C 474 -30.35 13.86 33.00
C GLN C 474 -29.71 15.22 33.29
N ALA C 475 -29.30 15.40 34.54
CA ALA C 475 -28.52 16.56 34.96
C ALA C 475 -27.44 16.13 35.94
N GLY C 476 -26.76 15.03 35.64
CA GLY C 476 -25.65 14.63 36.48
C GLY C 476 -26.14 14.05 37.79
N ASN C 477 -26.69 14.87 38.67
CA ASN C 477 -27.42 14.33 39.82
C ASN C 477 -28.83 13.92 39.39
N LYS C 478 -29.66 13.51 40.36
CA LYS C 478 -31.06 13.23 40.09
C LYS C 478 -31.69 14.46 39.45
N PRO C 479 -32.17 14.38 38.22
CA PRO C 479 -32.45 15.63 37.50
C PRO C 479 -33.71 16.35 37.91
N CYS C 480 -33.97 17.42 37.18
CA CYS C 480 -35.18 18.24 37.27
C CYS C 480 -36.27 17.79 36.27
N ASN C 481 -36.71 16.55 36.48
CA ASN C 481 -37.69 15.87 35.64
C ASN C 481 -38.85 16.80 35.33
N GLY C 482 -38.99 17.16 34.05
CA GLY C 482 -40.09 18.02 33.70
C GLY C 482 -39.96 19.45 34.17
N VAL C 483 -38.72 19.92 34.39
CA VAL C 483 -38.49 21.31 34.81
C VAL C 483 -37.16 21.70 34.17
N ALA C 484 -36.70 22.92 34.42
CA ALA C 484 -35.45 23.50 33.93
C ALA C 484 -34.46 23.61 35.07
N GLY C 485 -33.20 23.88 34.74
CA GLY C 485 -32.18 23.98 35.77
C GLY C 485 -30.78 23.92 35.20
N VAL C 486 -29.87 23.26 35.93
CA VAL C 486 -28.46 23.28 35.58
C VAL C 486 -28.32 22.67 34.19
N ASN C 487 -28.59 21.38 34.04
CA ASN C 487 -28.55 20.78 32.73
C ASN C 487 -29.81 19.93 32.60
N CYS C 488 -30.93 20.62 32.43
CA CYS C 488 -32.24 19.99 32.22
C CYS C 488 -32.58 20.31 30.77
N TYR C 489 -32.13 19.48 29.85
CA TYR C 489 -32.28 19.79 28.44
C TYR C 489 -33.21 18.82 27.74
N PHE C 490 -34.34 19.34 27.26
CA PHE C 490 -35.26 18.54 26.47
C PHE C 490 -34.47 17.86 25.37
N PRO C 491 -34.82 16.67 24.94
CA PRO C 491 -33.95 15.99 23.99
C PRO C 491 -34.21 16.43 22.55
N LEU C 492 -35.44 16.84 22.27
CA LEU C 492 -35.89 17.24 20.94
C LEU C 492 -35.72 18.73 20.73
N GLN C 493 -35.44 19.11 19.48
CA GLN C 493 -35.30 20.52 19.17
C GLN C 493 -35.91 20.77 17.81
N SER C 494 -36.75 21.79 17.69
CA SER C 494 -37.39 22.04 16.41
C SER C 494 -36.49 22.82 15.46
N TYR C 495 -36.67 22.56 14.17
CA TYR C 495 -35.91 23.29 13.16
C TYR C 495 -36.45 24.69 12.94
N GLY C 496 -37.75 24.83 12.72
CA GLY C 496 -38.32 26.15 12.52
C GLY C 496 -37.83 26.79 11.23
N PHE C 497 -38.22 26.26 10.09
CA PHE C 497 -37.78 26.79 8.81
C PHE C 497 -38.58 28.04 8.44
N ARG C 498 -37.91 29.03 7.84
CA ARG C 498 -38.51 30.26 7.34
C ARG C 498 -37.85 30.65 6.03
N PRO C 499 -38.51 31.49 5.22
CA PRO C 499 -38.00 31.80 3.88
C PRO C 499 -36.89 32.84 3.79
N THR C 500 -36.23 33.22 4.87
CA THR C 500 -35.08 34.10 4.80
C THR C 500 -33.79 33.39 5.12
N TYR C 501 -33.86 32.12 5.51
CA TYR C 501 -32.67 31.38 5.83
C TYR C 501 -31.87 31.15 4.56
N GLY C 502 -30.55 31.13 4.70
CA GLY C 502 -29.73 30.80 3.57
C GLY C 502 -29.94 29.36 3.16
N VAL C 503 -29.45 29.02 1.97
CA VAL C 503 -29.67 27.68 1.43
C VAL C 503 -29.09 26.59 2.32
N GLY C 504 -28.12 26.93 3.18
CA GLY C 504 -27.60 25.92 4.06
C GLY C 504 -28.52 25.53 5.19
N HIS C 505 -29.48 26.37 5.54
CA HIS C 505 -30.37 26.09 6.65
C HIS C 505 -31.81 25.81 6.21
N GLN C 506 -31.98 25.48 4.99
CA GLN C 506 -33.28 25.21 4.39
C GLN C 506 -33.62 23.72 4.52
N PRO C 507 -34.90 23.39 4.54
CA PRO C 507 -35.29 21.99 4.67
C PRO C 507 -35.00 21.19 3.43
N TYR C 508 -34.63 19.94 3.63
CA TYR C 508 -34.32 19.01 2.56
C TYR C 508 -35.03 17.71 2.84
N ARG C 509 -35.81 17.25 1.88
CA ARG C 509 -36.45 15.96 2.00
C ARG C 509 -35.48 14.92 1.50
N VAL C 510 -35.49 13.75 2.12
CA VAL C 510 -34.46 12.79 1.79
C VAL C 510 -35.02 11.39 1.98
N VAL C 511 -34.72 10.52 1.02
CA VAL C 511 -35.12 9.12 1.03
C VAL C 511 -33.91 8.22 0.78
N VAL C 512 -33.81 7.16 1.54
CA VAL C 512 -32.69 6.24 1.45
C VAL C 512 -33.19 4.85 1.06
N LEU C 513 -32.65 4.27 0.00
CA LEU C 513 -33.05 2.95 -0.42
C LEU C 513 -31.93 2.01 -0.04
N SER C 514 -32.27 0.95 0.65
CA SER C 514 -31.32 -0.05 1.12
C SER C 514 -31.57 -1.38 0.42
N PHE C 515 -30.56 -1.86 -0.29
CA PHE C 515 -30.62 -3.10 -1.05
C PHE C 515 -29.90 -4.21 -0.31
N GLU C 516 -30.00 -5.40 -0.86
CA GLU C 516 -29.17 -6.55 -0.52
C GLU C 516 -28.94 -7.26 -1.85
N LEU C 517 -27.72 -7.69 -2.14
CA LEU C 517 -27.45 -8.18 -3.48
C LEU C 517 -26.83 -9.55 -3.57
N LEU C 518 -26.30 -10.10 -2.48
CA LEU C 518 -25.60 -11.37 -2.52
C LEU C 518 -26.61 -12.50 -2.49
N HIS C 519 -26.59 -13.37 -3.50
CA HIS C 519 -27.53 -14.49 -3.56
C HIS C 519 -28.99 -14.11 -3.44
N ALA C 520 -29.43 -13.31 -4.39
CA ALA C 520 -30.76 -13.02 -3.88
C ALA C 520 -31.82 -13.87 -4.55
N PRO C 521 -32.79 -14.41 -3.79
CA PRO C 521 -33.89 -15.12 -4.44
C PRO C 521 -34.86 -14.05 -4.88
N ALA C 522 -34.55 -13.59 -6.08
CA ALA C 522 -35.07 -12.42 -6.75
C ALA C 522 -36.57 -12.25 -6.66
N THR C 523 -36.96 -11.16 -6.03
CA THR C 523 -38.33 -10.85 -5.67
C THR C 523 -38.72 -9.47 -6.16
N VAL C 524 -37.75 -8.60 -6.43
CA VAL C 524 -37.95 -7.26 -6.95
C VAL C 524 -36.81 -6.97 -7.92
N CYS C 525 -37.11 -6.86 -9.22
CA CYS C 525 -36.09 -6.37 -10.14
C CYS C 525 -36.67 -5.89 -11.46
N GLY C 526 -35.93 -4.96 -12.05
CA GLY C 526 -36.29 -4.23 -13.25
C GLY C 526 -36.57 -4.92 -14.55
N PRO C 527 -37.10 -4.15 -15.49
CA PRO C 527 -37.91 -4.71 -16.58
C PRO C 527 -37.21 -5.47 -17.70
N LYS C 528 -36.13 -6.19 -17.44
CA LYS C 528 -35.51 -6.97 -18.50
C LYS C 528 -36.49 -8.03 -19.00
N LYS C 529 -36.78 -8.01 -20.29
CA LYS C 529 -37.75 -8.94 -20.87
C LYS C 529 -37.12 -10.31 -21.06
N SER C 530 -37.89 -11.35 -20.80
CA SER C 530 -37.39 -12.72 -20.90
C SER C 530 -37.34 -13.20 -22.34
N THR C 531 -36.60 -14.30 -22.54
CA THR C 531 -36.42 -14.95 -23.84
C THR C 531 -36.53 -16.46 -23.69
N ASN C 532 -37.00 -17.11 -24.76
CA ASN C 532 -37.12 -18.57 -24.80
C ASN C 532 -35.80 -19.25 -24.48
N LEU C 533 -35.88 -20.36 -23.76
CA LEU C 533 -34.69 -21.02 -23.28
C LEU C 533 -34.05 -21.85 -24.41
N VAL C 534 -32.72 -21.90 -24.41
CA VAL C 534 -31.93 -22.68 -25.36
C VAL C 534 -31.09 -23.68 -24.60
N LYS C 535 -31.03 -24.92 -25.07
CA LYS C 535 -30.29 -25.95 -24.37
C LYS C 535 -29.23 -26.58 -25.27
N ASN C 536 -28.20 -27.16 -24.63
CA ASN C 536 -27.11 -27.88 -25.28
C ASN C 536 -26.17 -27.05 -26.14
N LYS C 537 -26.06 -25.74 -25.94
CA LYS C 537 -25.15 -24.93 -26.72
C LYS C 537 -24.39 -23.98 -25.82
N CYS C 538 -23.11 -23.73 -26.09
CA CYS C 538 -22.40 -22.74 -25.30
C CYS C 538 -23.08 -21.39 -25.48
N VAL C 539 -23.72 -20.90 -24.42
CA VAL C 539 -24.59 -19.73 -24.49
C VAL C 539 -24.33 -18.88 -23.25
N ASN C 540 -24.41 -17.56 -23.40
CA ASN C 540 -24.39 -16.65 -22.27
C ASN C 540 -25.76 -16.51 -21.65
N PHE C 541 -25.85 -16.77 -20.36
CA PHE C 541 -27.13 -16.79 -19.66
C PHE C 541 -27.16 -15.75 -18.57
N ASN C 542 -28.36 -15.30 -18.27
CA ASN C 542 -28.64 -14.38 -17.16
C ASN C 542 -29.89 -14.85 -16.44
N PHE C 543 -29.71 -15.72 -15.45
CA PHE C 543 -30.84 -16.32 -14.75
C PHE C 543 -31.17 -15.51 -13.51
N ASN C 544 -32.20 -14.69 -13.63
CA ASN C 544 -32.75 -13.92 -12.52
C ASN C 544 -31.69 -13.12 -11.79
N GLY C 545 -30.66 -12.66 -12.51
CA GLY C 545 -29.58 -11.88 -11.96
C GLY C 545 -28.25 -12.61 -11.98
N LEU C 546 -28.26 -13.93 -11.97
CA LEU C 546 -27.04 -14.73 -12.00
C LEU C 546 -26.54 -14.78 -13.44
N THR C 547 -25.37 -14.21 -13.71
CA THR C 547 -24.84 -14.16 -15.06
C THR C 547 -23.65 -15.09 -15.25
N GLY C 548 -23.63 -15.79 -16.39
CA GLY C 548 -22.51 -16.68 -16.67
C GLY C 548 -22.56 -17.19 -18.09
N THR C 549 -21.64 -18.12 -18.41
CA THR C 549 -21.56 -18.72 -19.73
C THR C 549 -21.42 -20.22 -19.60
N GLY C 550 -21.96 -20.96 -20.55
CA GLY C 550 -21.84 -22.39 -20.47
C GLY C 550 -22.95 -23.07 -21.24
N VAL C 551 -22.88 -24.39 -21.23
CA VAL C 551 -23.89 -25.23 -21.86
C VAL C 551 -24.87 -25.68 -20.80
N LEU C 552 -26.16 -25.58 -21.12
CA LEU C 552 -27.26 -25.93 -20.23
C LEU C 552 -27.80 -27.31 -20.59
N THR C 553 -28.01 -28.15 -19.59
CA THR C 553 -28.46 -29.50 -19.82
C THR C 553 -29.57 -29.86 -18.84
N GLU C 554 -30.49 -30.72 -19.23
CA GLU C 554 -31.51 -31.15 -18.28
C GLU C 554 -30.83 -31.86 -17.12
N SER C 555 -31.17 -31.46 -15.90
CA SER C 555 -30.53 -31.98 -14.70
C SER C 555 -31.09 -33.34 -14.33
N ASN C 556 -30.29 -34.09 -13.57
CA ASN C 556 -30.71 -35.39 -13.06
C ASN C 556 -30.58 -35.51 -11.55
N LYS C 557 -30.29 -34.42 -10.85
CA LYS C 557 -30.15 -34.45 -9.40
C LYS C 557 -31.40 -33.89 -8.74
N LYS C 558 -31.77 -34.48 -7.59
CA LYS C 558 -33.04 -34.20 -6.93
C LYS C 558 -32.91 -32.99 -6.02
N PHE C 559 -33.28 -31.82 -6.53
CA PHE C 559 -33.38 -30.64 -5.70
C PHE C 559 -34.60 -30.73 -4.80
N LEU C 560 -34.44 -30.44 -3.53
CA LEU C 560 -35.61 -30.39 -2.66
C LEU C 560 -36.37 -29.11 -2.94
N PRO C 561 -37.68 -29.11 -2.74
CA PRO C 561 -38.48 -27.96 -3.18
C PRO C 561 -38.10 -26.60 -2.60
N PHE C 562 -37.31 -26.54 -1.53
CA PHE C 562 -36.96 -25.23 -0.99
C PHE C 562 -35.64 -24.71 -1.52
N GLN C 563 -34.95 -25.45 -2.39
CA GLN C 563 -33.65 -25.07 -2.91
C GLN C 563 -33.78 -24.40 -4.26
N GLN C 564 -32.92 -23.41 -4.51
CA GLN C 564 -32.92 -22.64 -5.74
C GLN C 564 -31.61 -22.63 -6.53
N PHE C 565 -30.49 -23.01 -5.94
CA PHE C 565 -29.20 -22.96 -6.59
C PHE C 565 -28.48 -24.25 -6.30
N GLY C 566 -27.50 -24.58 -7.09
CA GLY C 566 -26.69 -25.75 -6.84
C GLY C 566 -25.21 -25.47 -6.99
N ARG C 567 -24.42 -26.14 -6.18
CA ARG C 567 -23.00 -25.87 -6.15
C ARG C 567 -22.24 -27.18 -6.14
N ASP C 568 -21.15 -27.21 -6.88
CA ASP C 568 -20.23 -28.33 -6.79
C ASP C 568 -19.16 -27.99 -5.76
N ILE C 569 -18.11 -28.80 -5.71
CA ILE C 569 -17.02 -28.50 -4.79
C ILE C 569 -16.41 -27.17 -5.21
N ALA C 570 -15.95 -26.40 -4.21
CA ALA C 570 -15.27 -25.13 -4.45
C ALA C 570 -16.20 -24.06 -5.02
N ASP C 571 -17.43 -24.03 -4.56
CA ASP C 571 -18.42 -22.99 -4.88
C ASP C 571 -18.66 -22.77 -6.37
N THR C 572 -18.39 -23.74 -7.22
CA THR C 572 -18.65 -23.58 -8.65
C THR C 572 -20.14 -23.78 -8.88
N THR C 573 -20.84 -22.76 -9.37
CA THR C 573 -22.28 -22.93 -9.56
C THR C 573 -22.55 -24.02 -10.58
N ASP C 574 -23.02 -25.16 -10.11
CA ASP C 574 -23.25 -26.31 -10.96
C ASP C 574 -24.66 -26.43 -11.52
N ALA C 575 -25.68 -25.88 -10.89
CA ALA C 575 -27.02 -26.06 -11.40
C ALA C 575 -27.87 -24.89 -11.01
N VAL C 576 -29.00 -24.73 -11.69
CA VAL C 576 -29.89 -23.62 -11.38
C VAL C 576 -31.27 -24.01 -11.86
N ARG C 577 -32.29 -23.56 -11.15
CA ARG C 577 -33.66 -23.81 -11.57
C ARG C 577 -34.26 -22.61 -12.26
N ASP C 578 -34.99 -22.88 -13.32
CA ASP C 578 -35.57 -21.81 -14.13
C ASP C 578 -36.64 -21.08 -13.32
N PRO C 579 -36.62 -19.74 -13.29
CA PRO C 579 -37.68 -19.01 -12.60
C PRO C 579 -39.03 -19.02 -13.29
N GLN C 580 -39.15 -19.62 -14.47
CA GLN C 580 -40.43 -19.65 -15.19
C GLN C 580 -41.11 -21.01 -15.12
N THR C 581 -40.41 -22.09 -15.49
CA THR C 581 -40.99 -23.41 -15.48
C THR C 581 -40.52 -24.27 -14.32
N LEU C 582 -39.62 -23.77 -13.50
CA LEU C 582 -39.15 -24.39 -12.26
C LEU C 582 -38.42 -25.73 -12.47
N GLU C 583 -37.99 -26.04 -13.68
CA GLU C 583 -37.19 -27.21 -13.97
C GLU C 583 -35.73 -26.99 -13.65
N ILE C 584 -35.05 -28.01 -13.16
CA ILE C 584 -33.64 -27.92 -12.81
C ILE C 584 -32.78 -28.06 -14.06
N LEU C 585 -31.74 -27.22 -14.19
CA LEU C 585 -30.84 -27.15 -15.33
C LEU C 585 -29.41 -27.26 -14.83
N ASP C 586 -28.58 -28.01 -15.55
CA ASP C 586 -27.16 -28.17 -15.27
C ASP C 586 -26.32 -27.19 -16.08
N ILE C 587 -25.27 -26.66 -15.48
CA ILE C 587 -24.35 -25.74 -16.13
C ILE C 587 -22.98 -26.38 -16.28
N THR C 588 -22.46 -26.44 -17.51
CA THR C 588 -21.11 -26.96 -17.74
C THR C 588 -20.32 -26.00 -18.62
N PRO C 589 -19.09 -25.65 -18.28
CA PRO C 589 -18.33 -24.73 -19.14
C PRO C 589 -18.01 -25.37 -20.48
N CYS C 590 -18.26 -24.64 -21.57
CA CYS C 590 -17.98 -25.16 -22.89
C CYS C 590 -16.49 -25.48 -23.05
N SER C 591 -16.21 -26.37 -24.00
CA SER C 591 -14.89 -26.98 -24.20
C SER C 591 -13.77 -25.96 -24.38
N PHE C 592 -12.64 -26.25 -23.74
CA PHE C 592 -11.46 -25.40 -23.80
C PHE C 592 -10.24 -26.27 -23.53
N GLY C 593 -9.07 -25.75 -23.85
CA GLY C 593 -7.85 -26.51 -23.62
C GLY C 593 -6.63 -25.85 -24.20
N GLY C 594 -5.48 -26.46 -23.93
CA GLY C 594 -4.21 -25.97 -24.42
C GLY C 594 -3.81 -26.54 -25.78
N VAL C 595 -2.99 -25.80 -26.52
CA VAL C 595 -2.55 -26.21 -27.85
C VAL C 595 -1.04 -26.20 -27.93
N SER C 596 -0.45 -27.23 -28.54
CA SER C 596 0.98 -27.33 -28.70
C SER C 596 1.33 -27.49 -30.16
N VAL C 597 2.51 -27.00 -30.55
CA VAL C 597 2.97 -27.02 -31.93
C VAL C 597 4.16 -27.96 -32.07
N ILE C 598 4.10 -28.87 -33.04
CA ILE C 598 5.17 -29.78 -33.38
C ILE C 598 5.84 -29.25 -34.64
N THR C 599 7.13 -28.99 -34.60
CA THR C 599 7.81 -28.43 -35.74
C THR C 599 9.12 -29.18 -35.93
N PRO C 600 9.45 -29.61 -37.15
CA PRO C 600 10.74 -30.25 -37.38
C PRO C 600 11.90 -29.30 -37.58
N GLY C 601 11.72 -28.02 -37.36
CA GLY C 601 12.79 -27.07 -37.56
C GLY C 601 12.50 -26.20 -38.76
N THR C 602 12.74 -24.90 -38.59
CA THR C 602 12.56 -23.96 -39.69
C THR C 602 13.44 -24.30 -40.86
N ASN C 603 14.64 -24.80 -40.59
CA ASN C 603 15.60 -25.05 -41.65
C ASN C 603 15.36 -26.36 -42.37
N THR C 604 14.54 -27.25 -41.84
CA THR C 604 14.15 -28.42 -42.62
C THR C 604 12.94 -28.16 -43.51
N SER C 605 11.87 -27.62 -42.95
CA SER C 605 10.67 -27.36 -43.71
C SER C 605 9.71 -26.56 -42.87
N ASN C 606 8.78 -25.90 -43.55
CA ASN C 606 7.79 -25.11 -42.87
C ASN C 606 6.56 -25.88 -42.40
N GLN C 607 6.43 -27.16 -42.71
CA GLN C 607 5.31 -27.96 -42.22
C GLN C 607 5.26 -28.00 -40.70
N VAL C 608 4.05 -28.20 -40.16
CA VAL C 608 3.82 -28.16 -38.73
C VAL C 608 2.65 -29.09 -38.38
N ALA C 609 2.70 -29.71 -37.21
CA ALA C 609 1.59 -30.51 -36.71
C ALA C 609 1.08 -29.97 -35.38
N VAL C 610 -0.22 -30.05 -35.15
CA VAL C 610 -0.83 -29.40 -33.98
C VAL C 610 -1.44 -30.43 -33.05
N LEU C 611 -1.18 -30.28 -31.75
CA LEU C 611 -1.70 -31.18 -30.73
C LEU C 611 -2.60 -30.41 -29.79
N TYR C 612 -3.90 -30.71 -29.79
CA TYR C 612 -4.82 -30.15 -28.81
C TYR C 612 -4.75 -31.05 -27.60
N GLN C 613 -4.23 -30.55 -26.49
CA GLN C 613 -3.85 -31.45 -25.42
C GLN C 613 -5.01 -32.05 -24.66
N GLY C 614 -5.78 -31.24 -23.97
CA GLY C 614 -6.82 -31.83 -23.16
C GLY C 614 -8.12 -31.88 -23.93
N VAL C 615 -8.19 -32.57 -25.06
CA VAL C 615 -9.41 -32.55 -25.85
C VAL C 615 -9.47 -33.81 -26.67
N ASN C 616 -10.68 -34.19 -27.05
CA ASN C 616 -10.89 -35.22 -28.03
C ASN C 616 -11.40 -34.60 -29.32
N CYS C 617 -10.89 -35.07 -30.46
CA CYS C 617 -11.20 -34.50 -31.77
C CYS C 617 -12.67 -34.45 -32.12
N THR C 618 -13.54 -35.13 -31.39
CA THR C 618 -14.95 -35.03 -31.75
C THR C 618 -15.48 -33.62 -31.53
N GLU C 619 -14.75 -32.79 -30.78
CA GLU C 619 -15.17 -31.44 -30.45
C GLU C 619 -14.02 -30.45 -30.65
N VAL C 620 -13.18 -30.67 -31.64
CA VAL C 620 -12.06 -29.77 -31.88
C VAL C 620 -12.47 -28.36 -32.26
N ASN C 641 -4.66 -34.58 -41.52
CA ASN C 641 -5.05 -35.90 -41.09
C ASN C 641 -5.45 -35.81 -39.61
N VAL C 642 -6.13 -36.80 -39.07
CA VAL C 642 -6.57 -36.75 -37.67
C VAL C 642 -6.13 -38.00 -36.93
N PHE C 643 -5.69 -37.84 -35.70
CA PHE C 643 -5.25 -38.97 -34.90
C PHE C 643 -5.61 -38.71 -33.45
N GLN C 644 -5.98 -39.77 -32.73
CA GLN C 644 -6.36 -39.67 -31.33
C GLN C 644 -5.25 -40.26 -30.48
N THR C 645 -4.88 -39.59 -29.39
CA THR C 645 -3.86 -40.12 -28.50
C THR C 645 -4.29 -39.89 -27.08
N ARG C 646 -3.66 -40.60 -26.16
CA ARG C 646 -3.93 -40.37 -24.77
C ARG C 646 -3.52 -38.98 -24.34
N ALA C 647 -2.65 -38.34 -25.08
CA ALA C 647 -2.25 -36.99 -24.75
C ALA C 647 -3.13 -35.92 -25.38
N GLY C 648 -4.00 -36.29 -26.32
CA GLY C 648 -4.88 -35.34 -26.95
C GLY C 648 -5.06 -35.66 -28.40
N CYS C 649 -5.69 -34.77 -29.14
CA CYS C 649 -5.90 -35.02 -30.56
C CYS C 649 -4.78 -34.40 -31.37
N LEU C 650 -4.15 -35.19 -32.23
CA LEU C 650 -3.02 -34.76 -33.05
C LEU C 650 -3.46 -34.62 -34.50
N ILE C 651 -3.23 -33.46 -35.10
CA ILE C 651 -3.63 -33.19 -36.47
C ILE C 651 -2.42 -32.81 -37.30
N GLY C 652 -2.35 -33.34 -38.51
CA GLY C 652 -1.26 -33.04 -39.39
C GLY C 652 -0.18 -34.10 -39.47
N ALA C 653 -0.33 -35.22 -38.79
CA ALA C 653 0.68 -36.25 -38.84
C ALA C 653 0.01 -37.59 -38.99
N GLU C 654 0.61 -38.47 -39.79
CA GLU C 654 0.05 -39.78 -40.06
C GLU C 654 0.74 -40.82 -39.20
N TYR C 655 -0.05 -41.73 -38.67
CA TYR C 655 0.45 -42.78 -37.81
C TYR C 655 0.99 -43.94 -38.64
N VAL C 656 2.23 -44.34 -38.40
CA VAL C 656 2.84 -45.47 -39.10
C VAL C 656 3.13 -46.57 -38.12
N ASN C 657 3.02 -47.82 -38.56
CA ASN C 657 3.23 -48.94 -37.64
C ASN C 657 4.69 -49.24 -37.35
N SER C 658 5.64 -48.73 -38.10
CA SER C 658 7.02 -49.02 -37.78
C SER C 658 7.43 -48.20 -36.58
N SER C 659 8.27 -48.77 -35.73
CA SER C 659 8.75 -48.12 -34.54
C SER C 659 10.20 -47.69 -34.69
N TYR C 660 10.51 -46.49 -34.23
CA TYR C 660 11.85 -45.97 -34.36
C TYR C 660 12.27 -45.40 -33.03
N GLU C 661 13.56 -45.11 -32.89
CA GLU C 661 14.02 -44.38 -31.73
C GLU C 661 13.52 -42.95 -31.86
N CYS C 662 12.65 -42.52 -30.95
CA CYS C 662 11.95 -41.27 -31.17
C CYS C 662 12.73 -40.06 -30.67
N ASP C 663 12.56 -38.94 -31.38
CA ASP C 663 13.26 -37.70 -31.12
C ASP C 663 12.36 -36.52 -30.77
N ILE C 664 11.12 -36.47 -31.25
CA ILE C 664 10.23 -35.40 -30.81
C ILE C 664 9.18 -36.07 -29.94
N PRO C 665 9.29 -35.97 -28.61
CA PRO C 665 8.36 -36.64 -27.72
C PRO C 665 7.03 -35.92 -27.61
N ILE C 666 5.94 -36.61 -27.92
CA ILE C 666 4.61 -36.06 -27.72
C ILE C 666 4.05 -36.48 -26.39
N GLY C 667 4.12 -37.75 -26.07
CA GLY C 667 3.60 -38.17 -24.77
C GLY C 667 2.86 -39.48 -24.85
N ALA C 668 2.79 -40.16 -23.71
CA ALA C 668 2.10 -41.43 -23.59
C ALA C 668 2.71 -42.44 -24.56
N GLY C 669 4.03 -42.40 -24.66
CA GLY C 669 4.71 -43.33 -25.52
C GLY C 669 4.67 -43.01 -27.00
N ILE C 670 4.05 -41.91 -27.42
CA ILE C 670 3.96 -41.56 -28.84
C ILE C 670 4.98 -40.47 -29.13
N CYS C 671 5.59 -40.51 -30.31
CA CYS C 671 6.54 -39.49 -30.70
C CYS C 671 6.24 -39.11 -32.14
N ALA C 672 7.04 -38.19 -32.69
CA ALA C 672 6.87 -37.78 -34.08
C ALA C 672 8.21 -37.39 -34.67
N SER C 673 8.32 -37.47 -35.99
CA SER C 673 9.57 -37.08 -36.63
C SER C 673 9.34 -36.81 -38.11
N TYR C 674 10.33 -36.20 -38.74
CA TYR C 674 10.27 -35.90 -40.17
C TYR C 674 10.63 -37.14 -40.99
N GLN C 675 9.69 -37.57 -41.83
CA GLN C 675 9.89 -38.78 -42.62
C GLN C 675 11.06 -38.69 -43.58
N THR C 676 10.99 -37.77 -44.54
CA THR C 676 12.03 -37.56 -45.55
C THR C 676 12.23 -38.83 -46.37
N GLN C 690 9.21 -36.30 -46.25
CA GLN C 690 8.30 -35.38 -46.92
C GLN C 690 7.05 -35.17 -46.09
N SER C 691 7.02 -35.75 -44.91
CA SER C 691 5.87 -35.66 -44.04
C SER C 691 6.32 -35.90 -42.60
N ILE C 692 5.47 -35.49 -41.67
CA ILE C 692 5.71 -35.70 -40.25
C ILE C 692 4.89 -36.91 -39.84
N ILE C 693 5.56 -37.93 -39.30
CA ILE C 693 4.94 -39.19 -38.93
C ILE C 693 4.95 -39.36 -37.42
N ALA C 694 3.83 -39.82 -36.87
CA ALA C 694 3.75 -40.17 -35.47
C ALA C 694 3.83 -41.67 -35.31
N TYR C 695 4.55 -42.13 -34.28
CA TYR C 695 4.79 -43.57 -34.11
C TYR C 695 5.08 -43.86 -32.66
N THR C 696 4.98 -45.13 -32.29
CA THR C 696 5.33 -45.55 -30.94
C THR C 696 6.82 -45.80 -30.79
N MET C 697 7.36 -45.48 -29.62
CA MET C 697 8.79 -45.62 -29.37
C MET C 697 9.26 -47.06 -29.43
N SER C 698 10.50 -47.24 -29.84
CA SER C 698 11.20 -48.51 -29.81
C SER C 698 12.26 -48.47 -28.73
N LEU C 699 12.23 -49.43 -27.82
CA LEU C 699 13.16 -49.49 -26.71
C LEU C 699 14.47 -50.20 -27.03
N GLY C 700 14.86 -50.30 -28.29
CA GLY C 700 16.09 -50.95 -28.67
C GLY C 700 15.88 -52.33 -29.26
N ALA C 701 17.00 -52.89 -29.73
CA ALA C 701 17.01 -54.20 -30.35
C ALA C 701 16.94 -55.33 -29.35
N GLU C 702 16.42 -56.47 -29.79
CA GLU C 702 16.30 -57.66 -28.94
C GLU C 702 17.49 -58.60 -29.10
N ASN C 703 18.13 -58.93 -28.01
CA ASN C 703 19.29 -59.80 -27.99
C ASN C 703 18.96 -60.97 -27.08
N SER C 704 18.68 -62.12 -27.67
CA SER C 704 18.36 -63.34 -26.91
C SER C 704 19.63 -64.14 -26.65
N VAL C 705 20.34 -63.76 -25.58
CA VAL C 705 21.57 -64.45 -25.21
C VAL C 705 21.28 -65.93 -24.95
N ALA C 706 22.13 -66.79 -25.52
CA ALA C 706 21.99 -68.25 -25.42
C ALA C 706 22.43 -68.77 -24.06
N TYR C 707 21.48 -68.94 -23.13
CA TYR C 707 21.80 -69.50 -21.84
C TYR C 707 21.86 -71.01 -21.94
N SER C 708 22.66 -71.62 -21.08
CA SER C 708 22.77 -73.07 -21.05
C SER C 708 23.43 -73.45 -19.74
N ASN C 709 23.11 -74.63 -19.23
CA ASN C 709 23.69 -75.00 -17.95
C ASN C 709 25.16 -75.39 -18.00
N ASN C 710 25.80 -75.47 -19.16
CA ASN C 710 27.20 -75.86 -19.15
C ASN C 710 28.05 -75.04 -20.11
N SER C 711 27.55 -73.90 -20.61
CA SER C 711 28.23 -73.06 -21.57
C SER C 711 28.71 -71.75 -20.97
N ILE C 712 29.89 -71.29 -21.42
CA ILE C 712 30.55 -70.05 -21.01
C ILE C 712 31.09 -69.35 -22.22
N ALA C 713 30.92 -68.03 -22.28
CA ALA C 713 31.50 -67.20 -23.33
C ALA C 713 32.62 -66.35 -22.76
N ILE C 714 33.81 -66.45 -23.31
CA ILE C 714 34.97 -65.73 -22.78
C ILE C 714 35.58 -64.81 -23.82
N PRO C 715 36.03 -63.60 -23.47
CA PRO C 715 36.60 -62.70 -24.46
C PRO C 715 38.03 -63.06 -24.80
N THR C 716 38.35 -62.95 -26.09
CA THR C 716 39.70 -63.16 -26.58
C THR C 716 40.48 -61.89 -26.94
N ASN C 717 39.86 -60.72 -26.92
CA ASN C 717 40.58 -59.49 -27.26
C ASN C 717 39.96 -58.36 -26.46
N PHE C 718 40.51 -57.16 -26.59
CA PHE C 718 40.01 -56.04 -25.84
C PHE C 718 40.07 -54.80 -26.70
N THR C 719 39.52 -53.71 -26.17
CA THR C 719 39.56 -52.43 -26.84
C THR C 719 39.41 -51.38 -25.76
N ILE C 720 40.30 -50.40 -25.75
CA ILE C 720 40.25 -49.37 -24.73
C ILE C 720 39.66 -48.10 -25.33
N SER C 721 38.67 -47.54 -24.67
CA SER C 721 38.01 -46.35 -25.19
C SER C 721 38.14 -45.18 -24.22
N VAL C 722 37.81 -43.99 -24.70
CA VAL C 722 37.88 -42.76 -23.94
C VAL C 722 36.55 -42.02 -23.97
N THR C 723 36.02 -41.69 -22.81
CA THR C 723 34.75 -40.98 -22.71
C THR C 723 34.87 -39.64 -22.00
N THR C 724 34.20 -38.61 -22.54
CA THR C 724 34.22 -37.25 -22.00
C THR C 724 32.95 -36.96 -21.20
N GLU C 725 33.10 -36.55 -19.95
CA GLU C 725 31.99 -36.17 -19.10
C GLU C 725 32.14 -34.73 -18.65
N ILE C 726 31.09 -33.92 -18.79
CA ILE C 726 31.13 -32.49 -18.48
C ILE C 726 30.29 -32.18 -17.24
N LEU C 727 30.79 -31.28 -16.38
CA LEU C 727 30.03 -30.95 -15.18
C LEU C 727 30.21 -29.49 -14.84
N PRO C 728 29.14 -28.71 -14.66
CA PRO C 728 29.29 -27.32 -14.23
C PRO C 728 29.62 -27.18 -12.76
N VAL C 729 30.43 -26.17 -12.46
CA VAL C 729 30.96 -25.92 -11.13
C VAL C 729 30.53 -24.61 -10.49
N SER C 730 30.24 -23.59 -11.28
CA SER C 730 29.94 -22.33 -10.63
C SER C 730 29.15 -21.44 -11.57
N MET C 731 28.66 -20.33 -11.03
CA MET C 731 27.90 -19.36 -11.79
C MET C 731 28.39 -17.96 -11.50
N THR C 732 27.84 -16.98 -12.23
CA THR C 732 28.27 -15.59 -12.10
C THR C 732 27.87 -15.01 -10.77
N LYS C 733 28.82 -14.37 -10.10
CA LYS C 733 28.51 -13.70 -8.85
C LYS C 733 27.88 -12.36 -9.11
N THR C 734 26.75 -12.08 -8.49
CA THR C 734 26.02 -10.85 -8.71
C THR C 734 25.79 -10.08 -7.41
N SER C 735 25.91 -8.77 -7.46
CA SER C 735 25.57 -7.91 -6.34
C SER C 735 24.59 -6.84 -6.81
N VAL C 736 23.66 -6.47 -5.93
CA VAL C 736 22.59 -5.53 -6.28
C VAL C 736 22.52 -4.42 -5.22
N ASP C 737 22.29 -3.18 -5.67
CA ASP C 737 22.07 -2.03 -4.79
C ASP C 737 20.57 -1.83 -4.65
N CYS C 738 20.05 -2.06 -3.46
CA CYS C 738 18.61 -2.04 -3.26
C CYS C 738 17.98 -0.69 -3.61
N THR C 739 18.37 0.38 -2.93
CA THR C 739 17.72 1.66 -3.14
C THR C 739 17.83 2.15 -4.58
N MET C 740 18.98 1.96 -5.23
CA MET C 740 19.09 2.41 -6.61
C MET C 740 18.07 1.70 -7.50
N TYR C 741 18.07 0.38 -7.46
CA TYR C 741 17.09 -0.30 -8.29
C TYR C 741 15.69 0.10 -7.93
N ILE C 742 15.42 0.38 -6.66
CA ILE C 742 14.04 0.63 -6.29
C ILE C 742 13.59 1.95 -6.87
N CYS C 743 14.25 3.05 -6.51
CA CYS C 743 13.77 4.33 -7.01
C CYS C 743 14.89 5.31 -7.36
N GLY C 744 15.91 4.84 -8.05
CA GLY C 744 16.87 5.68 -8.74
C GLY C 744 17.26 7.01 -8.14
N ASP C 745 17.70 7.02 -6.89
CA ASP C 745 18.24 8.20 -6.23
C ASP C 745 17.22 9.34 -6.25
N SER C 746 16.11 9.09 -5.56
CA SER C 746 15.05 10.06 -5.34
C SER C 746 14.90 10.25 -3.84
N THR C 747 14.96 11.49 -3.39
CA THR C 747 14.88 11.75 -1.95
C THR C 747 13.53 11.37 -1.38
N GLU C 748 12.45 11.78 -2.04
CA GLU C 748 11.13 11.46 -1.53
C GLU C 748 10.89 9.96 -1.48
N CYS C 749 11.46 9.21 -2.41
CA CYS C 749 11.23 7.77 -2.35
C CYS C 749 12.06 7.10 -1.29
N SER C 750 13.29 7.56 -1.04
CA SER C 750 14.04 6.91 0.02
C SER C 750 13.40 7.17 1.36
N ASN C 751 12.90 8.37 1.57
CA ASN C 751 12.20 8.65 2.81
C ASN C 751 11.05 7.71 3.03
N LEU C 752 10.43 7.22 1.96
CA LEU C 752 9.32 6.29 2.07
C LEU C 752 9.76 4.84 2.14
N LEU C 753 10.90 4.51 1.57
CA LEU C 753 11.38 3.15 1.64
C LEU C 753 11.95 2.84 3.00
N LEU C 754 12.48 3.85 3.69
CA LEU C 754 13.01 3.61 5.02
C LEU C 754 12.01 3.04 6.01
N GLN C 755 10.71 3.14 5.74
CA GLN C 755 9.72 2.63 6.67
C GLN C 755 9.41 1.17 6.45
N TYR C 756 10.00 0.53 5.47
CA TYR C 756 9.53 -0.79 5.13
C TYR C 756 10.24 -1.84 5.96
N GLY C 757 11.39 -1.50 6.55
CA GLY C 757 12.08 -2.41 7.43
C GLY C 757 13.44 -2.77 6.87
N SER C 758 13.83 -4.01 7.08
CA SER C 758 15.15 -4.49 6.74
C SER C 758 15.10 -5.43 5.55
N PHE C 759 14.14 -5.23 4.65
CA PHE C 759 14.10 -6.07 3.45
C PHE C 759 15.39 -5.97 2.63
N CYS C 760 15.91 -4.76 2.42
CA CYS C 760 17.13 -4.62 1.64
C CYS C 760 18.32 -5.26 2.31
N THR C 761 18.42 -5.14 3.62
CA THR C 761 19.51 -5.80 4.31
C THR C 761 19.45 -7.29 4.06
N GLN C 762 18.27 -7.87 4.16
CA GLN C 762 18.13 -9.30 3.94
C GLN C 762 18.56 -9.69 2.54
N LEU C 763 18.16 -8.91 1.54
CA LEU C 763 18.52 -9.26 0.16
C LEU C 763 20.02 -9.20 -0.06
N LYS C 764 20.65 -8.15 0.44
CA LYS C 764 22.08 -8.03 0.27
C LYS C 764 22.80 -9.16 0.96
N ARG C 765 22.36 -9.55 2.14
CA ARG C 765 22.98 -10.67 2.82
C ARG C 765 22.85 -11.95 2.02
N ALA C 766 21.68 -12.21 1.44
CA ALA C 766 21.51 -13.45 0.68
C ALA C 766 22.45 -13.52 -0.52
N LEU C 767 22.57 -12.42 -1.26
CA LEU C 767 23.42 -12.48 -2.44
C LEU C 767 24.88 -12.62 -2.06
N THR C 768 25.32 -11.96 -1.00
CA THR C 768 26.70 -12.15 -0.59
C THR C 768 26.98 -13.59 -0.22
N GLY C 769 26.03 -14.26 0.40
CA GLY C 769 26.25 -15.67 0.68
C GLY C 769 26.42 -16.48 -0.58
N ILE C 770 25.61 -16.20 -1.61
CA ILE C 770 25.77 -16.92 -2.87
C ILE C 770 27.13 -16.69 -3.50
N ALA C 771 27.61 -15.45 -3.51
CA ALA C 771 28.90 -15.18 -4.15
C ALA C 771 30.04 -15.91 -3.47
N VAL C 772 30.12 -15.81 -2.15
CA VAL C 772 31.22 -16.53 -1.51
C VAL C 772 31.11 -18.02 -1.74
N GLU C 773 29.88 -18.52 -1.87
CA GLU C 773 29.73 -19.94 -2.11
C GLU C 773 30.27 -20.34 -3.46
N GLN C 774 30.04 -19.53 -4.49
CA GLN C 774 30.56 -19.86 -5.82
C GLN C 774 32.06 -19.97 -5.79
N ASP C 775 32.72 -19.06 -5.10
CA ASP C 775 34.18 -19.15 -4.99
C ASP C 775 34.62 -20.45 -4.31
N LYS C 776 33.90 -20.82 -3.26
CA LYS C 776 34.25 -22.03 -2.54
C LYS C 776 34.11 -23.28 -3.40
N ASN C 777 33.15 -23.32 -4.32
CA ASN C 777 33.04 -24.52 -5.15
C ASN C 777 34.29 -24.78 -5.97
N THR C 778 34.80 -23.77 -6.68
CA THR C 778 36.04 -23.95 -7.42
C THR C 778 37.17 -24.38 -6.52
N GLN C 779 37.30 -23.76 -5.34
CA GLN C 779 38.40 -24.19 -4.50
C GLN C 779 38.29 -25.66 -4.16
N GLU C 780 37.15 -26.09 -3.65
CA GLU C 780 37.03 -27.49 -3.27
C GLU C 780 37.24 -28.43 -4.45
N VAL C 781 36.84 -28.06 -5.66
CA VAL C 781 36.99 -28.99 -6.78
C VAL C 781 38.43 -29.09 -7.23
N PHE C 782 39.06 -27.96 -7.54
CA PHE C 782 40.34 -27.98 -8.23
C PHE C 782 41.55 -27.96 -7.30
N ALA C 783 41.51 -27.20 -6.22
CA ALA C 783 42.66 -27.05 -5.34
C ALA C 783 42.83 -28.21 -4.37
N GLN C 784 42.89 -29.40 -4.92
CA GLN C 784 43.08 -30.59 -4.11
C GLN C 784 44.55 -30.94 -3.91
N VAL C 785 45.36 -30.71 -4.91
CA VAL C 785 46.78 -30.99 -4.86
C VAL C 785 47.51 -29.89 -4.12
N LYS C 786 48.53 -30.26 -3.38
CA LYS C 786 49.27 -29.30 -2.58
C LYS C 786 50.48 -28.70 -3.29
N GLN C 787 51.20 -29.48 -4.07
CA GLN C 787 52.40 -29.04 -4.77
C GLN C 787 52.22 -29.02 -6.27
N ILE C 788 52.74 -27.99 -6.92
CA ILE C 788 52.63 -27.90 -8.37
C ILE C 788 53.71 -28.78 -8.98
N TYR C 789 53.34 -29.97 -9.43
CA TYR C 789 54.29 -30.88 -10.06
C TYR C 789 54.59 -30.51 -11.50
N LYS C 790 55.86 -30.47 -11.85
CA LYS C 790 56.27 -30.12 -13.20
C LYS C 790 56.50 -31.39 -14.02
N THR C 791 56.24 -31.31 -15.29
CA THR C 791 56.42 -32.38 -16.26
C THR C 791 57.89 -32.47 -16.67
N PRO C 792 58.48 -33.66 -16.77
CA PRO C 792 59.87 -33.76 -17.19
C PRO C 792 60.03 -33.28 -18.62
N PRO C 793 61.24 -32.88 -19.01
CA PRO C 793 61.42 -32.38 -20.39
C PRO C 793 61.38 -33.44 -21.47
N ILE C 794 62.04 -34.58 -21.28
CA ILE C 794 62.01 -35.67 -22.26
C ILE C 794 60.66 -36.37 -22.10
N LYS C 795 59.72 -36.06 -22.99
CA LYS C 795 58.35 -36.55 -22.92
C LYS C 795 58.12 -37.89 -23.60
N TYR C 796 58.87 -38.90 -23.20
CA TYR C 796 58.66 -40.25 -23.67
C TYR C 796 58.21 -41.11 -22.52
N PHE C 797 57.00 -41.66 -22.61
CA PHE C 797 56.39 -42.44 -21.54
C PHE C 797 56.00 -43.83 -22.00
N GLY C 798 56.83 -44.48 -22.77
CA GLY C 798 56.51 -45.82 -23.22
C GLY C 798 55.47 -45.97 -24.31
N GLY C 799 55.59 -45.18 -25.37
CA GLY C 799 54.71 -45.24 -26.49
C GLY C 799 53.48 -44.40 -26.41
N PHE C 800 53.05 -44.03 -25.22
CA PHE C 800 51.85 -43.23 -25.08
C PHE C 800 52.08 -41.79 -25.53
N ASN C 801 51.10 -41.20 -26.21
CA ASN C 801 51.20 -39.85 -26.75
C ASN C 801 50.19 -38.91 -26.12
N PHE C 802 50.58 -38.18 -25.09
CA PHE C 802 49.74 -37.22 -24.37
C PHE C 802 49.75 -35.79 -24.92
N SER C 803 50.20 -35.53 -26.14
CA SER C 803 50.28 -34.14 -26.59
C SER C 803 48.93 -33.44 -26.59
N GLN C 804 47.84 -34.15 -26.81
CA GLN C 804 46.54 -33.48 -26.89
C GLN C 804 46.03 -32.98 -25.56
N ILE C 805 46.58 -33.44 -24.44
CA ILE C 805 46.09 -32.98 -23.14
C ILE C 805 47.13 -32.22 -22.35
N LEU C 806 48.41 -32.39 -22.60
CA LEU C 806 49.42 -31.66 -21.86
C LEU C 806 49.45 -30.20 -22.30
N PRO C 807 49.91 -29.28 -21.45
CA PRO C 807 49.86 -27.88 -21.82
C PRO C 807 50.72 -27.59 -23.03
N ASP C 808 50.23 -26.66 -23.85
CA ASP C 808 50.88 -26.24 -25.08
C ASP C 808 51.79 -25.06 -24.81
N PRO C 809 53.11 -25.20 -24.88
CA PRO C 809 53.99 -24.04 -24.62
C PRO C 809 53.93 -22.95 -25.68
N SER C 810 53.44 -23.24 -26.88
CA SER C 810 53.42 -22.22 -27.93
C SER C 810 52.48 -21.07 -27.57
N LYS C 811 51.22 -21.40 -27.33
CA LYS C 811 50.23 -20.38 -27.04
C LYS C 811 50.56 -19.70 -25.70
N PRO C 812 50.26 -18.41 -25.57
CA PRO C 812 50.60 -17.74 -24.31
C PRO C 812 49.76 -18.17 -23.13
N SER C 813 48.50 -18.52 -23.35
CA SER C 813 47.66 -18.95 -22.23
C SER C 813 48.08 -20.31 -21.68
N LYS C 814 48.87 -21.06 -22.44
CA LYS C 814 49.39 -22.35 -21.98
C LYS C 814 48.28 -23.36 -21.71
N ARG C 815 47.23 -23.34 -22.52
CA ARG C 815 46.17 -24.30 -22.38
C ARG C 815 46.39 -25.36 -23.45
N SER C 816 46.07 -26.58 -23.13
CA SER C 816 46.18 -27.64 -24.12
C SER C 816 45.29 -27.41 -25.32
N PRO C 817 45.51 -28.13 -26.42
CA PRO C 817 44.60 -27.98 -27.54
C PRO C 817 43.18 -28.36 -27.22
N ILE C 818 42.94 -29.40 -26.42
CA ILE C 818 41.58 -29.73 -26.06
C ILE C 818 40.97 -28.59 -25.25
N GLU C 819 41.75 -28.02 -24.34
CA GLU C 819 41.26 -26.91 -23.54
C GLU C 819 40.98 -25.70 -24.43
N ASP C 820 41.81 -25.49 -25.44
CA ASP C 820 41.57 -24.38 -26.37
C ASP C 820 40.26 -24.57 -27.10
N LEU C 821 40.01 -25.78 -27.55
CA LEU C 821 38.76 -26.05 -28.22
C LEU C 821 37.60 -25.78 -27.30
N LEU C 822 37.72 -26.18 -26.04
CA LEU C 822 36.64 -25.94 -25.09
C LEU C 822 36.39 -24.46 -24.88
N PHE C 823 37.44 -23.67 -24.74
CA PHE C 823 37.22 -22.24 -24.50
C PHE C 823 36.64 -21.53 -25.70
N ASN C 824 36.93 -21.99 -26.90
CA ASN C 824 36.37 -21.30 -28.04
C ASN C 824 34.97 -21.80 -28.35
N LYS C 825 34.65 -23.02 -27.97
CA LYS C 825 33.34 -23.56 -28.31
C LYS C 825 32.22 -22.88 -27.55
N VAL C 826 32.47 -22.41 -26.34
CA VAL C 826 31.43 -21.77 -25.54
C VAL C 826 31.83 -20.33 -25.32
N THR C 827 30.88 -19.42 -25.52
CA THR C 827 31.10 -18.01 -25.33
C THR C 827 29.91 -17.40 -24.63
N LEU C 828 30.07 -16.15 -24.23
CA LEU C 828 29.00 -15.43 -23.54
C LEU C 828 27.86 -15.14 -24.50
N PHE C 855 24.05 -0.30 -16.51
CA PHE C 855 23.09 -1.01 -15.69
C PHE C 855 22.31 -0.10 -14.78
N ASN C 856 21.44 -0.68 -13.95
CA ASN C 856 20.57 0.15 -13.09
C ASN C 856 20.76 -0.21 -11.61
N GLY C 857 21.96 -0.62 -11.23
CA GLY C 857 22.24 -0.92 -9.82
C GLY C 857 22.82 -2.29 -9.67
N LEU C 858 23.03 -2.99 -10.77
CA LEU C 858 23.49 -4.39 -10.72
C LEU C 858 24.99 -4.49 -11.00
N THR C 859 25.60 -5.62 -10.71
CA THR C 859 27.06 -5.77 -10.89
C THR C 859 27.38 -7.24 -11.11
N VAL C 860 28.59 -7.57 -11.54
CA VAL C 860 28.97 -8.97 -11.80
C VAL C 860 30.38 -9.14 -11.27
N LEU C 861 30.54 -9.08 -9.95
CA LEU C 861 31.86 -9.21 -9.32
C LEU C 861 32.69 -10.29 -10.02
N PRO C 862 34.03 -10.14 -10.13
CA PRO C 862 34.85 -11.08 -10.86
C PRO C 862 35.30 -12.29 -10.04
N PRO C 863 35.69 -13.43 -10.66
CA PRO C 863 36.03 -14.63 -9.92
C PRO C 863 37.42 -14.59 -9.30
N LEU C 864 37.63 -15.21 -8.15
CA LEU C 864 38.93 -15.09 -7.44
C LEU C 864 40.01 -15.85 -8.19
N LEU C 865 39.73 -17.06 -8.67
CA LEU C 865 40.72 -17.76 -9.47
C LEU C 865 40.56 -17.42 -10.94
N THR C 866 41.58 -16.82 -11.51
CA THR C 866 41.47 -16.51 -12.90
C THR C 866 41.61 -17.79 -13.70
N ASP C 867 41.31 -17.72 -15.00
CA ASP C 867 41.41 -18.91 -15.85
C ASP C 867 42.81 -19.49 -15.87
N GLU C 868 43.82 -18.65 -15.86
CA GLU C 868 45.18 -19.14 -15.89
C GLU C 868 45.50 -19.96 -14.66
N MET C 869 45.07 -19.54 -13.50
CA MET C 869 45.42 -20.32 -12.33
C MET C 869 44.69 -21.65 -12.30
N ILE C 870 43.46 -21.70 -12.80
CA ILE C 870 42.80 -23.00 -12.88
C ILE C 870 43.50 -23.93 -13.84
N ALA C 871 43.93 -23.43 -14.99
CA ALA C 871 44.67 -24.30 -15.91
C ALA C 871 45.96 -24.75 -15.29
N GLN C 872 46.59 -23.91 -14.50
CA GLN C 872 47.80 -24.35 -13.82
C GLN C 872 47.52 -25.49 -12.87
N TYR C 873 46.41 -25.41 -12.13
CA TYR C 873 46.07 -26.51 -11.24
C TYR C 873 45.83 -27.79 -12.02
N THR C 874 45.12 -27.71 -13.13
CA THR C 874 44.86 -28.89 -13.94
C THR C 874 46.16 -29.51 -14.46
N SER C 875 47.08 -28.70 -14.93
CA SER C 875 48.33 -29.24 -15.41
C SER C 875 49.08 -29.91 -14.27
N ALA C 876 48.96 -29.37 -13.06
CA ALA C 876 49.61 -30.01 -11.93
C ALA C 876 49.05 -31.39 -11.70
N LEU C 877 47.73 -31.54 -11.74
CA LEU C 877 47.15 -32.85 -11.56
C LEU C 877 47.57 -33.82 -12.65
N LEU C 878 47.58 -33.40 -13.92
CA LEU C 878 48.00 -34.32 -14.98
C LEU C 878 49.45 -34.76 -14.82
N ALA C 879 50.35 -33.84 -14.56
CA ALA C 879 51.73 -34.23 -14.40
C ALA C 879 51.88 -35.18 -13.23
N GLY C 880 51.18 -34.92 -12.14
CA GLY C 880 51.25 -35.82 -11.02
C GLY C 880 50.79 -37.23 -11.37
N THR C 881 49.63 -37.34 -12.01
CA THR C 881 49.10 -38.67 -12.30
C THR C 881 49.92 -39.41 -13.33
N ILE C 882 50.61 -38.71 -14.22
CA ILE C 882 51.38 -39.41 -15.24
C ILE C 882 52.67 -39.91 -14.67
N THR C 883 53.23 -39.20 -13.71
CA THR C 883 54.57 -39.58 -13.28
C THR C 883 54.55 -40.38 -11.99
N SER C 884 53.46 -40.34 -11.21
CA SER C 884 53.46 -40.96 -9.90
C SER C 884 52.24 -41.82 -9.58
N GLY C 885 51.25 -41.93 -10.47
CA GLY C 885 50.13 -42.79 -10.16
C GLY C 885 49.29 -42.39 -8.95
N TRP C 886 48.95 -43.38 -8.12
CA TRP C 886 48.17 -43.09 -6.94
C TRP C 886 48.91 -42.42 -5.82
N THR C 887 50.22 -42.57 -5.78
CA THR C 887 50.93 -42.23 -4.57
C THR C 887 50.79 -40.76 -4.22
N PHE C 888 50.73 -39.89 -5.20
CA PHE C 888 50.66 -38.47 -4.92
C PHE C 888 49.37 -38.06 -4.24
N GLY C 889 48.36 -38.92 -4.19
CA GLY C 889 47.12 -38.57 -3.55
C GLY C 889 47.05 -39.03 -2.12
N ALA C 890 47.94 -39.94 -1.73
CA ALA C 890 47.99 -40.49 -0.40
C ALA C 890 49.13 -39.95 0.44
N GLY C 891 50.05 -39.20 -0.15
CA GLY C 891 51.18 -38.64 0.55
C GLY C 891 52.28 -38.23 -0.40
N PRO C 892 53.52 -38.58 -0.10
CA PRO C 892 54.64 -38.15 -0.97
C PRO C 892 54.58 -38.81 -2.33
N ALA C 893 54.71 -38.03 -3.39
CA ALA C 893 54.65 -38.57 -4.74
C ALA C 893 55.87 -39.43 -5.06
N LEU C 894 55.64 -40.71 -5.34
CA LEU C 894 56.68 -41.67 -5.69
C LEU C 894 56.60 -41.98 -7.19
N GLN C 895 57.68 -41.71 -7.93
CA GLN C 895 57.69 -41.95 -9.37
C GLN C 895 57.73 -43.43 -9.73
N ILE C 896 57.02 -43.79 -10.79
CA ILE C 896 56.97 -45.17 -11.27
C ILE C 896 56.85 -45.15 -12.79
N PRO C 897 57.57 -45.99 -13.53
CA PRO C 897 57.46 -46.02 -14.99
C PRO C 897 56.04 -46.18 -15.48
N PHE C 898 55.68 -45.46 -16.53
CA PHE C 898 54.30 -45.55 -16.99
C PHE C 898 53.85 -46.91 -17.45
N PRO C 899 54.64 -47.72 -18.13
CA PRO C 899 54.14 -49.07 -18.39
C PRO C 899 53.86 -49.88 -17.15
N MET C 900 54.68 -49.81 -16.10
CA MET C 900 54.35 -50.54 -14.89
C MET C 900 53.15 -49.97 -14.19
N GLN C 901 52.93 -48.68 -14.28
CA GLN C 901 51.72 -48.17 -13.67
C GLN C 901 50.50 -48.72 -14.37
N MET C 902 50.50 -48.75 -15.69
CA MET C 902 49.37 -49.38 -16.35
C MET C 902 49.28 -50.87 -16.07
N ALA C 903 50.38 -51.56 -15.81
CA ALA C 903 50.25 -52.96 -15.42
C ALA C 903 49.56 -53.09 -14.08
N TYR C 904 49.94 -52.25 -13.11
CA TYR C 904 49.21 -52.20 -11.85
C TYR C 904 47.73 -52.08 -12.08
N ARG C 905 47.34 -51.15 -12.93
CA ARG C 905 45.91 -50.95 -13.11
C ARG C 905 45.26 -52.14 -13.76
N PHE C 906 45.93 -52.79 -14.69
CA PHE C 906 45.37 -54.01 -15.26
C PHE C 906 45.10 -55.05 -14.19
N ASN C 907 46.06 -55.34 -13.32
CA ASN C 907 45.75 -56.21 -12.19
C ASN C 907 44.56 -55.72 -11.41
N GLY C 908 44.44 -54.42 -11.26
CA GLY C 908 43.30 -53.91 -10.54
C GLY C 908 41.97 -54.32 -11.12
N ILE C 909 41.88 -54.50 -12.43
CA ILE C 909 40.61 -54.96 -12.99
C ILE C 909 40.61 -56.48 -13.24
N GLY C 910 41.50 -57.21 -12.58
CA GLY C 910 41.44 -58.66 -12.66
C GLY C 910 42.05 -59.34 -13.86
N VAL C 911 42.89 -58.67 -14.64
CA VAL C 911 43.57 -59.26 -15.77
C VAL C 911 45.05 -59.30 -15.42
N THR C 912 45.70 -60.44 -15.58
CA THR C 912 47.09 -60.50 -15.17
C THR C 912 47.95 -59.57 -16.01
N GLN C 913 48.97 -59.02 -15.38
CA GLN C 913 49.82 -58.01 -15.99
C GLN C 913 50.62 -58.49 -17.17
N ASN C 914 50.88 -59.77 -17.32
CA ASN C 914 51.58 -60.19 -18.53
C ASN C 914 50.79 -59.85 -19.77
N VAL C 915 49.47 -59.80 -19.68
CA VAL C 915 48.63 -59.40 -20.80
C VAL C 915 48.98 -58.01 -21.26
N LEU C 916 49.42 -57.14 -20.37
CA LEU C 916 49.84 -55.82 -20.80
C LEU C 916 51.22 -55.82 -21.40
N TYR C 917 52.16 -56.57 -20.84
CA TYR C 917 53.48 -56.48 -21.38
C TYR C 917 53.61 -57.09 -22.76
N GLU C 918 52.70 -57.95 -23.14
CA GLU C 918 52.73 -58.58 -24.44
C GLU C 918 51.95 -57.81 -25.49
N ASN C 919 51.24 -56.78 -25.11
CA ASN C 919 50.46 -56.01 -26.03
C ASN C 919 50.70 -54.53 -25.81
N GLN C 920 51.86 -54.17 -25.31
CA GLN C 920 52.16 -52.76 -25.12
C GLN C 920 51.99 -51.96 -26.39
N LYS C 921 52.51 -52.45 -27.51
CA LYS C 921 52.39 -51.70 -28.76
C LYS C 921 50.94 -51.51 -29.15
N LEU C 922 50.17 -52.58 -29.15
CA LEU C 922 48.77 -52.48 -29.53
C LEU C 922 47.99 -51.58 -28.59
N ILE C 923 48.27 -51.68 -27.30
CA ILE C 923 47.53 -50.88 -26.33
C ILE C 923 47.82 -49.41 -26.53
N ALA C 924 49.09 -49.08 -26.76
CA ALA C 924 49.42 -47.68 -26.98
C ALA C 924 48.78 -47.16 -28.25
N ASN C 925 48.76 -47.95 -29.32
CA ASN C 925 48.11 -47.49 -30.54
C ASN C 925 46.64 -47.24 -30.34
N GLN C 926 45.96 -48.12 -29.63
CA GLN C 926 44.54 -47.91 -29.39
C GLN C 926 44.29 -46.66 -28.57
N PHE C 927 45.10 -46.42 -27.54
CA PHE C 927 44.94 -45.23 -26.73
C PHE C 927 45.16 -43.96 -27.55
N ASN C 928 46.19 -43.94 -28.39
CA ASN C 928 46.43 -42.76 -29.21
C ASN C 928 45.30 -42.50 -30.18
N SER C 929 44.78 -43.53 -30.83
CA SER C 929 43.68 -43.29 -31.75
C SER C 929 42.47 -42.73 -31.03
N ALA C 930 42.16 -43.25 -29.84
CA ALA C 930 40.98 -42.74 -29.13
C ALA C 930 41.17 -41.28 -28.74
N ILE C 931 42.34 -40.92 -28.23
CA ILE C 931 42.53 -39.53 -27.84
C ILE C 931 42.45 -38.64 -29.05
N GLY C 932 42.90 -39.11 -30.20
CA GLY C 932 42.81 -38.27 -31.39
C GLY C 932 41.38 -38.06 -31.83
N LYS C 933 40.55 -39.07 -31.74
CA LYS C 933 39.17 -38.88 -32.16
C LYS C 933 38.35 -38.04 -31.18
N ILE C 934 38.78 -37.92 -29.93
CA ILE C 934 38.02 -37.10 -28.97
C ILE C 934 37.85 -35.66 -29.39
N GLN C 935 38.91 -35.01 -29.85
CA GLN C 935 38.76 -33.60 -30.19
C GLN C 935 37.82 -33.40 -31.37
N ASP C 936 37.95 -34.21 -32.40
CA ASP C 936 37.07 -34.11 -33.54
C ASP C 936 35.63 -34.35 -33.11
N SER C 937 35.40 -35.31 -32.23
CA SER C 937 34.04 -35.57 -31.78
C SER C 937 33.46 -34.38 -31.02
N LEU C 938 34.23 -33.78 -30.11
CA LEU C 938 33.71 -32.62 -29.39
C LEU C 938 33.41 -31.46 -30.31
N SER C 939 34.22 -31.27 -31.35
CA SER C 939 34.01 -30.15 -32.24
C SER C 939 32.86 -30.38 -33.20
N SER C 940 32.67 -31.61 -33.66
CA SER C 940 31.58 -31.84 -34.61
C SER C 940 30.23 -31.94 -33.92
N THR C 941 30.19 -32.36 -32.68
CA THR C 941 28.92 -32.46 -31.99
C THR C 941 28.35 -31.06 -31.78
N PRO C 942 27.08 -30.82 -32.10
CA PRO C 942 26.53 -29.47 -31.99
C PRO C 942 26.20 -29.05 -30.56
N SER C 943 25.85 -29.99 -29.70
CA SER C 943 25.40 -29.65 -28.36
C SER C 943 26.11 -30.49 -27.32
N ALA C 944 27.43 -30.58 -27.46
CA ALA C 944 28.21 -31.31 -26.49
C ALA C 944 28.36 -30.54 -25.19
N LEU C 945 28.44 -29.21 -25.27
CA LEU C 945 28.57 -28.34 -24.11
C LEU C 945 27.25 -27.74 -23.66
N GLY C 946 26.17 -28.48 -23.79
CA GLY C 946 24.86 -27.96 -23.44
C GLY C 946 24.73 -27.48 -22.00
N LYS C 947 25.35 -28.17 -21.05
CA LYS C 947 25.18 -27.79 -19.66
C LYS C 947 25.80 -26.44 -19.34
N LEU C 948 27.04 -26.22 -19.73
CA LEU C 948 27.66 -24.94 -19.45
C LEU C 948 26.93 -23.81 -20.17
N GLN C 949 26.57 -24.01 -21.42
CA GLN C 949 25.87 -22.96 -22.13
C GLN C 949 24.54 -22.62 -21.47
N ASP C 950 23.85 -23.62 -20.96
CA ASP C 950 22.56 -23.32 -20.35
C ASP C 950 22.72 -22.55 -19.06
N VAL C 951 23.73 -22.86 -18.26
CA VAL C 951 23.90 -22.07 -17.04
C VAL C 951 24.12 -20.60 -17.41
N VAL C 952 24.98 -20.35 -18.39
CA VAL C 952 25.23 -18.97 -18.77
C VAL C 952 23.95 -18.28 -19.23
N ASN C 953 23.18 -18.95 -20.09
CA ASN C 953 21.96 -18.31 -20.60
C ASN C 953 20.91 -18.09 -19.52
N HIS C 954 20.79 -19.01 -18.56
CA HIS C 954 19.81 -18.80 -17.52
C HIS C 954 20.12 -17.55 -16.74
N ASN C 955 21.38 -17.38 -16.35
CA ASN C 955 21.70 -16.17 -15.61
C ASN C 955 21.42 -14.92 -16.43
N ALA C 956 21.82 -14.91 -17.70
CA ALA C 956 21.59 -13.72 -18.52
C ALA C 956 20.11 -13.40 -18.64
N GLN C 957 19.27 -14.40 -18.85
CA GLN C 957 17.84 -14.14 -18.97
C GLN C 957 17.25 -13.60 -17.68
N ALA C 958 17.70 -14.09 -16.54
CA ALA C 958 17.21 -13.56 -15.28
C ALA C 958 17.50 -12.07 -15.18
N LEU C 959 18.74 -11.68 -15.48
CA LEU C 959 19.04 -10.25 -15.42
C LEU C 959 18.21 -9.47 -16.41
N ASN C 960 17.97 -10.01 -17.60
CA ASN C 960 17.18 -9.25 -18.56
C ASN C 960 15.78 -8.99 -18.05
N THR C 961 15.11 -10.00 -17.52
CA THR C 961 13.76 -9.72 -17.05
C THR C 961 13.77 -8.79 -15.87
N LEU C 962 14.79 -8.87 -15.02
CA LEU C 962 14.85 -7.94 -13.91
C LEU C 962 14.97 -6.51 -14.39
N VAL C 963 15.78 -6.28 -15.42
CA VAL C 963 15.90 -4.92 -15.91
C VAL C 963 14.64 -4.47 -16.61
N LYS C 964 13.99 -5.35 -17.35
CA LYS C 964 12.81 -4.93 -18.07
C LYS C 964 11.66 -4.62 -17.15
N GLN C 965 11.58 -5.28 -16.02
CA GLN C 965 10.44 -5.01 -15.16
C GLN C 965 10.41 -3.61 -14.61
N LEU C 966 11.39 -2.76 -14.89
CA LEU C 966 11.26 -1.38 -14.44
C LEU C 966 10.23 -0.61 -15.22
N SER C 967 9.92 -1.01 -16.45
CA SER C 967 8.97 -0.25 -17.24
C SER C 967 7.53 -0.46 -16.80
N SER C 968 7.21 -1.57 -16.13
CA SER C 968 5.83 -1.83 -15.73
C SER C 968 5.33 -0.79 -14.76
N LYS C 969 4.03 -0.50 -14.86
CA LYS C 969 3.38 0.48 -14.01
C LYS C 969 2.83 -0.08 -12.70
N PHE C 970 2.53 -1.36 -12.63
CA PHE C 970 1.99 -1.99 -11.43
C PHE C 970 0.68 -1.38 -10.98
N GLY C 971 -0.06 -0.73 -11.86
CA GLY C 971 -1.31 -0.11 -11.47
C GLY C 971 -1.23 1.38 -11.20
N ALA C 972 -0.03 1.92 -11.04
CA ALA C 972 0.12 3.34 -10.82
C ALA C 972 -0.14 4.09 -12.12
N ILE C 973 -0.43 5.39 -11.99
CA ILE C 973 -0.73 6.20 -13.16
C ILE C 973 0.45 6.38 -14.09
N SER C 974 1.68 6.12 -13.65
CA SER C 974 2.82 6.24 -14.55
C SER C 974 4.02 5.52 -13.96
N SER C 975 4.94 5.16 -14.84
CA SER C 975 6.08 4.38 -14.41
C SER C 975 7.28 5.23 -14.00
N VAL C 976 7.46 6.39 -14.57
CA VAL C 976 8.61 7.21 -14.24
C VAL C 976 8.33 8.04 -13.00
N LEU C 977 9.30 8.12 -12.09
CA LEU C 977 9.08 8.82 -10.82
C LEU C 977 8.90 10.32 -11.00
N ASN C 978 9.55 10.89 -12.01
CA ASN C 978 9.51 12.34 -12.19
C ASN C 978 8.09 12.82 -12.46
N ASP C 979 7.38 12.13 -13.35
CA ASP C 979 6.01 12.54 -13.63
C ASP C 979 5.18 12.46 -12.37
N ILE C 980 5.34 11.38 -11.60
CA ILE C 980 4.59 11.24 -10.37
C ILE C 980 4.83 12.43 -9.47
N LEU C 981 6.07 12.86 -9.37
CA LEU C 981 6.36 13.99 -8.49
C LEU C 981 6.00 15.33 -9.12
N SER C 982 5.73 15.38 -10.41
CA SER C 982 5.40 16.64 -11.07
C SER C 982 3.91 16.94 -11.10
N ARG C 983 3.12 16.04 -11.67
CA ARG C 983 1.71 16.29 -11.95
C ARG C 983 0.78 15.78 -10.86
N LEU C 984 1.22 15.78 -9.61
CA LEU C 984 0.32 15.39 -8.54
C LEU C 984 0.83 15.95 -7.22
N ASP C 985 -0.11 16.25 -6.32
CA ASP C 985 0.26 16.79 -5.03
C ASP C 985 0.91 15.73 -4.16
N PRO C 986 1.67 16.13 -3.15
CA PRO C 986 2.38 15.16 -2.30
C PRO C 986 1.44 14.18 -1.58
N PRO C 987 0.30 14.62 -1.05
CA PRO C 987 -0.56 13.65 -0.37
C PRO C 987 -0.99 12.50 -1.25
N GLU C 988 -1.34 12.78 -2.51
CA GLU C 988 -1.72 11.70 -3.40
C GLU C 988 -0.50 11.03 -4.01
N ALA C 989 0.60 11.77 -4.19
CA ALA C 989 1.81 11.12 -4.68
C ALA C 989 2.28 10.04 -3.72
N GLU C 990 1.96 10.17 -2.45
CA GLU C 990 2.33 9.10 -1.53
C GLU C 990 1.70 7.78 -1.93
N VAL C 991 0.38 7.78 -2.14
CA VAL C 991 -0.26 6.53 -2.50
C VAL C 991 0.06 6.12 -3.92
N GLN C 992 0.45 7.06 -4.78
CA GLN C 992 0.90 6.64 -6.10
C GLN C 992 2.34 6.13 -6.13
N ILE C 993 3.15 6.44 -5.12
CA ILE C 993 4.51 5.91 -5.09
C ILE C 993 4.56 4.62 -4.32
N ASP C 994 3.63 4.41 -3.41
CA ASP C 994 3.54 3.10 -2.76
C ASP C 994 3.44 1.96 -3.75
N ARG C 995 2.63 2.12 -4.80
CA ARG C 995 2.48 1.01 -5.74
C ARG C 995 3.80 0.66 -6.41
N LEU C 996 4.52 1.66 -6.92
CA LEU C 996 5.79 1.36 -7.56
C LEU C 996 6.76 0.74 -6.57
N ILE C 997 6.85 1.29 -5.37
CA ILE C 997 7.76 0.72 -4.39
C ILE C 997 7.45 -0.75 -4.15
N THR C 998 6.20 -1.07 -3.83
CA THR C 998 5.90 -2.45 -3.51
C THR C 998 6.14 -3.36 -4.70
N GLY C 999 5.82 -2.90 -5.90
CA GLY C 999 6.00 -3.76 -7.06
C GLY C 999 7.47 -4.05 -7.33
N ARG C 1000 8.30 -3.03 -7.29
CA ARG C 1000 9.71 -3.26 -7.56
C ARG C 1000 10.37 -4.04 -6.45
N LEU C 1001 9.93 -3.85 -5.21
CA LEU C 1001 10.47 -4.66 -4.14
C LEU C 1001 10.10 -6.12 -4.30
N GLN C 1002 8.87 -6.38 -4.70
CA GLN C 1002 8.48 -7.77 -4.93
C GLN C 1002 9.26 -8.39 -6.07
N SER C 1003 9.51 -7.64 -7.14
CA SER C 1003 10.29 -8.19 -8.25
C SER C 1003 11.70 -8.56 -7.81
N LEU C 1004 12.34 -7.67 -7.08
CA LEU C 1004 13.70 -7.97 -6.63
C LEU C 1004 13.70 -9.16 -5.69
N GLN C 1005 12.64 -9.30 -4.90
CA GLN C 1005 12.56 -10.45 -4.00
C GLN C 1005 12.46 -11.75 -4.76
N THR C 1006 11.67 -11.76 -5.83
CA THR C 1006 11.57 -12.95 -6.69
C THR C 1006 12.90 -13.32 -7.31
N TYR C 1007 13.63 -12.33 -7.81
CA TYR C 1007 14.92 -12.62 -8.40
C TYR C 1007 15.84 -13.29 -7.39
N VAL C 1008 15.88 -12.77 -6.18
CA VAL C 1008 16.81 -13.36 -5.22
C VAL C 1008 16.41 -14.78 -4.85
N THR C 1009 15.12 -15.06 -4.78
CA THR C 1009 14.75 -16.45 -4.47
C THR C 1009 15.13 -17.41 -5.58
N GLN C 1010 14.89 -17.04 -6.83
CA GLN C 1010 15.29 -17.92 -7.92
C GLN C 1010 16.78 -18.18 -7.87
N GLN C 1011 17.56 -17.15 -7.55
CA GLN C 1011 19.00 -17.36 -7.52
C GLN C 1011 19.41 -18.27 -6.39
N LEU C 1012 18.71 -18.25 -5.26
CA LEU C 1012 19.07 -19.18 -4.20
C LEU C 1012 18.82 -20.62 -4.62
N ILE C 1013 17.69 -20.88 -5.26
CA ILE C 1013 17.41 -22.24 -5.70
C ILE C 1013 18.45 -22.72 -6.71
N ARG C 1014 18.76 -21.90 -7.72
CA ARG C 1014 19.77 -22.35 -8.68
C ARG C 1014 21.12 -22.55 -8.05
N ALA C 1015 21.47 -21.75 -7.05
CA ALA C 1015 22.77 -21.95 -6.43
C ALA C 1015 22.82 -23.25 -5.69
N ALA C 1016 21.71 -23.66 -5.09
CA ALA C 1016 21.68 -24.97 -4.46
C ALA C 1016 21.90 -26.08 -5.47
N GLU C 1017 21.24 -25.98 -6.62
CA GLU C 1017 21.44 -26.98 -7.66
C GLU C 1017 22.89 -27.08 -8.13
N ILE C 1018 23.52 -25.92 -8.37
CA ILE C 1018 24.90 -25.95 -8.83
C ILE C 1018 25.81 -26.47 -7.75
N ARG C 1019 25.51 -26.21 -6.49
CA ARG C 1019 26.34 -26.74 -5.43
C ARG C 1019 26.28 -28.24 -5.41
N ALA C 1020 25.11 -28.83 -5.62
CA ALA C 1020 25.04 -30.28 -5.73
C ALA C 1020 25.95 -30.79 -6.82
N SER C 1021 25.89 -30.15 -7.99
CA SER C 1021 26.76 -30.58 -9.10
C SER C 1021 28.23 -30.43 -8.76
N ALA C 1022 28.61 -29.38 -8.06
CA ALA C 1022 30.02 -29.18 -7.74
C ALA C 1022 30.51 -30.22 -6.75
N ASN C 1023 29.67 -30.61 -5.80
CA ASN C 1023 30.05 -31.70 -4.91
C ASN C 1023 30.28 -32.97 -5.69
N LEU C 1024 29.41 -33.26 -6.65
CA LEU C 1024 29.65 -34.44 -7.48
C LEU C 1024 30.96 -34.37 -8.23
N ALA C 1025 31.29 -33.19 -8.78
CA ALA C 1025 32.54 -33.06 -9.52
C ALA C 1025 33.73 -33.26 -8.61
N ALA C 1026 33.68 -32.75 -7.39
CA ALA C 1026 34.79 -32.94 -6.48
C ALA C 1026 34.96 -34.41 -6.13
N THR C 1027 33.86 -35.10 -5.90
CA THR C 1027 33.92 -36.53 -5.65
C THR C 1027 34.54 -37.27 -6.81
N LYS C 1028 34.17 -36.92 -8.04
CA LYS C 1028 34.73 -37.62 -9.18
C LYS C 1028 36.21 -37.39 -9.28
N MET C 1029 36.65 -36.14 -9.11
CA MET C 1029 38.07 -35.89 -9.05
C MET C 1029 38.76 -36.81 -8.07
N SER C 1030 38.37 -36.77 -6.80
CA SER C 1030 39.06 -37.58 -5.82
C SER C 1030 39.09 -39.05 -6.20
N GLU C 1031 37.94 -39.60 -6.59
CA GLU C 1031 37.82 -41.04 -6.75
C GLU C 1031 38.33 -41.57 -8.07
N CYS C 1032 38.09 -40.88 -9.20
CA CYS C 1032 38.49 -41.40 -10.50
C CYS C 1032 39.89 -40.94 -10.91
N VAL C 1033 40.24 -39.68 -10.66
CA VAL C 1033 41.53 -39.17 -11.09
C VAL C 1033 42.63 -39.56 -10.12
N LEU C 1034 42.45 -39.30 -8.84
CA LEU C 1034 43.50 -39.59 -7.88
C LEU C 1034 43.53 -41.06 -7.49
N GLY C 1035 42.80 -41.92 -8.18
CA GLY C 1035 42.82 -43.33 -7.86
C GLY C 1035 42.07 -44.11 -8.91
N GLN C 1036 41.68 -45.32 -8.54
CA GLN C 1036 40.96 -46.19 -9.47
C GLN C 1036 39.73 -46.73 -8.76
N SER C 1037 38.58 -46.63 -9.38
CA SER C 1037 37.34 -46.97 -8.72
C SER C 1037 36.78 -48.27 -9.24
N LYS C 1038 36.31 -49.11 -8.33
CA LYS C 1038 35.59 -50.31 -8.69
C LYS C 1038 34.10 -50.08 -8.77
N ARG C 1039 33.65 -48.87 -8.49
CA ARG C 1039 32.23 -48.56 -8.56
C ARG C 1039 31.77 -48.66 -10.00
N VAL C 1040 30.68 -49.36 -10.23
CA VAL C 1040 30.22 -49.67 -11.58
C VAL C 1040 29.61 -48.47 -12.26
N ASP C 1041 30.12 -48.13 -13.43
CA ASP C 1041 29.51 -47.13 -14.28
C ASP C 1041 29.40 -45.78 -13.57
N PHE C 1042 30.43 -45.46 -12.82
CA PHE C 1042 30.59 -44.15 -12.20
C PHE C 1042 31.54 -43.31 -13.02
N CYS C 1043 32.74 -43.80 -13.22
CA CYS C 1043 33.72 -43.14 -14.05
C CYS C 1043 33.71 -43.72 -15.48
N GLY C 1044 32.58 -43.65 -16.17
CA GLY C 1044 32.48 -44.15 -17.53
C GLY C 1044 32.04 -45.59 -17.64
N LYS C 1045 31.58 -45.97 -18.84
CA LYS C 1045 31.10 -47.31 -19.12
C LYS C 1045 32.24 -48.27 -19.46
N GLY C 1046 32.39 -49.32 -18.67
CA GLY C 1046 33.43 -50.31 -18.84
C GLY C 1046 34.32 -50.33 -17.63
N TYR C 1047 35.26 -51.25 -17.65
CA TYR C 1047 36.22 -51.39 -16.54
C TYR C 1047 37.16 -50.20 -16.51
N HIS C 1048 37.11 -49.42 -15.44
CA HIS C 1048 37.86 -48.17 -15.37
C HIS C 1048 39.36 -48.37 -15.17
N LEU C 1049 40.17 -47.69 -15.98
CA LEU C 1049 41.62 -47.65 -15.85
C LEU C 1049 42.16 -46.37 -15.23
N MET C 1050 41.87 -45.20 -15.78
CA MET C 1050 42.34 -43.94 -15.21
C MET C 1050 41.51 -42.81 -15.79
N SER C 1051 41.76 -41.58 -15.35
CA SER C 1051 40.97 -40.48 -15.88
C SER C 1051 41.79 -39.20 -15.88
N PHE C 1052 41.56 -38.34 -16.86
CA PHE C 1052 42.33 -37.10 -16.93
C PHE C 1052 41.40 -35.88 -16.91
N PRO C 1053 41.64 -34.88 -16.07
CA PRO C 1053 40.78 -33.69 -16.06
C PRO C 1053 41.20 -32.61 -17.03
N GLN C 1054 40.23 -31.86 -17.53
CA GLN C 1054 40.52 -30.74 -18.40
C GLN C 1054 39.65 -29.55 -18.00
N SER C 1055 40.22 -28.38 -17.89
CA SER C 1055 39.45 -27.21 -17.47
C SER C 1055 38.47 -26.74 -18.55
N ALA C 1056 37.39 -26.12 -18.12
CA ALA C 1056 36.37 -25.53 -18.97
C ALA C 1056 35.97 -24.21 -18.34
N PRO C 1057 35.33 -23.30 -19.09
CA PRO C 1057 35.02 -21.97 -18.52
C PRO C 1057 34.28 -21.96 -17.19
N HIS C 1058 33.36 -22.86 -16.95
CA HIS C 1058 32.62 -22.87 -15.69
C HIS C 1058 32.45 -24.29 -15.20
N GLY C 1059 33.33 -25.19 -15.58
CA GLY C 1059 33.17 -26.55 -15.14
C GLY C 1059 34.39 -27.36 -15.45
N VAL C 1060 34.22 -28.66 -15.36
CA VAL C 1060 35.31 -29.58 -15.61
C VAL C 1060 34.90 -30.54 -16.70
N VAL C 1061 35.88 -31.07 -17.42
CA VAL C 1061 35.66 -32.08 -18.45
C VAL C 1061 36.57 -33.27 -18.18
N PHE C 1062 36.01 -34.38 -17.73
CA PHE C 1062 36.76 -35.57 -17.38
C PHE C 1062 36.89 -36.52 -18.55
N LEU C 1063 38.11 -36.94 -18.86
CA LEU C 1063 38.44 -37.91 -19.91
C LEU C 1063 38.70 -39.30 -19.34
N HIS C 1064 37.64 -40.03 -19.06
CA HIS C 1064 37.73 -41.38 -18.49
C HIS C 1064 38.28 -42.38 -19.49
N VAL C 1065 39.33 -43.13 -19.12
CA VAL C 1065 39.87 -44.20 -19.95
C VAL C 1065 39.39 -45.55 -19.46
N THR C 1066 38.65 -46.27 -20.30
CA THR C 1066 38.00 -47.53 -19.95
C THR C 1066 38.49 -48.69 -20.81
N TYR C 1067 38.50 -49.88 -20.25
CA TYR C 1067 38.86 -51.14 -20.89
C TYR C 1067 37.60 -51.94 -21.18
N VAL C 1068 37.39 -52.33 -22.43
CA VAL C 1068 36.18 -53.01 -22.84
C VAL C 1068 36.54 -54.33 -23.51
N PRO C 1069 36.05 -55.47 -23.04
CA PRO C 1069 36.32 -56.73 -23.74
C PRO C 1069 35.60 -56.85 -25.08
N ALA C 1070 36.09 -57.79 -25.90
CA ALA C 1070 35.48 -58.02 -27.20
C ALA C 1070 35.98 -59.33 -27.77
N GLN C 1071 35.34 -59.77 -28.86
CA GLN C 1071 35.67 -60.99 -29.58
C GLN C 1071 35.60 -62.24 -28.71
N GLU C 1072 34.45 -62.48 -28.11
CA GLU C 1072 34.24 -63.61 -27.23
C GLU C 1072 34.07 -64.90 -28.04
N LYS C 1073 34.13 -66.02 -27.33
CA LYS C 1073 34.07 -67.34 -27.94
C LYS C 1073 33.38 -68.29 -26.99
N ASN C 1074 32.68 -69.29 -27.54
CA ASN C 1074 31.95 -70.29 -26.76
C ASN C 1074 32.85 -71.38 -26.20
N PHE C 1075 32.48 -71.86 -25.03
CA PHE C 1075 33.24 -72.91 -24.38
C PHE C 1075 32.27 -73.71 -23.54
N THR C 1076 32.63 -74.93 -23.25
CA THR C 1076 31.89 -75.78 -22.33
C THR C 1076 32.66 -75.85 -21.02
N THR C 1077 31.98 -75.79 -19.89
CA THR C 1077 32.65 -75.71 -18.61
C THR C 1077 32.02 -76.61 -17.58
N ALA C 1078 32.76 -76.83 -16.50
CA ALA C 1078 32.30 -77.61 -15.39
C ALA C 1078 32.73 -77.02 -14.06
N PRO C 1079 31.97 -77.24 -13.00
CA PRO C 1079 32.31 -76.68 -11.72
C PRO C 1079 33.47 -77.33 -11.01
N ALA C 1080 33.85 -78.56 -11.33
CA ALA C 1080 34.93 -79.19 -10.59
C ALA C 1080 35.50 -80.34 -11.39
N ILE C 1081 36.71 -80.76 -11.04
CA ILE C 1081 37.33 -81.93 -11.66
C ILE C 1081 37.45 -83.03 -10.63
N CYS C 1082 37.13 -84.24 -11.01
CA CYS C 1082 37.22 -85.36 -10.08
C CYS C 1082 38.39 -86.23 -10.50
N HIS C 1083 39.37 -86.33 -9.64
CA HIS C 1083 40.54 -87.16 -9.91
C HIS C 1083 40.94 -87.87 -8.63
N ASP C 1084 41.21 -89.18 -8.72
CA ASP C 1084 41.56 -89.98 -7.55
C ASP C 1084 40.48 -89.91 -6.50
N GLY C 1085 39.26 -89.66 -6.93
CA GLY C 1085 38.17 -89.66 -6.01
C GLY C 1085 37.99 -88.36 -5.27
N LYS C 1086 38.85 -87.37 -5.48
CA LYS C 1086 38.69 -86.10 -4.80
C LYS C 1086 38.43 -84.97 -5.79
N ALA C 1087 37.65 -83.99 -5.34
CA ALA C 1087 37.24 -82.88 -6.18
C ALA C 1087 38.24 -81.74 -6.10
N HIS C 1088 38.54 -81.17 -7.24
CA HIS C 1088 39.46 -80.07 -7.39
C HIS C 1088 38.68 -78.86 -7.87
N PHE C 1089 38.98 -77.70 -7.32
CA PHE C 1089 38.37 -76.45 -7.75
C PHE C 1089 39.43 -75.47 -8.15
N PRO C 1090 39.12 -74.52 -9.03
CA PRO C 1090 40.14 -73.60 -9.51
C PRO C 1090 40.39 -72.46 -8.54
N ARG C 1091 41.67 -72.15 -8.33
CA ARG C 1091 42.04 -71.02 -7.49
C ARG C 1091 41.53 -69.72 -8.06
N GLU C 1092 41.77 -69.48 -9.34
CA GLU C 1092 41.23 -68.30 -9.99
C GLU C 1092 40.92 -68.69 -11.42
N GLY C 1093 39.73 -68.38 -11.87
CA GLY C 1093 39.39 -68.69 -13.23
C GLY C 1093 38.35 -69.78 -13.34
N VAL C 1094 38.29 -70.37 -14.52
CA VAL C 1094 37.27 -71.36 -14.84
C VAL C 1094 37.86 -72.52 -15.62
N PHE C 1095 37.28 -73.70 -15.41
CA PHE C 1095 37.58 -74.89 -16.20
C PHE C 1095 36.90 -74.78 -17.53
N VAL C 1096 37.65 -74.67 -18.61
CA VAL C 1096 37.13 -74.44 -19.94
C VAL C 1096 37.51 -75.60 -20.83
N SER C 1097 36.53 -76.10 -21.60
CA SER C 1097 36.73 -77.18 -22.56
C SER C 1097 36.57 -76.68 -23.98
N ASN C 1098 37.50 -77.07 -24.84
CA ASN C 1098 37.51 -76.65 -26.23
C ASN C 1098 37.04 -77.74 -27.17
N GLY C 1099 36.20 -78.63 -26.69
CA GLY C 1099 35.64 -79.68 -27.51
C GLY C 1099 36.15 -81.03 -27.07
N THR C 1100 37.44 -81.11 -26.76
CA THR C 1100 38.07 -82.36 -26.35
C THR C 1100 38.99 -82.30 -25.14
N HIS C 1101 39.51 -81.14 -24.76
CA HIS C 1101 40.45 -81.04 -23.65
C HIS C 1101 40.00 -79.99 -22.66
N TRP C 1102 40.40 -80.19 -21.40
CA TRP C 1102 40.05 -79.29 -20.32
C TRP C 1102 41.25 -78.43 -19.92
N PHE C 1103 40.99 -77.17 -19.60
CA PHE C 1103 42.02 -76.21 -19.23
C PHE C 1103 41.49 -75.29 -18.16
N VAL C 1104 42.38 -74.53 -17.54
CA VAL C 1104 42.05 -73.47 -16.60
C VAL C 1104 42.36 -72.15 -17.26
N THR C 1105 41.49 -71.17 -17.09
CA THR C 1105 41.71 -69.88 -17.74
C THR C 1105 41.17 -68.74 -16.88
N GLN C 1106 41.88 -67.64 -16.83
CA GLN C 1106 41.38 -66.50 -16.09
C GLN C 1106 40.09 -66.03 -16.72
N ARG C 1107 39.23 -65.40 -15.91
CA ARG C 1107 37.86 -65.14 -16.35
C ARG C 1107 37.78 -64.09 -17.45
N ASN C 1108 38.55 -63.01 -17.37
CA ASN C 1108 38.42 -61.87 -18.28
C ASN C 1108 39.31 -61.93 -19.50
N PHE C 1109 40.02 -63.02 -19.75
CA PHE C 1109 40.82 -63.04 -20.96
C PHE C 1109 41.25 -64.46 -21.24
N TYR C 1110 41.02 -64.93 -22.44
CA TYR C 1110 41.34 -66.32 -22.77
C TYR C 1110 42.84 -66.57 -22.82
N GLU C 1111 43.33 -67.37 -21.89
CA GLU C 1111 44.74 -67.77 -21.85
C GLU C 1111 44.79 -69.15 -21.25
N PRO C 1112 44.52 -70.18 -22.04
CA PRO C 1112 44.38 -71.52 -21.48
C PRO C 1112 45.68 -72.04 -20.93
N GLN C 1113 45.57 -72.77 -19.83
CA GLN C 1113 46.69 -73.37 -19.14
C GLN C 1113 46.37 -74.82 -18.82
N ILE C 1114 47.43 -75.61 -18.64
CA ILE C 1114 47.25 -76.99 -18.21
C ILE C 1114 46.72 -77.05 -16.79
N ILE C 1115 45.76 -77.93 -16.55
CA ILE C 1115 45.20 -78.09 -15.21
C ILE C 1115 46.23 -78.78 -14.35
N THR C 1116 46.69 -78.10 -13.31
CA THR C 1116 47.74 -78.68 -12.51
C THR C 1116 47.41 -78.55 -11.04
N THR C 1117 48.19 -79.24 -10.22
CA THR C 1117 48.06 -79.17 -8.78
C THR C 1117 48.46 -77.80 -8.27
N ASP C 1118 49.10 -76.99 -9.10
CA ASP C 1118 49.54 -75.70 -8.62
C ASP C 1118 48.42 -74.67 -8.60
N ASN C 1119 47.53 -74.71 -9.58
CA ASN C 1119 46.46 -73.74 -9.71
C ASN C 1119 45.08 -74.26 -9.29
N THR C 1120 45.00 -75.31 -8.49
CA THR C 1120 43.72 -75.81 -8.03
C THR C 1120 43.87 -76.29 -6.60
N PHE C 1121 42.76 -76.31 -5.87
CA PHE C 1121 42.79 -76.76 -4.49
C PHE C 1121 41.70 -77.80 -4.26
N VAL C 1122 41.91 -78.64 -3.27
CA VAL C 1122 41.09 -79.81 -3.05
C VAL C 1122 40.13 -79.58 -1.91
N SER C 1123 38.94 -80.19 -2.01
CA SER C 1123 37.98 -80.12 -0.91
C SER C 1123 37.04 -81.32 -1.01
N GLY C 1124 37.25 -82.31 -0.17
CA GLY C 1124 36.34 -83.43 -0.06
C GLY C 1124 36.21 -84.30 -1.30
N ASN C 1125 35.45 -85.38 -1.14
CA ASN C 1125 35.18 -86.34 -2.20
C ASN C 1125 34.25 -85.76 -3.25
N CYS C 1126 34.20 -86.44 -4.40
CA CYS C 1126 33.60 -85.89 -5.60
C CYS C 1126 32.20 -86.42 -5.85
N ASP C 1127 31.43 -86.69 -4.81
CA ASP C 1127 30.05 -87.07 -5.01
C ASP C 1127 29.00 -86.06 -4.56
N VAL C 1128 29.41 -84.97 -3.90
CA VAL C 1128 28.43 -83.98 -3.47
C VAL C 1128 28.14 -82.92 -4.52
N VAL C 1129 29.13 -82.57 -5.32
CA VAL C 1129 28.99 -81.53 -6.34
C VAL C 1129 28.20 -82.05 -7.51
N ILE C 1130 27.34 -81.21 -8.05
CA ILE C 1130 26.54 -81.57 -9.20
C ILE C 1130 27.24 -81.10 -10.45
N GLY C 1131 27.25 -81.93 -11.48
CA GLY C 1131 27.95 -81.62 -12.71
C GLY C 1131 29.45 -81.81 -12.71
N ILE C 1132 29.99 -82.58 -11.77
CA ILE C 1132 31.42 -82.79 -11.69
C ILE C 1132 31.86 -83.69 -12.83
N VAL C 1133 33.09 -83.51 -13.31
CA VAL C 1133 33.64 -84.27 -14.44
C VAL C 1133 34.94 -84.93 -14.06
N ASN C 1134 35.48 -85.72 -14.99
CA ASN C 1134 36.69 -86.47 -14.78
C ASN C 1134 37.78 -85.96 -15.70
N ASN C 1135 38.99 -85.87 -15.19
CA ASN C 1135 40.10 -85.54 -16.04
C ASN C 1135 41.38 -85.69 -15.27
N THR C 1136 42.48 -85.77 -15.99
CA THR C 1136 43.78 -85.95 -15.39
C THR C 1136 44.22 -84.59 -14.84
N VAL C 1137 44.63 -84.56 -13.58
CA VAL C 1137 45.17 -83.37 -12.93
C VAL C 1137 46.66 -83.61 -12.68
N TYR C 1138 47.51 -83.13 -13.57
CA TYR C 1138 48.93 -83.43 -13.44
C TYR C 1138 49.54 -82.82 -12.20
N ASP C 1139 50.47 -83.55 -11.60
CA ASP C 1139 51.22 -83.06 -10.47
C ASP C 1139 52.66 -82.84 -10.91
N PRO C 1140 53.19 -81.63 -10.91
CA PRO C 1140 54.54 -81.43 -11.44
C PRO C 1140 55.65 -82.10 -10.66
N LEU C 1141 55.41 -82.53 -9.43
CA LEU C 1141 56.50 -83.16 -8.69
C LEU C 1141 56.78 -84.59 -9.13
N GLN C 1142 55.79 -85.30 -9.65
CA GLN C 1142 56.03 -86.68 -10.07
C GLN C 1142 56.97 -86.78 -11.27
N PRO C 1143 56.70 -86.12 -12.40
CA PRO C 1143 57.62 -86.22 -13.55
C PRO C 1143 59.05 -85.84 -13.26
N GLU C 1144 59.31 -84.91 -12.34
CA GLU C 1144 60.70 -84.56 -12.10
C GLU C 1144 61.43 -85.70 -11.41
N LEU C 1145 60.77 -86.33 -10.43
CA LEU C 1145 61.33 -87.48 -9.73
C LEU C 1145 62.69 -87.13 -9.11
N ASP C 1146 62.72 -86.07 -8.32
CA ASP C 1146 63.97 -85.66 -7.69
C ASP C 1146 64.32 -86.57 -6.53
N ILE D 2 -58.16 31.00 -11.27
CA ILE D 2 -58.25 31.40 -9.88
C ILE D 2 -59.06 32.69 -9.79
N THR D 3 -59.90 32.80 -8.76
CA THR D 3 -60.79 33.93 -8.58
C THR D 3 -61.04 34.12 -7.10
N LEU D 4 -61.17 35.37 -6.67
CA LEU D 4 -61.51 35.67 -5.29
C LEU D 4 -62.59 36.74 -5.22
N LYS D 5 -63.34 36.72 -4.13
CA LYS D 5 -64.38 37.71 -3.90
C LYS D 5 -64.57 37.92 -2.41
N GLU D 6 -64.50 39.17 -1.99
CA GLU D 6 -64.71 39.53 -0.60
C GLU D 6 -66.17 39.92 -0.39
N SER D 7 -66.61 39.84 0.86
CA SER D 7 -67.95 40.27 1.21
C SER D 7 -68.00 40.57 2.69
N GLY D 8 -69.03 41.32 3.08
CA GLY D 8 -69.23 41.70 4.45
C GLY D 8 -69.95 43.03 4.53
N PRO D 9 -70.00 43.60 5.74
CA PRO D 9 -70.64 44.90 5.91
C PRO D 9 -69.79 46.01 5.29
N THR D 10 -70.45 46.90 4.53
CA THR D 10 -69.70 48.00 3.93
C THR D 10 -69.54 49.18 4.88
N LEU D 11 -70.47 49.36 5.82
CA LEU D 11 -70.42 50.47 6.77
C LEU D 11 -70.42 49.88 8.17
N VAL D 12 -69.72 50.54 9.09
CA VAL D 12 -69.60 50.05 10.46
C VAL D 12 -69.31 51.25 11.36
N LYS D 13 -69.71 51.14 12.63
CA LYS D 13 -69.59 52.20 13.63
C LYS D 13 -68.42 51.93 14.56
N PRO D 14 -67.98 52.95 15.30
CA PRO D 14 -66.89 52.76 16.26
C PRO D 14 -67.19 51.67 17.27
N THR D 15 -66.14 50.94 17.67
CA THR D 15 -66.25 49.85 18.64
C THR D 15 -67.37 48.87 18.27
N GLN D 16 -67.16 48.22 17.13
CA GLN D 16 -68.09 47.26 16.57
C GLN D 16 -67.25 46.09 16.07
N THR D 17 -67.86 44.92 15.90
CA THR D 17 -67.12 43.76 15.40
C THR D 17 -67.24 43.67 13.89
N LEU D 18 -66.16 43.98 13.18
CA LEU D 18 -66.18 43.90 11.73
C LEU D 18 -65.75 42.51 11.27
N THR D 19 -66.49 41.97 10.31
CA THR D 19 -66.29 40.64 9.78
C THR D 19 -66.17 40.70 8.27
N LEU D 20 -65.33 39.85 7.69
CA LEU D 20 -65.21 39.81 6.24
C LEU D 20 -65.00 38.36 5.83
N THR D 21 -65.61 37.99 4.71
CA THR D 21 -65.55 36.63 4.19
C THR D 21 -65.01 36.68 2.77
N CYS D 22 -63.91 35.96 2.53
CA CYS D 22 -63.29 35.90 1.21
C CYS D 22 -63.48 34.50 0.65
N THR D 23 -64.25 34.39 -0.43
CA THR D 23 -64.52 33.12 -1.09
C THR D 23 -63.68 33.05 -2.35
N PHE D 24 -63.00 31.92 -2.54
CA PHE D 24 -62.09 31.73 -3.66
C PHE D 24 -62.53 30.54 -4.48
N SER D 25 -61.98 30.47 -5.69
CA SER D 25 -62.31 29.38 -6.60
C SER D 25 -61.11 29.12 -7.50
N GLY D 26 -60.91 27.82 -7.78
CA GLY D 26 -59.82 27.33 -8.59
C GLY D 26 -58.81 26.54 -7.79
N PHE D 27 -58.70 26.84 -6.50
CA PHE D 27 -57.80 26.18 -5.57
C PHE D 27 -58.49 26.07 -4.22
N SER D 28 -57.89 25.31 -3.30
CA SER D 28 -58.41 25.16 -1.96
C SER D 28 -57.29 25.40 -0.95
N LEU D 29 -57.62 25.27 0.33
CA LEU D 29 -56.64 25.42 1.41
C LEU D 29 -56.25 24.08 2.00
N SER D 30 -56.24 23.03 1.18
CA SER D 30 -55.90 21.69 1.64
C SER D 30 -54.58 21.20 1.09
N THR D 31 -54.19 21.68 -0.09
CA THR D 31 -52.94 21.28 -0.72
C THR D 31 -51.76 22.00 -0.09
N GLY D 32 -50.59 21.40 -0.19
CA GLY D 32 -49.42 22.00 0.42
C GLY D 32 -48.97 23.26 -0.29
N GLY D 33 -48.31 24.13 0.49
CA GLY D 33 -47.75 25.38 0.03
C GLY D 33 -48.75 26.51 -0.07
N VAL D 34 -49.99 26.18 -0.45
CA VAL D 34 -51.00 27.20 -0.67
C VAL D 34 -51.43 27.82 0.64
N SER D 35 -51.59 29.13 0.65
CA SER D 35 -52.06 29.79 1.87
C SER D 35 -52.84 31.02 1.47
N VAL D 36 -53.46 31.67 2.45
CA VAL D 36 -54.25 32.86 2.16
C VAL D 36 -53.97 33.88 3.24
N GLY D 37 -53.67 35.10 2.82
CA GLY D 37 -53.36 36.17 3.75
C GLY D 37 -54.22 37.39 3.50
N TRP D 38 -54.14 38.31 4.44
CA TRP D 38 -54.92 39.54 4.34
C TRP D 38 -54.00 40.75 4.30
N ILE D 39 -54.49 41.78 3.61
CA ILE D 39 -53.77 43.02 3.40
C ILE D 39 -54.76 44.17 3.39
N ARG D 40 -54.32 45.31 3.88
CA ARG D 40 -55.13 46.51 3.86
C ARG D 40 -54.34 47.62 3.17
N GLN D 41 -55.08 48.62 2.70
CA GLN D 41 -54.47 49.76 2.05
C GLN D 41 -55.26 51.03 2.38
N PRO D 42 -54.66 51.96 3.10
CA PRO D 42 -55.33 53.24 3.34
C PRO D 42 -55.50 53.98 2.03
N PRO D 43 -56.45 54.90 1.95
CA PRO D 43 -56.67 55.61 0.68
C PRO D 43 -55.44 56.40 0.27
N GLY D 44 -54.90 56.05 -0.90
CA GLY D 44 -53.75 56.74 -1.45
C GLY D 44 -52.45 56.43 -0.75
N LYS D 45 -52.41 55.37 0.06
CA LYS D 45 -51.22 54.97 0.78
C LYS D 45 -50.80 53.58 0.31
N ALA D 46 -49.78 53.03 0.95
CA ALA D 46 -49.23 51.73 0.58
C ALA D 46 -50.01 50.63 1.27
N LEU D 47 -49.84 49.41 0.77
CA LEU D 47 -50.52 48.28 1.37
C LEU D 47 -49.87 47.94 2.71
N GLU D 48 -50.46 46.98 3.41
CA GLU D 48 -49.88 46.47 4.64
C GLU D 48 -50.41 45.06 4.83
N TRP D 49 -49.69 44.27 5.60
CA TRP D 49 -50.10 42.93 5.94
C TRP D 49 -51.04 42.91 7.14
N LEU D 50 -51.76 41.80 7.32
CA LEU D 50 -52.68 41.69 8.44
C LEU D 50 -52.46 40.35 9.14
N ALA D 51 -52.70 39.27 8.41
CA ALA D 51 -52.55 37.93 8.96
C ALA D 51 -52.34 36.97 7.81
N LEU D 52 -52.17 35.70 8.15
CA LEU D 52 -52.05 34.63 7.17
C LEU D 52 -52.50 33.32 7.78
N ILE D 53 -53.22 32.54 6.98
CA ILE D 53 -53.76 31.24 7.37
C ILE D 53 -53.24 30.21 6.38
N TYR D 54 -52.34 29.35 6.87
CA TYR D 54 -51.70 28.34 6.07
C TYR D 54 -52.67 27.19 5.79
N TRP D 55 -52.22 26.22 5.00
CA TRP D 55 -53.04 25.08 4.64
C TRP D 55 -53.05 24.01 5.72
N ASP D 56 -52.05 24.03 6.60
CA ASP D 56 -51.92 23.09 7.69
C ASP D 56 -52.58 23.60 8.95
N ASP D 57 -53.20 24.77 8.89
CA ASP D 57 -53.92 25.42 9.97
C ASP D 57 -52.97 26.01 11.01
N ASP D 58 -51.74 26.32 10.63
CA ASP D 58 -50.87 27.14 11.45
C ASP D 58 -51.01 28.57 10.97
N LYS D 59 -51.42 29.45 11.87
CA LYS D 59 -51.83 30.81 11.54
C LYS D 59 -50.78 31.76 12.06
N ARG D 60 -50.63 32.89 11.38
CA ARG D 60 -49.64 33.90 11.75
C ARG D 60 -50.27 35.26 11.61
N TYR D 61 -49.85 36.19 12.47
CA TYR D 61 -50.36 37.54 12.44
C TYR D 61 -49.20 38.52 12.33
N SER D 62 -49.56 39.77 12.02
CA SER D 62 -48.57 40.82 11.98
C SER D 62 -48.14 41.16 13.39
N PRO D 63 -46.83 41.38 13.63
CA PRO D 63 -46.40 41.65 15.01
C PRO D 63 -47.09 42.85 15.59
N SER D 64 -47.13 43.95 14.83
CA SER D 64 -47.65 45.21 15.36
C SER D 64 -49.14 45.11 15.67
N LEU D 65 -49.93 44.42 14.84
CA LEU D 65 -51.37 44.41 14.99
C LEU D 65 -51.93 43.04 15.36
N GLU D 66 -51.18 42.22 16.08
CA GLU D 66 -51.66 40.91 16.48
C GLU D 66 -52.58 41.00 17.70
N SER D 67 -52.89 39.84 18.27
CA SER D 67 -53.79 39.66 19.41
C SER D 67 -55.22 40.11 19.12
N ARG D 68 -55.64 40.04 17.87
CA ARG D 68 -57.00 40.39 17.46
C ARG D 68 -57.19 39.86 16.04
N LEU D 69 -58.28 40.26 15.41
CA LEU D 69 -58.63 39.87 14.04
C LEU D 69 -58.36 38.38 13.83
N THR D 70 -59.03 37.60 14.67
CA THR D 70 -58.93 36.14 14.63
C THR D 70 -59.40 35.64 13.28
N ILE D 71 -58.44 35.13 12.51
CA ILE D 71 -58.69 34.59 11.18
C ILE D 71 -59.05 33.11 11.28
N THR D 72 -60.26 32.79 10.84
CA THR D 72 -60.80 31.45 10.79
C THR D 72 -60.97 31.03 9.33
N LYS D 73 -61.44 29.80 9.14
CA LYS D 73 -61.63 29.29 7.79
C LYS D 73 -62.61 28.14 7.82
N ASP D 74 -63.06 27.75 6.63
CA ASP D 74 -63.97 26.64 6.46
C ASP D 74 -63.65 25.97 5.14
N THR D 75 -63.10 24.76 5.22
CA THR D 75 -62.60 24.03 4.07
C THR D 75 -63.73 23.31 3.35
N SER D 76 -64.94 23.31 3.91
CA SER D 76 -66.03 22.64 3.24
C SER D 76 -66.50 23.49 2.07
N LYS D 77 -66.77 24.77 2.31
CA LYS D 77 -67.16 25.67 1.24
C LYS D 77 -65.99 26.50 0.72
N ASN D 78 -64.75 26.19 1.15
CA ASN D 78 -63.58 26.93 0.71
C ASN D 78 -63.80 28.42 0.90
N LEU D 79 -63.87 28.80 2.17
CA LEU D 79 -64.10 30.19 2.54
C LEU D 79 -63.20 30.58 3.70
N VAL D 80 -62.69 31.80 3.67
CA VAL D 80 -61.84 32.27 4.76
C VAL D 80 -62.58 33.43 5.39
N VAL D 81 -62.43 33.56 6.71
CA VAL D 81 -63.12 34.58 7.47
C VAL D 81 -62.09 35.32 8.29
N LEU D 82 -62.11 36.64 8.20
CA LEU D 82 -61.27 37.47 9.03
C LEU D 82 -62.21 38.32 9.89
N THR D 83 -61.93 38.42 11.18
CA THR D 83 -62.78 39.16 12.08
C THR D 83 -61.93 40.01 13.00
N LEU D 84 -62.13 41.33 12.90
CA LEU D 84 -61.40 42.30 13.70
C LEU D 84 -62.42 43.16 14.43
N THR D 85 -62.34 43.19 15.75
CA THR D 85 -63.26 43.92 16.61
C THR D 85 -62.66 45.31 16.89
N ASN D 86 -63.37 46.11 17.70
CA ASN D 86 -62.94 47.45 18.10
C ASN D 86 -62.59 48.37 16.92
N MET D 87 -63.62 48.74 16.17
CA MET D 87 -63.46 49.68 15.05
C MET D 87 -62.97 51.04 15.49
N ASP D 88 -61.95 51.54 14.79
CA ASP D 88 -61.42 52.88 14.94
C ASP D 88 -61.51 53.62 13.62
N PRO D 89 -61.53 54.96 13.64
CA PRO D 89 -61.50 55.73 12.39
C PRO D 89 -60.28 55.45 11.51
N VAL D 90 -59.26 54.80 12.04
CA VAL D 90 -58.10 54.40 11.23
C VAL D 90 -58.45 53.24 10.31
N ASP D 91 -59.43 52.42 10.67
CA ASP D 91 -59.72 51.21 9.90
C ASP D 91 -60.50 51.49 8.61
N THR D 92 -60.66 52.74 8.20
CA THR D 92 -61.38 53.02 6.96
C THR D 92 -60.38 52.90 5.81
N ALA D 93 -60.36 51.76 5.14
CA ALA D 93 -59.42 51.56 4.03
C ALA D 93 -59.90 50.41 3.17
N THR D 94 -59.21 50.21 2.04
CA THR D 94 -59.57 49.05 1.23
C THR D 94 -58.94 47.80 1.85
N TYR D 95 -59.50 46.64 1.51
CA TYR D 95 -59.09 45.37 2.08
C TYR D 95 -59.05 44.28 1.03
N TYR D 96 -57.92 43.55 0.98
CA TYR D 96 -57.70 42.48 0.02
C TYR D 96 -57.30 41.18 0.71
N CYS D 97 -57.74 40.09 0.10
CA CYS D 97 -57.50 38.71 0.51
C CYS D 97 -56.74 38.08 -0.66
N ALA D 98 -55.44 37.87 -0.49
CA ALA D 98 -54.65 37.31 -1.58
C ALA D 98 -54.07 35.94 -1.27
N HIS D 99 -53.89 35.17 -2.34
CA HIS D 99 -53.34 33.83 -2.22
C HIS D 99 -51.82 33.90 -2.22
N LYS D 100 -51.22 33.21 -1.26
CA LYS D 100 -49.79 33.16 -1.04
C LYS D 100 -49.12 31.83 -1.37
N THR D 101 -48.08 31.86 -2.19
CA THR D 101 -47.19 30.72 -2.23
C THR D 101 -45.92 31.22 -1.55
N ILE D 102 -45.00 30.32 -1.21
CA ILE D 102 -43.78 30.76 -0.53
C ILE D 102 -42.90 31.66 -1.39
N PRO D 103 -42.60 31.34 -2.64
CA PRO D 103 -41.77 32.28 -3.41
C PRO D 103 -42.57 33.38 -4.11
N THR D 104 -43.67 32.99 -4.73
CA THR D 104 -44.54 33.93 -5.43
C THR D 104 -45.53 34.53 -4.42
N ILE D 105 -45.01 35.42 -3.58
CA ILE D 105 -45.82 36.01 -2.51
C ILE D 105 -46.97 36.83 -3.05
N PHE D 106 -48.20 36.45 -2.68
CA PHE D 106 -49.41 37.19 -3.06
C PHE D 106 -49.49 37.49 -4.55
N ASP D 107 -49.58 36.42 -5.32
CA ASP D 107 -49.68 36.52 -6.76
C ASP D 107 -51.10 36.64 -7.28
N TYR D 108 -52.10 36.33 -6.47
CA TYR D 108 -53.49 36.38 -6.91
C TYR D 108 -54.33 37.15 -5.91
N TRP D 109 -54.60 38.40 -6.23
CA TRP D 109 -55.40 39.29 -5.40
C TRP D 109 -56.83 39.32 -5.90
N GLY D 110 -57.74 39.73 -5.03
CA GLY D 110 -59.13 39.80 -5.39
C GLY D 110 -59.55 41.16 -5.91
N GLN D 111 -60.77 41.57 -5.59
CA GLN D 111 -61.27 42.88 -6.03
C GLN D 111 -61.05 43.92 -4.95
N GLY D 112 -61.57 43.67 -3.75
CA GLY D 112 -61.45 44.57 -2.63
C GLY D 112 -62.71 45.40 -2.46
N THR D 113 -63.16 45.53 -1.23
CA THR D 113 -64.37 46.27 -0.90
C THR D 113 -64.03 47.38 0.09
N LEU D 114 -64.45 48.59 -0.25
CA LEU D 114 -64.24 49.75 0.59
C LEU D 114 -65.23 49.77 1.75
N VAL D 115 -64.71 49.93 2.97
CA VAL D 115 -65.52 49.90 4.17
C VAL D 115 -65.19 51.14 4.99
N THR D 116 -66.22 51.75 5.58
CA THR D 116 -66.08 52.98 6.33
C THR D 116 -66.37 52.79 7.83
N VAL D 117 -65.63 53.52 8.65
CA VAL D 117 -65.76 53.48 10.11
C VAL D 117 -65.97 54.92 10.56
N SER D 118 -67.23 55.31 10.78
CA SER D 118 -67.57 56.65 11.25
C SER D 118 -69.05 56.68 11.56
N SER D 119 -69.47 57.76 12.22
CA SER D 119 -70.89 57.99 12.51
C SER D 119 -71.65 58.40 11.25
N SER E 2 -39.77 52.43 6.55
CA SER E 2 -38.94 51.92 7.63
C SER E 2 -38.48 50.50 7.34
N ALA E 3 -39.38 49.70 6.78
CA ALA E 3 -39.03 48.33 6.47
C ALA E 3 -38.29 48.23 5.15
N LEU E 4 -38.87 48.77 4.08
CA LEU E 4 -38.18 48.96 2.82
C LEU E 4 -38.11 50.44 2.50
N THR E 5 -37.60 50.76 1.31
CA THR E 5 -37.41 52.13 0.84
C THR E 5 -37.44 52.19 -0.68
N GLN E 6 -38.25 53.10 -1.21
CA GLN E 6 -38.43 53.32 -2.63
C GLN E 6 -38.38 54.81 -2.92
N PRO E 7 -37.87 55.19 -4.10
CA PRO E 7 -37.85 56.61 -4.47
C PRO E 7 -39.26 57.14 -4.71
N ALA E 8 -39.35 58.47 -4.70
CA ALA E 8 -40.65 59.13 -4.79
C ALA E 8 -41.32 58.83 -6.12
N SER E 9 -40.67 59.20 -7.22
CA SER E 9 -41.27 58.99 -8.53
C SER E 9 -40.20 59.07 -9.60
N VAL E 10 -40.55 58.59 -10.79
CA VAL E 10 -39.70 58.64 -11.96
C VAL E 10 -40.56 58.97 -13.17
N SER E 11 -39.96 59.64 -14.15
CA SER E 11 -40.65 60.00 -15.39
C SER E 11 -39.69 59.79 -16.54
N GLY E 12 -39.92 58.76 -17.34
CA GLY E 12 -39.08 58.43 -18.48
C GLY E 12 -39.79 58.73 -19.78
N SER E 13 -39.05 59.32 -20.72
CA SER E 13 -39.60 59.65 -22.01
C SER E 13 -40.08 58.39 -22.73
N PRO E 14 -41.14 58.48 -23.53
CA PRO E 14 -41.75 57.27 -24.07
C PRO E 14 -40.82 56.64 -25.09
N GLY E 15 -40.52 55.37 -24.88
CA GLY E 15 -39.63 54.61 -25.74
C GLY E 15 -38.27 54.33 -25.14
N GLN E 16 -38.03 54.72 -23.88
CA GLN E 16 -36.76 54.49 -23.23
C GLN E 16 -36.92 53.45 -22.12
N SER E 17 -35.84 53.18 -21.41
CA SER E 17 -35.81 52.24 -20.30
C SER E 17 -35.66 52.97 -18.98
N ILE E 18 -36.06 52.31 -17.90
CA ILE E 18 -35.96 52.91 -16.56
C ILE E 18 -35.90 51.79 -15.53
N THR E 19 -35.07 52.00 -14.51
CA THR E 19 -34.87 51.08 -13.41
C THR E 19 -35.27 51.74 -12.10
N ILE E 20 -35.84 50.96 -11.19
CA ILE E 20 -36.27 51.42 -9.87
C ILE E 20 -35.57 50.58 -8.83
N SER E 21 -35.22 51.19 -7.71
CA SER E 21 -34.48 50.54 -6.64
C SER E 21 -35.38 50.35 -5.43
N CYS E 22 -35.28 49.19 -4.80
CA CYS E 22 -36.02 48.89 -3.58
C CYS E 22 -35.04 48.53 -2.48
N THR E 23 -34.33 49.53 -1.95
CA THR E 23 -33.33 49.25 -0.93
C THR E 23 -34.04 48.75 0.31
N ALA E 24 -33.41 47.79 1.01
CA ALA E 24 -34.02 47.28 2.23
C ALA E 24 -33.86 48.26 3.39
N THR E 25 -32.67 48.85 3.54
CA THR E 25 -32.40 49.82 4.60
C THR E 25 -32.83 49.27 5.96
N SER E 26 -32.48 48.02 6.22
CA SER E 26 -32.82 47.37 7.47
C SER E 26 -31.91 46.16 7.57
N SER E 27 -31.26 46.01 8.72
CA SER E 27 -30.39 44.87 8.91
C SER E 27 -31.21 43.61 9.12
N ASP E 28 -30.62 42.48 8.79
CA ASP E 28 -31.26 41.17 8.94
C ASP E 28 -32.66 41.12 8.31
N VAL E 29 -32.70 41.34 7.00
CA VAL E 29 -33.91 40.97 6.28
C VAL E 29 -33.72 39.53 5.82
N GLY E 30 -32.62 38.92 6.24
CA GLY E 30 -32.31 37.55 5.88
C GLY E 30 -31.37 37.44 4.70
N ALA E 31 -31.66 36.48 3.82
CA ALA E 31 -30.92 36.29 2.60
C ALA E 31 -31.47 37.14 1.47
N TYR E 32 -32.65 37.73 1.66
CA TYR E 32 -33.26 38.59 0.65
C TYR E 32 -33.30 37.93 -0.72
N GLN E 33 -34.05 36.84 -0.79
CA GLN E 33 -34.11 36.02 -1.99
C GLN E 33 -35.46 36.04 -2.70
N TYR E 34 -36.56 36.15 -1.99
CA TYR E 34 -37.87 36.22 -2.63
C TYR E 34 -38.30 37.68 -2.60
N VAL E 35 -38.41 38.28 -3.78
CA VAL E 35 -38.80 39.69 -3.91
C VAL E 35 -39.80 39.84 -5.05
N SER E 36 -41.05 40.12 -4.72
CA SER E 36 -42.08 40.27 -5.72
C SER E 36 -42.36 41.75 -5.95
N TRP E 37 -42.80 42.08 -7.16
CA TRP E 37 -43.09 43.45 -7.54
C TRP E 37 -44.54 43.55 -7.98
N TYR E 38 -45.21 44.62 -7.60
CA TYR E 38 -46.61 44.75 -7.98
C TYR E 38 -46.85 46.06 -8.68
N GLN E 39 -47.72 45.96 -9.67
CA GLN E 39 -48.20 47.08 -10.48
C GLN E 39 -49.54 47.55 -9.93
N GLN E 40 -49.57 48.75 -9.40
CA GLN E 40 -50.78 49.33 -8.85
C GLN E 40 -51.38 50.28 -9.88
N TYR E 41 -52.59 49.98 -10.29
CA TYR E 41 -53.33 50.78 -11.25
C TYR E 41 -54.03 51.92 -10.50
N PRO E 42 -54.66 52.84 -11.21
CA PRO E 42 -55.38 53.91 -10.50
C PRO E 42 -56.65 53.42 -9.84
N GLY E 43 -56.53 52.73 -8.72
CA GLY E 43 -57.70 52.22 -8.02
C GLY E 43 -58.07 50.82 -8.46
N LYS E 44 -57.09 49.93 -8.54
CA LYS E 44 -57.33 48.56 -8.97
C LYS E 44 -56.44 47.64 -8.13
N ALA E 45 -56.71 46.34 -8.24
CA ALA E 45 -55.95 45.36 -7.46
C ALA E 45 -54.54 45.20 -8.03
N PRO E 46 -53.51 45.28 -7.19
CA PRO E 46 -52.14 45.14 -7.68
C PRO E 46 -51.92 43.81 -8.40
N LYS E 47 -51.12 43.87 -9.45
CA LYS E 47 -50.80 42.70 -10.26
C LYS E 47 -49.33 42.35 -10.11
N LEU E 48 -49.05 41.07 -9.94
CA LEU E 48 -47.69 40.59 -9.80
C LEU E 48 -46.95 40.74 -11.12
N MET E 49 -45.81 41.43 -11.11
CA MET E 49 -45.02 41.59 -12.31
C MET E 49 -43.87 40.58 -12.35
N ILE E 50 -43.02 40.58 -11.34
CA ILE E 50 -41.97 39.58 -11.24
C ILE E 50 -41.79 39.16 -9.79
N TYR E 51 -41.44 37.91 -9.61
CA TYR E 51 -41.15 37.33 -8.31
C TYR E 51 -39.88 36.54 -8.53
N GLU E 52 -39.16 36.17 -7.47
CA GLU E 52 -37.95 35.41 -7.73
C GLU E 52 -37.08 36.21 -8.71
N VAL E 53 -36.64 37.38 -8.26
CA VAL E 53 -35.84 38.35 -9.01
C VAL E 53 -35.77 38.09 -10.51
N SER E 54 -34.75 37.44 -11.03
CA SER E 54 -34.71 37.41 -12.48
C SER E 54 -35.76 36.52 -13.14
N LYS E 55 -36.51 35.75 -12.37
CA LYS E 55 -37.55 34.93 -12.97
C LYS E 55 -38.78 35.79 -13.21
N ARG E 56 -39.79 35.22 -13.88
CA ARG E 56 -40.98 36.01 -14.13
C ARG E 56 -42.17 35.10 -14.39
N PRO E 57 -43.33 35.41 -13.82
CA PRO E 57 -44.50 34.57 -14.02
C PRO E 57 -45.11 34.74 -15.40
N SER E 58 -45.45 33.62 -16.02
CA SER E 58 -46.05 33.64 -17.34
C SER E 58 -47.41 34.31 -17.26
N GLY E 59 -47.62 35.33 -18.10
CA GLY E 59 -48.87 36.05 -18.12
C GLY E 59 -48.66 37.54 -18.24
N VAL E 60 -47.42 37.98 -18.05
CA VAL E 60 -47.08 39.39 -18.11
C VAL E 60 -46.10 39.62 -19.25
N SER E 61 -45.71 40.88 -19.44
CA SER E 61 -44.90 41.28 -20.57
C SER E 61 -43.49 40.70 -20.44
N ASN E 62 -42.65 40.99 -21.43
CA ASN E 62 -41.26 40.54 -21.46
C ASN E 62 -40.25 41.66 -21.27
N ARG E 63 -40.68 42.81 -20.75
CA ARG E 63 -39.78 43.93 -20.57
C ARG E 63 -39.30 44.08 -19.13
N PHE E 64 -40.11 43.75 -18.15
CA PHE E 64 -39.67 43.83 -16.77
C PHE E 64 -38.64 42.76 -16.45
N SER E 65 -37.59 43.17 -15.74
CA SER E 65 -36.55 42.25 -15.31
C SER E 65 -35.92 42.82 -14.05
N GLY E 66 -35.84 42.02 -13.02
CA GLY E 66 -35.25 42.43 -11.77
C GLY E 66 -33.79 42.06 -11.64
N SER E 67 -33.16 42.64 -10.64
CA SER E 67 -31.77 42.36 -10.33
C SER E 67 -31.56 42.75 -8.87
N LYS E 68 -30.39 42.41 -8.34
CA LYS E 68 -30.12 42.69 -6.94
C LYS E 68 -28.65 43.08 -6.80
N SER E 69 -28.41 44.35 -6.48
CA SER E 69 -27.05 44.83 -6.25
C SER E 69 -26.67 44.73 -4.79
N GLY E 70 -27.42 43.96 -4.02
CA GLY E 70 -27.15 43.82 -2.60
C GLY E 70 -28.06 44.76 -1.84
N ASN E 71 -29.01 44.20 -1.12
CA ASN E 71 -29.97 44.82 -0.22
C ASN E 71 -31.10 45.53 -1.00
N THR E 72 -31.01 45.67 -2.32
CA THR E 72 -32.10 46.25 -3.10
C THR E 72 -32.41 45.38 -4.29
N ALA E 73 -33.49 45.74 -4.98
CA ALA E 73 -33.93 45.03 -6.16
C ALA E 73 -34.15 46.02 -7.30
N SER E 74 -33.26 45.99 -8.29
CA SER E 74 -33.38 46.94 -9.40
C SER E 74 -34.39 46.38 -10.39
N LEU E 75 -35.65 46.79 -10.26
CA LEU E 75 -36.70 46.42 -11.20
C LEU E 75 -36.52 47.23 -12.47
N THR E 76 -36.41 46.55 -13.61
CA THR E 76 -36.15 47.25 -14.86
C THR E 76 -37.39 47.21 -15.75
N ILE E 77 -37.53 48.23 -16.60
CA ILE E 77 -38.65 48.38 -17.52
C ILE E 77 -38.07 48.87 -18.83
N SER E 78 -38.10 48.02 -19.86
CA SER E 78 -37.59 48.34 -21.18
C SER E 78 -38.74 48.68 -22.14
N GLY E 79 -38.42 49.46 -23.17
CA GLY E 79 -39.41 49.85 -24.15
C GLY E 79 -40.60 50.56 -23.55
N LEU E 80 -40.36 51.64 -22.82
CA LEU E 80 -41.41 52.31 -22.07
C LEU E 80 -42.57 52.71 -22.98
N GLN E 81 -43.75 52.28 -22.61
CA GLN E 81 -44.99 52.58 -23.30
C GLN E 81 -45.88 53.41 -22.40
N ALA E 82 -46.81 54.15 -23.02
CA ALA E 82 -47.70 55.01 -22.25
C ALA E 82 -48.54 54.22 -21.27
N GLU E 83 -48.67 52.91 -21.50
CA GLU E 83 -49.43 52.05 -20.60
C GLU E 83 -48.75 51.91 -19.24
N ASP E 84 -47.48 52.27 -19.13
CA ASP E 84 -46.74 51.96 -17.90
C ASP E 84 -46.93 53.01 -16.81
N ASP E 85 -47.66 54.09 -17.09
CA ASP E 85 -47.92 55.08 -16.06
C ASP E 85 -48.70 54.45 -14.92
N ALA E 86 -48.06 54.24 -13.77
CA ALA E 86 -48.69 53.51 -12.69
C ALA E 86 -47.82 53.58 -11.44
N TYR E 87 -48.29 52.94 -10.38
CA TYR E 87 -47.52 52.81 -9.15
C TYR E 87 -46.86 51.44 -9.10
N TYR E 88 -45.74 51.37 -8.41
CA TYR E 88 -44.97 50.14 -8.34
C TYR E 88 -44.52 49.94 -6.90
N TYR E 89 -44.58 48.68 -6.47
CA TYR E 89 -44.25 48.36 -5.09
C TYR E 89 -43.39 47.11 -5.09
N CYS E 90 -42.58 46.97 -4.06
CA CYS E 90 -41.76 45.79 -3.88
C CYS E 90 -42.17 45.12 -2.58
N ASN E 91 -41.88 43.83 -2.47
CA ASN E 91 -42.41 43.06 -1.36
C ASN E 91 -41.48 41.88 -1.10
N SER E 92 -41.01 41.75 0.14
CA SER E 92 -40.13 40.63 0.47
C SER E 92 -40.07 40.36 1.97
N TYR E 93 -40.22 39.10 2.39
CA TYR E 93 -40.19 38.81 3.82
C TYR E 93 -38.87 39.16 4.46
N THR E 94 -38.97 39.61 5.71
CA THR E 94 -37.85 39.80 6.61
C THR E 94 -37.87 38.57 7.53
N THR E 95 -37.14 38.60 8.65
CA THR E 95 -37.10 37.41 9.47
C THR E 95 -38.44 37.07 10.10
N SER E 96 -39.17 38.06 10.55
CA SER E 96 -40.46 37.79 11.15
C SER E 96 -41.63 38.00 10.22
N SER E 97 -41.52 38.89 9.24
CA SER E 97 -42.71 39.09 8.44
C SER E 97 -42.46 39.84 7.15
N VAL E 98 -43.32 39.55 6.19
CA VAL E 98 -43.37 40.17 4.88
C VAL E 98 -43.37 41.68 5.02
N VAL E 99 -42.54 42.36 4.22
CA VAL E 99 -42.53 43.82 4.22
C VAL E 99 -42.74 44.33 2.79
N PHE E 100 -43.19 45.58 2.69
CA PHE E 100 -43.51 46.24 1.44
C PHE E 100 -42.63 47.47 1.26
N GLY E 101 -42.62 47.99 0.02
CA GLY E 101 -41.91 49.22 -0.27
C GLY E 101 -42.76 50.45 -0.07
N GLY E 102 -42.10 51.61 0.03
CA GLY E 102 -42.83 52.85 0.20
C GLY E 102 -43.63 53.32 -1.00
N GLY E 103 -43.53 52.62 -2.13
CA GLY E 103 -44.24 52.98 -3.35
C GLY E 103 -43.42 53.87 -4.26
N THR E 104 -43.67 53.75 -5.56
CA THR E 104 -43.04 54.60 -6.55
C THR E 104 -44.03 54.88 -7.68
N LYS E 105 -43.99 56.09 -8.22
CA LYS E 105 -44.88 56.50 -9.29
C LYS E 105 -44.06 56.69 -10.57
N LEU E 106 -44.55 56.13 -11.68
CA LEU E 106 -43.89 56.25 -12.97
C LEU E 106 -44.90 56.84 -13.93
N THR E 107 -44.62 58.07 -14.38
CA THR E 107 -45.45 58.76 -15.36
C THR E 107 -44.64 59.02 -16.63
N VAL E 108 -45.20 58.60 -17.75
CA VAL E 108 -44.52 58.63 -19.04
C VAL E 108 -44.88 59.92 -19.77
N LEU E 109 -43.86 60.69 -20.15
CA LEU E 109 -44.08 61.94 -20.87
C LEU E 109 -42.96 62.19 -21.88
N ILE F 2 -21.10 37.39 65.04
CA ILE F 2 -21.25 38.83 64.83
C ILE F 2 -21.69 39.50 66.13
N THR F 3 -21.14 40.69 66.38
CA THR F 3 -21.38 41.43 67.60
C THR F 3 -21.24 42.92 67.29
N LEU F 4 -22.07 43.74 67.93
CA LEU F 4 -21.97 45.19 67.83
C LEU F 4 -22.10 45.82 69.21
N LYS F 5 -21.53 47.01 69.36
CA LYS F 5 -21.61 47.76 70.61
C LYS F 5 -21.53 49.26 70.37
N GLU F 6 -22.49 49.99 70.93
CA GLU F 6 -22.48 51.45 70.79
C GLU F 6 -21.77 52.03 72.01
N SER F 7 -21.28 53.26 71.85
CA SER F 7 -20.65 53.95 72.96
C SER F 7 -20.64 55.45 72.70
N GLY F 8 -20.45 56.22 73.77
CA GLY F 8 -20.40 57.65 73.69
C GLY F 8 -20.88 58.31 74.96
N PRO F 9 -21.08 59.63 74.91
CA PRO F 9 -21.59 60.37 76.07
C PRO F 9 -23.04 60.02 76.33
N THR F 10 -23.37 59.78 77.61
CA THR F 10 -24.75 59.46 77.97
C THR F 10 -25.61 60.70 78.14
N LEU F 11 -25.02 61.83 78.50
CA LEU F 11 -25.76 63.05 78.73
C LEU F 11 -25.22 64.13 77.80
N VAL F 12 -26.12 65.01 77.35
CA VAL F 12 -25.79 66.07 76.39
C VAL F 12 -26.80 67.20 76.59
N LYS F 13 -26.38 68.40 76.24
CA LYS F 13 -27.21 69.57 76.46
C LYS F 13 -27.89 70.01 75.17
N PRO F 14 -28.93 70.84 75.25
CA PRO F 14 -29.59 71.33 74.04
C PRO F 14 -28.59 72.03 73.13
N THR F 15 -28.77 71.89 71.82
CA THR F 15 -27.89 72.51 70.83
C THR F 15 -26.44 72.17 71.10
N GLN F 16 -26.14 70.88 71.01
CA GLN F 16 -24.81 70.36 71.27
C GLN F 16 -24.49 69.33 70.19
N THR F 17 -23.20 69.03 70.05
CA THR F 17 -22.75 68.05 69.06
C THR F 17 -22.66 66.68 69.73
N LEU F 18 -23.59 65.80 69.40
CA LEU F 18 -23.62 64.44 69.93
C LEU F 18 -22.83 63.48 69.07
N THR F 19 -22.05 62.62 69.72
CA THR F 19 -21.19 61.67 69.02
C THR F 19 -21.46 60.27 69.54
N LEU F 20 -21.40 59.29 68.64
CA LEU F 20 -21.58 57.90 69.03
C LEU F 20 -20.67 57.04 68.17
N THR F 21 -20.09 56.02 68.77
CA THR F 21 -19.18 55.10 68.09
C THR F 21 -19.70 53.68 68.25
N CYS F 22 -19.92 53.00 67.13
CA CYS F 22 -20.40 51.64 67.15
C CYS F 22 -19.27 50.75 66.64
N THR F 23 -18.74 49.92 67.53
CA THR F 23 -17.67 49.00 67.21
C THR F 23 -18.24 47.60 67.04
N PHE F 24 -17.86 46.93 65.96
CA PHE F 24 -18.40 45.62 65.64
C PHE F 24 -17.26 44.61 65.56
N SER F 25 -17.64 43.33 65.61
CA SER F 25 -16.67 42.26 65.55
C SER F 25 -17.32 41.03 64.91
N GLY F 26 -16.51 40.32 64.12
CA GLY F 26 -16.94 39.13 63.41
C GLY F 26 -17.00 39.36 61.91
N PHE F 27 -17.22 40.61 61.49
CA PHE F 27 -17.29 40.99 60.09
C PHE F 27 -16.64 42.36 59.91
N SER F 28 -16.44 42.75 58.66
CA SER F 28 -15.89 44.06 58.34
C SER F 28 -16.73 44.72 57.26
N LEU F 29 -16.30 45.93 56.87
CA LEU F 29 -16.95 46.70 55.82
C LEU F 29 -16.14 46.69 54.52
N SER F 30 -15.48 45.56 54.23
CA SER F 30 -14.66 45.41 53.05
C SER F 30 -15.26 44.49 52.01
N THR F 31 -16.08 43.53 52.42
CA THR F 31 -16.68 42.62 51.45
C THR F 31 -17.84 43.34 50.75
N GLY F 32 -18.14 42.89 49.53
CA GLY F 32 -19.18 43.54 48.75
C GLY F 32 -20.56 43.28 49.33
N GLY F 33 -21.46 44.21 49.05
CA GLY F 33 -22.83 44.10 49.50
C GLY F 33 -23.01 44.54 50.93
N VAL F 34 -21.98 44.30 51.75
CA VAL F 34 -22.07 44.58 53.18
C VAL F 34 -22.11 46.07 53.40
N SER F 35 -22.98 46.52 54.31
CA SER F 35 -23.07 47.92 54.65
C SER F 35 -23.50 48.01 56.10
N VAL F 36 -23.51 49.23 56.63
CA VAL F 36 -23.87 49.43 58.03
C VAL F 36 -24.75 50.67 58.14
N GLY F 37 -25.88 50.56 58.84
CA GLY F 37 -26.77 51.68 58.99
C GLY F 37 -27.09 51.93 60.45
N TRP F 38 -27.71 53.09 60.68
CA TRP F 38 -28.09 53.52 62.01
C TRP F 38 -29.59 53.74 62.13
N ILE F 39 -30.12 53.54 63.33
CA ILE F 39 -31.54 53.70 63.61
C ILE F 39 -31.66 54.27 65.02
N ARG F 40 -32.67 55.12 65.23
CA ARG F 40 -32.96 55.66 66.55
C ARG F 40 -34.41 55.40 66.90
N GLN F 41 -34.70 55.46 68.19
CA GLN F 41 -36.07 55.27 68.64
C GLN F 41 -36.42 56.17 69.82
N PRO F 42 -37.34 57.12 69.64
CA PRO F 42 -37.80 57.92 70.75
C PRO F 42 -38.56 57.06 71.74
N PRO F 43 -38.65 57.48 73.00
CA PRO F 43 -39.35 56.66 74.00
C PRO F 43 -40.81 56.45 73.64
N GLY F 44 -41.18 55.18 73.45
CA GLY F 44 -42.54 54.80 73.14
C GLY F 44 -42.99 55.10 71.73
N LYS F 45 -42.07 55.41 70.84
CA LYS F 45 -42.40 55.71 69.46
C LYS F 45 -41.75 54.68 68.54
N ALA F 46 -41.91 54.87 67.24
CA ALA F 46 -41.40 53.97 66.24
C ALA F 46 -39.95 54.34 65.91
N LEU F 47 -39.26 53.40 65.28
CA LEU F 47 -37.88 53.65 64.89
C LEU F 47 -37.85 54.64 63.72
N GLU F 48 -36.65 55.05 63.34
CA GLU F 48 -36.48 55.90 62.16
C GLU F 48 -35.07 55.69 61.64
N TRP F 49 -34.89 55.98 60.37
CA TRP F 49 -33.56 55.89 59.78
C TRP F 49 -32.79 57.20 59.96
N LEU F 50 -31.48 57.10 59.79
CA LEU F 50 -30.59 58.24 59.90
C LEU F 50 -29.65 58.18 58.70
N ALA F 51 -28.86 57.11 58.61
CA ALA F 51 -27.92 56.99 57.50
C ALA F 51 -27.52 55.53 57.31
N LEU F 52 -26.68 55.33 56.30
CA LEU F 52 -26.08 54.04 55.95
C LEU F 52 -24.77 54.29 55.23
N ILE F 53 -23.78 53.48 55.55
CA ILE F 53 -22.43 53.55 55.00
C ILE F 53 -22.07 52.22 54.36
N TYR F 54 -21.98 52.21 53.03
CA TYR F 54 -21.69 50.99 52.29
C TYR F 54 -20.20 50.66 52.45
N TRP F 55 -19.80 49.53 51.86
CA TRP F 55 -18.43 49.05 51.98
C TRP F 55 -17.48 49.74 51.01
N ASP F 56 -18.01 50.34 49.95
CA ASP F 56 -17.23 51.04 48.94
C ASP F 56 -17.07 52.52 49.25
N ASP F 57 -17.58 52.96 50.41
CA ASP F 57 -17.50 54.34 50.88
C ASP F 57 -18.46 55.24 50.11
N ASP F 58 -19.52 54.66 49.55
CA ASP F 58 -20.63 55.46 49.06
C ASP F 58 -21.63 55.52 50.20
N LYS F 59 -21.92 56.73 50.64
CA LYS F 59 -22.64 56.98 51.87
C LYS F 59 -24.02 57.54 51.54
N ARG F 60 -24.99 57.24 52.40
CA ARG F 60 -26.35 57.71 52.18
C ARG F 60 -26.96 58.17 53.49
N TYR F 61 -27.81 59.19 53.39
CA TYR F 61 -28.52 59.75 54.52
C TYR F 61 -30.01 59.79 54.23
N SER F 62 -30.77 60.02 55.28
CA SER F 62 -32.21 60.20 55.15
C SER F 62 -32.49 61.56 54.53
N PRO F 63 -33.46 61.64 53.61
CA PRO F 63 -33.71 62.93 52.93
C PRO F 63 -34.07 64.04 53.89
N SER F 64 -34.99 63.77 54.81
CA SER F 64 -35.52 64.83 55.68
C SER F 64 -34.44 65.40 56.61
N LEU F 65 -33.55 64.56 57.11
CA LEU F 65 -32.59 64.97 58.13
C LEU F 65 -31.14 64.96 57.66
N GLU F 66 -30.89 65.22 56.37
CA GLU F 66 -29.53 65.24 55.84
C GLU F 66 -28.84 66.57 56.18
N SER F 67 -27.68 66.79 55.57
CA SER F 67 -26.81 67.96 55.77
C SER F 67 -26.33 68.09 57.21
N ARG F 68 -26.19 66.97 57.91
CA ARG F 68 -25.71 66.93 59.28
C ARG F 68 -25.37 65.48 59.60
N LEU F 69 -25.11 65.20 60.88
CA LEU F 69 -24.79 63.86 61.36
C LEU F 69 -23.81 63.10 60.46
N THR F 70 -22.64 63.73 60.27
CA THR F 70 -21.56 63.16 59.47
C THR F 70 -20.99 61.84 60.00
N ILE F 71 -21.24 60.74 59.27
CA ILE F 71 -20.76 59.41 59.65
C ILE F 71 -19.38 59.13 59.06
N THR F 72 -18.41 58.92 59.92
CA THR F 72 -17.05 58.59 59.53
C THR F 72 -16.80 57.15 59.98
N LYS F 73 -15.61 56.62 59.68
CA LYS F 73 -15.30 55.24 60.05
C LYS F 73 -13.81 55.00 60.09
N ASP F 74 -13.46 53.84 60.64
CA ASP F 74 -12.10 53.36 60.74
C ASP F 74 -12.16 51.85 60.59
N THR F 75 -11.68 51.36 59.45
CA THR F 75 -11.78 49.96 59.08
C THR F 75 -10.69 49.12 59.70
N SER F 76 -9.72 49.76 60.37
CA SER F 76 -8.64 49.01 61.01
C SER F 76 -9.15 48.36 62.28
N LYS F 77 -9.81 49.14 63.14
CA LYS F 77 -10.42 48.62 64.35
C LYS F 77 -11.91 48.34 64.18
N ASN F 78 -12.42 48.40 62.95
CA ASN F 78 -13.83 48.12 62.68
C ASN F 78 -14.74 48.96 63.58
N LEU F 79 -14.73 50.26 63.34
CA LEU F 79 -15.54 51.18 64.11
C LEU F 79 -16.19 52.22 63.22
N VAL F 80 -17.45 52.54 63.54
CA VAL F 80 -18.23 53.54 62.82
C VAL F 80 -18.53 54.67 63.78
N VAL F 81 -18.58 55.89 63.26
CA VAL F 81 -18.80 57.09 64.05
C VAL F 81 -19.95 57.87 63.45
N LEU F 82 -20.92 58.22 64.28
CA LEU F 82 -22.03 59.07 63.92
C LEU F 82 -21.98 60.34 64.75
N THR F 83 -22.17 61.48 64.10
CA THR F 83 -22.12 62.76 64.81
C THR F 83 -23.26 63.64 64.33
N LEU F 84 -24.15 64.00 65.24
CA LEU F 84 -25.29 64.84 64.94
C LEU F 84 -25.26 66.04 65.88
N THR F 85 -25.20 67.24 65.32
CA THR F 85 -25.09 68.47 66.08
C THR F 85 -26.49 69.03 66.37
N ASN F 86 -26.52 70.18 67.04
CA ASN F 86 -27.76 70.89 67.40
C ASN F 86 -28.76 69.99 68.12
N MET F 87 -28.38 69.60 69.34
CA MET F 87 -29.27 68.77 70.16
C MET F 87 -30.55 69.55 70.46
N ASP F 88 -31.68 68.90 70.22
CA ASP F 88 -32.98 69.41 70.58
C ASP F 88 -33.64 68.40 71.51
N PRO F 89 -34.62 68.83 72.31
CA PRO F 89 -35.37 67.86 73.13
C PRO F 89 -36.05 66.75 72.31
N VAL F 90 -36.16 66.90 70.99
CA VAL F 90 -36.67 65.81 70.18
C VAL F 90 -35.63 64.70 70.07
N ASP F 91 -34.34 65.06 70.16
CA ASP F 91 -33.26 64.11 69.95
C ASP F 91 -33.02 63.21 71.15
N THR F 92 -33.90 63.21 72.14
CA THR F 92 -33.71 62.35 73.30
C THR F 92 -34.27 60.99 72.93
N ALA F 93 -33.40 60.07 72.54
CA ALA F 93 -33.90 58.76 72.15
C ALA F 93 -32.79 57.73 72.21
N THR F 94 -33.18 56.48 72.03
CA THR F 94 -32.24 55.37 71.96
C THR F 94 -31.61 55.34 70.59
N TYR F 95 -30.44 54.70 70.50
CA TYR F 95 -29.70 54.65 69.24
C TYR F 95 -29.13 53.26 69.06
N TYR F 96 -29.36 52.68 67.88
CA TYR F 96 -28.89 51.35 67.53
C TYR F 96 -28.14 51.43 66.20
N CYS F 97 -27.14 50.59 66.10
CA CYS F 97 -26.26 50.46 64.93
C CYS F 97 -26.39 49.04 64.39
N ALA F 98 -27.10 48.87 63.28
CA ALA F 98 -27.30 47.54 62.72
C ALA F 98 -26.64 47.40 61.36
N HIS F 99 -26.20 46.19 61.05
CA HIS F 99 -25.54 45.91 59.78
C HIS F 99 -26.60 45.63 58.73
N LYS F 100 -26.45 46.23 57.55
CA LYS F 100 -27.38 46.11 56.44
C LYS F 100 -26.83 45.28 55.29
N THR F 101 -27.59 44.27 54.88
CA THR F 101 -27.39 43.62 53.60
C THR F 101 -28.55 44.06 52.71
N ILE F 102 -28.46 43.77 51.40
CA ILE F 102 -29.52 44.21 50.50
C ILE F 102 -30.89 43.58 50.76
N PRO F 103 -31.04 42.24 50.94
CA PRO F 103 -32.39 41.73 51.24
C PRO F 103 -32.81 41.68 52.69
N THR F 104 -31.92 41.19 53.55
CA THR F 104 -32.15 41.06 54.99
C THR F 104 -31.82 42.37 55.71
N ILE F 105 -32.72 43.32 55.55
CA ILE F 105 -32.52 44.66 56.10
C ILE F 105 -32.47 44.63 57.61
N PHE F 106 -31.36 45.12 58.16
CA PHE F 106 -31.12 45.23 59.60
C PHE F 106 -31.36 43.92 60.35
N ASP F 107 -30.53 42.93 60.01
CA ASP F 107 -30.62 41.61 60.61
C ASP F 107 -29.77 41.46 61.87
N TYR F 108 -28.81 42.35 62.09
CA TYR F 108 -27.92 42.27 63.25
C TYR F 108 -27.84 43.60 63.98
N TRP F 109 -28.58 43.72 65.08
CA TRP F 109 -28.58 44.94 65.87
C TRP F 109 -27.61 44.80 67.03
N GLY F 110 -27.19 45.94 67.57
CA GLY F 110 -26.27 45.96 68.68
C GLY F 110 -27.01 46.02 69.99
N GLN F 111 -26.46 46.73 70.97
CA GLN F 111 -27.12 46.84 72.27
C GLN F 111 -27.97 48.11 72.35
N GLY F 112 -27.38 49.26 72.11
CA GLY F 112 -28.12 50.50 72.16
C GLY F 112 -27.95 51.24 73.47
N THR F 113 -27.77 52.57 73.39
CA THR F 113 -27.56 53.39 74.58
C THR F 113 -28.64 54.46 74.66
N LEU F 114 -29.32 54.53 75.80
CA LEU F 114 -30.33 55.55 76.04
C LEU F 114 -29.63 56.87 76.39
N VAL F 115 -29.98 57.94 75.67
CA VAL F 115 -29.34 59.23 75.87
C VAL F 115 -30.40 60.31 76.04
N THR F 116 -30.15 61.24 76.95
CA THR F 116 -31.09 62.31 77.29
C THR F 116 -30.52 63.65 76.85
N VAL F 117 -31.41 64.54 76.42
CA VAL F 117 -31.05 65.88 75.95
C VAL F 117 -31.89 66.85 76.76
N SER F 118 -31.30 67.40 77.82
CA SER F 118 -31.97 68.38 78.66
C SER F 118 -30.94 68.94 79.64
N SER F 119 -31.34 70.01 80.32
CA SER F 119 -30.52 70.61 81.37
C SER F 119 -30.52 69.75 82.63
N SER G 2 -48.90 57.85 56.79
CA SER G 2 -49.01 58.46 55.46
C SER G 2 -48.29 57.62 54.42
N ALA G 3 -47.13 57.09 54.80
CA ALA G 3 -46.35 56.29 53.87
C ALA G 3 -46.88 54.86 53.84
N LEU G 4 -46.98 54.23 55.01
CA LEU G 4 -47.69 52.97 55.12
C LEU G 4 -48.88 53.17 56.06
N THR G 5 -49.59 52.10 56.36
CA THR G 5 -50.76 52.21 57.23
C THR G 5 -51.03 50.87 57.89
N GLN G 6 -51.19 50.89 59.20
CA GLN G 6 -51.44 49.69 59.97
C GLN G 6 -52.59 49.98 60.93
N PRO G 7 -53.41 48.98 61.25
CA PRO G 7 -54.47 49.22 62.21
C PRO G 7 -53.88 49.46 63.59
N ALA G 8 -54.72 50.04 64.44
CA ALA G 8 -54.27 50.44 65.77
C ALA G 8 -53.84 49.23 66.59
N SER G 9 -54.75 48.29 66.79
CA SER G 9 -54.46 47.12 67.59
C SER G 9 -55.48 46.05 67.26
N VAL G 10 -55.15 44.82 67.66
CA VAL G 10 -56.02 43.66 67.49
C VAL G 10 -55.86 42.83 68.76
N SER G 11 -56.92 42.12 69.13
CA SER G 11 -56.89 41.26 70.31
C SER G 11 -57.60 39.97 69.97
N GLY G 12 -56.82 38.91 69.83
CA GLY G 12 -57.32 37.60 69.47
C GLY G 12 -57.28 36.57 70.60
N SER G 13 -58.34 35.80 70.70
CA SER G 13 -58.45 34.76 71.72
C SER G 13 -57.33 33.74 71.56
N PRO G 14 -56.85 33.16 72.66
CA PRO G 14 -55.64 32.33 72.59
C PRO G 14 -55.86 31.01 71.86
N GLY G 15 -55.03 30.77 70.85
CA GLY G 15 -55.08 29.56 70.04
C GLY G 15 -55.63 29.65 68.63
N GLN G 16 -55.98 30.83 68.12
CA GLN G 16 -56.51 30.92 66.76
C GLN G 16 -55.50 31.66 65.90
N SER G 17 -55.85 31.87 64.64
CA SER G 17 -54.97 32.57 63.72
C SER G 17 -55.49 33.97 63.40
N ILE G 18 -54.58 34.85 62.98
CA ILE G 18 -54.97 36.21 62.63
C ILE G 18 -53.93 36.79 61.69
N THR G 19 -54.41 37.56 60.71
CA THR G 19 -53.57 38.24 59.75
C THR G 19 -53.77 39.75 59.85
N ILE G 20 -52.69 40.50 59.66
CA ILE G 20 -52.76 41.95 59.71
C ILE G 20 -52.26 42.51 58.38
N SER G 21 -52.88 43.59 57.92
CA SER G 21 -52.53 44.20 56.65
C SER G 21 -51.89 45.56 56.90
N CYS G 22 -50.83 45.84 56.14
CA CYS G 22 -50.14 47.13 56.17
C CYS G 22 -50.12 47.72 54.76
N THR G 23 -51.27 48.22 54.32
CA THR G 23 -51.39 48.73 52.97
C THR G 23 -50.46 49.92 52.74
N ALA G 24 -49.93 50.00 51.52
CA ALA G 24 -49.03 51.10 51.20
C ALA G 24 -49.78 52.40 50.99
N THR G 25 -50.91 52.36 50.30
CA THR G 25 -51.69 53.57 50.05
C THR G 25 -50.80 54.69 49.52
N SER G 26 -49.94 54.36 48.57
CA SER G 26 -49.03 55.32 47.97
C SER G 26 -48.50 54.75 46.68
N SER G 27 -48.57 55.56 45.62
CA SER G 27 -48.07 55.16 44.31
C SER G 27 -46.55 55.19 44.26
N ASP G 28 -46.00 54.36 43.36
CA ASP G 28 -44.57 54.24 43.13
C ASP G 28 -43.80 54.01 44.44
N VAL G 29 -44.13 52.90 45.11
CA VAL G 29 -43.27 52.38 46.16
C VAL G 29 -42.34 51.40 45.44
N GLY G 30 -42.44 51.37 44.12
CA GLY G 30 -41.62 50.49 43.31
C GLY G 30 -42.36 49.21 42.96
N ALA G 31 -41.65 48.09 43.04
CA ALA G 31 -42.24 46.78 42.81
C ALA G 31 -42.84 46.19 44.07
N TYR G 32 -42.53 46.78 45.23
CA TYR G 32 -43.05 46.33 46.52
C TYR G 32 -42.85 44.82 46.69
N GLN G 33 -41.57 44.44 46.70
CA GLN G 33 -41.14 43.06 46.74
C GLN G 33 -40.43 42.66 48.02
N TYR G 34 -39.65 43.56 48.63
CA TYR G 34 -38.97 43.28 49.88
C TYR G 34 -39.73 43.96 51.02
N VAL G 35 -40.31 43.15 51.90
CA VAL G 35 -41.07 43.65 53.04
C VAL G 35 -40.72 42.82 54.28
N SER G 36 -40.02 43.43 55.23
CA SER G 36 -39.60 42.75 56.44
C SER G 36 -40.54 43.17 57.57
N TRP G 37 -40.69 42.29 58.55
CA TRP G 37 -41.58 42.51 59.68
C TRP G 37 -40.79 42.42 60.98
N TYR G 38 -41.10 43.31 61.94
CA TYR G 38 -40.38 43.30 63.21
C TYR G 38 -41.37 43.18 64.36
N GLN G 39 -40.92 42.42 65.36
CA GLN G 39 -41.61 42.17 66.62
C GLN G 39 -41.04 43.09 67.69
N GLN G 40 -41.86 43.99 68.21
CA GLN G 40 -41.46 44.94 69.25
C GLN G 40 -41.93 44.34 70.56
N TYR G 41 -40.98 44.08 71.45
CA TYR G 41 -41.19 43.48 72.77
C TYR G 41 -41.64 44.55 73.76
N PRO G 42 -42.01 44.15 74.99
CA PRO G 42 -42.39 45.16 75.98
C PRO G 42 -41.20 45.94 76.51
N GLY G 43 -40.71 46.87 75.68
CA GLY G 43 -39.59 47.71 76.01
C GLY G 43 -38.26 47.10 75.57
N LYS G 44 -38.22 46.60 74.34
CA LYS G 44 -37.01 45.99 73.81
C LYS G 44 -36.88 46.34 72.33
N ALA G 45 -35.70 46.05 71.80
CA ALA G 45 -35.42 46.35 70.40
C ALA G 45 -36.18 45.38 69.51
N PRO G 46 -36.89 45.87 68.50
CA PRO G 46 -37.67 44.97 67.65
C PRO G 46 -36.80 43.88 67.03
N LYS G 47 -37.38 42.70 66.93
CA LYS G 47 -36.69 41.55 66.36
C LYS G 47 -37.37 41.18 65.05
N LEU G 48 -36.55 40.94 64.04
CA LEU G 48 -37.05 40.55 62.72
C LEU G 48 -37.66 39.17 62.82
N MET G 49 -38.92 39.05 62.39
CA MET G 49 -39.61 37.76 62.41
C MET G 49 -39.57 37.11 61.04
N ILE G 50 -40.07 37.80 60.01
CA ILE G 50 -40.00 37.31 58.64
C ILE G 50 -39.70 38.50 57.72
N TYR G 51 -38.97 38.26 56.64
CA TYR G 51 -38.67 39.28 55.65
C TYR G 51 -38.91 38.64 54.30
N GLU G 52 -39.05 39.45 53.24
CA GLU G 52 -39.33 38.84 51.93
C GLU G 52 -40.55 37.96 52.15
N VAL G 53 -41.63 38.64 52.56
CA VAL G 53 -42.92 38.05 52.92
C VAL G 53 -43.03 36.56 52.62
N SER G 54 -42.84 36.07 51.40
CA SER G 54 -43.10 34.64 51.41
C SER G 54 -41.96 33.86 52.07
N LYS G 55 -40.83 34.52 52.33
CA LYS G 55 -39.63 34.01 52.96
C LYS G 55 -39.76 34.08 54.49
N ARG G 56 -38.78 33.49 55.17
CA ARG G 56 -38.72 33.50 56.62
C ARG G 56 -37.29 33.21 57.04
N PRO G 57 -36.74 33.96 57.98
CA PRO G 57 -35.37 33.69 58.43
C PRO G 57 -35.31 32.46 59.31
N SER G 58 -34.31 31.62 59.08
CA SER G 58 -34.16 30.44 59.91
C SER G 58 -33.84 30.88 61.34
N GLY G 59 -34.63 30.42 62.30
CA GLY G 59 -34.38 30.81 63.67
C GLY G 59 -35.64 31.16 64.43
N VAL G 60 -36.76 31.29 63.72
CA VAL G 60 -38.03 31.63 64.35
C VAL G 60 -38.99 30.46 64.15
N SER G 61 -40.20 30.57 64.69
CA SER G 61 -41.16 29.48 64.69
C SER G 61 -41.64 29.21 63.27
N ASN G 62 -42.52 28.22 63.13
CA ASN G 62 -43.07 27.85 61.83
C ASN G 62 -44.54 28.24 61.71
N ARG G 63 -44.99 29.16 62.55
CA ARG G 63 -46.37 29.62 62.57
C ARG G 63 -46.55 30.94 61.85
N PHE G 64 -45.54 31.80 61.91
CA PHE G 64 -45.59 33.07 61.19
C PHE G 64 -45.48 32.82 59.69
N SER G 65 -46.31 33.50 58.91
CA SER G 65 -46.25 33.34 57.47
C SER G 65 -46.75 34.62 56.79
N GLY G 66 -45.98 35.15 55.85
CA GLY G 66 -46.37 36.34 55.14
C GLY G 66 -47.09 36.03 53.84
N SER G 67 -47.72 37.07 53.29
CA SER G 67 -48.44 36.96 52.04
C SER G 67 -48.57 38.36 51.46
N LYS G 68 -49.07 38.43 50.21
CA LYS G 68 -49.19 39.71 49.52
C LYS G 68 -50.49 39.69 48.73
N SER G 69 -51.46 40.49 49.13
CA SER G 69 -52.71 40.60 48.40
C SER G 69 -52.69 41.71 47.36
N GLY G 70 -51.50 42.22 47.04
CA GLY G 70 -51.37 43.30 46.09
C GLY G 70 -51.28 44.60 46.87
N ASN G 71 -50.12 45.24 46.88
CA ASN G 71 -49.87 46.53 47.51
C ASN G 71 -49.80 46.38 49.03
N THR G 72 -50.12 45.22 49.60
CA THR G 72 -50.01 45.00 51.03
C THR G 72 -49.25 43.74 51.33
N ALA G 73 -48.95 43.54 52.62
CA ALA G 73 -48.27 42.35 53.11
C ALA G 73 -49.10 41.83 54.28
N SER G 74 -49.79 40.71 54.06
CA SER G 74 -50.64 40.17 55.13
C SER G 74 -49.79 39.32 56.06
N LEU G 75 -49.30 39.92 57.14
CA LEU G 75 -48.54 39.16 58.13
C LEU G 75 -49.47 38.27 58.95
N THR G 76 -49.21 36.97 58.98
CA THR G 76 -50.10 36.06 59.69
C THR G 76 -49.42 35.50 60.93
N ILE G 77 -50.24 35.17 61.92
CA ILE G 77 -49.80 34.61 63.21
C ILE G 77 -50.80 33.52 63.59
N SER G 78 -50.35 32.27 63.58
CA SER G 78 -51.18 31.14 63.95
C SER G 78 -50.85 30.67 65.36
N GLY G 79 -51.83 30.03 66.01
CA GLY G 79 -51.68 29.52 67.36
C GLY G 79 -51.27 30.54 68.40
N LEU G 80 -52.05 31.62 68.52
CA LEU G 80 -51.67 32.73 69.38
C LEU G 80 -51.43 32.31 70.82
N GLN G 81 -50.25 32.65 71.33
CA GLN G 81 -49.84 32.37 72.70
C GLN G 81 -49.67 33.69 73.45
N ALA G 82 -49.79 33.63 74.77
CA ALA G 82 -49.68 34.85 75.56
C ALA G 82 -48.32 35.52 75.41
N GLU G 83 -47.29 34.78 74.98
CA GLU G 83 -45.98 35.38 74.77
C GLU G 83 -45.98 36.36 73.61
N ASP G 84 -47.00 36.29 72.75
CA ASP G 84 -47.02 37.05 71.50
C ASP G 84 -47.56 38.45 71.69
N ASP G 85 -47.97 38.83 72.90
CA ASP G 85 -48.45 40.16 73.20
C ASP G 85 -47.33 41.15 72.94
N ALA G 86 -47.45 41.95 71.88
CA ALA G 86 -46.35 42.81 71.47
C ALA G 86 -46.82 43.75 70.37
N TYR G 87 -45.89 44.57 69.89
CA TYR G 87 -46.12 45.45 68.77
C TYR G 87 -45.55 44.81 67.51
N TYR G 88 -46.12 45.17 66.36
CA TYR G 88 -45.69 44.56 65.12
C TYR G 88 -45.59 45.65 64.07
N TYR G 89 -44.53 45.56 63.25
CA TYR G 89 -44.24 46.58 62.26
C TYR G 89 -43.82 45.93 60.94
N CYS G 90 -44.03 46.65 59.85
CA CYS G 90 -43.62 46.25 58.53
C CYS G 90 -42.65 47.30 58.01
N ASN G 91 -41.84 46.91 57.04
CA ASN G 91 -40.71 47.72 56.60
C ASN G 91 -40.46 47.39 55.15
N SER G 92 -40.45 48.42 54.30
CA SER G 92 -40.21 48.20 52.88
C SER G 92 -39.75 49.46 52.19
N TYR G 93 -38.68 49.33 51.41
CA TYR G 93 -38.09 50.48 50.75
C TYR G 93 -39.06 51.13 49.79
N THR G 94 -39.02 52.45 49.72
CA THR G 94 -39.70 53.16 48.66
C THR G 94 -38.63 53.55 47.65
N THR G 95 -38.95 54.45 46.74
CA THR G 95 -37.95 54.81 45.73
C THR G 95 -36.76 55.52 46.38
N SER G 96 -37.01 56.41 47.35
CA SER G 96 -35.93 57.15 48.00
C SER G 96 -35.44 56.61 49.33
N SER G 97 -36.26 55.94 50.15
CA SER G 97 -35.73 55.55 51.47
C SER G 97 -36.61 54.54 52.17
N VAL G 98 -35.96 53.75 53.03
CA VAL G 98 -36.64 52.76 53.87
C VAL G 98 -37.80 53.38 54.62
N VAL G 99 -38.94 52.71 54.62
CA VAL G 99 -40.11 53.16 55.38
C VAL G 99 -40.56 52.00 56.26
N PHE G 100 -41.28 52.35 57.32
CA PHE G 100 -41.77 51.46 58.36
C PHE G 100 -43.30 51.55 58.36
N GLY G 101 -43.94 50.61 59.07
CA GLY G 101 -45.37 50.67 59.20
C GLY G 101 -45.78 51.51 60.41
N GLY G 102 -47.04 51.91 60.42
CA GLY G 102 -47.53 52.71 61.53
C GLY G 102 -47.63 51.97 62.85
N GLY G 103 -47.36 50.69 62.86
CA GLY G 103 -47.44 49.91 64.09
C GLY G 103 -48.78 49.23 64.28
N THR G 104 -48.75 48.10 64.95
CA THR G 104 -49.95 47.36 65.32
C THR G 104 -49.71 46.75 66.69
N LYS G 105 -50.74 46.69 67.52
CA LYS G 105 -50.60 46.11 68.84
C LYS G 105 -51.41 44.82 68.84
N LEU G 106 -50.80 43.75 69.35
CA LEU G 106 -51.45 42.44 69.42
C LEU G 106 -51.42 41.99 70.87
N THR G 107 -52.60 41.92 71.47
CA THR G 107 -52.78 41.44 72.83
C THR G 107 -53.66 40.20 72.81
N VAL G 108 -53.18 39.13 73.43
CA VAL G 108 -53.85 37.84 73.39
C VAL G 108 -54.77 37.77 74.61
N LEU G 109 -56.05 37.54 74.37
CA LEU G 109 -57.02 37.45 75.45
C LEU G 109 -58.11 36.43 75.15
N ILE H 2 9.61 65.49 -42.30
CA ILE H 2 8.46 66.10 -42.94
C ILE H 2 8.85 67.44 -43.57
N THR H 3 8.27 67.70 -44.74
CA THR H 3 8.55 68.88 -45.55
C THR H 3 7.31 69.21 -46.37
N LEU H 4 7.08 70.51 -46.57
CA LEU H 4 6.01 71.01 -47.41
C LEU H 4 6.54 72.10 -48.31
N LYS H 5 5.87 72.28 -49.46
CA LYS H 5 6.24 73.33 -50.42
C LYS H 5 4.98 73.73 -51.19
N GLU H 6 4.70 75.03 -51.22
CA GLU H 6 3.56 75.52 -51.97
C GLU H 6 3.98 75.96 -53.36
N SER H 7 3.00 76.00 -54.27
CA SER H 7 3.25 76.50 -55.61
C SER H 7 1.94 76.91 -56.25
N GLY H 8 2.03 77.71 -57.31
CA GLY H 8 0.87 78.15 -58.03
C GLY H 8 1.07 79.52 -58.67
N PRO H 9 -0.02 80.09 -59.18
CA PRO H 9 0.07 81.41 -59.80
C PRO H 9 0.28 82.50 -58.74
N THR H 10 1.21 83.41 -59.03
CA THR H 10 1.48 84.50 -58.09
C THR H 10 0.52 85.65 -58.31
N LEU H 11 -0.01 85.81 -59.52
CA LEU H 11 -0.90 86.91 -59.85
C LEU H 11 -2.22 86.34 -60.33
N VAL H 12 -3.30 87.07 -60.02
CA VAL H 12 -4.66 86.67 -60.34
C VAL H 12 -5.48 87.94 -60.41
N LYS H 13 -6.54 87.91 -61.17
CA LYS H 13 -7.31 89.13 -61.37
C LYS H 13 -8.57 89.08 -60.52
N PRO H 14 -9.23 90.23 -60.31
CA PRO H 14 -10.48 90.22 -59.52
C PRO H 14 -11.49 89.26 -60.15
N THR H 15 -12.27 88.59 -59.30
CA THR H 15 -13.28 87.63 -59.73
C THR H 15 -12.65 86.61 -60.70
N GLN H 16 -11.70 85.85 -60.14
CA GLN H 16 -10.96 84.83 -60.86
C GLN H 16 -10.86 83.59 -59.99
N THR H 17 -10.56 82.45 -60.61
CA THR H 17 -10.42 81.20 -59.87
C THR H 17 -8.96 80.98 -59.50
N LEU H 18 -8.65 81.12 -58.21
CA LEU H 18 -7.29 80.91 -57.72
C LEU H 18 -7.05 79.46 -57.33
N THR H 19 -5.89 78.94 -57.73
CA THR H 19 -5.50 77.57 -57.50
C THR H 19 -4.15 77.54 -56.81
N LEU H 20 -3.96 76.58 -55.92
CA LEU H 20 -2.68 76.42 -55.24
C LEU H 20 -2.43 74.93 -55.06
N THR H 21 -1.16 74.52 -55.21
CA THR H 21 -0.78 73.13 -55.09
C THR H 21 0.31 73.00 -54.03
N CYS H 22 0.07 72.19 -53.01
CA CYS H 22 1.01 71.97 -51.92
C CYS H 22 1.56 70.55 -51.97
N THR H 23 2.86 70.42 -52.26
CA THR H 23 3.52 69.13 -52.33
C THR H 23 4.34 68.87 -51.07
N PHE H 24 4.17 67.70 -50.48
CA PHE H 24 4.85 67.36 -49.24
C PHE H 24 5.68 66.09 -49.43
N SER H 25 6.58 65.87 -48.49
CA SER H 25 7.47 64.71 -48.51
C SER H 25 7.81 64.37 -47.08
N GLY H 26 7.92 63.07 -46.80
CA GLY H 26 8.21 62.56 -45.48
C GLY H 26 7.04 61.84 -44.85
N PHE H 27 5.82 62.19 -45.25
CA PHE H 27 4.61 61.57 -44.75
C PHE H 27 3.61 61.43 -45.90
N SER H 28 2.54 60.67 -45.64
CA SER H 28 1.48 60.48 -46.61
C SER H 28 0.13 60.73 -45.95
N LEU H 29 -0.94 60.54 -46.74
CA LEU H 29 -2.30 60.69 -46.26
C LEU H 29 -2.99 59.34 -46.06
N SER H 30 -2.23 58.32 -45.67
CA SER H 30 -2.78 56.99 -45.46
C SER H 30 -2.83 56.55 -44.00
N THR H 31 -1.92 57.04 -43.16
CA THR H 31 -1.90 56.66 -41.75
C THR H 31 -2.97 57.43 -40.99
N GLY H 32 -3.42 56.86 -39.88
CA GLY H 32 -4.48 57.47 -39.10
C GLY H 32 -4.04 58.73 -38.38
N GLY H 33 -5.01 59.61 -38.15
CA GLY H 33 -4.83 60.86 -37.45
C GLY H 33 -4.29 62.00 -38.29
N VAL H 34 -3.44 61.67 -39.26
CA VAL H 34 -2.78 62.67 -40.07
C VAL H 34 -3.78 63.34 -41.00
N SER H 35 -3.66 64.65 -41.12
CA SER H 35 -4.51 65.43 -42.01
C SER H 35 -3.67 66.60 -42.49
N VAL H 36 -4.22 67.37 -43.41
CA VAL H 36 -3.49 68.51 -43.96
C VAL H 36 -4.49 69.66 -44.09
N GLY H 37 -4.11 70.85 -43.61
CA GLY H 37 -5.00 71.98 -43.66
C GLY H 37 -4.32 73.17 -44.31
N TRP H 38 -5.15 74.18 -44.59
CA TRP H 38 -4.70 75.40 -45.21
C TRP H 38 -5.00 76.58 -44.28
N ILE H 39 -4.16 77.60 -44.39
CA ILE H 39 -4.25 78.78 -43.54
C ILE H 39 -3.87 79.99 -44.39
N ARG H 40 -4.50 81.13 -44.11
CA ARG H 40 -4.13 82.36 -44.79
C ARG H 40 -3.83 83.45 -43.76
N GLN H 41 -3.08 84.45 -44.21
CA GLN H 41 -2.73 85.59 -43.37
C GLN H 41 -2.66 86.92 -44.13
N PRO H 42 -3.55 87.87 -43.85
CA PRO H 42 -3.45 89.20 -44.46
C PRO H 42 -2.20 89.91 -43.95
N PRO H 43 -1.70 90.89 -44.70
CA PRO H 43 -0.48 91.60 -44.28
C PRO H 43 -0.67 92.31 -42.95
N GLY H 44 0.13 91.91 -41.96
CA GLY H 44 0.10 92.51 -40.65
C GLY H 44 -1.10 92.14 -39.80
N LYS H 45 -1.84 91.10 -40.19
CA LYS H 45 -3.01 90.64 -39.47
C LYS H 45 -2.76 89.20 -38.99
N ALA H 46 -3.78 88.60 -38.38
CA ALA H 46 -3.70 87.28 -37.81
C ALA H 46 -4.00 86.24 -38.90
N LEU H 47 -3.65 84.99 -38.60
CA LEU H 47 -3.89 83.90 -39.54
C LEU H 47 -5.40 83.60 -39.62
N GLU H 48 -5.76 82.69 -40.53
CA GLU H 48 -7.14 82.21 -40.62
C GLU H 48 -7.11 80.84 -41.28
N TRP H 49 -8.17 80.08 -41.05
CA TRP H 49 -8.31 78.77 -41.68
C TRP H 49 -8.93 78.86 -43.07
N LEU H 50 -8.77 77.77 -43.84
CA LEU H 50 -9.29 77.70 -45.19
C LEU H 50 -10.02 76.37 -45.36
N ALA H 51 -9.30 75.27 -45.22
CA ALA H 51 -9.90 73.95 -45.38
C ALA H 51 -9.03 72.93 -44.65
N LEU H 52 -9.46 71.67 -44.70
CA LEU H 52 -8.74 70.54 -44.12
C LEU H 52 -9.12 69.26 -44.84
N ILE H 53 -8.11 68.41 -45.07
CA ILE H 53 -8.25 67.14 -45.76
C ILE H 53 -7.75 66.04 -44.83
N TYR H 54 -8.67 65.23 -44.31
CA TYR H 54 -8.28 64.18 -43.38
C TYR H 54 -7.62 63.04 -44.15
N TRP H 55 -7.17 62.03 -43.41
CA TRP H 55 -6.49 60.91 -44.04
C TRP H 55 -7.47 59.89 -44.62
N ASP H 56 -8.71 59.92 -44.16
CA ASP H 56 -9.76 59.02 -44.63
C ASP H 56 -10.58 59.63 -45.76
N ASP H 57 -10.21 60.83 -46.22
CA ASP H 57 -10.90 61.54 -47.31
C ASP H 57 -12.21 62.14 -46.83
N ASP H 58 -12.29 62.41 -45.54
CA ASP H 58 -13.36 63.22 -44.95
C ASP H 58 -12.84 64.65 -44.90
N LYS H 59 -13.57 65.55 -45.55
CA LYS H 59 -13.11 66.90 -45.84
C LYS H 59 -13.86 67.91 -45.00
N ARG H 60 -13.20 69.03 -44.69
CA ARG H 60 -13.79 70.09 -43.89
C ARG H 60 -13.42 71.44 -44.49
N TYR H 61 -14.35 72.39 -44.39
CA TYR H 61 -14.17 73.74 -44.88
C TYR H 61 -14.50 74.73 -43.77
N SER H 62 -14.12 75.99 -44.00
CA SER H 62 -14.46 77.04 -43.05
C SER H 62 -15.94 77.38 -43.16
N PRO H 63 -16.63 77.58 -42.04
CA PRO H 63 -18.08 77.84 -42.11
C PRO H 63 -18.43 79.07 -42.92
N SER H 64 -17.75 80.19 -42.65
CA SER H 64 -18.12 81.46 -43.29
C SER H 64 -17.90 81.41 -44.79
N LEU H 65 -16.81 80.76 -45.22
CA LEU H 65 -16.39 80.74 -46.61
C LEU H 65 -16.49 79.37 -47.26
N GLU H 66 -17.45 78.54 -46.83
CA GLU H 66 -17.60 77.23 -47.43
C GLU H 66 -18.34 77.42 -48.76
N SER H 67 -18.75 76.31 -49.40
CA SER H 67 -19.42 76.40 -50.70
C SER H 67 -18.46 77.00 -51.72
N ARG H 68 -17.17 76.75 -51.52
CA ARG H 68 -16.10 77.23 -52.39
C ARG H 68 -14.85 76.42 -52.05
N LEU H 69 -13.72 76.84 -52.59
CA LEU H 69 -12.40 76.24 -52.38
C LEU H 69 -12.45 74.71 -52.39
N THR H 70 -12.98 74.15 -53.48
CA THR H 70 -13.00 72.70 -53.53
C THR H 70 -11.57 72.19 -53.45
N ILE H 71 -11.22 71.62 -52.30
CA ILE H 71 -9.89 71.08 -52.06
C ILE H 71 -9.84 69.61 -52.48
N THR H 72 -8.97 69.30 -53.43
CA THR H 72 -8.78 67.95 -53.91
C THR H 72 -7.40 67.45 -53.48
N LYS H 73 -7.09 66.20 -53.83
CA LYS H 73 -5.81 65.64 -53.42
C LYS H 73 -5.45 64.47 -54.32
N ASP H 74 -4.19 64.04 -54.22
CA ASP H 74 -3.63 62.91 -54.97
C ASP H 74 -2.57 62.27 -54.09
N THR H 75 -2.87 61.07 -53.59
CA THR H 75 -2.03 60.38 -52.61
C THR H 75 -0.86 59.63 -53.23
N SER H 76 -0.78 59.55 -54.56
CA SER H 76 0.33 58.83 -55.19
C SER H 76 1.61 59.65 -55.12
N LYS H 77 1.55 60.91 -55.55
CA LYS H 77 2.69 61.81 -55.48
C LYS H 77 2.64 62.71 -54.24
N ASN H 78 1.73 62.41 -53.30
CA ASN H 78 1.61 63.20 -52.08
C ASN H 78 1.48 64.69 -52.42
N LEU H 79 0.34 65.02 -53.01
CA LEU H 79 0.07 66.40 -53.40
C LEU H 79 -1.36 66.78 -53.08
N VAL H 80 -1.54 68.00 -52.58
CA VAL H 80 -2.85 68.55 -52.25
C VAL H 80 -3.12 69.76 -53.13
N VAL H 81 -4.37 69.96 -53.50
CA VAL H 81 -4.76 71.05 -54.38
C VAL H 81 -5.90 71.80 -53.70
N LEU H 82 -5.76 73.12 -53.57
CA LEU H 82 -6.84 73.94 -53.08
C LEU H 82 -7.25 74.92 -54.16
N THR H 83 -8.55 75.08 -54.40
CA THR H 83 -9.03 75.99 -55.44
C THR H 83 -10.22 76.79 -54.95
N LEU H 84 -10.06 78.12 -54.91
CA LEU H 84 -11.09 79.04 -54.48
C LEU H 84 -11.33 80.06 -55.58
N THR H 85 -12.56 80.14 -56.09
CA THR H 85 -12.86 81.02 -57.21
C THR H 85 -13.31 82.40 -56.70
N ASN H 86 -13.63 83.30 -57.63
CA ASN H 86 -14.10 84.66 -57.36
C ASN H 86 -13.16 85.41 -56.40
N MET H 87 -11.97 85.70 -56.91
CA MET H 87 -10.98 86.44 -56.13
C MET H 87 -11.48 87.84 -55.80
N ASP H 88 -11.32 88.22 -54.53
CA ASP H 88 -11.63 89.55 -54.04
C ASP H 88 -10.36 90.15 -53.44
N PRO H 89 -10.27 91.49 -53.36
CA PRO H 89 -9.11 92.11 -52.68
C PRO H 89 -8.93 91.71 -51.22
N VAL H 90 -9.91 91.09 -50.58
CA VAL H 90 -9.62 90.62 -49.23
C VAL H 90 -8.70 89.42 -49.28
N ASP H 91 -8.78 88.62 -50.36
CA ASP H 91 -8.01 87.39 -50.44
C ASP H 91 -6.54 87.61 -50.80
N THR H 92 -6.06 88.85 -50.81
CA THR H 92 -4.66 89.08 -51.14
C THR H 92 -3.94 88.89 -49.82
N ALA H 93 -3.37 87.70 -49.64
CA ALA H 93 -2.69 87.41 -48.38
C ALA H 93 -1.75 86.24 -48.59
N THR H 94 -0.95 85.96 -47.57
CA THR H 94 -0.09 84.80 -47.69
C THR H 94 -0.92 83.55 -47.44
N TYR H 95 -0.41 82.42 -47.91
CA TYR H 95 -1.12 81.15 -47.83
C TYR H 95 -0.15 80.04 -47.45
N TYR H 96 -0.52 79.27 -46.44
CA TYR H 96 0.29 78.18 -45.95
C TYR H 96 -0.50 76.88 -45.90
N CYS H 97 0.22 75.80 -46.14
CA CYS H 97 -0.32 74.45 -46.12
C CYS H 97 0.43 73.70 -45.03
N ALA H 98 -0.21 73.48 -43.90
CA ALA H 98 0.47 72.80 -42.83
C ALA H 98 -0.23 71.47 -42.56
N HIS H 99 0.53 70.48 -42.12
CA HIS H 99 -0.02 69.17 -41.82
C HIS H 99 -0.54 69.28 -40.39
N LYS H 100 -1.75 68.80 -40.20
CA LYS H 100 -2.48 68.85 -38.95
C LYS H 100 -2.60 67.48 -38.29
N THR H 101 -2.20 67.40 -37.02
CA THR H 101 -2.58 66.27 -36.21
C THR H 101 -3.64 66.77 -35.23
N ILE H 102 -4.29 65.83 -34.54
CA ILE H 102 -5.36 66.20 -33.60
C ILE H 102 -4.86 67.05 -32.44
N PRO H 103 -3.78 66.68 -31.69
CA PRO H 103 -3.33 67.57 -30.60
C PRO H 103 -2.37 68.66 -31.03
N THR H 104 -1.38 68.27 -31.83
CA THR H 104 -0.35 69.18 -32.35
C THR H 104 -0.82 69.86 -33.62
N ILE H 105 -1.73 70.82 -33.45
CA ILE H 105 -2.33 71.52 -34.58
C ILE H 105 -1.27 72.30 -35.35
N PHE H 106 -1.16 72.00 -36.65
CA PHE H 106 -0.22 72.67 -37.56
C PHE H 106 1.22 72.69 -37.03
N ASP H 107 1.79 71.49 -36.93
CA ASP H 107 3.16 71.34 -36.45
C ASP H 107 4.20 71.43 -37.55
N TYR H 108 3.80 71.29 -38.82
CA TYR H 108 4.71 71.36 -39.96
C TYR H 108 4.14 72.30 -41.01
N TRP H 109 4.63 73.53 -41.04
CA TRP H 109 4.18 74.53 -42.00
C TRP H 109 5.15 74.57 -43.18
N GLY H 110 4.67 75.10 -44.28
CA GLY H 110 5.50 75.20 -45.46
C GLY H 110 6.18 76.55 -45.49
N GLN H 111 6.34 77.12 -46.68
CA GLN H 111 6.98 78.42 -46.84
C GLN H 111 5.91 79.50 -46.89
N GLY H 112 4.95 79.37 -47.80
CA GLY H 112 3.88 80.32 -47.99
C GLY H 112 4.16 81.25 -49.15
N THR H 113 3.13 81.49 -49.96
CA THR H 113 3.27 82.34 -51.13
C THR H 113 2.30 83.50 -51.08
N LEU H 114 2.84 84.71 -51.22
CA LEU H 114 2.05 85.93 -51.24
C LEU H 114 1.39 86.08 -52.61
N VAL H 115 0.08 86.30 -52.63
CA VAL H 115 -0.64 86.39 -53.88
C VAL H 115 -1.48 87.66 -53.86
N THR H 116 -1.52 88.36 -54.98
CA THR H 116 -2.19 89.62 -55.13
C THR H 116 -3.38 89.51 -56.09
N VAL H 117 -4.44 90.26 -55.79
CA VAL H 117 -5.66 90.29 -56.58
C VAL H 117 -5.88 91.76 -56.91
N SER H 118 -5.43 92.18 -58.09
CA SER H 118 -5.61 93.55 -58.56
C SER H 118 -5.16 93.61 -60.01
N SER H 119 -5.46 94.73 -60.66
CA SER H 119 -5.01 94.99 -62.01
C SER H 119 -3.53 95.34 -62.01
N SER I 2 -13.08 88.93 -30.32
CA SER I 2 -14.39 88.51 -29.85
C SER I 2 -14.37 87.04 -29.44
N ALA I 3 -13.66 86.22 -30.23
CA ALA I 3 -13.58 84.80 -29.95
C ALA I 3 -12.52 84.54 -28.89
N LEU I 4 -11.32 85.05 -29.14
CA LEU I 4 -10.23 85.12 -28.18
C LEU I 4 -9.92 86.60 -27.95
N THR I 5 -8.88 86.87 -27.20
CA THR I 5 -8.47 88.23 -26.86
C THR I 5 -6.98 88.21 -26.57
N GLN I 6 -6.24 89.11 -27.21
CA GLN I 6 -4.81 89.14 -27.01
C GLN I 6 -4.40 90.60 -26.80
N PRO I 7 -3.37 90.84 -25.98
CA PRO I 7 -2.92 92.23 -25.79
C PRO I 7 -2.27 92.78 -27.04
N ALA I 8 -2.16 94.11 -27.07
CA ALA I 8 -1.66 94.78 -28.27
C ALA I 8 -0.22 94.36 -28.56
N SER I 9 0.66 94.65 -27.61
CA SER I 9 2.08 94.34 -27.73
C SER I 9 2.70 94.40 -26.34
N VAL I 10 3.89 93.84 -26.21
CA VAL I 10 4.62 93.90 -24.96
C VAL I 10 6.09 94.12 -25.27
N SER I 11 6.77 94.79 -24.36
CA SER I 11 8.20 95.03 -24.52
C SER I 11 8.83 94.80 -23.15
N GLY I 12 9.54 93.68 -23.03
CA GLY I 12 10.20 93.29 -21.81
C GLY I 12 11.71 93.40 -21.94
N SER I 13 12.34 93.93 -20.90
CA SER I 13 13.78 94.07 -20.89
C SER I 13 14.44 92.70 -21.01
N PRO I 14 15.61 92.63 -21.66
CA PRO I 14 16.20 91.32 -22.00
C PRO I 14 16.73 90.60 -20.77
N GLY I 15 16.28 89.36 -20.57
CA GLY I 15 16.70 88.53 -19.45
C GLY I 15 15.73 88.29 -18.30
N GLN I 16 14.49 88.77 -18.37
CA GLN I 16 13.52 88.56 -17.30
C GLN I 16 12.42 87.63 -17.81
N SER I 17 11.43 87.39 -16.97
CA SER I 17 10.30 86.54 -17.35
C SER I 17 9.05 87.39 -17.51
N ILE I 18 8.10 86.87 -18.30
CA ILE I 18 6.83 87.55 -18.54
C ILE I 18 5.81 86.50 -18.97
N THR I 19 4.58 86.67 -18.52
CA THR I 19 3.50 85.76 -18.87
C THR I 19 2.43 86.57 -19.61
N ILE I 20 1.84 85.95 -20.62
CA ILE I 20 0.79 86.61 -21.39
C ILE I 20 -0.47 85.77 -21.38
N SER I 21 -1.63 86.43 -21.30
CA SER I 21 -2.92 85.75 -21.25
C SER I 21 -3.71 86.04 -22.51
N CYS I 22 -4.36 85.03 -23.06
CA CYS I 22 -5.24 85.20 -24.22
C CYS I 22 -6.62 84.66 -23.87
N THR I 23 -7.34 85.38 -23.01
CA THR I 23 -8.64 84.91 -22.54
C THR I 23 -9.65 84.84 -23.67
N ALA I 24 -10.52 83.82 -23.58
CA ALA I 24 -11.57 83.60 -24.57
C ALA I 24 -12.71 84.60 -24.42
N THR I 25 -13.12 84.87 -23.18
CA THR I 25 -14.23 85.80 -22.88
C THR I 25 -15.47 85.43 -23.71
N SER I 26 -15.77 84.13 -23.73
CA SER I 26 -16.90 83.60 -24.47
C SER I 26 -17.20 82.21 -23.94
N SER I 27 -18.47 81.97 -23.63
CA SER I 27 -18.96 80.70 -23.12
C SER I 27 -19.01 79.62 -24.20
N ASP I 28 -18.93 78.37 -23.71
CA ASP I 28 -18.97 77.15 -24.51
C ASP I 28 -17.96 77.16 -25.66
N VAL I 29 -16.68 77.28 -25.28
CA VAL I 29 -15.59 76.95 -26.18
C VAL I 29 -15.27 75.49 -25.94
N GLY I 30 -16.09 74.84 -25.11
CA GLY I 30 -15.89 73.45 -24.78
C GLY I 30 -15.19 73.23 -23.45
N ALA I 31 -14.26 72.26 -23.42
CA ALA I 31 -13.46 71.99 -22.24
C ALA I 31 -12.21 72.84 -22.14
N TYR I 32 -11.84 73.54 -23.22
CA TYR I 32 -10.66 74.41 -23.24
C TYR I 32 -9.44 73.66 -22.71
N GLN I 33 -9.09 72.60 -23.42
CA GLN I 33 -8.04 71.67 -23.05
C GLN I 33 -6.84 71.69 -23.98
N TYR I 34 -7.05 71.89 -25.28
CA TYR I 34 -5.97 71.99 -26.25
C TYR I 34 -5.78 73.46 -26.60
N VAL I 35 -4.62 74.02 -26.25
CA VAL I 35 -4.34 75.42 -26.54
C VAL I 35 -2.90 75.54 -27.05
N SER I 36 -2.76 75.84 -28.34
CA SER I 36 -1.45 75.95 -28.96
C SER I 36 -1.05 77.41 -29.15
N TRP I 37 0.26 77.64 -29.16
CA TRP I 37 0.84 78.96 -29.32
C TRP I 37 1.76 78.92 -30.52
N TYR I 38 1.73 79.98 -31.33
CA TYR I 38 2.55 80.04 -32.53
C TYR I 38 3.40 81.29 -32.54
N GLN I 39 4.62 81.12 -33.06
CA GLN I 39 5.62 82.16 -33.25
C GLN I 39 5.60 82.70 -34.67
N GLN I 40 5.23 83.96 -34.82
CA GLN I 40 5.16 84.65 -36.09
C GLN I 40 6.45 85.45 -36.18
N TYR I 41 7.24 85.16 -37.19
CA TYR I 41 8.50 85.84 -37.38
C TYR I 41 8.23 87.14 -38.13
N PRO I 42 9.22 88.00 -38.31
CA PRO I 42 8.95 89.23 -39.07
C PRO I 42 8.78 88.91 -40.56
N GLY I 43 7.61 88.38 -40.90
CA GLY I 43 7.29 88.03 -42.27
C GLY I 43 7.68 86.60 -42.65
N LYS I 44 7.32 85.64 -41.79
CA LYS I 44 7.63 84.23 -42.03
C LYS I 44 6.45 83.40 -41.53
N ALA I 45 6.46 82.11 -41.88
CA ALA I 45 5.38 81.22 -41.49
C ALA I 45 5.48 80.91 -40.00
N PRO I 46 4.39 81.04 -39.25
CA PRO I 46 4.44 80.75 -37.81
C PRO I 46 4.92 79.34 -37.51
N LYS I 47 5.70 79.22 -36.44
CA LYS I 47 6.24 77.96 -35.98
C LYS I 47 5.63 77.61 -34.62
N LEU I 48 5.24 76.35 -34.45
CA LEU I 48 4.63 75.92 -33.20
C LEU I 48 5.64 75.96 -32.07
N MET I 49 5.30 76.66 -31.00
CA MET I 49 6.19 76.75 -29.85
C MET I 49 5.77 75.77 -28.76
N ILE I 50 4.53 75.86 -28.29
CA ILE I 50 3.99 74.90 -27.33
C ILE I 50 2.53 74.61 -27.64
N TYR I 51 2.11 73.37 -27.34
CA TYR I 51 0.73 72.94 -27.48
C TYR I 51 0.38 72.20 -26.21
N GLU I 52 -0.92 72.03 -25.91
CA GLU I 52 -1.29 71.32 -24.68
C GLU I 52 -0.53 72.03 -23.56
N VAL I 53 -0.84 73.31 -23.42
CA VAL I 53 -0.23 74.25 -22.49
C VAL I 53 0.73 73.66 -21.47
N SER I 54 0.35 72.70 -20.61
CA SER I 54 1.48 72.42 -19.72
C SER I 54 2.58 71.60 -20.40
N LYS I 55 2.30 71.02 -21.56
CA LYS I 55 3.23 70.24 -22.37
C LYS I 55 4.07 71.16 -23.26
N ARG I 56 5.05 70.57 -23.95
CA ARG I 56 5.86 71.36 -24.86
C ARG I 56 6.48 70.42 -25.87
N PRO I 57 6.47 70.78 -27.15
CA PRO I 57 7.05 69.91 -28.18
C PRO I 57 8.58 69.92 -28.17
N SER I 58 9.16 68.73 -28.30
CA SER I 58 10.61 68.61 -28.35
C SER I 58 11.14 69.28 -29.62
N GLY I 59 12.09 70.20 -29.45
CA GLY I 59 12.62 70.90 -30.61
C GLY I 59 12.80 72.38 -30.34
N VAL I 60 12.23 72.84 -29.23
CA VAL I 60 12.29 74.24 -28.85
C VAL I 60 13.06 74.41 -27.55
N SER I 61 13.20 75.66 -27.10
CA SER I 61 14.02 75.99 -25.94
C SER I 61 13.38 75.45 -24.67
N ASN I 62 14.04 75.70 -23.54
CA ASN I 62 13.57 75.27 -22.24
C ASN I 62 13.11 76.44 -21.37
N ARG I 63 12.83 77.59 -21.97
CA ARG I 63 12.40 78.74 -21.17
C ARG I 63 10.91 78.94 -21.20
N PHE I 64 10.27 78.61 -22.33
CA PHE I 64 8.83 78.70 -22.44
C PHE I 64 8.14 77.62 -21.62
N SER I 65 7.09 78.02 -20.90
CA SER I 65 6.30 77.09 -20.10
C SER I 65 4.90 77.66 -19.99
N GLY I 66 3.90 76.83 -20.31
CA GLY I 66 2.53 77.29 -20.22
C GLY I 66 1.83 76.97 -18.91
N SER I 67 0.68 77.63 -18.73
CA SER I 67 -0.20 77.47 -17.58
C SER I 67 -1.58 77.92 -18.02
N LYS I 68 -2.56 77.70 -17.15
CA LYS I 68 -3.96 78.04 -17.47
C LYS I 68 -4.58 78.55 -16.17
N SER I 69 -4.91 79.84 -16.13
CA SER I 69 -5.55 80.45 -14.97
C SER I 69 -7.07 80.45 -15.05
N GLY I 70 -7.64 79.65 -15.95
CA GLY I 70 -9.07 79.60 -16.11
C GLY I 70 -9.55 80.48 -17.24
N ASN I 71 -9.99 79.86 -18.33
CA ASN I 71 -10.57 80.46 -19.52
C ASN I 71 -9.46 81.09 -20.39
N THR I 72 -8.24 81.20 -19.89
CA THR I 72 -7.11 81.71 -20.67
C THR I 72 -5.92 80.77 -20.55
N ALA I 73 -4.88 81.05 -21.32
CA ALA I 73 -3.65 80.26 -21.32
C ALA I 73 -2.48 81.21 -21.14
N SER I 74 -1.85 81.16 -19.97
CA SER I 74 -0.74 82.07 -19.68
C SER I 74 0.56 81.50 -20.25
N LEU I 75 0.91 81.93 -21.45
CA LEU I 75 2.17 81.55 -22.07
C LEU I 75 3.30 82.33 -21.41
N THR I 76 4.31 81.64 -20.87
CA THR I 76 5.37 82.32 -20.14
C THR I 76 6.66 82.25 -20.95
N ILE I 77 7.51 83.27 -20.76
CA ILE I 77 8.80 83.37 -21.43
C ILE I 77 9.81 83.86 -20.40
N SER I 78 10.75 82.99 -20.02
CA SER I 78 11.79 83.32 -19.07
C SER I 78 13.11 83.62 -19.78
N GLY I 79 13.93 84.41 -19.13
CA GLY I 79 15.24 84.81 -19.64
C GLY I 79 15.21 85.44 -21.01
N LEU I 80 14.43 86.49 -21.16
CA LEU I 80 14.21 87.08 -22.47
C LEU I 80 15.55 87.52 -23.07
N GLN I 81 15.80 87.07 -24.29
CA GLN I 81 17.01 87.37 -25.06
C GLN I 81 16.59 88.21 -26.26
N ALA I 82 17.54 88.97 -26.81
CA ALA I 82 17.21 89.86 -27.93
C ALA I 82 16.69 89.10 -29.15
N GLU I 83 16.96 87.80 -29.24
CA GLU I 83 16.47 86.98 -30.34
C GLU I 83 14.95 86.82 -30.31
N ASP I 84 14.32 87.11 -29.17
CA ASP I 84 12.92 86.78 -28.96
C ASP I 84 11.95 87.81 -29.51
N ASP I 85 12.45 88.91 -30.08
CA ASP I 85 11.56 89.91 -30.66
C ASP I 85 10.74 89.34 -31.82
N ALA I 86 9.43 89.16 -31.64
CA ALA I 86 8.61 88.49 -32.64
C ALA I 86 7.13 88.63 -32.23
N TYR I 87 6.25 88.06 -33.05
CA TYR I 87 4.83 88.01 -32.77
C TYR I 87 4.41 86.64 -32.23
N TYR I 88 3.35 86.63 -31.43
CA TYR I 88 2.84 85.42 -30.80
C TYR I 88 1.32 85.39 -30.89
N TYR I 89 0.81 84.19 -31.15
CA TYR I 89 -0.61 83.95 -31.35
C TYR I 89 -1.00 82.67 -30.62
N CYS I 90 -2.28 82.58 -30.25
CA CYS I 90 -2.80 81.38 -29.64
C CYS I 90 -3.90 80.82 -30.52
N ASN I 91 -4.18 79.53 -30.36
CA ASN I 91 -5.03 78.81 -31.27
C ASN I 91 -5.68 77.63 -30.57
N SER I 92 -7.01 77.58 -30.64
CA SER I 92 -7.74 76.46 -30.03
C SER I 92 -9.12 76.36 -30.66
N TYR I 93 -9.50 75.15 -31.07
CA TYR I 93 -10.77 74.96 -31.73
C TYR I 93 -11.93 75.31 -30.81
N THR I 94 -12.97 75.90 -31.37
CA THR I 94 -14.22 76.05 -30.66
C THR I 94 -15.13 74.93 -31.17
N THR I 95 -16.43 75.04 -30.89
CA THR I 95 -17.34 73.98 -31.30
C THR I 95 -17.43 73.85 -32.81
N SER I 96 -17.43 74.97 -33.54
CA SER I 96 -17.56 74.89 -34.98
C SER I 96 -16.26 74.96 -35.79
N SER I 97 -15.21 75.65 -35.32
CA SER I 97 -14.03 75.76 -36.18
C SER I 97 -12.84 76.28 -35.39
N VAL I 98 -11.64 75.90 -35.84
CA VAL I 98 -10.41 76.37 -35.23
C VAL I 98 -10.43 77.89 -35.14
N VAL I 99 -10.05 78.44 -33.98
CA VAL I 99 -9.97 79.89 -33.81
C VAL I 99 -8.59 80.30 -33.32
N PHE I 100 -8.27 81.56 -33.57
CA PHE I 100 -6.98 82.18 -33.26
C PHE I 100 -7.16 83.35 -32.30
N GLY I 101 -6.02 83.81 -31.75
CA GLY I 101 -5.98 84.98 -30.90
C GLY I 101 -5.79 86.25 -31.72
N GLY I 102 -6.07 87.40 -31.11
CA GLY I 102 -5.90 88.68 -31.79
C GLY I 102 -4.48 89.09 -32.10
N GLY I 103 -3.48 88.35 -31.65
CA GLY I 103 -2.08 88.65 -31.90
C GLY I 103 -1.43 89.45 -30.80
N THR I 104 -0.11 89.25 -30.64
CA THR I 104 0.70 89.99 -29.70
C THR I 104 2.09 90.23 -30.28
N LYS I 105 2.65 91.41 -29.98
CA LYS I 105 3.97 91.82 -30.44
C LYS I 105 4.92 91.90 -29.24
N LEU I 106 6.12 91.34 -29.39
CA LEU I 106 7.15 91.35 -28.35
C LEU I 106 8.42 91.97 -28.90
N THR I 107 8.78 93.15 -28.40
CA THR I 107 10.04 93.80 -28.79
C THR I 107 10.91 93.91 -27.55
N VAL I 108 12.12 93.39 -27.66
CA VAL I 108 13.03 93.29 -26.53
C VAL I 108 13.94 94.52 -26.48
N LEU I 109 13.94 95.22 -25.35
CA LEU I 109 14.74 96.41 -25.15
C LEU I 109 15.19 96.47 -23.69
C1 NAG J . 10.63 30.30 8.56
C2 NAG J . 9.22 30.50 8.01
C3 NAG J . 9.26 30.73 6.51
C4 NAG J . 10.20 31.89 6.19
C5 NAG J . 11.57 31.64 6.81
C6 NAG J . 12.50 32.83 6.65
C7 NAG J . 7.52 29.41 9.39
C8 NAG J . 6.67 28.19 9.61
N2 NAG J . 8.35 29.38 8.35
O3 NAG J . 7.95 31.01 6.03
O4 NAG J . 10.34 32.01 4.78
O5 NAG J . 11.44 31.42 8.22
O6 NAG J . 12.45 33.69 7.78
O7 NAG J . 7.44 30.38 10.15
C1 NAG K . 1.34 45.45 21.94
C2 NAG K . 0.76 44.55 20.86
C3 NAG K . -0.14 45.36 19.92
C4 NAG K . -1.19 46.13 20.72
C5 NAG K . -0.51 46.96 21.81
C6 NAG K . -1.51 47.66 22.71
C7 NAG K . 1.96 42.56 20.08
C8 NAG K . 3.11 42.05 19.26
N2 NAG K . 1.81 43.89 20.11
O3 NAG K . -0.78 44.48 19.01
O4 NAG K . -1.91 46.99 19.84
O5 NAG K . 0.28 46.11 22.63
O6 NAG K . -2.51 46.76 23.16
O7 NAG K . 1.22 41.80 20.71
C1 NAG L . 25.31 -0.64 39.47
C2 NAG L . 26.81 -0.40 39.45
C3 NAG L . 27.41 -0.58 40.83
C4 NAG L . 26.67 0.28 41.84
C5 NAG L . 25.17 0.02 41.77
C6 NAG L . 24.36 0.95 42.65
C7 NAG L . 27.76 -0.86 37.24
C8 NAG L . 28.45 -1.85 36.36
N2 NAG L . 27.48 -1.25 38.48
O3 NAG L . 28.79 -0.24 40.80
O4 NAG L . 27.14 0.01 43.16
O5 NAG L . 24.70 0.22 40.42
O6 NAG L . 25.16 2.04 43.09
O7 NAG L . 27.47 0.27 36.84
C1 NAG M . 45.93 -59.38 29.08
C2 NAG M . 47.35 -58.84 29.10
C3 NAG M . 47.79 -58.58 30.53
C4 NAG M . 46.80 -57.67 31.24
C5 NAG M . 45.41 -58.26 31.14
C6 NAG M . 44.35 -57.36 31.72
C7 NAG M . 49.45 -59.38 27.96
C8 NAG M . 50.26 -60.46 27.30
N2 NAG M . 48.26 -59.76 28.44
O3 NAG M . 49.09 -57.99 30.53
O4 NAG M . 47.15 -57.53 32.60
O5 NAG M . 45.06 -58.47 29.76
O6 NAG M . 44.93 -56.37 32.56
O7 NAG M . 49.85 -58.23 28.04
C1 NAG N . 55.86 -4.81 -11.17
C2 NAG N . 56.92 -4.36 -10.17
C3 NAG N . 58.12 -3.80 -10.91
C4 NAG N . 58.64 -4.80 -11.94
C5 NAG N . 57.50 -5.22 -12.86
C6 NAG N . 57.91 -6.30 -13.83
C7 NAG N . 56.64 -3.40 -7.94
C8 NAG N . 56.00 -2.31 -7.12
N2 NAG N . 56.39 -3.38 -9.24
O3 NAG N . 59.16 -3.50 -9.97
O4 NAG N . 59.67 -4.20 -12.71
O5 NAG N . 56.42 -5.76 -12.08
O6 NAG N . 57.91 -7.58 -13.22
O7 NAG N . 57.36 -4.25 -7.43
C1 NAG O . 45.42 -9.23 21.65
C2 NAG O . 45.01 -7.92 22.36
C3 NAG O . 44.13 -8.22 23.57
C4 NAG O . 42.95 -9.09 23.17
C5 NAG O . 43.46 -10.37 22.51
C6 NAG O . 42.36 -11.28 22.02
C7 NAG O . 46.41 -5.92 22.32
C8 NAG O . 47.66 -5.26 22.83
N2 NAG O . 46.18 -7.15 22.76
O3 NAG O . 43.65 -6.99 24.11
O4 NAG O . 42.20 -9.44 24.33
O5 NAG O . 44.26 -10.02 21.37
O6 NAG O . 42.54 -12.60 22.50
O7 NAG O . 45.64 -5.34 21.56
C1 NAG P . 65.85 -39.10 -7.02
C2 NAG P . 65.94 -38.51 -5.62
C3 NAG P . 65.88 -36.99 -5.69
C4 NAG P . 66.95 -36.46 -6.65
C5 NAG P . 66.82 -37.15 -8.01
C6 NAG P . 67.94 -36.79 -8.95
C7 NAG P . 65.10 -39.61 -3.58
C8 NAG P . 63.89 -40.07 -2.84
N2 NAG P . 64.88 -39.02 -4.77
O3 NAG P . 66.10 -36.44 -4.40
O4 NAG P . 66.80 -35.06 -6.83
O5 NAG P . 66.88 -38.57 -7.83
O6 NAG P . 69.10 -37.56 -8.68
O7 NAG P . 66.24 -39.77 -3.14
C1 NAG Q . 71.83 -63.17 -21.45
C2 NAG Q . 71.91 -62.28 -22.67
C3 NAG Q . 71.28 -62.98 -23.87
C4 NAG Q . 71.91 -64.35 -24.06
C5 NAG Q . 71.84 -65.16 -22.77
C6 NAG Q . 72.58 -66.46 -22.84
C7 NAG Q . 71.86 -60.01 -21.78
C8 NAG Q . 71.07 -58.75 -21.63
N2 NAG Q . 71.27 -61.00 -22.44
O3 NAG Q . 71.45 -62.18 -25.02
O4 NAG Q . 71.23 -65.06 -25.09
O5 NAG Q . 72.45 -64.41 -21.71
O6 NAG Q . 73.51 -66.57 -21.78
O7 NAG Q . 72.99 -60.12 -21.31
C1 NAG R . 73.15 -56.19 -2.25
C2 NAG R . 73.98 -55.19 -1.48
C3 NAG R . 75.11 -55.88 -0.72
C4 NAG R . 74.56 -57.00 0.14
C5 NAG R . 73.77 -57.95 -0.74
C6 NAG R . 73.10 -59.04 0.06
C7 NAG R . 74.83 -52.95 -1.94
C8 NAG R . 75.38 -52.01 -2.96
N2 NAG R . 74.52 -54.18 -2.36
O3 NAG R . 75.76 -54.93 0.11
O4 NAG R . 75.62 -57.70 0.76
O5 NAG R . 72.73 -57.23 -1.38
O6 NAG R . 72.24 -58.46 1.04
O7 NAG R . 74.67 -52.60 -0.77
C1 NAG S . 42.88 3.94 -17.87
C2 NAG S . 42.69 2.42 -17.79
C3 NAG S . 43.06 1.77 -19.11
C4 NAG S . 42.31 2.42 -20.26
C5 NAG S . 42.56 3.93 -20.25
C6 NAG S . 41.77 4.66 -21.30
C7 NAG S . 44.80 1.90 -16.61
C8 NAG S . 45.41 1.24 -15.41
N2 NAG S . 43.46 1.85 -16.70
O3 NAG S . 42.75 0.38 -19.05
O4 NAG S . 42.77 1.89 -21.50
O5 NAG S . 42.17 4.47 -18.98
O6 NAG S . 40.96 5.68 -20.72
O7 NAG S . 45.49 2.44 -17.46
C1 NAG T . 66.70 -43.02 -19.23
C2 NAG T . 66.53 -44.19 -20.21
C3 NAG T . 66.61 -43.70 -21.64
C4 NAG T . 65.62 -42.57 -21.86
C5 NAG T . 65.82 -41.47 -20.82
C6 NAG T . 64.77 -40.40 -20.94
C7 NAG T . 67.27 -46.52 -20.06
C8 NAG T . 68.41 -47.45 -19.74
N2 NAG T . 67.53 -45.22 -19.95
O3 NAG T . 66.35 -44.78 -22.53
O4 NAG T . 65.80 -42.01 -23.16
O5 NAG T . 65.72 -42.02 -19.52
O6 NAG T . 64.35 -40.27 -22.28
O7 NAG T . 66.17 -46.94 -20.41
C1 NAG U . 45.63 -41.01 29.31
C2 NAG U . 46.38 -42.04 30.15
C3 NAG U . 46.19 -41.75 31.62
C4 NAG U . 46.56 -40.31 31.95
C5 NAG U . 45.78 -39.37 31.03
C6 NAG U . 46.16 -37.91 31.23
C7 NAG U . 46.68 -44.45 30.14
C8 NAG U . 46.10 -45.77 29.76
N2 NAG U . 45.95 -43.38 29.84
O3 NAG U . 46.99 -42.64 32.38
O4 NAG U . 46.25 -39.99 33.30
O5 NAG U . 46.04 -39.70 29.66
O6 NAG U . 45.74 -37.46 32.52
O7 NAG U . 47.77 -44.36 30.70
C1 NAG V . 8.74 -43.79 39.10
C2 NAG V . 7.88 -44.80 39.86
C3 NAG V . 8.06 -44.62 41.37
C4 NAG V . 9.53 -44.67 41.73
C5 NAG V . 10.32 -43.68 40.89
C6 NAG V . 11.81 -43.79 41.12
C7 NAG V . 5.73 -45.74 39.18
C8 NAG V . 4.30 -45.45 38.81
N2 NAG V . 6.48 -44.69 39.49
O3 NAG V . 7.35 -45.64 42.04
O4 NAG V . 9.70 -44.34 43.11
O5 NAG V . 10.10 -43.93 39.50
O6 NAG V . 12.27 -45.08 40.77
O7 NAG V . 6.17 -46.89 39.20
C1 NAG W . -10.70 -52.65 12.86
C2 NAG W . -11.89 -52.01 13.58
C3 NAG W . -13.15 -52.07 12.73
C4 NAG W . -12.89 -51.50 11.34
C5 NAG W . -11.71 -52.22 10.70
C6 NAG W . -11.32 -51.64 9.36
C7 NAG W . -12.72 -52.01 15.90
C8 NAG W . -12.85 -52.80 17.16
N2 NAG W . -12.11 -52.64 14.88
O3 NAG W . -14.19 -51.33 13.35
O4 NAG W . -14.03 -51.65 10.52
O5 NAG W . -10.56 -52.09 11.55
O6 NAG W . -10.22 -50.76 9.48
O7 NAG W . -13.13 -50.86 15.80
C1 NAG X . 31.75 -67.03 25.63
C2 NAG X . 30.41 -67.08 24.92
C3 NAG X . 29.50 -65.95 25.39
C4 NAG X . 29.38 -65.96 26.90
C5 NAG X . 30.77 -65.95 27.53
C6 NAG X . 30.73 -66.09 29.04
C7 NAG X . 29.81 -67.73 22.62
C8 NAG X . 30.11 -67.53 21.17
N2 NAG X . 30.57 -67.03 23.47
O3 NAG X . 28.23 -66.11 24.80
O4 NAG X . 28.67 -64.82 27.34
O5 NAG X . 31.54 -67.06 27.04
O6 NAG X . 29.41 -65.94 29.52
O7 NAG X . 28.95 -68.50 23.00
C1 NAG Y . 59.39 -72.15 22.92
C2 NAG Y . 59.36 -72.46 24.40
C3 NAG Y . 60.69 -72.12 25.04
C4 NAG Y . 61.81 -72.83 24.31
C5 NAG Y . 61.75 -72.51 22.82
C6 NAG Y . 62.74 -73.31 22.02
C7 NAG Y . 57.01 -72.17 25.05
C8 NAG Y . 56.04 -71.31 25.79
N2 NAG Y . 58.28 -71.74 25.07
O3 NAG Y . 60.67 -72.55 26.40
O4 NAG Y . 63.06 -72.38 24.81
O5 NAG Y . 60.46 -72.85 22.31
O6 NAG Y . 62.56 -74.71 22.25
O7 NAG Y . 56.68 -73.19 24.48
C1 NAG Z . 41.48 -83.43 18.21
C2 NAG Z . 40.38 -82.55 18.81
C3 NAG Z . 39.05 -82.75 18.08
C4 NAG Z . 39.24 -82.55 16.59
C5 NAG Z . 40.32 -83.50 16.09
C6 NAG Z . 40.61 -83.34 14.62
C7 NAG Z . 39.52 -82.00 21.04
C8 NAG Z . 39.47 -82.39 22.47
N2 NAG Z . 40.23 -82.80 20.23
O3 NAG Z . 38.10 -81.82 18.58
O4 NAG Z . 38.02 -82.81 15.90
O5 NAG Z . 41.54 -83.22 16.80
O6 NAG Z . 39.45 -82.97 13.89
O7 NAG Z . 38.95 -81.00 20.61
C1 NAG AA . 7.14 -24.33 38.51
C2 NAG AA . 8.13 -25.45 38.14
C3 NAG AA . 8.88 -25.95 39.38
C4 NAG AA . 9.52 -24.79 40.12
C5 NAG AA . 8.47 -23.73 40.45
C6 NAG AA . 9.04 -22.51 41.11
C7 NAG AA . 6.53 -27.32 38.10
C8 NAG AA . 5.94 -28.42 37.27
N2 NAG AA . 7.44 -26.56 37.49
O3 NAG AA . 9.85 -26.90 38.98
O4 NAG AA . 10.10 -25.25 41.34
O5 NAG AA . 7.83 -23.30 39.23
O6 NAG AA . 9.48 -22.80 42.43
O7 NAG AA . 6.18 -27.14 39.26
C1 NAG BA . 42.19 -63.33 29.55
C2 NAG BA . 43.69 -63.61 29.65
C3 NAG BA . 44.26 -62.90 30.87
C4 NAG BA . 43.90 -61.43 30.86
C5 NAG BA . 42.40 -61.25 30.70
C6 NAG BA . 42.02 -59.79 30.52
C7 NAG BA . 44.74 -65.65 28.81
C8 NAG BA . 44.92 -67.13 29.01
N2 NAG BA . 43.95 -65.03 29.70
O3 NAG BA . 45.68 -63.04 30.85
O4 NAG BA . 44.32 -60.84 32.08
O5 NAG BA . 41.95 -61.92 29.52
O6 NAG BA . 42.75 -59.21 29.46
O7 NAG BA . 45.30 -65.04 27.91
C1 NAG CA . 6.22 -71.10 -7.69
C2 NAG CA . 6.64 -72.53 -7.98
C3 NAG CA . 5.44 -73.34 -8.45
C4 NAG CA . 4.29 -73.22 -7.46
C5 NAG CA . 3.98 -71.76 -7.21
C6 NAG CA . 2.90 -71.56 -6.18
C7 NAG CA . 8.46 -73.62 -9.19
C8 NAG CA . 9.47 -73.49 -10.28
N2 NAG CA . 7.68 -72.56 -8.98
O3 NAG CA . 5.82 -74.69 -8.58
O4 NAG CA . 3.12 -73.85 -7.96
O5 NAG CA . 5.16 -71.08 -6.76
O6 NAG CA . 1.81 -72.44 -6.43
O7 NAG CA . 8.35 -74.64 -8.53
C1 NAG DA . -35.95 -5.44 27.25
C2 NAG DA . -35.34 -4.05 27.13
C3 NAG DA . -34.08 -3.95 28.00
C4 NAG DA . -34.40 -4.34 29.43
C5 NAG DA . -35.05 -5.72 29.47
C6 NAG DA . -35.50 -6.13 30.84
C7 NAG DA . -35.85 -3.82 24.70
C8 NAG DA . -35.28 -3.46 23.37
N2 NAG DA . -35.00 -3.74 25.74
O3 NAG DA . -33.58 -2.62 27.96
O4 NAG DA . -33.18 -4.41 30.17
O5 NAG DA . -36.22 -5.72 28.63
O6 NAG DA . -36.71 -5.48 31.22
O7 NAG DA . -37.01 -4.18 24.84
C1 NAG EA . -54.48 -0.45 23.98
C2 NAG EA . -53.29 0.50 24.00
C3 NAG EA . -53.57 1.76 23.18
C4 NAG EA . -54.02 1.38 21.77
C5 NAG EA . -55.19 0.41 21.85
C6 NAG EA . -55.62 -0.10 20.49
C7 NAG EA . -51.99 0.22 26.08
C8 NAG EA . -51.77 0.72 27.48
N2 NAG EA . -52.94 0.86 25.37
O3 NAG EA . -52.40 2.56 23.12
O4 NAG EA . -54.43 2.55 21.07
O5 NAG EA . -54.82 -0.74 22.62
O6 NAG EA . -54.68 0.27 19.48
O7 NAG EA . -51.36 -0.73 25.62
C1 NAG FA . -29.07 -42.86 -2.99
C2 NAG FA . -29.65 -42.82 -1.58
C3 NAG FA . -30.90 -43.71 -1.50
C4 NAG FA . -31.89 -43.32 -2.60
C5 NAG FA . -31.20 -43.34 -3.95
C6 NAG FA . -32.10 -42.83 -5.06
C7 NAG FA . -28.78 -42.96 0.71
C8 NAG FA . -27.68 -43.46 1.58
N2 NAG FA . -28.67 -43.24 -0.60
O3 NAG FA . -31.52 -43.54 -0.24
O4 NAG FA . -32.97 -44.24 -2.61
O5 NAG FA . -30.06 -42.48 -3.93
O6 NAG FA . -33.31 -42.31 -4.54
O7 NAG FA . -29.74 -42.34 1.15
C1 NAG GA . 19.61 -79.10 -16.95
C2 NAG GA . 19.33 -80.02 -15.78
C3 NAG GA . 18.19 -80.97 -16.12
C4 NAG GA . 16.97 -80.18 -16.56
C5 NAG GA . 17.35 -79.25 -17.71
C6 NAG GA . 16.21 -78.33 -18.10
C7 NAG GA . 21.27 -80.46 -14.33
C8 NAG GA . 22.46 -81.32 -14.08
N2 NAG GA . 20.52 -80.77 -15.40
O3 NAG GA . 17.87 -81.75 -14.97
O4 NAG GA . 15.92 -81.05 -16.99
O5 NAG GA . 18.43 -78.40 -17.31
O6 NAG GA . 16.02 -78.30 -19.50
O7 NAG GA . 21.00 -79.51 -13.60
C1 NAG HA . 64.09 -44.15 -24.59
C2 NAG HA . 63.31 -44.79 -25.73
C3 NAG HA . 63.69 -44.14 -27.06
C4 NAG HA . 63.51 -42.63 -26.98
C5 NAG HA . 64.29 -42.08 -25.78
C6 NAG HA . 64.07 -40.61 -25.57
C7 NAG HA . 62.81 -47.09 -25.09
C8 NAG HA . 63.20 -48.53 -25.23
N2 NAG HA . 63.56 -46.22 -25.77
O3 NAG HA . 62.90 -44.66 -28.12
O4 NAG HA . 63.96 -42.01 -28.18
O5 NAG HA . 63.86 -42.75 -24.58
O6 NAG HA . 64.57 -39.87 -26.67
O7 NAG HA . 61.86 -46.74 -24.41
C1 NAG IA . -22.17 8.33 -36.60
C2 NAG IA . -22.89 7.42 -35.61
C3 NAG IA . -22.79 5.97 -36.06
C4 NAG IA . -23.30 5.82 -37.48
C5 NAG IA . -22.56 6.79 -38.40
C6 NAG IA . -23.09 6.78 -39.82
C7 NAG IA . -22.53 8.65 -33.50
C8 NAG IA . -21.87 8.63 -32.15
N2 NAG IA . -22.33 7.58 -34.27
O3 NAG IA . -23.55 5.14 -35.17
O4 NAG IA . -23.09 4.49 -37.94
O5 NAG IA . -22.71 8.13 -37.91
O6 NAG IA . -22.25 7.52 -40.69
O7 NAG IA . -23.20 9.60 -33.88
C1 NAG JA . -23.81 25.68 -44.69
C2 NAG JA . -25.07 25.03 -44.11
C3 NAG JA . -26.22 26.01 -44.10
C4 NAG JA . -25.82 27.29 -43.39
C5 NAG JA . -24.55 27.87 -44.01
C6 NAG JA . -24.02 29.08 -43.27
C7 NAG JA . -25.58 22.62 -44.27
C8 NAG JA . -25.93 21.49 -45.20
N2 NAG JA . -25.41 23.82 -44.86
O3 NAG JA . -27.34 25.43 -43.44
O4 NAG JA . -26.86 28.26 -43.52
O5 NAG JA . -23.51 26.88 -43.95
O6 NAG JA . -24.48 30.29 -43.86
O7 NAG JA . -25.43 22.46 -43.07
C1 NAG KA . 22.86 -0.93 -43.98
C2 NAG KA . 23.23 -1.67 -45.25
C3 NAG KA . 24.69 -1.40 -45.63
C4 NAG KA . 24.93 0.10 -45.71
C5 NAG KA . 24.49 0.77 -44.42
C6 NAG KA . 24.57 2.28 -44.48
C7 NAG KA . 22.16 -3.79 -45.84
C8 NAG KA . 22.06 -5.26 -45.55
N2 NAG KA . 23.02 -3.10 -45.10
O3 NAG KA . 24.97 -1.99 -46.89
O4 NAG KA . 26.32 0.37 -45.93
O5 NAG KA . 23.11 0.47 -44.15
O6 NAG KA . 23.64 2.81 -45.41
O7 NAG KA . 21.51 -3.26 -46.74
C1 NAG LA . -2.53 -49.92 -38.56
C2 NAG LA . -2.23 -50.09 -40.05
C3 NAG LA . -3.19 -51.10 -40.66
C4 NAG LA . -3.15 -52.41 -39.88
C5 NAG LA . -3.41 -52.14 -38.40
C6 NAG LA . -3.26 -53.38 -37.56
C7 NAG LA . -1.28 -48.39 -41.53
C8 NAG LA . -1.48 -47.06 -42.18
N2 NAG LA . -2.28 -48.83 -40.75
O3 NAG LA . -2.82 -51.34 -42.03
O4 NAG LA . -4.14 -53.31 -40.38
O5 NAG LA . -2.47 -51.18 -37.91
O6 NAG LA . -2.73 -54.46 -38.31
O7 NAG LA . -0.26 -49.05 -41.71
C1 NAG MA . 21.59 -26.46 -43.54
C2 NAG MA . 21.03 -25.06 -43.84
C3 NAG MA . 22.14 -24.09 -44.23
C4 NAG MA . 23.24 -24.11 -43.18
C5 NAG MA . 23.75 -25.53 -42.99
C6 NAG MA . 24.81 -25.64 -41.92
C7 NAG MA . 19.08 -24.18 -45.04
C8 NAG MA . 18.12 -24.40 -46.18
N2 NAG MA . 20.02 -25.11 -44.88
O3 NAG MA . 21.62 -22.78 -44.36
O4 NAG MA . 24.32 -23.28 -43.61
O5 NAG MA . 22.66 -26.37 -42.59
O6 NAG MA . 26.07 -25.99 -42.49
O7 NAG MA . 19.00 -23.21 -44.30
C1 NAG NA . 26.19 -69.72 -29.05
C2 NAG NA . 26.46 -68.54 -29.98
C3 NAG NA . 25.16 -67.85 -30.34
C4 NAG NA . 24.16 -68.85 -30.89
C5 NAG NA . 23.99 -70.01 -29.92
C6 NAG NA . 23.09 -71.10 -30.45
C7 NAG NA . 28.62 -67.39 -29.86
C8 NAG NA . 29.43 -66.36 -29.13
N2 NAG NA . 27.39 -67.60 -29.38
O3 NAG NA . 25.42 -66.83 -31.29
O4 NAG NA . 22.90 -68.22 -31.10
O5 NAG NA . 25.27 -70.60 -29.65
O6 NAG NA . 23.82 -72.30 -30.71
O7 NAG NA . 29.07 -68.00 -30.82
C1 NAG OA . 33.59 -91.21 -12.48
C2 NAG OA . 32.72 -91.58 -13.65
C3 NAG OA . 32.12 -92.96 -13.45
C4 NAG OA . 33.21 -93.97 -13.18
C5 NAG OA . 34.08 -93.50 -12.01
C6 NAG OA . 35.28 -94.39 -11.80
C7 NAG OA . 31.72 -89.71 -14.87
C8 NAG OA . 30.58 -88.75 -14.94
N2 NAG OA . 31.68 -90.60 -13.87
O3 NAG OA . 31.41 -93.30 -14.64
O4 NAG OA . 32.64 -95.22 -12.83
O5 NAG OA . 34.60 -92.20 -12.30
O6 NAG OA . 36.07 -94.49 -12.96
O7 NAG OA . 32.65 -89.67 -15.66
C1 NAG PA . 43.20 -80.78 -28.97
C2 NAG PA . 42.24 -79.65 -29.36
C3 NAG PA . 43.02 -78.39 -29.71
C4 NAG PA . 43.97 -78.03 -28.60
C5 NAG PA . 44.89 -79.20 -28.31
C6 NAG PA . 45.84 -78.93 -27.18
C7 NAG PA . 40.35 -79.32 -30.86
C8 NAG PA . 39.55 -79.88 -32.00
N2 NAG PA . 41.38 -80.06 -30.45
O3 NAG PA . 42.10 -77.33 -29.92
O4 NAG PA . 44.75 -76.89 -28.96
O5 NAG PA . 44.10 -80.33 -27.96
O6 NAG PA . 46.23 -77.57 -27.17
O7 NAG PA . 40.08 -78.25 -30.35
C1 NAG QA . -16.45 -40.49 -27.86
C2 NAG QA . -14.94 -40.60 -28.02
C3 NAG QA . -14.49 -42.05 -28.09
C4 NAG QA . -15.05 -42.84 -26.91
C5 NAG QA . -16.55 -42.68 -26.84
C6 NAG QA . -17.17 -43.35 -25.64
C7 NAG QA . -14.89 -40.08 -30.44
C8 NAG QA . -14.27 -39.21 -31.49
N2 NAG QA . -14.47 -39.87 -29.19
O3 NAG QA . -13.07 -42.11 -28.07
O4 NAG QA . -14.75 -44.22 -27.08
O5 NAG QA . -16.88 -41.28 -26.75
O6 NAG QA . -17.43 -42.41 -24.61
O7 NAG QA . -15.72 -40.94 -30.72
C1 NAG RA . 22.11 -78.84 -21.46
C2 NAG RA . 22.17 -80.12 -20.63
C3 NAG RA . 20.83 -80.84 -20.67
C4 NAG RA . 19.70 -79.89 -20.27
C5 NAG RA . 19.75 -78.62 -21.10
C6 NAG RA . 18.77 -77.58 -20.63
C7 NAG RA . 24.32 -81.22 -20.33
C8 NAG RA . 25.34 -82.15 -20.92
N2 NAG RA . 23.24 -80.99 -21.07
O3 NAG RA . 20.84 -81.95 -19.79
O4 NAG RA . 18.44 -80.52 -20.43
O5 NAG RA . 21.05 -78.02 -21.00
O6 NAG RA . 19.18 -77.05 -19.37
O7 NAG RA . 24.48 -80.70 -19.23
C1 NAG SA . 50.81 -36.14 -32.29
C2 NAG SA . 52.22 -36.59 -32.58
C3 NAG SA . 52.93 -35.56 -33.43
C4 NAG SA . 52.13 -35.22 -34.68
C5 NAG SA . 50.72 -34.83 -34.29
C6 NAG SA . 49.82 -34.61 -35.49
C7 NAG SA . 54.11 -37.49 -31.34
C8 NAG SA . 54.76 -37.62 -30.00
N2 NAG SA . 52.96 -36.83 -31.37
O3 NAG SA . 54.21 -36.05 -33.80
O4 NAG SA . 52.72 -34.15 -35.39
O5 NAG SA . 50.12 -35.88 -33.50
O6 NAG SA . 50.52 -33.93 -36.52
O7 NAG SA . 54.64 -37.94 -32.34
#